data_5EK6
#
_entry.id   5EK6
#
_cell.length_a   183.800
_cell.length_b   207.850
_cell.length_c   166.440
_cell.angle_alpha   90.00
_cell.angle_beta   90.00
_cell.angle_gamma   90.00
#
_symmetry.space_group_name_H-M   'P 21 21 2'
#
loop_
_entity.id
_entity.type
_entity.pdbx_description
1 polymer 'Aldehyde dehydrogenase'
2 non-polymer 'NADP NICOTINAMIDE-ADENINE-DINUCLEOTIDE PHOSPHATE'
3 non-polymer 2-methylpropanal
4 water water
#
_entity_poly.entity_id   1
_entity_poly.type   'polypeptide(L)'
_entity_poly.pdbx_seq_one_letter_code
;MIDLNIMKVANYINGEFKEPSTGAFQVKTSPVDGSKIAEVPRSGREDAREAIDSAFEALKAWANIPAIRRAEYLYKMLEV
FRQMKEDFMKILTVEGGGTYRKVWGEVVFTERLIQNAAELARHYQGRVLQSDSESTISVVFKRSKGVVGVITPWNYPLSI
SMKKIAHTLAVGNTVVYKPASDTPVTGWLIAQMVAKAGLPKGVFNLVIGPGPVVGEEIVTHKRVAHVTFTGESSTGREIA
AKAAGTLKTVTLELGGSDPLIILDDVDVDYAARLAVFASLFHQGQICTSAKRIIVHKAVADKFIERYVHYVKMLRIDDPR
KDEKVDLGPLINERQVALMKEFVDDAVSRGGRLLIGGRSWGNFFEPAIFVDVDRNFRIMREEVFGPVRPIVVVENDDQAV
EVANDTDYGLSGAVLTNNVNRAFRIAEAVESGMFHINDVTFLEESHVPFGGIKASGVGREGGEWSFHETTYDRWVTVTLR
TRRFPIPSALK
;
_entity_poly.pdbx_strand_id   A,B,C,D,E,F,G,H
#
loop_
_chem_comp.id
_chem_comp.type
_chem_comp.name
_chem_comp.formula
5OZ non-polymer 2-methylpropanal 'C4 H8 O'
NAP non-polymer 'NADP NICOTINAMIDE-ADENINE-DINUCLEOTIDE PHOSPHATE' 'C21 H28 N7 O17 P3'
#
# COMPACT_ATOMS: atom_id res chain seq x y z
N VAL A 9 -80.63 -10.93 21.21
CA VAL A 9 -79.21 -10.60 21.08
C VAL A 9 -79.08 -9.38 20.18
N ALA A 10 -78.22 -8.43 20.54
CA ALA A 10 -78.06 -7.24 19.71
C ALA A 10 -76.60 -6.93 19.39
N ASN A 11 -76.41 -5.95 18.50
CA ASN A 11 -75.10 -5.38 18.25
C ASN A 11 -74.60 -4.53 19.43
N TYR A 12 -73.29 -4.26 19.44
CA TYR A 12 -72.70 -3.32 20.38
C TYR A 12 -71.91 -2.24 19.65
N ILE A 13 -72.49 -1.05 19.55
CA ILE A 13 -71.85 0.05 18.86
C ILE A 13 -71.80 1.28 19.75
N ASN A 14 -70.67 1.98 19.69
CA ASN A 14 -70.46 3.19 20.47
C ASN A 14 -70.96 3.14 21.92
N GLY A 15 -70.86 1.97 22.54
CA GLY A 15 -71.20 1.83 23.94
C GLY A 15 -72.66 1.48 24.19
N GLU A 16 -73.36 1.06 23.15
CA GLU A 16 -74.78 0.77 23.25
C GLU A 16 -75.11 -0.55 22.60
N PHE A 17 -75.99 -1.32 23.21
CA PHE A 17 -76.60 -2.41 22.50
C PHE A 17 -77.78 -1.85 21.70
N LYS A 18 -77.72 -2.01 20.38
CA LYS A 18 -78.78 -1.51 19.52
C LYS A 18 -79.12 -2.52 18.42
N GLU A 19 -80.31 -2.36 17.86
CA GLU A 19 -80.82 -3.25 16.84
C GLU A 19 -80.13 -2.94 15.51
N PRO A 20 -80.19 -3.88 14.55
CA PRO A 20 -79.59 -3.61 13.24
C PRO A 20 -80.44 -2.63 12.44
N SER A 21 -79.78 -1.72 11.72
CA SER A 21 -80.47 -0.67 10.97
C SER A 21 -81.42 -1.26 9.93
N THR A 22 -81.17 -2.52 9.55
CA THR A 22 -81.98 -3.24 8.60
C THR A 22 -83.22 -3.84 9.26
N GLY A 23 -83.21 -3.90 10.59
CA GLY A 23 -84.32 -4.50 11.32
C GLY A 23 -84.50 -6.00 11.14
N ALA A 24 -83.70 -6.61 10.28
CA ALA A 24 -83.75 -8.06 10.03
C ALA A 24 -83.21 -8.87 11.19
N PHE A 25 -83.85 -10.00 11.49
CA PHE A 25 -83.33 -10.91 12.49
C PHE A 25 -83.25 -12.31 11.89
N GLN A 26 -82.51 -13.19 12.56
CA GLN A 26 -82.47 -14.59 12.18
C GLN A 26 -82.36 -15.45 13.42
N VAL A 27 -82.88 -16.66 13.32
CA VAL A 27 -82.93 -17.56 14.48
C VAL A 27 -81.71 -18.45 14.55
N LYS A 28 -81.05 -18.45 15.70
CA LYS A 28 -79.96 -19.38 15.93
C LYS A 28 -80.51 -20.65 16.57
N THR A 29 -80.27 -21.79 15.91
CA THR A 29 -80.72 -23.07 16.42
C THR A 29 -79.52 -23.86 16.91
N SER A 30 -79.75 -24.89 17.71
CA SER A 30 -78.65 -25.68 18.26
C SER A 30 -78.30 -26.87 17.40
N PRO A 31 -77.00 -27.03 17.10
CA PRO A 31 -76.51 -28.20 16.37
C PRO A 31 -76.87 -29.52 17.09
N VAL A 32 -77.05 -29.47 18.40
CA VAL A 32 -77.30 -30.67 19.18
C VAL A 32 -78.69 -31.29 18.92
N ASP A 33 -79.72 -30.46 18.81
CA ASP A 33 -81.06 -30.98 18.64
C ASP A 33 -81.95 -30.11 17.73
N GLY A 34 -81.40 -29.05 17.17
CA GLY A 34 -82.16 -28.21 16.28
C GLY A 34 -83.09 -27.21 16.95
N SER A 35 -83.07 -27.16 18.28
CA SER A 35 -83.95 -26.25 19.02
C SER A 35 -83.48 -24.80 18.98
N LYS A 36 -84.44 -23.87 18.97
CA LYS A 36 -84.12 -22.44 18.90
C LYS A 36 -83.31 -22.01 20.13
N ILE A 37 -82.34 -21.13 19.89
CA ILE A 37 -81.47 -20.63 20.94
C ILE A 37 -81.64 -19.13 21.16
N ALA A 38 -81.63 -18.38 20.07
CA ALA A 38 -81.76 -16.94 20.16
C ALA A 38 -82.03 -16.33 18.82
N GLU A 39 -82.76 -15.21 18.81
CA GLU A 39 -82.85 -14.39 17.63
C GLU A 39 -81.71 -13.40 17.67
N VAL A 40 -80.99 -13.33 16.57
CA VAL A 40 -79.77 -12.54 16.48
C VAL A 40 -79.93 -11.55 15.35
N PRO A 41 -79.13 -10.46 15.37
CA PRO A 41 -79.18 -9.52 14.24
C PRO A 41 -78.79 -10.17 12.93
N ARG A 42 -79.21 -9.55 11.84
CA ARG A 42 -78.72 -9.86 10.50
C ARG A 42 -78.31 -8.54 9.87
N SER A 43 -77.22 -8.00 10.38
CA SER A 43 -76.81 -6.64 10.06
C SER A 43 -76.41 -6.50 8.59
N GLY A 44 -76.12 -5.27 8.19
CA GLY A 44 -75.65 -4.97 6.85
C GLY A 44 -74.57 -3.89 6.83
N ARG A 45 -74.25 -3.39 5.64
CA ARG A 45 -73.14 -2.47 5.46
C ARG A 45 -73.22 -1.22 6.35
N GLU A 46 -74.44 -0.75 6.59
CA GLU A 46 -74.65 0.48 7.34
C GLU A 46 -74.22 0.26 8.79
N ASP A 47 -74.57 -0.90 9.35
CA ASP A 47 -74.20 -1.25 10.72
C ASP A 47 -72.67 -1.39 10.90
N ALA A 48 -72.01 -1.90 9.88
CA ALA A 48 -70.56 -1.93 9.87
C ALA A 48 -69.98 -0.53 9.81
N ARG A 49 -70.63 0.35 9.07
CA ARG A 49 -70.09 1.68 8.86
C ARG A 49 -70.17 2.50 10.12
N GLU A 50 -71.28 2.34 10.85
CA GLU A 50 -71.42 3.03 12.11
C GLU A 50 -70.34 2.53 13.07
N ALA A 51 -70.22 1.21 13.22
CA ALA A 51 -69.22 0.60 14.10
C ALA A 51 -67.81 1.09 13.78
N ILE A 52 -67.45 1.01 12.51
CA ILE A 52 -66.18 1.55 12.04
C ILE A 52 -65.98 3.01 12.44
N ASP A 53 -66.97 3.85 12.18
CA ASP A 53 -66.91 5.28 12.55
C ASP A 53 -66.74 5.49 14.07
N SER A 54 -67.41 4.68 14.88
CA SER A 54 -67.23 4.79 16.34
C SER A 54 -65.79 4.50 16.78
N ALA A 55 -65.23 3.44 16.22
CA ALA A 55 -63.90 2.99 16.57
C ALA A 55 -62.89 4.03 16.13
N PHE A 56 -63.12 4.58 14.95
CA PHE A 56 -62.23 5.61 14.42
C PHE A 56 -62.22 6.85 15.32
N GLU A 57 -63.40 7.26 15.80
CA GLU A 57 -63.47 8.43 16.66
C GLU A 57 -62.89 8.12 18.04
N ALA A 58 -63.16 6.94 18.58
CA ALA A 58 -62.64 6.56 19.90
C ALA A 58 -61.13 6.37 19.91
N LEU A 59 -60.57 6.19 18.72
CA LEU A 59 -59.18 5.80 18.55
C LEU A 59 -58.15 6.70 19.24
N LYS A 60 -58.22 8.02 19.03
CA LYS A 60 -57.15 8.91 19.48
C LYS A 60 -57.00 8.94 21.02
N ALA A 61 -58.11 8.99 21.75
CA ALA A 61 -58.03 8.99 23.20
C ALA A 61 -57.50 7.64 23.71
N TRP A 62 -57.97 6.56 23.10
CA TRP A 62 -57.62 5.22 23.55
C TRP A 62 -56.15 4.88 23.24
N ALA A 63 -55.67 5.33 22.09
CA ALA A 63 -54.27 5.08 21.71
C ALA A 63 -53.32 5.85 22.62
N ASN A 64 -53.75 7.01 23.09
CA ASN A 64 -52.84 7.95 23.72
C ASN A 64 -52.83 7.96 25.24
N ILE A 65 -53.70 7.17 25.88
CA ILE A 65 -53.56 6.97 27.29
C ILE A 65 -52.36 6.05 27.48
N PRO A 66 -51.71 6.12 28.65
CA PRO A 66 -50.59 5.24 28.98
C PRO A 66 -51.00 3.77 28.94
N ALA A 67 -50.04 2.89 28.66
CA ALA A 67 -50.31 1.46 28.47
C ALA A 67 -50.93 0.86 29.74
N ILE A 68 -50.45 1.36 30.88
CA ILE A 68 -50.87 0.88 32.18
C ILE A 68 -52.37 1.09 32.38
N ARG A 69 -52.92 2.11 31.72
CA ARG A 69 -54.36 2.35 31.81
C ARG A 69 -55.16 1.37 30.92
N ARG A 70 -54.67 1.08 29.72
CA ARG A 70 -55.28 0.03 28.91
C ARG A 70 -55.13 -1.32 29.62
N ALA A 71 -53.97 -1.57 30.23
CA ALA A 71 -53.81 -2.78 31.04
C ALA A 71 -54.86 -2.87 32.15
N GLU A 72 -55.19 -1.75 32.78
CA GLU A 72 -56.19 -1.76 33.85
C GLU A 72 -57.54 -2.27 33.32
N TYR A 73 -58.00 -1.69 32.21
CA TYR A 73 -59.27 -2.07 31.60
C TYR A 73 -59.28 -3.55 31.24
N LEU A 74 -58.17 -4.06 30.73
CA LEU A 74 -58.08 -5.48 30.41
C LEU A 74 -58.19 -6.36 31.65
N TYR A 75 -57.52 -5.97 32.74
CA TYR A 75 -57.63 -6.68 34.02
C TYR A 75 -59.05 -6.62 34.53
N LYS A 76 -59.69 -5.48 34.33
CA LYS A 76 -61.10 -5.34 34.66
C LYS A 76 -61.91 -6.32 33.81
N MET A 77 -61.66 -6.30 32.51
CA MET A 77 -62.27 -7.27 31.61
C MET A 77 -61.98 -8.71 32.04
N LEU A 78 -60.77 -8.97 32.54
CA LEU A 78 -60.41 -10.32 32.99
C LEU A 78 -61.27 -10.75 34.17
N GLU A 79 -61.61 -9.79 35.03
CA GLU A 79 -62.37 -10.13 36.21
C GLU A 79 -63.82 -10.41 35.81
N VAL A 80 -64.31 -9.69 34.81
CA VAL A 80 -65.66 -9.91 34.35
C VAL A 80 -65.78 -11.29 33.71
N PHE A 81 -64.82 -11.64 32.87
CA PHE A 81 -64.80 -12.95 32.25
C PHE A 81 -64.89 -14.07 33.29
N ARG A 82 -64.15 -13.92 34.40
CA ARG A 82 -64.16 -14.96 35.44
C ARG A 82 -65.55 -15.14 36.05
N GLN A 83 -66.27 -14.03 36.18
CA GLN A 83 -67.63 -14.08 36.71
C GLN A 83 -68.57 -14.80 35.73
N MET A 84 -68.26 -14.70 34.45
CA MET A 84 -69.12 -15.21 33.39
C MET A 84 -68.72 -16.59 32.86
N LYS A 85 -67.82 -17.27 33.57
CA LYS A 85 -67.29 -18.54 33.07
C LYS A 85 -68.38 -19.55 32.69
N GLU A 86 -69.28 -19.83 33.61
CA GLU A 86 -70.28 -20.85 33.37
C GLU A 86 -71.23 -20.40 32.25
N ASP A 87 -71.34 -19.10 32.01
CA ASP A 87 -72.20 -18.60 30.94
C ASP A 87 -71.56 -18.86 29.58
N PHE A 88 -70.24 -18.73 29.53
CA PHE A 88 -69.54 -18.89 28.29
C PHE A 88 -69.52 -20.36 27.91
N MET A 89 -69.28 -21.22 28.90
CA MET A 89 -69.29 -22.65 28.66
C MET A 89 -70.65 -23.11 28.12
N LYS A 90 -71.74 -22.68 28.74
CA LYS A 90 -73.04 -23.19 28.33
C LYS A 90 -73.35 -22.82 26.88
N ILE A 91 -72.87 -21.68 26.44
CA ILE A 91 -73.12 -21.30 25.06
C ILE A 91 -72.23 -22.08 24.10
N LEU A 92 -70.96 -22.20 24.46
CA LEU A 92 -70.01 -22.93 23.63
C LEU A 92 -70.49 -24.37 23.38
N THR A 93 -71.21 -24.94 24.34
CA THR A 93 -71.83 -26.25 24.15
C THR A 93 -73.15 -26.18 23.38
N VAL A 94 -74.13 -25.46 23.91
CA VAL A 94 -75.45 -25.40 23.30
C VAL A 94 -75.44 -24.79 21.90
N GLU A 95 -74.62 -23.77 21.70
CA GLU A 95 -74.57 -23.06 20.42
C GLU A 95 -73.55 -23.67 19.48
N GLY A 96 -72.45 -24.18 20.04
CA GLY A 96 -71.29 -24.59 19.27
C GLY A 96 -71.05 -26.09 19.20
N GLY A 97 -71.66 -26.83 20.12
CA GLY A 97 -71.63 -28.28 20.07
C GLY A 97 -70.44 -28.90 20.79
N GLY A 98 -69.80 -28.10 21.62
CA GLY A 98 -68.62 -28.58 22.33
C GLY A 98 -68.96 -29.36 23.58
N THR A 99 -68.23 -30.45 23.78
CA THR A 99 -68.30 -31.19 25.02
C THR A 99 -67.88 -30.32 26.21
N TYR A 100 -68.14 -30.81 27.42
CA TYR A 100 -67.78 -30.10 28.63
C TYR A 100 -66.28 -29.86 28.68
N ARG A 101 -65.50 -30.94 28.56
CA ARG A 101 -64.05 -30.81 28.59
C ARG A 101 -63.52 -29.88 27.50
N LYS A 102 -64.13 -29.93 26.32
CA LYS A 102 -63.73 -29.03 25.25
C LYS A 102 -63.94 -27.56 25.66
N VAL A 103 -65.12 -27.23 26.16
CA VAL A 103 -65.46 -25.82 26.39
C VAL A 103 -64.76 -25.29 27.64
N TRP A 104 -64.50 -26.18 28.59
CA TRP A 104 -63.78 -25.84 29.80
C TRP A 104 -62.38 -25.36 29.42
N GLY A 105 -61.75 -26.11 28.54
CA GLY A 105 -60.40 -25.80 28.09
C GLY A 105 -60.40 -24.52 27.31
N GLU A 106 -61.44 -24.31 26.51
CA GLU A 106 -61.51 -23.07 25.74
C GLU A 106 -61.59 -21.89 26.69
N VAL A 107 -62.34 -22.06 27.76
CA VAL A 107 -62.59 -20.99 28.71
C VAL A 107 -61.35 -20.74 29.56
N VAL A 108 -60.70 -21.80 30.02
CA VAL A 108 -59.48 -21.64 30.80
C VAL A 108 -58.46 -20.90 29.95
N PHE A 109 -58.33 -21.35 28.71
CA PHE A 109 -57.33 -20.75 27.83
C PHE A 109 -57.64 -19.25 27.56
N THR A 110 -58.92 -18.93 27.44
CA THR A 110 -59.38 -17.58 27.18
C THR A 110 -59.03 -16.69 28.37
N GLU A 111 -59.21 -17.25 29.55
CA GLU A 111 -58.81 -16.55 30.76
C GLU A 111 -57.35 -16.15 30.62
N ARG A 112 -56.50 -17.12 30.32
CA ARG A 112 -55.06 -16.86 30.18
C ARG A 112 -54.70 -15.90 29.04
N LEU A 113 -55.48 -15.92 27.95
CA LEU A 113 -55.27 -15.01 26.84
C LEU A 113 -55.49 -13.55 27.28
N ILE A 114 -56.63 -13.31 27.92
CA ILE A 114 -56.99 -11.99 28.41
C ILE A 114 -55.93 -11.46 29.36
N GLN A 115 -55.45 -12.33 30.26
CA GLN A 115 -54.40 -11.94 31.20
C GLN A 115 -53.10 -11.65 30.50
N ASN A 116 -52.76 -12.49 29.54
CA ASN A 116 -51.53 -12.32 28.80
C ASN A 116 -51.50 -10.92 28.17
N ALA A 117 -52.60 -10.52 27.54
CA ALA A 117 -52.67 -9.24 26.87
C ALA A 117 -52.41 -8.13 27.88
N ALA A 118 -53.05 -8.25 29.03
CA ALA A 118 -52.86 -7.24 30.07
C ALA A 118 -51.39 -7.18 30.53
N GLU A 119 -50.81 -8.34 30.84
CA GLU A 119 -49.43 -8.41 31.30
C GLU A 119 -48.45 -7.76 30.35
N LEU A 120 -48.73 -7.85 29.05
CA LEU A 120 -47.71 -7.49 28.08
C LEU A 120 -47.80 -6.04 27.65
N ALA A 121 -48.97 -5.44 27.80
CA ALA A 121 -49.26 -4.08 27.33
C ALA A 121 -48.15 -3.07 27.62
N ARG A 122 -47.61 -3.10 28.83
CA ARG A 122 -46.66 -2.09 29.29
C ARG A 122 -45.25 -2.39 28.83
N HIS A 123 -45.06 -3.52 28.17
CA HIS A 123 -43.69 -4.02 27.95
C HIS A 123 -43.30 -4.18 26.51
N TYR A 124 -44.11 -3.61 25.63
CA TYR A 124 -43.83 -3.67 24.21
C TYR A 124 -42.86 -2.54 23.83
N GLN A 125 -41.60 -2.90 23.58
CA GLN A 125 -40.50 -1.94 23.45
C GLN A 125 -40.08 -1.60 22.02
N GLY A 126 -39.69 -0.34 21.80
CA GLY A 126 -39.06 0.06 20.56
C GLY A 126 -37.56 -0.18 20.71
N ARG A 127 -36.75 0.34 19.79
CA ARG A 127 -35.31 0.25 19.93
C ARG A 127 -34.59 1.61 19.85
N VAL A 128 -33.46 1.73 20.56
CA VAL A 128 -32.50 2.81 20.34
C VAL A 128 -31.29 2.35 19.51
N LEU A 129 -30.96 3.10 18.45
CA LEU A 129 -29.94 2.69 17.47
C LEU A 129 -28.63 3.50 17.50
N GLN A 130 -27.57 2.87 16.98
CA GLN A 130 -26.33 3.58 16.69
C GLN A 130 -26.56 4.36 15.40
N SER A 131 -26.26 5.65 15.38
CA SER A 131 -26.38 6.37 14.14
C SER A 131 -25.06 6.36 13.44
N ASP A 132 -25.07 6.18 12.12
CA ASP A 132 -23.86 6.36 11.33
C ASP A 132 -23.50 7.86 11.20
N SER A 133 -24.41 8.74 11.62
CA SER A 133 -24.18 10.18 11.57
C SER A 133 -23.79 10.70 12.93
N GLU A 134 -22.85 11.63 12.97
CA GLU A 134 -22.44 12.14 14.26
C GLU A 134 -23.46 13.19 14.74
N SER A 135 -23.55 13.33 16.05
CA SER A 135 -24.45 14.29 16.70
C SER A 135 -25.93 14.03 16.39
N THR A 136 -26.22 12.79 15.99
CA THR A 136 -27.57 12.37 15.64
C THR A 136 -28.09 11.36 16.63
N ILE A 137 -29.32 11.57 17.09
CA ILE A 137 -30.00 10.58 17.89
C ILE A 137 -31.02 9.84 17.04
N SER A 138 -31.01 8.51 17.11
CA SER A 138 -31.85 7.70 16.23
C SER A 138 -32.63 6.59 16.99
N VAL A 139 -33.96 6.65 16.97
CA VAL A 139 -34.74 5.65 17.72
C VAL A 139 -35.95 5.12 16.93
N VAL A 140 -36.60 4.10 17.51
CA VAL A 140 -37.78 3.50 16.92
C VAL A 140 -38.91 3.33 17.92
N PHE A 141 -40.08 3.88 17.61
CA PHE A 141 -41.25 3.77 18.48
C PHE A 141 -42.20 2.68 17.99
N LYS A 142 -43.14 2.31 18.85
CA LYS A 142 -44.26 1.46 18.47
C LYS A 142 -45.58 2.24 18.53
N ARG A 143 -46.33 2.22 17.43
CA ARG A 143 -47.59 2.96 17.36
C ARG A 143 -48.75 2.10 16.90
N SER A 144 -49.93 2.35 17.45
CA SER A 144 -51.12 1.61 17.04
C SER A 144 -51.36 1.81 15.55
N LYS A 145 -51.87 0.78 14.88
CA LYS A 145 -52.19 0.96 13.48
C LYS A 145 -53.49 1.76 13.36
N GLY A 146 -54.42 1.51 14.28
CA GLY A 146 -55.69 2.22 14.36
C GLY A 146 -56.92 1.36 14.58
N VAL A 147 -57.88 1.48 13.68
CA VAL A 147 -59.07 0.64 13.74
C VAL A 147 -58.79 -0.73 13.14
N VAL A 148 -59.03 -1.77 13.94
CA VAL A 148 -58.74 -3.13 13.54
C VAL A 148 -59.98 -4.00 13.38
N GLY A 149 -60.14 -4.56 12.19
CA GLY A 149 -61.16 -5.58 11.96
C GLY A 149 -60.79 -6.94 12.53
N VAL A 150 -61.74 -7.55 13.22
CA VAL A 150 -61.55 -8.87 13.80
C VAL A 150 -62.66 -9.81 13.32
N ILE A 151 -62.30 -10.73 12.42
CA ILE A 151 -63.24 -11.63 11.76
C ILE A 151 -62.87 -13.09 12.04
N THR A 152 -63.81 -13.83 12.63
CA THR A 152 -63.48 -15.09 13.30
C THR A 152 -64.34 -16.28 12.82
N PRO A 153 -63.92 -17.51 13.16
CA PRO A 153 -64.67 -18.74 12.83
C PRO A 153 -65.57 -19.26 13.96
N TRP A 154 -66.15 -20.45 13.78
CA TRP A 154 -67.14 -21.06 14.69
C TRP A 154 -66.63 -22.20 15.59
N ASN A 155 -65.44 -22.74 15.30
CA ASN A 155 -65.01 -23.96 15.98
C ASN A 155 -64.43 -23.69 17.38
N TYR A 156 -63.76 -22.56 17.52
CA TYR A 156 -63.29 -22.10 18.83
C TYR A 156 -63.55 -20.60 18.93
N PRO A 157 -64.84 -20.21 18.85
CA PRO A 157 -65.20 -18.81 18.66
C PRO A 157 -64.79 -17.96 19.85
N LEU A 158 -64.73 -18.54 21.04
CA LEU A 158 -64.29 -17.77 22.20
C LEU A 158 -62.78 -17.49 22.20
N SER A 159 -61.98 -18.54 22.32
CA SER A 159 -60.55 -18.30 22.50
C SER A 159 -59.94 -17.66 21.25
N ILE A 160 -60.47 -17.95 20.08
CA ILE A 160 -59.89 -17.35 18.89
C ILE A 160 -60.23 -15.84 18.85
N SER A 161 -61.50 -15.50 19.10
CA SER A 161 -61.91 -14.09 19.17
C SER A 161 -61.09 -13.31 20.21
N MET A 162 -60.89 -13.90 21.37
CA MET A 162 -60.27 -13.16 22.45
C MET A 162 -58.78 -12.98 22.25
N LYS A 163 -58.11 -13.92 21.60
CA LYS A 163 -56.68 -13.73 21.40
C LYS A 163 -56.50 -12.48 20.53
N LYS A 164 -57.33 -12.38 19.50
CA LYS A 164 -57.27 -11.22 18.64
C LYS A 164 -57.71 -9.96 19.38
N ILE A 165 -58.89 -10.01 19.99
CA ILE A 165 -59.51 -8.81 20.55
C ILE A 165 -58.67 -8.24 21.70
N ALA A 166 -58.44 -9.05 22.74
CA ALA A 166 -57.60 -8.65 23.87
C ALA A 166 -56.23 -8.07 23.46
N HIS A 167 -55.50 -8.79 22.60
CA HIS A 167 -54.15 -8.35 22.26
C HIS A 167 -54.17 -7.10 21.43
N THR A 168 -55.21 -6.96 20.60
CA THR A 168 -55.31 -5.81 19.72
C THR A 168 -55.58 -4.55 20.53
N LEU A 169 -56.47 -4.66 21.52
CA LEU A 169 -56.80 -3.53 22.38
C LEU A 169 -55.62 -3.07 23.21
N ALA A 170 -54.88 -4.03 23.74
CA ALA A 170 -53.84 -3.75 24.73
C ALA A 170 -52.84 -2.73 24.24
N VAL A 171 -52.61 -2.77 22.95
CA VAL A 171 -51.48 -2.09 22.39
C VAL A 171 -51.98 -0.83 21.65
N GLY A 172 -53.25 -0.47 21.92
CA GLY A 172 -53.79 0.82 21.56
C GLY A 172 -54.64 0.95 20.29
N ASN A 173 -55.08 -0.17 19.74
CA ASN A 173 -55.96 -0.16 18.58
C ASN A 173 -57.41 -0.22 19.06
N THR A 174 -58.34 0.25 18.23
CA THR A 174 -59.75 -0.04 18.49
C THR A 174 -60.22 -1.18 17.58
N VAL A 175 -61.39 -1.70 17.88
CA VAL A 175 -61.76 -2.99 17.35
C VAL A 175 -63.17 -2.98 16.78
N VAL A 176 -63.30 -3.42 15.53
CA VAL A 176 -64.62 -3.81 15.06
C VAL A 176 -64.63 -5.32 14.88
N TYR A 177 -65.41 -5.98 15.73
CA TYR A 177 -65.48 -7.44 15.78
C TYR A 177 -66.71 -8.00 15.06
N LYS A 178 -66.49 -9.08 14.32
CA LYS A 178 -67.55 -9.74 13.60
C LYS A 178 -67.43 -11.29 13.69
N PRO A 179 -68.26 -11.90 14.54
CA PRO A 179 -68.14 -13.34 14.79
C PRO A 179 -68.76 -14.17 13.68
N ALA A 180 -68.39 -15.44 13.61
CA ALA A 180 -69.04 -16.39 12.72
C ALA A 180 -70.55 -16.50 12.96
N SER A 181 -71.30 -16.64 11.87
CA SER A 181 -72.75 -16.69 11.95
C SER A 181 -73.29 -17.91 12.70
N ASP A 182 -72.47 -18.95 12.83
CA ASP A 182 -72.92 -20.12 13.56
C ASP A 182 -72.66 -20.00 15.06
N THR A 183 -71.95 -18.95 15.45
CA THR A 183 -71.70 -18.72 16.87
C THR A 183 -71.77 -17.23 17.20
N PRO A 184 -72.96 -16.62 17.04
CA PRO A 184 -73.02 -15.20 17.37
C PRO A 184 -73.33 -14.91 18.85
N VAL A 185 -74.06 -15.79 19.52
CA VAL A 185 -74.38 -15.60 20.93
C VAL A 185 -73.10 -15.53 21.77
N THR A 186 -72.08 -16.26 21.35
CA THR A 186 -70.77 -16.20 21.98
C THR A 186 -70.15 -14.81 21.73
N GLY A 187 -70.28 -14.33 20.49
CA GLY A 187 -69.83 -13.00 20.14
C GLY A 187 -70.54 -11.96 21.00
N TRP A 188 -71.82 -12.19 21.24
CA TRP A 188 -72.64 -11.24 21.99
C TRP A 188 -72.25 -11.26 23.45
N LEU A 189 -71.94 -12.44 23.97
CA LEU A 189 -71.47 -12.56 25.34
C LEU A 189 -70.15 -11.84 25.54
N ILE A 190 -69.33 -11.82 24.49
CA ILE A 190 -68.08 -11.09 24.54
C ILE A 190 -68.38 -9.60 24.69
N ALA A 191 -69.31 -9.11 23.88
CA ALA A 191 -69.74 -7.71 23.95
C ALA A 191 -70.28 -7.39 25.34
N GLN A 192 -71.02 -8.33 25.90
CA GLN A 192 -71.49 -8.22 27.28
C GLN A 192 -70.32 -7.96 28.22
N MET A 193 -69.36 -8.87 28.23
CA MET A 193 -68.17 -8.76 29.07
C MET A 193 -67.47 -7.40 28.98
N VAL A 194 -67.23 -6.94 27.75
CA VAL A 194 -66.54 -5.68 27.56
C VAL A 194 -67.35 -4.52 28.13
N ALA A 195 -68.67 -4.56 27.94
CA ALA A 195 -69.56 -3.51 28.48
C ALA A 195 -69.54 -3.46 30.01
N LYS A 196 -69.65 -4.63 30.64
CA LYS A 196 -69.61 -4.69 32.10
C LYS A 196 -68.22 -4.29 32.63
N ALA A 197 -67.21 -4.42 31.78
CA ALA A 197 -65.86 -4.02 32.16
C ALA A 197 -65.66 -2.50 32.04
N GLY A 198 -66.52 -1.84 31.27
CA GLY A 198 -66.56 -0.40 31.26
C GLY A 198 -65.62 0.30 30.30
N LEU A 199 -65.24 -0.37 29.23
CA LEU A 199 -64.35 0.26 28.26
C LEU A 199 -64.97 1.51 27.62
N PRO A 200 -64.12 2.46 27.21
CA PRO A 200 -64.70 3.69 26.65
C PRO A 200 -65.52 3.37 25.40
N LYS A 201 -66.57 4.16 25.15
CA LYS A 201 -67.45 3.93 24.01
C LYS A 201 -66.66 3.98 22.70
N GLY A 202 -67.01 3.09 21.77
CA GLY A 202 -66.33 3.02 20.49
C GLY A 202 -65.07 2.16 20.45
N VAL A 203 -64.49 1.88 21.62
CA VAL A 203 -63.21 1.18 21.66
C VAL A 203 -63.36 -0.25 21.16
N PHE A 204 -64.46 -0.86 21.55
CA PHE A 204 -64.78 -2.18 21.09
C PHE A 204 -66.16 -2.21 20.48
N ASN A 205 -66.30 -2.83 19.32
CA ASN A 205 -67.59 -2.85 18.65
C ASN A 205 -67.93 -4.21 18.10
N LEU A 206 -69.16 -4.65 18.37
CA LEU A 206 -69.71 -5.91 17.85
C LEU A 206 -70.82 -5.68 16.80
N VAL A 207 -70.66 -6.28 15.62
CA VAL A 207 -71.69 -6.30 14.59
C VAL A 207 -71.91 -7.74 14.08
N ILE A 208 -73.12 -8.26 14.24
CA ILE A 208 -73.43 -9.64 13.87
C ILE A 208 -74.17 -9.71 12.53
N GLY A 209 -73.46 -10.10 11.48
CA GLY A 209 -74.03 -10.11 10.14
C GLY A 209 -73.42 -11.18 9.28
N PRO A 210 -73.79 -11.21 8.00
CA PRO A 210 -73.15 -12.16 7.09
C PRO A 210 -71.78 -11.70 6.64
N GLY A 211 -70.90 -12.67 6.39
CA GLY A 211 -69.55 -12.40 5.92
C GLY A 211 -69.45 -11.50 4.70
N PRO A 212 -69.99 -11.95 3.55
CA PRO A 212 -69.83 -11.20 2.29
C PRO A 212 -70.43 -9.79 2.31
N VAL A 213 -71.15 -9.46 3.38
CA VAL A 213 -71.73 -8.14 3.55
C VAL A 213 -70.98 -7.34 4.63
N VAL A 214 -71.34 -7.59 5.89
CA VAL A 214 -70.69 -6.96 7.04
C VAL A 214 -69.16 -7.09 7.03
N GLY A 215 -68.67 -8.31 6.91
CA GLY A 215 -67.24 -8.53 6.85
C GLY A 215 -66.55 -7.80 5.71
N GLU A 216 -67.21 -7.73 4.56
CA GLU A 216 -66.56 -7.12 3.40
C GLU A 216 -66.51 -5.60 3.54
N GLU A 217 -67.47 -5.05 4.26
CA GLU A 217 -67.45 -3.62 4.47
C GLU A 217 -66.21 -3.33 5.31
N ILE A 218 -66.04 -4.13 6.37
CA ILE A 218 -64.89 -3.99 7.27
C ILE A 218 -63.59 -4.09 6.48
N VAL A 219 -63.52 -5.11 5.64
CA VAL A 219 -62.35 -5.33 4.82
C VAL A 219 -62.09 -4.19 3.83
N THR A 220 -63.12 -3.57 3.28
CA THR A 220 -62.92 -2.58 2.22
C THR A 220 -62.95 -1.12 2.65
N HIS A 221 -63.38 -0.85 3.89
CA HIS A 221 -63.48 0.52 4.41
C HIS A 221 -62.12 1.24 4.57
N LYS A 222 -62.12 2.55 4.34
CA LYS A 222 -60.91 3.36 4.35
C LYS A 222 -60.33 3.54 5.75
N ARG A 223 -61.20 3.56 6.75
CA ARG A 223 -60.78 3.95 8.08
C ARG A 223 -60.31 2.75 8.89
N VAL A 224 -60.50 1.57 8.33
CA VAL A 224 -59.95 0.37 8.94
C VAL A 224 -58.48 0.28 8.53
N ALA A 225 -57.62 0.03 9.50
CA ALA A 225 -56.17 0.08 9.24
C ALA A 225 -55.59 -1.30 9.06
N HIS A 226 -56.26 -2.30 9.64
CA HIS A 226 -55.78 -3.68 9.64
C HIS A 226 -56.93 -4.64 9.89
N VAL A 227 -56.89 -5.81 9.25
CA VAL A 227 -57.86 -6.87 9.50
C VAL A 227 -57.17 -8.15 9.95
N THR A 228 -57.67 -8.73 11.04
CA THR A 228 -57.10 -9.98 11.49
C THR A 228 -58.19 -11.02 11.30
N PHE A 229 -57.89 -12.03 10.50
CA PHE A 229 -58.88 -13.00 10.05
C PHE A 229 -58.51 -14.43 10.43
N THR A 230 -59.48 -15.19 10.92
CA THR A 230 -59.28 -16.62 11.02
C THR A 230 -60.43 -17.34 10.30
N GLY A 231 -60.07 -18.19 9.35
CA GLY A 231 -61.05 -18.98 8.62
C GLY A 231 -60.46 -19.85 7.53
N GLU A 232 -61.26 -20.10 6.48
CA GLU A 232 -60.85 -20.93 5.35
C GLU A 232 -59.94 -20.15 4.45
N SER A 233 -59.02 -20.85 3.79
CA SER A 233 -58.04 -20.18 2.93
C SER A 233 -58.67 -19.47 1.74
N SER A 234 -59.76 -20.00 1.19
CA SER A 234 -60.40 -19.36 0.06
C SER A 234 -60.86 -17.94 0.45
N THR A 235 -61.48 -17.85 1.62
CA THR A 235 -61.84 -16.55 2.22
C THR A 235 -60.64 -15.68 2.48
N GLY A 236 -59.54 -16.30 2.92
CA GLY A 236 -58.32 -15.59 3.21
C GLY A 236 -57.80 -14.87 1.97
N ARG A 237 -57.90 -15.54 0.84
CA ARG A 237 -57.53 -14.95 -0.43
C ARG A 237 -58.52 -13.86 -0.88
N GLU A 238 -59.83 -14.08 -0.66
CA GLU A 238 -60.83 -13.04 -0.93
C GLU A 238 -60.51 -11.79 -0.16
N ILE A 239 -60.24 -11.99 1.12
CA ILE A 239 -60.09 -10.89 2.05
C ILE A 239 -58.83 -10.13 1.74
N ALA A 240 -57.76 -10.87 1.44
CA ALA A 240 -56.48 -10.23 1.21
C ALA A 240 -56.54 -9.37 -0.05
N ALA A 241 -57.33 -9.83 -1.02
CA ALA A 241 -57.44 -9.14 -2.30
C ALA A 241 -58.25 -7.86 -2.15
N LYS A 242 -59.39 -7.97 -1.47
CA LYS A 242 -60.24 -6.81 -1.26
C LYS A 242 -59.53 -5.80 -0.35
N ALA A 243 -58.70 -6.30 0.56
CA ALA A 243 -57.99 -5.43 1.51
C ALA A 243 -56.93 -4.56 0.82
N ALA A 244 -56.48 -5.01 -0.34
CA ALA A 244 -55.43 -4.31 -1.08
C ALA A 244 -55.86 -2.90 -1.46
N GLY A 245 -57.16 -2.73 -1.71
CA GLY A 245 -57.71 -1.48 -2.17
C GLY A 245 -57.31 -0.29 -1.35
N THR A 246 -57.44 -0.40 -0.04
CA THR A 246 -57.10 0.70 0.86
C THR A 246 -55.71 0.54 1.48
N LEU A 247 -54.87 -0.29 0.86
CA LEU A 247 -53.54 -0.59 1.39
C LEU A 247 -53.48 -0.95 2.90
N LYS A 248 -54.54 -1.55 3.42
CA LYS A 248 -54.52 -2.04 4.80
C LYS A 248 -53.79 -3.38 4.88
N THR A 249 -53.25 -3.69 6.05
CA THR A 249 -52.53 -4.94 6.28
C THR A 249 -53.46 -6.03 6.81
N VAL A 250 -53.03 -7.28 6.68
CA VAL A 250 -53.82 -8.38 7.22
C VAL A 250 -53.00 -9.42 7.96
N THR A 251 -53.70 -10.14 8.80
CA THR A 251 -53.19 -11.32 9.46
C THR A 251 -54.14 -12.41 9.05
N LEU A 252 -53.60 -13.45 8.42
CA LEU A 252 -54.45 -14.51 7.87
C LEU A 252 -54.13 -15.84 8.51
N GLU A 253 -54.99 -16.27 9.41
CA GLU A 253 -54.87 -17.56 10.03
C GLU A 253 -55.84 -18.50 9.31
N LEU A 254 -55.31 -19.37 8.48
CA LEU A 254 -56.14 -20.11 7.55
C LEU A 254 -56.19 -21.59 7.89
N GLY A 255 -56.54 -22.41 6.90
CA GLY A 255 -56.72 -23.83 7.14
C GLY A 255 -55.46 -24.61 7.46
N GLY A 256 -55.66 -25.80 8.04
CA GLY A 256 -54.58 -26.74 8.29
C GLY A 256 -54.89 -28.14 7.81
N SER A 257 -53.83 -28.88 7.53
CA SER A 257 -53.92 -30.33 7.31
C SER A 257 -52.69 -30.96 7.91
N ASP A 258 -52.62 -30.91 9.25
CA ASP A 258 -51.39 -31.17 9.97
C ASP A 258 -51.00 -32.65 10.03
N PRO A 259 -49.72 -32.95 9.78
CA PRO A 259 -49.22 -34.32 9.90
C PRO A 259 -48.86 -34.68 11.34
N LEU A 260 -49.28 -35.87 11.76
CA LEU A 260 -48.71 -36.46 12.96
C LEU A 260 -47.89 -37.68 12.54
N ILE A 261 -46.58 -37.59 12.78
CA ILE A 261 -45.63 -38.59 12.32
C ILE A 261 -45.19 -39.45 13.48
N ILE A 262 -45.26 -40.76 13.29
CA ILE A 262 -44.96 -41.71 14.35
C ILE A 262 -43.90 -42.71 13.93
N LEU A 263 -42.71 -42.60 14.53
CA LEU A 263 -41.58 -43.46 14.20
C LEU A 263 -41.66 -44.78 14.96
N ASP A 264 -40.68 -45.66 14.74
CA ASP A 264 -40.78 -47.05 15.22
C ASP A 264 -40.22 -47.28 16.61
N ASP A 265 -39.57 -46.29 17.20
CA ASP A 265 -38.96 -46.47 18.53
C ASP A 265 -39.80 -45.88 19.63
N VAL A 266 -41.10 -45.77 19.41
CA VAL A 266 -41.99 -45.20 20.40
C VAL A 266 -42.73 -46.23 21.24
N ASP A 267 -43.24 -45.77 22.37
CA ASP A 267 -44.29 -46.47 23.09
C ASP A 267 -45.56 -46.36 22.25
N VAL A 268 -45.95 -47.48 21.65
CA VAL A 268 -47.03 -47.48 20.67
C VAL A 268 -48.37 -47.17 21.31
N ASP A 269 -48.64 -47.77 22.47
CA ASP A 269 -49.87 -47.47 23.18
C ASP A 269 -49.99 -45.96 23.43
N TYR A 270 -48.96 -45.37 24.05
CA TYR A 270 -48.97 -43.95 24.31
C TYR A 270 -49.20 -43.19 23.00
N ALA A 271 -48.45 -43.58 21.98
CA ALA A 271 -48.54 -42.97 20.66
C ALA A 271 -49.97 -43.00 20.16
N ALA A 272 -50.67 -44.08 20.44
CA ALA A 272 -52.05 -44.22 19.96
C ALA A 272 -52.98 -43.30 20.75
N ARG A 273 -52.82 -43.30 22.07
CA ARG A 273 -53.64 -42.44 22.91
C ARG A 273 -53.50 -40.95 22.52
N LEU A 274 -52.27 -40.56 22.25
CA LEU A 274 -51.98 -39.20 21.83
C LEU A 274 -52.66 -38.95 20.47
N ALA A 275 -52.57 -39.94 19.60
CA ALA A 275 -53.05 -39.82 18.25
C ALA A 275 -54.55 -39.56 18.21
N VAL A 276 -55.27 -40.24 19.09
CA VAL A 276 -56.72 -40.17 19.11
C VAL A 276 -57.13 -38.78 19.53
N PHE A 277 -56.46 -38.26 20.55
CA PHE A 277 -56.79 -36.95 21.09
C PHE A 277 -56.47 -35.88 20.04
N ALA A 278 -55.33 -36.01 19.40
CA ALA A 278 -54.88 -34.96 18.48
C ALA A 278 -55.73 -34.92 17.21
N SER A 279 -56.12 -36.10 16.75
CA SER A 279 -56.79 -36.22 15.46
C SER A 279 -58.30 -36.06 15.56
N LEU A 280 -58.86 -36.16 16.77
CA LEU A 280 -60.32 -36.28 16.89
C LEU A 280 -60.98 -35.35 17.91
N PHE A 281 -60.20 -34.68 18.76
CA PHE A 281 -60.78 -33.75 19.74
C PHE A 281 -61.63 -32.70 19.03
N HIS A 282 -62.75 -32.33 19.67
CA HIS A 282 -63.77 -31.46 19.07
C HIS A 282 -64.21 -31.94 17.68
N GLN A 283 -64.35 -33.26 17.53
CA GLN A 283 -64.84 -33.87 16.29
C GLN A 283 -63.94 -33.54 15.09
N GLY A 284 -62.66 -33.30 15.35
CA GLY A 284 -61.69 -32.99 14.31
C GLY A 284 -61.74 -31.55 13.83
N GLN A 285 -62.59 -30.73 14.47
CA GLN A 285 -62.87 -29.40 13.94
C GLN A 285 -61.86 -28.39 14.48
N ILE A 286 -60.59 -28.80 14.47
CA ILE A 286 -59.50 -27.95 14.90
C ILE A 286 -58.58 -27.70 13.72
N CYS A 287 -58.17 -26.46 13.53
CA CYS A 287 -57.27 -26.13 12.43
C CYS A 287 -55.95 -26.84 12.62
N THR A 288 -55.57 -27.06 13.87
CA THR A 288 -54.32 -27.72 14.15
C THR A 288 -54.53 -29.20 14.56
N SER A 289 -55.68 -29.76 14.14
CA SER A 289 -55.98 -31.17 14.31
C SER A 289 -54.94 -32.06 13.61
N ALA A 290 -54.60 -33.19 14.22
CA ALA A 290 -53.78 -34.14 13.47
C ALA A 290 -54.66 -34.74 12.37
N LYS A 291 -54.57 -34.19 11.17
CA LYS A 291 -55.50 -34.53 10.11
C LYS A 291 -54.97 -35.62 9.16
N ARG A 292 -53.66 -35.89 9.23
CA ARG A 292 -53.05 -36.93 8.43
C ARG A 292 -52.02 -37.65 9.27
N ILE A 293 -52.33 -38.90 9.64
CA ILE A 293 -51.48 -39.66 10.53
C ILE A 293 -50.48 -40.52 9.77
N ILE A 294 -49.20 -40.37 10.09
CA ILE A 294 -48.14 -41.01 9.32
C ILE A 294 -47.28 -41.94 10.16
N VAL A 295 -47.32 -43.26 9.85
CA VAL A 295 -46.65 -44.28 10.68
C VAL A 295 -45.59 -45.08 9.95
N HIS A 296 -44.56 -45.42 10.70
CA HIS A 296 -43.46 -46.22 10.20
C HIS A 296 -43.89 -47.69 10.13
N LYS A 297 -43.54 -48.36 9.03
CA LYS A 297 -43.92 -49.77 8.79
C LYS A 297 -43.72 -50.68 10.01
N ALA A 298 -42.57 -50.53 10.67
CA ALA A 298 -42.19 -51.39 11.78
C ALA A 298 -43.19 -51.40 12.94
N VAL A 299 -44.05 -50.40 13.07
CA VAL A 299 -45.00 -50.41 14.18
C VAL A 299 -46.43 -50.17 13.72
N ALA A 300 -46.59 -50.00 12.41
CA ALA A 300 -47.87 -49.66 11.81
C ALA A 300 -49.04 -50.59 12.21
N ASP A 301 -48.78 -51.90 12.32
CA ASP A 301 -49.87 -52.83 12.61
C ASP A 301 -50.36 -52.69 14.04
N LYS A 302 -49.43 -52.67 14.99
CA LYS A 302 -49.81 -52.52 16.39
C LYS A 302 -50.41 -51.13 16.64
N PHE A 303 -49.85 -50.13 15.96
CA PHE A 303 -50.36 -48.78 16.11
C PHE A 303 -51.81 -48.70 15.66
N ILE A 304 -52.05 -49.19 14.43
CA ILE A 304 -53.39 -49.12 13.88
C ILE A 304 -54.32 -49.90 14.80
N GLU A 305 -53.84 -51.03 15.30
CA GLU A 305 -54.64 -51.88 16.16
C GLU A 305 -55.03 -51.11 17.43
N ARG A 306 -54.04 -50.50 18.08
CA ARG A 306 -54.30 -49.77 19.31
C ARG A 306 -55.17 -48.52 19.08
N TYR A 307 -54.83 -47.74 18.07
CA TYR A 307 -55.58 -46.55 17.71
C TYR A 307 -57.06 -46.86 17.58
N VAL A 308 -57.35 -47.95 16.90
CA VAL A 308 -58.73 -48.34 16.66
C VAL A 308 -59.37 -48.74 17.98
N HIS A 309 -58.59 -49.41 18.82
CA HIS A 309 -59.04 -49.86 20.13
C HIS A 309 -59.55 -48.70 20.95
N TYR A 310 -58.80 -47.59 20.91
CA TYR A 310 -59.17 -46.41 21.69
C TYR A 310 -60.27 -45.57 21.03
N VAL A 311 -60.32 -45.57 19.70
CA VAL A 311 -61.39 -44.86 19.03
C VAL A 311 -62.75 -45.48 19.36
N LYS A 312 -62.79 -46.81 19.51
CA LYS A 312 -64.09 -47.42 19.79
C LYS A 312 -64.47 -47.22 21.25
N MET A 313 -63.56 -46.65 22.05
CA MET A 313 -63.91 -46.24 23.41
C MET A 313 -64.53 -44.84 23.43
N LEU A 314 -64.35 -44.08 22.36
CA LEU A 314 -64.85 -42.71 22.33
C LEU A 314 -66.36 -42.68 22.42
N ARG A 315 -66.86 -41.77 23.24
CA ARG A 315 -68.29 -41.65 23.44
C ARG A 315 -68.90 -40.39 22.81
N ILE A 316 -69.81 -40.61 21.87
CA ILE A 316 -70.47 -39.56 21.11
C ILE A 316 -71.92 -39.40 21.53
N ASP A 317 -72.23 -38.29 22.16
CA ASP A 317 -73.56 -38.11 22.74
C ASP A 317 -73.92 -36.62 22.82
N ASP A 318 -75.09 -36.32 23.38
CA ASP A 318 -75.49 -34.94 23.64
C ASP A 318 -74.50 -34.34 24.62
N PRO A 319 -73.72 -33.34 24.17
CA PRO A 319 -72.68 -32.73 25.01
C PRO A 319 -73.24 -32.07 26.28
N ARG A 320 -74.54 -31.77 26.29
CA ARG A 320 -75.23 -31.25 27.47
C ARG A 320 -75.44 -32.28 28.59
N LYS A 321 -75.28 -33.57 28.27
CA LYS A 321 -75.77 -34.64 29.16
C LYS A 321 -74.89 -34.82 30.39
N ASP A 322 -73.58 -34.81 30.20
CA ASP A 322 -72.63 -34.89 31.31
C ASP A 322 -71.20 -34.57 30.86
N GLU A 323 -70.28 -34.59 31.81
CA GLU A 323 -68.95 -34.02 31.60
C GLU A 323 -67.98 -34.99 30.96
N LYS A 324 -68.35 -36.26 30.85
CA LYS A 324 -67.40 -37.26 30.37
C LYS A 324 -67.66 -37.60 28.91
N VAL A 325 -68.59 -36.89 28.28
CA VAL A 325 -68.85 -37.08 26.85
C VAL A 325 -67.65 -36.66 26.03
N ASP A 326 -67.19 -37.55 25.15
CA ASP A 326 -65.99 -37.29 24.39
C ASP A 326 -66.26 -36.41 23.17
N LEU A 327 -67.33 -36.73 22.46
CA LEU A 327 -67.59 -36.06 21.19
C LEU A 327 -69.03 -35.56 21.09
N GLY A 328 -69.20 -34.30 20.68
CA GLY A 328 -70.51 -33.77 20.39
C GLY A 328 -70.75 -33.87 18.89
N PRO A 329 -71.69 -33.07 18.37
CA PRO A 329 -72.00 -33.09 16.95
C PRO A 329 -71.12 -32.14 16.14
N LEU A 330 -71.30 -32.15 14.82
CA LEU A 330 -70.69 -31.16 13.94
C LEU A 330 -71.57 -29.92 13.98
N ILE A 331 -71.04 -28.78 13.54
CA ILE A 331 -71.75 -27.52 13.75
C ILE A 331 -73.07 -27.43 12.97
N ASN A 332 -73.12 -28.03 11.78
CA ASN A 332 -74.36 -28.03 11.01
C ASN A 332 -74.45 -29.20 10.02
N GLU A 333 -75.49 -29.20 9.19
CA GLU A 333 -75.74 -30.37 8.34
C GLU A 333 -74.94 -30.34 7.05
N ARG A 334 -74.52 -29.16 6.59
CA ARG A 334 -73.61 -29.08 5.43
C ARG A 334 -72.32 -29.84 5.77
N GLN A 335 -71.81 -29.66 6.99
CA GLN A 335 -70.61 -30.35 7.47
C GLN A 335 -70.74 -31.87 7.51
N VAL A 336 -71.93 -32.34 7.84
CA VAL A 336 -72.20 -33.77 7.87
C VAL A 336 -72.22 -34.33 6.46
N ALA A 337 -72.88 -33.58 5.57
CA ALA A 337 -72.94 -33.96 4.17
C ALA A 337 -71.52 -34.03 3.58
N LEU A 338 -70.70 -33.03 3.89
CA LEU A 338 -69.32 -33.00 3.39
C LEU A 338 -68.52 -34.17 3.93
N MET A 339 -68.72 -34.51 5.20
CA MET A 339 -68.01 -35.65 5.77
C MET A 339 -68.43 -36.94 5.06
N LYS A 340 -69.70 -37.02 4.65
CA LYS A 340 -70.16 -38.16 3.88
C LYS A 340 -69.39 -38.20 2.55
N GLU A 341 -69.31 -37.05 1.88
CA GLU A 341 -68.54 -36.98 0.63
C GLU A 341 -67.07 -37.43 0.77
N PHE A 342 -66.42 -37.13 1.89
CA PHE A 342 -65.03 -37.57 2.12
C PHE A 342 -64.93 -39.09 2.30
N VAL A 343 -65.90 -39.63 3.03
CA VAL A 343 -65.97 -41.05 3.30
C VAL A 343 -66.32 -41.81 2.02
N ASP A 344 -67.33 -41.30 1.32
CA ASP A 344 -67.76 -41.89 0.05
C ASP A 344 -66.60 -41.90 -0.96
N ASP A 345 -65.85 -40.80 -1.05
CA ASP A 345 -64.71 -40.72 -1.97
C ASP A 345 -63.63 -41.72 -1.61
N ALA A 346 -63.40 -41.89 -0.32
CA ALA A 346 -62.34 -42.76 0.15
C ALA A 346 -62.65 -44.23 -0.14
N VAL A 347 -63.89 -44.63 0.11
CA VAL A 347 -64.32 -45.99 -0.21
C VAL A 347 -64.20 -46.28 -1.71
N SER A 348 -64.68 -45.35 -2.54
CA SER A 348 -64.67 -45.50 -4.00
C SER A 348 -63.28 -45.70 -4.58
N ARG A 349 -62.25 -45.21 -3.90
CA ARG A 349 -60.90 -45.30 -4.45
C ARG A 349 -60.18 -46.50 -3.86
N GLY A 350 -60.93 -47.35 -3.16
CA GLY A 350 -60.41 -48.62 -2.69
C GLY A 350 -59.80 -48.59 -1.31
N GLY A 351 -60.03 -47.50 -0.58
CA GLY A 351 -59.50 -47.36 0.77
C GLY A 351 -60.21 -48.27 1.76
N ARG A 352 -59.52 -48.64 2.84
CA ARG A 352 -60.14 -49.50 3.87
C ARG A 352 -60.66 -48.72 5.07
N LEU A 353 -61.97 -48.74 5.26
CA LEU A 353 -62.58 -48.17 6.43
C LEU A 353 -62.37 -49.11 7.63
N LEU A 354 -61.48 -48.73 8.53
CA LEU A 354 -61.19 -49.52 9.71
C LEU A 354 -62.35 -49.54 10.70
N ILE A 355 -62.99 -48.39 10.86
CA ILE A 355 -64.00 -48.21 11.90
C ILE A 355 -64.75 -46.93 11.69
N GLY A 356 -66.04 -46.95 12.00
CA GLY A 356 -66.86 -45.76 12.07
C GLY A 356 -67.67 -45.39 10.85
N GLY A 357 -68.10 -44.13 10.80
CA GLY A 357 -68.85 -43.64 9.66
C GLY A 357 -70.35 -43.55 9.82
N ARG A 358 -70.89 -43.85 11.00
CA ARG A 358 -72.33 -43.69 11.16
C ARG A 358 -72.62 -42.23 11.47
N SER A 359 -73.71 -41.73 10.93
CA SER A 359 -74.16 -40.39 11.26
C SER A 359 -75.63 -40.40 11.62
N TRP A 360 -76.09 -39.29 12.18
CA TRP A 360 -77.48 -39.05 12.52
C TRP A 360 -77.60 -37.60 12.95
N GLY A 361 -78.64 -36.91 12.50
CA GLY A 361 -78.76 -35.49 12.74
C GLY A 361 -77.47 -34.80 12.34
N ASN A 362 -76.84 -34.11 13.28
CA ASN A 362 -75.57 -33.45 13.00
C ASN A 362 -74.41 -34.24 13.58
N PHE A 363 -74.73 -35.34 14.25
CA PHE A 363 -73.68 -36.17 14.83
C PHE A 363 -73.00 -36.99 13.74
N PHE A 364 -71.72 -37.29 13.98
CA PHE A 364 -70.91 -38.02 13.02
C PHE A 364 -69.77 -38.75 13.71
N GLU A 365 -69.76 -40.08 13.62
CA GLU A 365 -68.70 -40.90 14.18
C GLU A 365 -67.40 -40.71 13.46
N PRO A 366 -66.29 -40.75 14.21
CA PRO A 366 -64.96 -40.85 13.61
C PRO A 366 -64.95 -41.92 12.52
N ALA A 367 -64.38 -41.57 11.37
CA ALA A 367 -64.17 -42.52 10.27
C ALA A 367 -62.68 -42.63 9.98
N ILE A 368 -62.14 -43.84 10.14
CA ILE A 368 -60.71 -44.05 10.01
C ILE A 368 -60.38 -44.93 8.81
N PHE A 369 -59.46 -44.44 7.99
CA PHE A 369 -59.11 -45.10 6.73
C PHE A 369 -57.62 -45.49 6.69
N VAL A 370 -57.33 -46.59 5.98
CA VAL A 370 -55.95 -46.93 5.63
C VAL A 370 -55.89 -47.44 4.21
N ASP A 371 -54.67 -47.68 3.71
CA ASP A 371 -54.47 -48.00 2.30
C ASP A 371 -55.07 -46.90 1.46
N VAL A 372 -54.49 -45.72 1.56
CA VAL A 372 -54.94 -44.56 0.78
C VAL A 372 -53.81 -44.15 -0.11
N ASP A 373 -54.08 -43.28 -1.07
CA ASP A 373 -53.01 -42.69 -1.85
C ASP A 373 -53.19 -41.17 -1.87
N ARG A 374 -52.21 -40.46 -2.41
CA ARG A 374 -52.25 -39.02 -2.42
C ARG A 374 -53.45 -38.40 -3.20
N ASN A 375 -54.20 -39.21 -3.94
CA ASN A 375 -55.30 -38.64 -4.73
C ASN A 375 -56.64 -38.66 -3.98
N PHE A 376 -56.68 -39.29 -2.79
CA PHE A 376 -57.88 -39.24 -1.94
C PHE A 376 -58.18 -37.81 -1.51
N ARG A 377 -59.46 -37.43 -1.48
CA ARG A 377 -59.80 -36.09 -1.03
C ARG A 377 -59.28 -35.82 0.40
N ILE A 378 -59.30 -36.84 1.27
CA ILE A 378 -58.85 -36.63 2.64
C ILE A 378 -57.33 -36.54 2.74
N MET A 379 -56.64 -36.59 1.60
CA MET A 379 -55.21 -36.27 1.56
C MET A 379 -54.93 -34.96 0.83
N ARG A 380 -55.88 -34.46 0.05
CA ARG A 380 -55.68 -33.25 -0.76
C ARG A 380 -56.30 -32.00 -0.15
N GLU A 381 -57.38 -32.20 0.63
CA GLU A 381 -58.17 -31.13 1.23
C GLU A 381 -58.10 -31.16 2.74
N GLU A 382 -58.41 -30.04 3.38
CA GLU A 382 -58.58 -29.98 4.84
C GLU A 382 -59.84 -30.71 5.26
N VAL A 383 -59.68 -31.74 6.08
CA VAL A 383 -60.86 -32.45 6.56
C VAL A 383 -61.24 -31.91 7.95
N PHE A 384 -61.97 -30.81 7.93
CA PHE A 384 -62.43 -30.15 9.14
C PHE A 384 -63.60 -30.90 9.77
N GLY A 385 -63.33 -32.16 10.14
CA GLY A 385 -64.33 -33.04 10.73
C GLY A 385 -63.60 -34.36 11.00
N PRO A 386 -64.31 -35.35 11.59
CA PRO A 386 -63.78 -36.58 12.18
C PRO A 386 -63.45 -37.71 11.18
N VAL A 387 -63.06 -37.37 9.96
CA VAL A 387 -62.63 -38.40 9.04
C VAL A 387 -61.12 -38.31 8.95
N ARG A 388 -60.44 -39.43 9.16
CA ARG A 388 -58.99 -39.42 9.26
C ARG A 388 -58.33 -40.61 8.57
N PRO A 389 -57.32 -40.34 7.72
CA PRO A 389 -56.45 -41.33 7.08
C PRO A 389 -55.21 -41.67 7.88
N ILE A 390 -54.82 -42.93 7.85
CA ILE A 390 -53.52 -43.35 8.35
C ILE A 390 -52.63 -43.82 7.21
N VAL A 391 -51.41 -43.28 7.11
CA VAL A 391 -50.53 -43.64 6.01
C VAL A 391 -49.27 -44.33 6.53
N VAL A 392 -48.98 -45.51 5.98
CA VAL A 392 -47.78 -46.25 6.37
C VAL A 392 -46.64 -45.94 5.42
N VAL A 393 -45.45 -45.76 6.00
CA VAL A 393 -44.27 -45.40 5.23
C VAL A 393 -43.10 -46.27 5.66
N GLU A 394 -42.08 -46.38 4.82
CA GLU A 394 -40.99 -47.32 5.10
C GLU A 394 -39.87 -46.68 5.88
N ASN A 395 -39.70 -45.37 5.74
CA ASN A 395 -38.61 -44.68 6.43
C ASN A 395 -38.88 -43.18 6.64
N ASP A 396 -37.95 -42.53 7.33
CA ASP A 396 -38.09 -41.13 7.69
C ASP A 396 -38.31 -40.24 6.45
N ASP A 397 -37.47 -40.42 5.44
CA ASP A 397 -37.55 -39.64 4.21
C ASP A 397 -38.96 -39.66 3.64
N GLN A 398 -39.54 -40.84 3.60
CA GLN A 398 -40.88 -41.00 3.04
C GLN A 398 -41.94 -40.33 3.93
N ALA A 399 -41.78 -40.41 5.25
CA ALA A 399 -42.71 -39.72 6.12
C ALA A 399 -42.69 -38.21 5.81
N VAL A 400 -41.50 -37.68 5.59
CA VAL A 400 -41.36 -36.27 5.32
C VAL A 400 -42.01 -35.90 4.00
N GLU A 401 -41.73 -36.70 2.96
CA GLU A 401 -42.32 -36.49 1.64
C GLU A 401 -43.84 -36.45 1.75
N VAL A 402 -44.41 -37.44 2.44
CA VAL A 402 -45.86 -37.50 2.64
C VAL A 402 -46.35 -36.31 3.46
N ALA A 403 -45.60 -35.90 4.48
CA ALA A 403 -46.00 -34.80 5.33
C ALA A 403 -46.07 -33.47 4.58
N ASN A 404 -45.14 -33.28 3.65
CA ASN A 404 -45.06 -32.04 2.90
C ASN A 404 -45.93 -32.01 1.66
N ASP A 405 -46.57 -33.14 1.35
CA ASP A 405 -47.37 -33.24 0.14
C ASP A 405 -48.78 -32.67 0.38
N THR A 406 -48.83 -31.35 0.53
CA THR A 406 -50.08 -30.64 0.80
C THR A 406 -49.88 -29.16 0.53
N ASP A 407 -50.95 -28.45 0.23
CA ASP A 407 -50.90 -27.01 0.06
C ASP A 407 -50.70 -26.30 1.41
N TYR A 408 -51.05 -27.00 2.49
CA TYR A 408 -51.07 -26.40 3.81
C TYR A 408 -49.73 -26.49 4.53
N GLY A 409 -49.64 -25.85 5.70
CA GLY A 409 -48.39 -25.75 6.44
C GLY A 409 -48.57 -25.01 7.75
N LEU A 410 -49.53 -25.45 8.55
CA LEU A 410 -49.84 -24.82 9.83
C LEU A 410 -48.96 -25.40 10.93
N SER A 411 -49.35 -26.57 11.42
CA SER A 411 -48.58 -27.23 12.46
C SER A 411 -48.17 -28.65 12.02
N GLY A 412 -47.90 -29.51 13.00
CA GLY A 412 -47.36 -30.83 12.72
C GLY A 412 -46.58 -31.33 13.93
N ALA A 413 -46.41 -32.64 14.05
CA ALA A 413 -45.69 -33.20 15.17
C ALA A 413 -45.01 -34.56 14.83
N VAL A 414 -43.93 -34.87 15.56
CA VAL A 414 -43.30 -36.17 15.40
C VAL A 414 -43.08 -36.83 16.74
N LEU A 415 -43.46 -38.10 16.81
CA LEU A 415 -43.26 -38.88 18.02
C LEU A 415 -42.05 -39.75 17.82
N THR A 416 -41.04 -39.55 18.64
CA THR A 416 -39.85 -40.40 18.62
C THR A 416 -38.99 -40.11 19.83
N ASN A 417 -38.11 -41.05 20.18
CA ASN A 417 -37.17 -40.87 21.28
C ASN A 417 -35.74 -40.68 20.79
N ASN A 418 -35.58 -40.65 19.48
CA ASN A 418 -34.25 -40.44 18.90
C ASN A 418 -34.03 -38.94 18.60
N VAL A 419 -33.00 -38.36 19.20
CA VAL A 419 -32.80 -36.93 19.06
C VAL A 419 -32.56 -36.50 17.59
N ASN A 420 -31.77 -37.27 16.84
CA ASN A 420 -31.44 -36.93 15.47
C ASN A 420 -32.63 -37.03 14.55
N ARG A 421 -33.39 -38.10 14.70
CA ARG A 421 -34.54 -38.33 13.86
C ARG A 421 -35.59 -37.23 14.11
N ALA A 422 -35.82 -36.94 15.39
CA ALA A 422 -36.72 -35.86 15.77
C ALA A 422 -36.33 -34.55 15.13
N PHE A 423 -35.07 -34.16 15.26
CA PHE A 423 -34.67 -32.85 14.79
C PHE A 423 -34.58 -32.76 13.27
N ARG A 424 -33.99 -33.76 12.62
CA ARG A 424 -33.91 -33.73 11.16
C ARG A 424 -35.30 -33.68 10.56
N ILE A 425 -36.23 -34.40 11.16
CA ILE A 425 -37.59 -34.40 10.65
C ILE A 425 -38.23 -33.01 10.86
N ALA A 426 -37.86 -32.35 11.95
CA ALA A 426 -38.39 -31.01 12.25
C ALA A 426 -37.92 -29.97 11.25
N GLU A 427 -36.62 -29.92 10.98
CA GLU A 427 -36.05 -29.07 9.92
C GLU A 427 -36.79 -29.22 8.60
N ALA A 428 -37.27 -30.43 8.32
CA ALA A 428 -37.65 -30.81 6.96
C ALA A 428 -39.13 -30.59 6.68
N VAL A 429 -39.98 -30.89 7.66
CA VAL A 429 -41.39 -30.62 7.50
C VAL A 429 -41.60 -29.11 7.34
N GLU A 430 -42.53 -28.74 6.45
CA GLU A 430 -42.72 -27.34 6.12
C GLU A 430 -44.00 -26.80 6.73
N SER A 431 -43.88 -26.28 7.97
CA SER A 431 -45.01 -25.76 8.73
C SER A 431 -44.58 -24.48 9.48
N GLY A 432 -45.55 -23.70 9.93
CA GLY A 432 -45.25 -22.52 10.74
C GLY A 432 -44.96 -22.89 12.18
N MET A 433 -45.41 -24.09 12.57
CA MET A 433 -45.30 -24.57 13.93
C MET A 433 -44.97 -26.07 13.94
N PHE A 434 -44.13 -26.50 14.89
CA PHE A 434 -43.86 -27.93 15.00
C PHE A 434 -43.57 -28.43 16.43
N HIS A 435 -44.06 -29.64 16.72
CA HIS A 435 -43.99 -30.16 18.08
C HIS A 435 -43.41 -31.57 18.19
N ILE A 436 -42.37 -31.71 18.99
CA ILE A 436 -41.72 -33.00 19.16
C ILE A 436 -42.22 -33.71 20.43
N ASN A 437 -42.90 -34.84 20.19
CA ASN A 437 -43.46 -35.68 21.24
C ASN A 437 -44.58 -34.99 21.99
N ASP A 438 -45.47 -34.34 21.23
CA ASP A 438 -46.68 -33.76 21.79
C ASP A 438 -47.72 -33.60 20.68
N VAL A 439 -48.93 -33.14 21.03
CA VAL A 439 -50.00 -33.01 20.03
C VAL A 439 -49.74 -31.89 19.00
N THR A 440 -50.43 -31.94 17.87
CA THR A 440 -50.28 -30.92 16.84
C THR A 440 -50.93 -29.57 17.22
N PHE A 441 -52.02 -29.62 18.00
CA PHE A 441 -52.71 -28.38 18.39
C PHE A 441 -52.20 -27.84 19.74
N LEU A 442 -50.89 -27.90 19.93
CA LEU A 442 -50.30 -27.27 21.10
C LEU A 442 -50.47 -25.77 20.95
N GLU A 443 -50.89 -25.12 22.02
CA GLU A 443 -51.10 -23.69 21.94
C GLU A 443 -50.92 -23.01 23.28
N GLU A 444 -50.04 -22.03 23.32
CA GLU A 444 -49.90 -21.19 24.50
C GLU A 444 -50.30 -19.76 24.16
N SER A 445 -50.55 -18.97 25.19
CA SER A 445 -51.07 -17.60 25.03
C SER A 445 -50.08 -16.62 24.42
N HIS A 446 -48.79 -16.86 24.65
CA HIS A 446 -47.76 -15.90 24.25
C HIS A 446 -46.81 -16.36 23.15
N VAL A 447 -47.14 -17.45 22.46
CA VAL A 447 -46.26 -17.98 21.41
C VAL A 447 -46.72 -17.51 20.02
N PRO A 448 -45.78 -17.44 19.05
CA PRO A 448 -46.12 -17.06 17.66
C PRO A 448 -46.92 -18.13 16.94
N PHE A 449 -48.23 -17.94 16.91
CA PHE A 449 -49.13 -18.88 16.28
C PHE A 449 -49.49 -18.45 14.86
N GLY A 450 -49.26 -19.34 13.90
CA GLY A 450 -49.51 -19.03 12.51
C GLY A 450 -48.82 -20.03 11.60
N GLY A 451 -49.16 -19.97 10.32
CA GLY A 451 -48.65 -20.93 9.34
C GLY A 451 -47.97 -20.34 8.11
N ILE A 452 -47.61 -21.24 7.19
CA ILE A 452 -46.97 -20.83 5.96
C ILE A 452 -47.73 -21.47 4.83
N LYS A 453 -47.27 -21.27 3.61
CA LYS A 453 -47.97 -21.78 2.43
C LYS A 453 -49.43 -21.32 2.45
N ALA A 454 -50.38 -22.25 2.40
CA ALA A 454 -51.81 -21.91 2.26
C ALA A 454 -52.51 -21.68 3.61
N SER A 455 -51.75 -21.81 4.69
CA SER A 455 -52.30 -21.69 6.05
C SER A 455 -52.22 -20.24 6.56
N GLY A 456 -51.63 -19.37 5.75
CA GLY A 456 -51.75 -17.95 6.00
C GLY A 456 -50.46 -17.14 6.03
N VAL A 457 -50.57 -15.96 6.63
CA VAL A 457 -49.47 -15.04 6.77
C VAL A 457 -49.56 -14.41 8.18
N GLY A 458 -48.41 -14.19 8.83
CA GLY A 458 -48.36 -13.56 10.14
C GLY A 458 -48.43 -14.49 11.35
N ARG A 459 -48.45 -13.90 12.54
CA ARG A 459 -48.46 -14.65 13.80
C ARG A 459 -49.28 -13.94 14.88
N GLU A 460 -50.02 -14.70 15.67
CA GLU A 460 -50.76 -14.15 16.79
C GLU A 460 -50.36 -14.81 18.12
N GLY A 461 -50.76 -14.19 19.23
CA GLY A 461 -50.28 -14.60 20.55
C GLY A 461 -49.14 -13.71 21.02
N GLY A 462 -49.36 -13.05 22.17
CA GLY A 462 -48.37 -12.17 22.76
C GLY A 462 -47.84 -11.04 21.91
N GLU A 463 -46.52 -10.82 22.04
CA GLU A 463 -45.84 -9.76 21.30
C GLU A 463 -46.12 -9.81 19.79
N TRP A 464 -46.28 -11.03 19.28
CA TRP A 464 -46.53 -11.27 17.84
C TRP A 464 -47.88 -10.68 17.40
N SER A 465 -48.86 -10.71 18.30
CA SER A 465 -50.13 -10.07 18.05
C SER A 465 -49.92 -8.55 17.99
N PHE A 466 -49.04 -8.06 18.86
CA PHE A 466 -48.67 -6.65 18.86
C PHE A 466 -47.96 -6.28 17.56
N HIS A 467 -46.97 -7.10 17.15
CA HIS A 467 -46.29 -6.86 15.88
C HIS A 467 -47.30 -6.62 14.76
N GLU A 468 -48.30 -7.51 14.70
CA GLU A 468 -49.33 -7.47 13.66
C GLU A 468 -50.11 -6.16 13.67
N THR A 469 -50.44 -5.68 14.87
CA THR A 469 -51.31 -4.53 14.99
C THR A 469 -50.58 -3.27 15.48
N THR A 470 -49.30 -3.18 15.14
CA THR A 470 -48.52 -1.95 15.35
C THR A 470 -47.55 -1.77 14.19
N TYR A 471 -47.05 -0.56 14.05
CA TYR A 471 -45.98 -0.33 13.11
C TYR A 471 -44.83 0.31 13.84
N ASP A 472 -43.63 0.13 13.29
CA ASP A 472 -42.43 0.74 13.83
C ASP A 472 -42.25 2.14 13.25
N ARG A 473 -41.94 3.11 14.10
CA ARG A 473 -41.68 4.47 13.62
C ARG A 473 -40.26 4.95 13.96
N TRP A 474 -39.45 5.04 12.92
CA TRP A 474 -38.14 5.64 13.01
C TRP A 474 -38.21 7.15 13.21
N VAL A 475 -37.71 7.62 14.35
CA VAL A 475 -37.64 9.06 14.64
C VAL A 475 -36.21 9.47 15.00
N THR A 476 -35.73 10.59 14.46
CA THR A 476 -34.39 11.05 14.83
C THR A 476 -34.38 12.50 15.29
N VAL A 477 -33.24 12.88 15.88
CA VAL A 477 -32.95 14.27 16.24
C VAL A 477 -31.51 14.54 15.87
N THR A 478 -31.28 15.58 15.08
CA THR A 478 -29.94 16.02 14.72
C THR A 478 -29.60 17.24 15.57
N LEU A 479 -28.42 17.23 16.21
CA LEU A 479 -28.07 18.26 17.18
C LEU A 479 -27.03 19.26 16.69
N ARG A 480 -26.47 18.99 15.52
CA ARG A 480 -25.53 19.91 14.88
C ARG A 480 -26.00 20.18 13.45
N THR A 481 -25.94 21.43 13.03
CA THR A 481 -26.25 21.83 11.66
C THR A 481 -25.13 21.40 10.72
N ARG A 482 -25.45 21.17 9.45
CA ARG A 482 -24.43 20.82 8.46
C ARG A 482 -24.62 21.63 7.20
N ARG A 483 -23.67 21.52 6.28
CA ARG A 483 -23.78 22.19 5.00
C ARG A 483 -24.49 21.25 4.02
N PHE A 484 -25.03 21.80 2.94
CA PHE A 484 -25.76 20.98 1.96
C PHE A 484 -25.10 21.07 0.59
N PRO A 485 -25.22 20.02 -0.22
CA PRO A 485 -24.48 19.96 -1.48
C PRO A 485 -25.04 20.82 -2.62
N ILE A 486 -26.25 21.36 -2.49
CA ILE A 486 -26.82 22.28 -3.46
C ILE A 486 -27.46 23.47 -2.72
N PRO A 487 -27.34 24.70 -3.29
CA PRO A 487 -26.56 25.01 -4.49
C PRO A 487 -25.07 24.92 -4.21
N SER A 488 -24.34 24.37 -5.18
CA SER A 488 -22.90 24.19 -5.05
C SER A 488 -22.16 25.51 -4.99
N ALA A 489 -22.85 26.60 -5.29
CA ALA A 489 -22.26 27.93 -5.30
C ALA A 489 -22.15 28.56 -3.91
N LEU A 490 -22.44 27.81 -2.87
CA LEU A 490 -22.36 28.37 -1.52
C LEU A 490 -21.12 27.90 -0.80
N LYS A 491 -20.39 28.85 -0.18
N MET B 7 -24.05 -0.95 -27.66
CA MET B 7 -23.86 -1.79 -26.46
C MET B 7 -25.07 -2.66 -26.11
N LYS B 8 -24.87 -3.96 -25.93
CA LYS B 8 -26.00 -4.85 -25.72
C LYS B 8 -26.00 -5.49 -24.34
N VAL B 9 -27.20 -5.57 -23.77
CA VAL B 9 -27.42 -6.02 -22.39
C VAL B 9 -28.28 -7.27 -22.37
N ALA B 10 -28.01 -8.19 -21.44
CA ALA B 10 -28.78 -9.44 -21.39
C ALA B 10 -29.47 -9.67 -20.06
N ASN B 11 -30.33 -10.67 -20.01
CA ASN B 11 -30.85 -11.20 -18.75
C ASN B 11 -29.80 -12.06 -18.03
N TYR B 12 -30.04 -12.34 -16.75
CA TYR B 12 -29.15 -13.19 -15.97
C TYR B 12 -29.94 -14.23 -15.22
N ILE B 13 -29.91 -15.45 -15.74
CA ILE B 13 -30.72 -16.54 -15.22
C ILE B 13 -29.81 -17.73 -14.95
N ASN B 14 -29.95 -18.33 -13.78
CA ASN B 14 -29.23 -19.55 -13.44
C ASN B 14 -27.73 -19.49 -13.71
N GLY B 15 -27.11 -18.35 -13.45
CA GLY B 15 -25.67 -18.25 -13.57
C GLY B 15 -25.21 -17.96 -14.96
N GLU B 16 -26.15 -17.92 -15.91
CA GLU B 16 -25.84 -17.64 -17.31
C GLU B 16 -26.44 -16.30 -17.76
N PHE B 17 -25.66 -15.50 -18.48
CA PHE B 17 -26.22 -14.34 -19.17
C PHE B 17 -26.88 -14.76 -20.47
N LYS B 18 -28.20 -14.66 -20.56
CA LYS B 18 -28.86 -15.05 -21.82
C LYS B 18 -29.78 -13.97 -22.38
N GLU B 19 -30.02 -14.08 -23.67
CA GLU B 19 -30.91 -13.16 -24.34
C GLU B 19 -32.34 -13.57 -24.04
N PRO B 20 -33.30 -12.67 -24.25
CA PRO B 20 -34.66 -13.05 -23.87
C PRO B 20 -35.26 -14.12 -24.77
N SER B 21 -36.10 -14.94 -24.17
CA SER B 21 -36.92 -15.94 -24.87
C SER B 21 -37.72 -15.35 -26.05
N THR B 22 -38.06 -14.08 -25.97
CA THR B 22 -38.88 -13.43 -27.00
C THR B 22 -38.08 -13.04 -28.23
N GLY B 23 -36.75 -13.05 -28.14
CA GLY B 23 -35.92 -12.47 -29.17
C GLY B 23 -36.02 -10.95 -29.25
N ALA B 24 -37.00 -10.36 -28.57
CA ALA B 24 -37.32 -8.94 -28.73
C ALA B 24 -36.46 -8.00 -27.89
N PHE B 25 -35.88 -6.98 -28.54
CA PHE B 25 -35.08 -5.99 -27.84
C PHE B 25 -35.65 -4.57 -27.98
N GLN B 26 -35.14 -3.68 -27.13
CA GLN B 26 -35.62 -2.31 -27.04
C GLN B 26 -34.44 -1.39 -26.83
N VAL B 27 -34.61 -0.11 -27.09
CA VAL B 27 -33.46 0.79 -27.01
C VAL B 27 -33.59 1.84 -25.90
N LYS B 28 -32.64 1.80 -24.97
CA LYS B 28 -32.61 2.73 -23.85
C LYS B 28 -31.91 4.02 -24.24
N THR B 29 -32.63 5.13 -24.26
CA THR B 29 -31.98 6.39 -24.57
C THR B 29 -31.73 7.17 -23.30
N SER B 30 -30.89 8.18 -23.41
CA SER B 30 -30.58 9.03 -22.28
C SER B 30 -31.63 10.11 -22.10
N PRO B 31 -31.98 10.38 -20.84
CA PRO B 31 -32.87 11.50 -20.53
C PRO B 31 -32.19 12.85 -20.75
N VAL B 32 -30.87 12.85 -20.84
CA VAL B 32 -30.08 14.08 -20.93
C VAL B 32 -30.06 14.70 -22.34
N ASP B 33 -29.74 13.91 -23.37
CA ASP B 33 -29.71 14.43 -24.74
C ASP B 33 -30.47 13.53 -25.70
N GLY B 34 -30.81 12.32 -25.27
CA GLY B 34 -31.60 11.43 -26.09
C GLY B 34 -30.75 10.45 -26.86
N SER B 35 -29.42 10.56 -26.70
CA SER B 35 -28.49 9.61 -27.32
C SER B 35 -28.75 8.18 -26.87
N LYS B 36 -28.55 7.24 -27.79
CA LYS B 36 -28.81 5.84 -27.49
C LYS B 36 -27.78 5.32 -26.49
N ILE B 37 -28.23 4.47 -25.57
CA ILE B 37 -27.35 3.97 -24.51
C ILE B 37 -27.07 2.47 -24.62
N ALA B 38 -28.14 1.69 -24.77
CA ALA B 38 -27.99 0.26 -24.95
C ALA B 38 -29.23 -0.36 -25.59
N GLU B 39 -29.05 -1.50 -26.25
CA GLU B 39 -30.18 -2.37 -26.52
C GLU B 39 -30.38 -3.26 -25.30
N VAL B 40 -31.61 -3.32 -24.82
CA VAL B 40 -31.94 -4.08 -23.63
C VAL B 40 -33.14 -4.98 -23.94
N PRO B 41 -33.23 -6.13 -23.26
CA PRO B 41 -34.29 -7.09 -23.56
C PRO B 41 -35.71 -6.59 -23.25
N ARG B 42 -36.66 -7.04 -24.04
CA ARG B 42 -38.07 -6.99 -23.67
C ARG B 42 -38.50 -8.42 -23.36
N SER B 43 -38.28 -8.86 -22.12
CA SER B 43 -38.55 -10.24 -21.73
C SER B 43 -40.04 -10.53 -21.61
N GLY B 44 -40.37 -11.81 -21.47
CA GLY B 44 -41.76 -12.19 -21.29
C GLY B 44 -41.93 -13.16 -20.15
N ARG B 45 -43.15 -13.63 -19.97
CA ARG B 45 -43.48 -14.47 -18.83
C ARG B 45 -42.59 -15.71 -18.77
N GLU B 46 -42.28 -16.27 -19.93
CA GLU B 46 -41.46 -17.47 -20.00
C GLU B 46 -40.10 -17.22 -19.35
N ASP B 47 -39.58 -16.01 -19.53
CA ASP B 47 -38.30 -15.63 -18.96
C ASP B 47 -38.38 -15.51 -17.44
N ALA B 48 -39.38 -14.80 -16.95
CA ALA B 48 -39.60 -14.70 -15.51
C ALA B 48 -39.75 -16.10 -14.92
N ARG B 49 -40.53 -16.94 -15.60
CA ARG B 49 -40.76 -18.32 -15.18
C ARG B 49 -39.46 -19.12 -15.02
N GLU B 50 -38.53 -18.91 -15.94
CA GLU B 50 -37.26 -19.62 -15.93
C GLU B 50 -36.47 -19.19 -14.70
N ALA B 51 -36.50 -17.90 -14.42
CA ALA B 51 -35.78 -17.34 -13.29
C ALA B 51 -36.35 -17.83 -11.96
N ILE B 52 -37.65 -17.73 -11.82
CA ILE B 52 -38.36 -18.23 -10.65
C ILE B 52 -38.01 -19.71 -10.38
N ASP B 53 -37.96 -20.51 -11.44
CA ASP B 53 -37.62 -21.92 -11.29
C ASP B 53 -36.17 -22.06 -10.88
N SER B 54 -35.29 -21.32 -11.54
CA SER B 54 -33.87 -21.35 -11.19
C SER B 54 -33.68 -21.05 -9.72
N ALA B 55 -34.25 -19.92 -9.30
CA ALA B 55 -34.28 -19.52 -7.90
C ALA B 55 -34.79 -20.66 -7.01
N PHE B 56 -35.96 -21.20 -7.33
CA PHE B 56 -36.56 -22.28 -6.54
C PHE B 56 -35.59 -23.46 -6.37
N GLU B 57 -35.08 -23.94 -7.49
CA GLU B 57 -34.15 -25.05 -7.51
C GLU B 57 -32.97 -24.69 -6.60
N ALA B 58 -32.48 -23.47 -6.71
CA ALA B 58 -31.30 -23.06 -5.97
C ALA B 58 -31.55 -22.82 -4.47
N LEU B 59 -32.82 -22.84 -4.06
CA LEU B 59 -33.15 -22.43 -2.70
C LEU B 59 -32.58 -23.32 -1.58
N LYS B 60 -32.81 -24.63 -1.65
CA LYS B 60 -32.44 -25.53 -0.54
C LYS B 60 -30.97 -25.41 -0.13
N ALA B 61 -30.06 -25.48 -1.10
CA ALA B 61 -28.64 -25.37 -0.81
C ALA B 61 -28.36 -24.04 -0.13
N TRP B 62 -28.87 -22.96 -0.70
CA TRP B 62 -28.56 -21.61 -0.26
C TRP B 62 -29.09 -21.30 1.13
N ALA B 63 -30.32 -21.75 1.41
CA ALA B 63 -30.94 -21.52 2.70
C ALA B 63 -30.33 -22.36 3.83
N ASN B 64 -29.77 -23.51 3.46
CA ASN B 64 -29.26 -24.45 4.46
C ASN B 64 -27.82 -24.19 4.90
N ILE B 65 -26.97 -23.62 4.06
CA ILE B 65 -25.60 -23.37 4.50
C ILE B 65 -25.61 -22.40 5.70
N PRO B 66 -24.56 -22.46 6.53
CA PRO B 66 -24.55 -21.56 7.68
C PRO B 66 -24.44 -20.10 7.25
N ALA B 67 -25.02 -19.20 8.03
CA ALA B 67 -25.10 -17.79 7.65
C ALA B 67 -23.76 -17.18 7.29
N ILE B 68 -22.69 -17.62 7.97
CA ILE B 68 -21.36 -17.04 7.78
C ILE B 68 -20.92 -17.18 6.33
N ARG B 69 -21.39 -18.24 5.68
CA ARG B 69 -21.06 -18.52 4.29
C ARG B 69 -21.77 -17.52 3.35
N ARG B 70 -23.04 -17.24 3.65
CA ARG B 70 -23.76 -16.21 2.91
C ARG B 70 -23.08 -14.86 3.11
N ALA B 71 -22.52 -14.66 4.31
CA ALA B 71 -21.85 -13.41 4.62
C ALA B 71 -20.57 -13.27 3.79
N GLU B 72 -19.83 -14.36 3.61
CA GLU B 72 -18.62 -14.34 2.80
C GLU B 72 -18.93 -13.99 1.34
N TYR B 73 -19.97 -14.59 0.78
CA TYR B 73 -20.37 -14.23 -0.58
C TYR B 73 -20.74 -12.74 -0.64
N LEU B 74 -21.39 -12.21 0.39
CA LEU B 74 -21.77 -10.81 0.39
C LEU B 74 -20.56 -9.91 0.48
N TYR B 75 -19.58 -10.32 1.29
CA TYR B 75 -18.37 -9.52 1.49
C TYR B 75 -17.57 -9.48 0.20
N LYS B 76 -17.73 -10.52 -0.63
CA LYS B 76 -17.01 -10.52 -1.88
C LYS B 76 -17.81 -9.70 -2.92
N MET B 77 -19.14 -9.66 -2.80
CA MET B 77 -19.92 -8.70 -3.57
C MET B 77 -19.44 -7.29 -3.31
N LEU B 78 -19.22 -6.99 -2.02
CA LEU B 78 -18.70 -5.69 -1.59
C LEU B 78 -17.37 -5.37 -2.29
N GLU B 79 -16.49 -6.37 -2.36
CA GLU B 79 -15.19 -6.24 -3.01
C GLU B 79 -15.37 -5.81 -4.45
N VAL B 80 -16.21 -6.54 -5.18
CA VAL B 80 -16.49 -6.26 -6.57
C VAL B 80 -17.07 -4.86 -6.77
N PHE B 81 -18.09 -4.55 -5.98
CA PHE B 81 -18.81 -3.29 -6.14
C PHE B 81 -17.85 -2.12 -5.96
N ARG B 82 -16.91 -2.27 -5.02
CA ARG B 82 -15.93 -1.24 -4.74
C ARG B 82 -15.07 -0.97 -5.98
N GLN B 83 -14.84 -2.02 -6.77
CA GLN B 83 -14.07 -1.91 -8.01
C GLN B 83 -14.88 -1.33 -9.17
N MET B 84 -16.19 -1.42 -9.05
CA MET B 84 -17.09 -0.99 -10.12
C MET B 84 -17.70 0.38 -9.88
N LYS B 85 -17.32 1.00 -8.76
CA LYS B 85 -17.91 2.26 -8.31
C LYS B 85 -18.11 3.25 -9.45
N GLU B 86 -17.06 3.53 -10.20
CA GLU B 86 -17.14 4.57 -11.23
C GLU B 86 -18.12 4.17 -12.34
N ASP B 87 -18.23 2.87 -12.60
CA ASP B 87 -19.16 2.37 -13.60
C ASP B 87 -20.61 2.64 -13.22
N PHE B 88 -20.93 2.36 -11.95
CA PHE B 88 -22.27 2.58 -11.43
C PHE B 88 -22.60 4.04 -11.44
N MET B 89 -21.62 4.86 -11.07
CA MET B 89 -21.81 6.29 -11.05
C MET B 89 -22.18 6.80 -12.43
N LYS B 90 -21.44 6.37 -13.43
CA LYS B 90 -21.63 6.98 -14.73
C LYS B 90 -22.92 6.47 -15.39
N ILE B 91 -23.34 5.26 -15.06
CA ILE B 91 -24.65 4.82 -15.56
C ILE B 91 -25.76 5.56 -14.84
N LEU B 92 -25.59 5.77 -13.54
CA LEU B 92 -26.60 6.48 -12.75
C LEU B 92 -26.81 7.87 -13.31
N THR B 93 -25.76 8.42 -13.90
CA THR B 93 -25.88 9.69 -14.57
C THR B 93 -26.47 9.58 -15.99
N VAL B 94 -25.83 8.80 -16.86
CA VAL B 94 -26.22 8.88 -18.26
C VAL B 94 -27.57 8.20 -18.50
N GLU B 95 -27.85 7.16 -17.73
CA GLU B 95 -29.09 6.42 -17.91
C GLU B 95 -30.22 7.10 -17.14
N GLY B 96 -29.89 7.64 -15.96
CA GLY B 96 -30.91 8.09 -15.04
C GLY B 96 -30.91 9.58 -14.74
N GLY B 97 -29.89 10.28 -15.20
CA GLY B 97 -29.88 11.73 -15.13
C GLY B 97 -29.48 12.33 -13.80
N GLY B 98 -28.83 11.54 -12.96
CA GLY B 98 -28.38 12.03 -11.68
C GLY B 98 -27.16 12.90 -11.85
N THR B 99 -27.05 13.93 -11.03
CA THR B 99 -25.82 14.71 -10.97
C THR B 99 -24.69 13.90 -10.32
N TYR B 100 -23.47 14.41 -10.43
CA TYR B 100 -22.29 13.78 -9.84
C TYR B 100 -22.51 13.55 -8.35
N ARG B 101 -23.02 14.57 -7.68
CA ARG B 101 -23.19 14.52 -6.24
C ARG B 101 -24.26 13.51 -5.85
N LYS B 102 -25.36 13.49 -6.62
CA LYS B 102 -26.43 12.54 -6.33
C LYS B 102 -25.90 11.10 -6.43
N VAL B 103 -25.18 10.81 -7.51
CA VAL B 103 -24.82 9.43 -7.79
C VAL B 103 -23.70 8.96 -6.86
N TRP B 104 -22.83 9.90 -6.50
CA TRP B 104 -21.76 9.65 -5.54
C TRP B 104 -22.40 9.16 -4.25
N GLY B 105 -23.39 9.90 -3.77
CA GLY B 105 -24.11 9.54 -2.57
C GLY B 105 -24.86 8.22 -2.68
N GLU B 106 -25.48 7.97 -3.83
CA GLU B 106 -26.16 6.70 -3.99
C GLU B 106 -25.14 5.56 -3.97
N VAL B 107 -23.94 5.84 -4.46
CA VAL B 107 -22.94 4.80 -4.58
C VAL B 107 -22.28 4.56 -3.22
N VAL B 108 -22.06 5.62 -2.43
CA VAL B 108 -21.52 5.43 -1.08
C VAL B 108 -22.50 4.64 -0.25
N PHE B 109 -23.75 5.12 -0.24
CA PHE B 109 -24.81 4.43 0.48
C PHE B 109 -24.95 2.97 0.06
N THR B 110 -24.72 2.68 -1.22
CA THR B 110 -24.92 1.31 -1.71
C THR B 110 -23.80 0.41 -1.19
N GLU B 111 -22.61 1.00 -1.02
CA GLU B 111 -21.48 0.33 -0.42
C GLU B 111 -21.88 -0.08 1.00
N ARG B 112 -22.37 0.91 1.74
CA ARG B 112 -22.88 0.68 3.09
C ARG B 112 -23.96 -0.39 3.16
N LEU B 113 -24.91 -0.36 2.24
CA LEU B 113 -26.02 -1.29 2.30
C LEU B 113 -25.49 -2.70 2.19
N ILE B 114 -24.54 -2.90 1.26
CA ILE B 114 -23.99 -4.22 1.01
C ILE B 114 -23.15 -4.67 2.21
N GLN B 115 -22.34 -3.77 2.76
CA GLN B 115 -21.62 -4.11 3.98
C GLN B 115 -22.61 -4.44 5.12
N ASN B 116 -23.65 -3.62 5.27
CA ASN B 116 -24.64 -3.83 6.31
C ASN B 116 -25.32 -5.17 6.18
N ALA B 117 -25.55 -5.60 4.95
CA ALA B 117 -26.23 -6.87 4.73
C ALA B 117 -25.35 -7.98 5.25
N ALA B 118 -24.06 -7.89 4.91
CA ALA B 118 -23.10 -8.92 5.28
C ALA B 118 -22.88 -8.98 6.79
N GLU B 119 -22.77 -7.81 7.42
CA GLU B 119 -22.57 -7.67 8.86
C GLU B 119 -23.63 -8.40 9.68
N LEU B 120 -24.88 -8.32 9.24
CA LEU B 120 -25.98 -8.79 10.07
C LEU B 120 -26.35 -10.26 9.86
N ALA B 121 -25.88 -10.85 8.77
CA ALA B 121 -26.34 -12.18 8.36
C ALA B 121 -26.23 -13.22 9.49
N ARG B 122 -25.18 -13.15 10.30
CA ARG B 122 -24.95 -14.12 11.37
C ARG B 122 -25.65 -13.77 12.70
N HIS B 123 -26.36 -12.64 12.75
CA HIS B 123 -26.83 -12.15 14.04
C HIS B 123 -28.32 -11.96 14.15
N TYR B 124 -29.06 -12.56 13.24
CA TYR B 124 -30.51 -12.47 13.26
C TYR B 124 -31.08 -13.57 14.14
N GLN B 125 -31.54 -13.21 15.33
CA GLN B 125 -31.85 -14.20 16.36
C GLN B 125 -33.33 -14.54 16.49
N GLY B 126 -33.62 -15.76 16.93
CA GLY B 126 -34.93 -16.14 17.39
C GLY B 126 -35.01 -15.97 18.88
N ARG B 127 -35.94 -16.67 19.52
CA ARG B 127 -36.22 -16.49 20.96
C ARG B 127 -36.33 -17.82 21.69
N VAL B 128 -36.00 -17.81 22.99
CA VAL B 128 -36.34 -18.93 23.87
C VAL B 128 -37.41 -18.50 24.87
N LEU B 129 -38.57 -19.16 24.81
CA LEU B 129 -39.73 -18.75 25.60
C LEU B 129 -39.88 -19.52 26.90
N GLN B 130 -40.43 -18.85 27.90
CA GLN B 130 -40.90 -19.55 29.08
C GLN B 130 -42.12 -20.36 28.64
N SER B 131 -42.22 -21.63 29.04
CA SER B 131 -43.39 -22.46 28.69
C SER B 131 -44.37 -22.56 29.85
N ASP B 132 -45.66 -22.43 29.54
CA ASP B 132 -46.69 -22.54 30.56
C ASP B 132 -46.91 -24.02 30.95
N SER B 133 -46.29 -24.93 30.22
CA SER B 133 -46.38 -26.36 30.55
C SER B 133 -45.12 -26.85 31.23
N GLU B 134 -45.25 -27.91 32.01
CA GLU B 134 -44.09 -28.52 32.68
C GLU B 134 -43.29 -29.30 31.67
N SER B 135 -42.00 -29.47 31.96
CA SER B 135 -41.11 -30.26 31.11
C SER B 135 -41.27 -29.96 29.60
N THR B 136 -41.37 -28.69 29.25
CA THR B 136 -41.50 -28.34 27.85
C THR B 136 -40.44 -27.31 27.43
N ILE B 137 -39.76 -27.61 26.33
CA ILE B 137 -38.84 -26.68 25.73
C ILE B 137 -39.57 -25.97 24.59
N SER B 138 -39.43 -24.64 24.52
CA SER B 138 -40.23 -23.83 23.63
C SER B 138 -39.40 -22.70 23.00
N VAL B 139 -39.11 -22.83 21.73
CA VAL B 139 -38.27 -21.86 21.06
C VAL B 139 -38.89 -21.32 19.78
N VAL B 140 -38.34 -20.25 19.25
CA VAL B 140 -38.83 -19.72 17.98
C VAL B 140 -37.65 -19.56 17.04
N PHE B 141 -37.70 -20.26 15.91
CA PHE B 141 -36.67 -20.19 14.89
C PHE B 141 -36.99 -19.13 13.84
N LYS B 142 -35.95 -18.62 13.19
CA LYS B 142 -36.10 -17.76 12.01
C LYS B 142 -35.87 -18.58 10.77
N ARG B 143 -36.86 -18.65 9.89
CA ARG B 143 -36.69 -19.36 8.63
C ARG B 143 -36.95 -18.46 7.42
N SER B 144 -36.13 -18.63 6.40
CA SER B 144 -36.20 -17.85 5.17
C SER B 144 -37.44 -18.23 4.36
N LYS B 145 -38.07 -17.26 3.70
CA LYS B 145 -39.34 -17.52 3.07
C LYS B 145 -39.23 -18.38 1.80
N GLY B 146 -38.16 -18.22 1.04
CA GLY B 146 -38.00 -18.97 -0.19
C GLY B 146 -37.51 -18.07 -1.31
N VAL B 147 -38.14 -18.13 -2.48
CA VAL B 147 -37.68 -17.24 -3.53
C VAL B 147 -38.44 -15.94 -3.38
N VAL B 148 -37.74 -14.86 -3.67
CA VAL B 148 -38.24 -13.53 -3.40
C VAL B 148 -38.15 -12.66 -4.64
N GLY B 149 -39.28 -12.09 -5.03
CA GLY B 149 -39.33 -11.18 -6.14
C GLY B 149 -38.96 -9.79 -5.66
N VAL B 150 -38.13 -9.11 -6.45
CA VAL B 150 -37.67 -7.75 -6.14
C VAL B 150 -37.94 -6.82 -7.34
N ILE B 151 -38.81 -5.83 -7.13
CA ILE B 151 -39.28 -4.95 -8.20
C ILE B 151 -39.12 -3.49 -7.81
N THR B 152 -38.42 -2.72 -8.65
CA THR B 152 -37.82 -1.45 -8.22
C THR B 152 -38.03 -0.31 -9.20
N PRO B 153 -37.94 0.97 -8.74
CA PRO B 153 -38.15 2.16 -9.56
C PRO B 153 -36.88 2.68 -10.19
N TRP B 154 -36.94 3.91 -10.70
CA TRP B 154 -35.90 4.44 -11.57
C TRP B 154 -35.15 5.62 -10.96
N ASN B 155 -35.64 6.17 -9.85
CA ASN B 155 -35.08 7.40 -9.30
C ASN B 155 -33.81 7.16 -8.47
N TYR B 156 -33.79 6.07 -7.72
CA TYR B 156 -32.59 5.63 -7.02
C TYR B 156 -32.44 4.15 -7.26
N PRO B 157 -32.23 3.77 -8.53
CA PRO B 157 -32.29 2.36 -8.92
C PRO B 157 -31.18 1.51 -8.30
N LEU B 158 -30.01 2.09 -8.02
CA LEU B 158 -28.93 1.29 -7.46
C LEU B 158 -29.19 1.01 -5.98
N SER B 159 -29.36 2.06 -5.19
CA SER B 159 -29.45 1.92 -3.74
C SER B 159 -30.69 1.14 -3.33
N ILE B 160 -31.85 1.51 -3.88
CA ILE B 160 -33.09 0.82 -3.56
C ILE B 160 -33.04 -0.66 -3.97
N SER B 161 -32.52 -0.96 -5.16
CA SER B 161 -32.41 -2.36 -5.59
C SER B 161 -31.55 -3.12 -4.61
N MET B 162 -30.42 -2.52 -4.26
CA MET B 162 -29.43 -3.22 -3.50
C MET B 162 -29.84 -3.43 -2.04
N LYS B 163 -30.63 -2.51 -1.49
CA LYS B 163 -31.08 -2.69 -0.10
C LYS B 163 -31.95 -3.92 0.01
N LYS B 164 -32.83 -4.09 -0.97
CA LYS B 164 -33.67 -5.27 -1.04
C LYS B 164 -32.86 -6.51 -1.33
N ILE B 165 -32.05 -6.43 -2.38
CA ILE B 165 -31.37 -7.63 -2.87
C ILE B 165 -30.41 -8.25 -1.84
N ALA B 166 -29.47 -7.45 -1.37
CA ALA B 166 -28.46 -7.91 -0.42
C ALA B 166 -29.10 -8.45 0.87
N HIS B 167 -30.02 -7.70 1.45
CA HIS B 167 -30.59 -8.09 2.74
C HIS B 167 -31.42 -9.36 2.62
N THR B 168 -32.15 -9.50 1.51
CA THR B 168 -32.95 -10.69 1.22
C THR B 168 -32.06 -11.92 1.01
N LEU B 169 -30.94 -11.67 0.33
CA LEU B 169 -29.96 -12.71 0.13
C LEU B 169 -29.29 -13.11 1.42
N ALA B 170 -29.04 -12.14 2.29
CA ALA B 170 -28.23 -12.40 3.47
C ALA B 170 -28.84 -13.48 4.35
N VAL B 171 -30.15 -13.48 4.44
CA VAL B 171 -30.83 -14.37 5.37
C VAL B 171 -31.44 -15.59 4.65
N GLY B 172 -30.85 -15.96 3.53
CA GLY B 172 -31.15 -17.25 2.91
C GLY B 172 -32.23 -17.36 1.85
N ASN B 173 -32.79 -16.26 1.40
CA ASN B 173 -33.76 -16.32 0.33
C ASN B 173 -33.03 -16.30 -0.99
N THR B 174 -33.71 -16.67 -2.06
CA THR B 174 -33.17 -16.43 -3.39
C THR B 174 -33.94 -15.28 -4.04
N VAL B 175 -33.40 -14.76 -5.14
CA VAL B 175 -33.92 -13.51 -5.70
C VAL B 175 -34.26 -13.54 -7.21
N VAL B 176 -35.47 -13.09 -7.55
CA VAL B 176 -35.75 -12.73 -8.93
C VAL B 176 -36.01 -11.22 -9.03
N TYR B 177 -35.06 -10.52 -9.63
CA TYR B 177 -35.02 -9.06 -9.68
C TYR B 177 -35.42 -8.49 -11.03
N LYS B 178 -36.39 -7.58 -11.04
CA LYS B 178 -36.77 -6.85 -12.25
C LYS B 178 -36.72 -5.36 -12.01
N PRO B 179 -35.71 -4.70 -12.61
CA PRO B 179 -35.53 -3.25 -12.53
C PRO B 179 -36.58 -2.47 -13.32
N ALA B 180 -36.62 -1.17 -13.08
CA ALA B 180 -37.47 -0.24 -13.83
C ALA B 180 -37.05 -0.18 -15.29
N SER B 181 -38.03 -0.15 -16.18
CA SER B 181 -37.72 -0.12 -17.61
C SER B 181 -36.99 1.16 -18.01
N ASP B 182 -37.06 2.21 -17.20
CA ASP B 182 -36.29 3.41 -17.49
C ASP B 182 -34.83 3.32 -17.01
N THR B 183 -34.52 2.34 -16.17
CA THR B 183 -33.14 2.13 -15.71
C THR B 183 -32.67 0.67 -15.78
N PRO B 184 -32.76 0.05 -16.97
CA PRO B 184 -32.45 -1.39 -17.06
C PRO B 184 -30.94 -1.70 -17.04
N VAL B 185 -30.12 -0.73 -17.44
CA VAL B 185 -28.68 -0.95 -17.48
C VAL B 185 -28.12 -1.04 -16.07
N THR B 186 -28.66 -0.26 -15.14
CA THR B 186 -28.22 -0.31 -13.75
C THR B 186 -28.39 -1.74 -13.21
N GLY B 187 -29.54 -2.34 -13.49
CA GLY B 187 -29.81 -3.70 -13.04
C GLY B 187 -28.81 -4.70 -13.60
N TRP B 188 -28.52 -4.57 -14.89
CA TRP B 188 -27.53 -5.39 -15.58
C TRP B 188 -26.18 -5.33 -14.86
N LEU B 189 -25.74 -4.13 -14.52
CA LEU B 189 -24.50 -3.98 -13.74
C LEU B 189 -24.59 -4.70 -12.39
N ILE B 190 -25.76 -4.66 -11.75
CA ILE B 190 -25.95 -5.36 -10.50
C ILE B 190 -25.67 -6.83 -10.75
N ALA B 191 -26.32 -7.39 -11.75
CA ALA B 191 -26.07 -8.77 -12.15
C ALA B 191 -24.59 -9.02 -12.56
N GLN B 192 -23.97 -8.06 -13.22
CA GLN B 192 -22.55 -8.13 -13.52
C GLN B 192 -21.78 -8.35 -12.23
N MET B 193 -22.17 -7.61 -11.20
CA MET B 193 -21.48 -7.64 -9.92
C MET B 193 -21.72 -8.94 -9.17
N VAL B 194 -22.95 -9.44 -9.21
CA VAL B 194 -23.27 -10.70 -8.55
C VAL B 194 -22.47 -11.83 -9.18
N ALA B 195 -22.46 -11.87 -10.51
CA ALA B 195 -21.77 -12.92 -11.23
C ALA B 195 -20.27 -12.89 -10.96
N LYS B 196 -19.69 -11.71 -10.85
CA LYS B 196 -18.25 -11.59 -10.58
C LYS B 196 -17.90 -11.99 -9.14
N ALA B 197 -18.91 -12.02 -8.27
CA ALA B 197 -18.69 -12.42 -6.88
C ALA B 197 -18.83 -13.94 -6.71
N GLY B 198 -19.30 -14.62 -7.75
CA GLY B 198 -19.27 -16.08 -7.82
C GLY B 198 -20.37 -16.81 -7.07
N LEU B 199 -21.52 -16.18 -6.93
CA LEU B 199 -22.63 -16.81 -6.22
C LEU B 199 -23.14 -18.06 -6.92
N PRO B 200 -23.69 -19.00 -6.15
CA PRO B 200 -24.26 -20.21 -6.74
C PRO B 200 -25.29 -19.86 -7.80
N LYS B 201 -25.35 -20.63 -8.88
CA LYS B 201 -26.28 -20.35 -9.95
C LYS B 201 -27.72 -20.33 -9.44
N GLY B 202 -28.54 -19.45 -10.02
CA GLY B 202 -29.94 -19.33 -9.66
C GLY B 202 -30.23 -18.69 -8.31
N VAL B 203 -29.21 -18.31 -7.57
CA VAL B 203 -29.40 -17.67 -6.27
C VAL B 203 -29.86 -16.24 -6.50
N PHE B 204 -29.24 -15.59 -7.47
CA PHE B 204 -29.66 -14.27 -7.91
C PHE B 204 -30.02 -14.30 -9.40
N ASN B 205 -31.18 -13.78 -9.75
CA ASN B 205 -31.59 -13.69 -11.15
C ASN B 205 -32.07 -12.30 -11.55
N LEU B 206 -31.61 -11.83 -12.71
CA LEU B 206 -32.06 -10.58 -13.33
C LEU B 206 -32.95 -10.85 -14.54
N VAL B 207 -34.13 -10.24 -14.57
CA VAL B 207 -34.97 -10.29 -15.77
C VAL B 207 -35.50 -8.91 -16.14
N ILE B 208 -35.11 -8.43 -17.32
CA ILE B 208 -35.46 -7.08 -17.78
C ILE B 208 -36.64 -7.09 -18.73
N GLY B 209 -37.68 -6.37 -18.34
CA GLY B 209 -38.88 -6.32 -19.15
C GLY B 209 -39.95 -5.49 -18.49
N PRO B 210 -41.10 -5.40 -19.14
CA PRO B 210 -42.20 -4.56 -18.67
C PRO B 210 -42.82 -5.15 -17.41
N GLY B 211 -43.07 -4.29 -16.43
CA GLY B 211 -43.70 -4.68 -15.17
C GLY B 211 -45.03 -5.42 -15.29
N PRO B 212 -45.94 -4.94 -16.17
CA PRO B 212 -47.23 -5.62 -16.35
C PRO B 212 -47.12 -7.01 -16.96
N VAL B 213 -45.96 -7.37 -17.51
CA VAL B 213 -45.77 -8.73 -17.99
C VAL B 213 -44.78 -9.50 -17.11
N VAL B 214 -43.54 -9.03 -17.03
CA VAL B 214 -42.54 -9.71 -16.23
C VAL B 214 -42.85 -9.60 -14.73
N GLY B 215 -43.16 -8.39 -14.27
CA GLY B 215 -43.50 -8.22 -12.87
C GLY B 215 -44.75 -9.00 -12.48
N GLU B 216 -45.79 -8.95 -13.32
CA GLU B 216 -47.06 -9.59 -12.98
C GLU B 216 -46.87 -11.10 -12.86
N GLU B 217 -45.95 -11.64 -13.65
CA GLU B 217 -45.61 -13.06 -13.59
C GLU B 217 -44.96 -13.40 -12.25
N ILE B 218 -43.97 -12.60 -11.87
CA ILE B 218 -43.32 -12.70 -10.57
C ILE B 218 -44.33 -12.65 -9.41
N VAL B 219 -45.26 -11.69 -9.47
CA VAL B 219 -46.26 -11.51 -8.42
C VAL B 219 -47.27 -12.64 -8.33
N THR B 220 -47.55 -13.30 -9.45
CA THR B 220 -48.64 -14.27 -9.44
C THR B 220 -48.17 -15.72 -9.39
N HIS B 221 -46.86 -15.92 -9.39
CA HIS B 221 -46.33 -17.28 -9.49
C HIS B 221 -46.38 -18.05 -8.17
N LYS B 222 -46.79 -19.32 -8.24
CA LYS B 222 -46.99 -20.11 -7.02
C LYS B 222 -45.70 -20.35 -6.25
N ARG B 223 -44.56 -20.34 -6.94
CA ARG B 223 -43.30 -20.70 -6.26
C ARG B 223 -42.52 -19.47 -5.79
N VAL B 224 -43.12 -18.29 -6.00
CA VAL B 224 -42.62 -17.07 -5.38
C VAL B 224 -43.26 -16.89 -4.00
N ALA B 225 -42.42 -16.70 -2.99
CA ALA B 225 -42.88 -16.67 -1.61
C ALA B 225 -43.20 -15.25 -1.10
N HIS B 226 -42.50 -14.26 -1.64
CA HIS B 226 -42.64 -12.89 -1.15
C HIS B 226 -42.19 -11.91 -2.23
N VAL B 227 -42.83 -10.75 -2.27
CA VAL B 227 -42.41 -9.70 -3.21
C VAL B 227 -42.09 -8.42 -2.46
N THR B 228 -40.88 -7.91 -2.63
CA THR B 228 -40.64 -6.61 -2.05
C THR B 228 -40.63 -5.60 -3.20
N PHE B 229 -41.50 -4.60 -3.06
CA PHE B 229 -41.77 -3.67 -4.14
C PHE B 229 -41.51 -2.23 -3.73
N THR B 230 -40.90 -1.48 -4.62
CA THR B 230 -40.83 -0.03 -4.47
C THR B 230 -41.43 0.63 -5.72
N GLY B 231 -42.37 1.55 -5.52
CA GLY B 231 -43.01 2.20 -6.64
C GLY B 231 -44.24 3.02 -6.31
N GLU B 232 -45.03 3.33 -7.34
CA GLU B 232 -46.22 4.15 -7.13
C GLU B 232 -47.22 3.42 -6.25
N SER B 233 -47.96 4.20 -5.48
CA SER B 233 -48.93 3.63 -4.59
C SER B 233 -49.98 2.84 -5.38
N SER B 234 -50.40 3.40 -6.52
CA SER B 234 -51.38 2.73 -7.37
C SER B 234 -50.88 1.35 -7.80
N THR B 235 -49.62 1.29 -8.22
CA THR B 235 -48.98 0.02 -8.59
C THR B 235 -48.93 -0.90 -7.37
N GLY B 236 -48.67 -0.31 -6.21
CA GLY B 236 -48.69 -1.07 -4.97
C GLY B 236 -50.02 -1.79 -4.78
N ARG B 237 -51.11 -1.03 -4.96
CA ARG B 237 -52.45 -1.58 -4.80
C ARG B 237 -52.68 -2.74 -5.77
N GLU B 238 -52.23 -2.60 -7.01
CA GLU B 238 -52.39 -3.66 -8.01
C GLU B 238 -51.68 -4.95 -7.58
N ILE B 239 -50.42 -4.79 -7.20
CA ILE B 239 -49.57 -5.90 -6.78
C ILE B 239 -50.12 -6.63 -5.54
N ALA B 240 -50.50 -5.87 -4.53
CA ALA B 240 -51.03 -6.48 -3.31
C ALA B 240 -52.25 -7.37 -3.62
N ALA B 241 -53.10 -6.91 -4.55
CA ALA B 241 -54.29 -7.66 -4.93
C ALA B 241 -53.95 -8.96 -5.64
N LYS B 242 -53.10 -8.86 -6.65
CA LYS B 242 -52.69 -10.04 -7.40
C LYS B 242 -51.94 -11.05 -6.51
N ALA B 243 -51.22 -10.56 -5.50
CA ALA B 243 -50.40 -11.44 -4.66
C ALA B 243 -51.26 -12.31 -3.76
N ALA B 244 -52.47 -11.84 -3.48
CA ALA B 244 -53.40 -12.56 -2.62
C ALA B 244 -53.74 -13.93 -3.20
N GLY B 245 -53.66 -14.06 -4.52
CA GLY B 245 -53.98 -15.31 -5.18
C GLY B 245 -53.24 -16.52 -4.63
N THR B 246 -51.94 -16.36 -4.39
CA THR B 246 -51.11 -17.44 -3.87
C THR B 246 -50.76 -17.26 -2.39
N LEU B 247 -51.33 -16.24 -1.76
CA LEU B 247 -51.10 -15.98 -0.33
C LEU B 247 -49.65 -15.70 0.00
N LYS B 248 -48.90 -15.17 -0.97
CA LYS B 248 -47.54 -14.70 -0.70
C LYS B 248 -47.61 -13.35 -0.02
N THR B 249 -46.57 -13.06 0.77
CA THR B 249 -46.48 -11.79 1.50
C THR B 249 -45.76 -10.75 0.66
N VAL B 250 -46.00 -9.48 0.96
CA VAL B 250 -45.33 -8.40 0.24
C VAL B 250 -44.77 -7.34 1.16
N THR B 251 -43.84 -6.58 0.62
CA THR B 251 -43.37 -5.37 1.26
C THR B 251 -43.67 -4.25 0.28
N LEU B 252 -44.40 -3.23 0.72
CA LEU B 252 -44.81 -2.16 -0.20
C LEU B 252 -44.26 -0.79 0.19
N GLU B 253 -43.28 -0.33 -0.56
CA GLU B 253 -42.63 0.95 -0.31
C GLU B 253 -43.12 1.90 -1.38
N LEU B 254 -44.21 2.57 -1.08
CA LEU B 254 -44.90 3.34 -2.11
C LEU B 254 -44.58 4.84 -2.04
N GLY B 255 -45.47 5.67 -2.57
CA GLY B 255 -45.21 7.10 -2.62
C GLY B 255 -45.16 7.85 -1.30
N GLY B 256 -44.69 9.09 -1.37
CA GLY B 256 -44.77 10.00 -0.25
C GLY B 256 -45.09 11.44 -0.66
N SER B 257 -45.52 12.22 0.32
CA SER B 257 -45.80 13.63 0.12
C SER B 257 -45.40 14.36 1.40
N ASP B 258 -44.12 14.22 1.78
CA ASP B 258 -43.70 14.56 3.14
C ASP B 258 -43.83 16.03 3.42
N PRO B 259 -44.27 16.36 4.64
CA PRO B 259 -44.28 17.73 5.14
C PRO B 259 -42.95 18.15 5.78
N LEU B 260 -42.49 19.35 5.45
CA LEU B 260 -41.40 19.98 6.18
C LEU B 260 -41.95 21.22 6.88
N ILE B 261 -41.96 21.17 8.20
CA ILE B 261 -42.57 22.21 9.01
C ILE B 261 -41.50 23.10 9.63
N ILE B 262 -41.57 24.40 9.31
CA ILE B 262 -40.61 25.35 9.84
C ILE B 262 -41.26 26.28 10.86
N LEU B 263 -40.92 26.11 12.14
CA LEU B 263 -41.42 27.01 13.19
C LEU B 263 -40.69 28.35 13.19
N ASP B 264 -41.17 29.28 14.02
CA ASP B 264 -40.69 30.66 14.00
C ASP B 264 -39.54 30.95 14.93
N ASP B 265 -38.95 29.93 15.55
CA ASP B 265 -37.82 30.15 16.45
C ASP B 265 -36.51 29.62 15.85
N VAL B 266 -36.53 29.34 14.55
CA VAL B 266 -35.36 28.83 13.84
C VAL B 266 -34.44 29.92 13.32
N ASP B 267 -33.29 29.49 12.80
CA ASP B 267 -32.42 30.27 11.94
C ASP B 267 -32.97 30.18 10.51
N VAL B 268 -33.62 31.25 10.07
CA VAL B 268 -34.38 31.24 8.83
C VAL B 268 -33.50 30.94 7.62
N ASP B 269 -32.33 31.53 7.58
CA ASP B 269 -31.44 31.33 6.43
C ASP B 269 -31.06 29.84 6.33
N TYR B 270 -30.63 29.27 7.45
CA TYR B 270 -30.31 27.85 7.51
C TYR B 270 -31.54 27.01 7.13
N ALA B 271 -32.71 27.39 7.63
CA ALA B 271 -33.96 26.68 7.31
C ALA B 271 -34.22 26.66 5.83
N ALA B 272 -34.06 27.81 5.18
CA ALA B 272 -34.20 27.89 3.73
C ALA B 272 -33.16 26.99 3.03
N ARG B 273 -31.91 27.08 3.49
CA ARG B 273 -30.84 26.29 2.89
C ARG B 273 -31.18 24.79 2.95
N LEU B 274 -31.61 24.34 4.13
CA LEU B 274 -32.05 22.97 4.33
C LEU B 274 -33.26 22.66 3.46
N ALA B 275 -34.24 23.56 3.48
CA ALA B 275 -35.46 23.35 2.70
C ALA B 275 -35.18 23.17 1.21
N VAL B 276 -34.27 23.97 0.66
CA VAL B 276 -33.95 23.84 -0.75
C VAL B 276 -33.36 22.46 -1.06
N PHE B 277 -32.42 22.02 -0.21
CA PHE B 277 -31.82 20.70 -0.40
C PHE B 277 -32.88 19.60 -0.23
N ALA B 278 -33.70 19.70 0.80
CA ALA B 278 -34.64 18.61 1.09
C ALA B 278 -35.71 18.49 0.01
N SER B 279 -36.15 19.63 -0.51
CA SER B 279 -37.32 19.66 -1.39
C SER B 279 -36.97 19.48 -2.85
N LEU B 280 -35.72 19.76 -3.23
CA LEU B 280 -35.40 19.82 -4.64
C LEU B 280 -34.24 18.92 -5.08
N PHE B 281 -33.52 18.31 -4.13
CA PHE B 281 -32.45 17.39 -4.49
C PHE B 281 -32.99 16.29 -5.38
N HIS B 282 -32.15 15.84 -6.30
CA HIS B 282 -32.53 14.99 -7.43
C HIS B 282 -33.81 15.45 -8.13
N GLN B 283 -33.95 16.78 -8.24
CA GLN B 283 -35.08 17.37 -8.94
C GLN B 283 -36.41 17.04 -8.28
N GLY B 284 -36.40 16.80 -6.97
CA GLY B 284 -37.59 16.39 -6.23
C GLY B 284 -38.02 14.95 -6.49
N GLN B 285 -37.23 14.23 -7.29
CA GLN B 285 -37.53 12.85 -7.63
C GLN B 285 -37.09 11.87 -6.51
N ILE B 286 -37.67 12.07 -5.33
CA ILE B 286 -37.32 11.32 -4.12
C ILE B 286 -38.61 11.05 -3.35
N CYS B 287 -38.87 9.79 -3.01
CA CYS B 287 -40.10 9.43 -2.30
C CYS B 287 -40.22 10.22 -1.01
N THR B 288 -39.07 10.49 -0.39
CA THR B 288 -39.05 11.19 0.88
C THR B 288 -38.59 12.63 0.73
N SER B 289 -38.76 13.17 -0.47
CA SER B 289 -38.49 14.57 -0.71
C SER B 289 -39.42 15.46 0.12
N ALA B 290 -38.93 16.63 0.51
CA ALA B 290 -39.79 17.59 1.20
C ALA B 290 -40.79 18.20 0.19
N LYS B 291 -41.94 17.56 0.03
CA LYS B 291 -42.83 17.88 -1.07
C LYS B 291 -43.83 18.99 -0.74
N ARG B 292 -44.23 19.10 0.52
CA ARG B 292 -45.15 20.14 0.97
C ARG B 292 -44.53 20.96 2.10
N ILE B 293 -44.20 22.22 1.84
CA ILE B 293 -43.48 23.01 2.82
C ILE B 293 -44.42 23.90 3.64
N ILE B 294 -44.25 23.86 4.96
CA ILE B 294 -45.21 24.43 5.88
C ILE B 294 -44.49 25.32 6.88
N VAL B 295 -44.75 26.63 6.79
CA VAL B 295 -44.00 27.60 7.61
C VAL B 295 -44.91 28.48 8.45
N HIS B 296 -44.42 28.84 9.63
CA HIS B 296 -45.10 29.68 10.60
C HIS B 296 -45.16 31.15 10.16
N LYS B 297 -46.30 31.83 10.41
CA LYS B 297 -46.50 33.18 9.87
C LYS B 297 -45.42 34.19 10.29
N ALA B 298 -44.89 34.04 11.51
CA ALA B 298 -43.96 35.03 12.06
C ALA B 298 -42.60 35.07 11.38
N VAL B 299 -42.32 34.08 10.54
CA VAL B 299 -41.08 34.04 9.76
C VAL B 299 -41.35 33.69 8.29
N ALA B 300 -42.62 33.66 7.90
CA ALA B 300 -42.97 33.17 6.57
C ALA B 300 -42.43 34.06 5.46
N ASP B 301 -42.56 35.37 5.63
CA ASP B 301 -42.12 36.31 4.61
C ASP B 301 -40.61 36.18 4.39
N LYS B 302 -39.88 36.31 5.48
CA LYS B 302 -38.43 36.24 5.45
C LYS B 302 -37.97 34.90 4.89
N PHE B 303 -38.65 33.83 5.28
CA PHE B 303 -38.29 32.49 4.79
C PHE B 303 -38.50 32.34 3.28
N ILE B 304 -39.67 32.76 2.81
CA ILE B 304 -40.03 32.58 1.41
C ILE B 304 -39.06 33.37 0.52
N GLU B 305 -38.68 34.56 0.96
CA GLU B 305 -37.69 35.31 0.23
C GLU B 305 -36.37 34.54 0.18
N ARG B 306 -35.92 34.08 1.34
CA ARG B 306 -34.67 33.36 1.41
C ARG B 306 -34.69 32.04 0.62
N TYR B 307 -35.76 31.28 0.77
CA TYR B 307 -35.90 30.02 0.05
C TYR B 307 -35.80 30.26 -1.47
N VAL B 308 -36.59 31.21 -1.97
CA VAL B 308 -36.55 31.57 -3.37
C VAL B 308 -35.17 32.05 -3.79
N HIS B 309 -34.51 32.83 -2.92
CA HIS B 309 -33.15 33.27 -3.21
C HIS B 309 -32.25 32.09 -3.57
N TYR B 310 -32.25 31.04 -2.76
CA TYR B 310 -31.35 29.92 -3.03
C TYR B 310 -31.89 29.02 -4.17
N VAL B 311 -33.20 28.99 -4.36
CA VAL B 311 -33.73 28.20 -5.47
C VAL B 311 -33.24 28.83 -6.78
N LYS B 312 -33.22 30.16 -6.81
CA LYS B 312 -32.76 30.90 -7.98
C LYS B 312 -31.30 30.61 -8.27
N MET B 313 -30.52 30.40 -7.21
CA MET B 313 -29.09 30.12 -7.38
C MET B 313 -28.80 28.73 -7.96
N LEU B 314 -29.81 27.87 -8.01
CA LEU B 314 -29.58 26.50 -8.46
C LEU B 314 -29.09 26.48 -9.89
N ARG B 315 -28.18 25.57 -10.16
CA ARG B 315 -27.63 25.44 -11.50
C ARG B 315 -28.13 24.19 -12.17
N ILE B 316 -28.97 24.36 -13.20
CA ILE B 316 -29.48 23.24 -13.98
C ILE B 316 -28.67 23.08 -15.23
N ASP B 317 -28.19 21.87 -15.49
CA ASP B 317 -27.30 21.65 -16.63
C ASP B 317 -27.17 20.16 -16.93
N ASP B 318 -26.57 19.85 -18.07
CA ASP B 318 -26.10 18.50 -18.38
C ASP B 318 -25.34 17.99 -17.16
N PRO B 319 -25.82 16.91 -16.56
CA PRO B 319 -25.21 16.42 -15.33
C PRO B 319 -23.80 15.84 -15.55
N ARG B 320 -23.47 15.54 -16.82
CA ARG B 320 -22.15 15.04 -17.24
C ARG B 320 -21.04 16.08 -17.36
N LYS B 321 -21.41 17.36 -17.41
CA LYS B 321 -20.42 18.43 -17.62
C LYS B 321 -19.39 18.42 -16.50
N ASP B 322 -19.86 18.53 -15.26
CA ASP B 322 -18.96 18.57 -14.14
C ASP B 322 -19.65 18.25 -12.81
N GLU B 323 -18.90 18.39 -11.73
CA GLU B 323 -19.31 17.86 -10.44
C GLU B 323 -20.19 18.86 -9.68
N LYS B 324 -20.30 20.06 -10.22
CA LYS B 324 -20.97 21.13 -9.49
C LYS B 324 -22.38 21.41 -10.03
N VAL B 325 -22.83 20.62 -10.98
CA VAL B 325 -24.21 20.72 -11.43
C VAL B 325 -25.17 20.39 -10.28
N ASP B 326 -26.06 21.31 -9.96
CA ASP B 326 -27.04 21.07 -8.91
C ASP B 326 -28.16 20.15 -9.38
N LEU B 327 -28.74 20.44 -10.56
CA LEU B 327 -29.83 19.61 -11.10
C LEU B 327 -29.63 19.18 -12.57
N GLY B 328 -29.97 17.93 -12.86
CA GLY B 328 -30.03 17.42 -14.21
C GLY B 328 -31.50 17.37 -14.61
N PRO B 329 -31.83 16.52 -15.59
CA PRO B 329 -33.19 16.41 -16.13
C PRO B 329 -34.07 15.36 -15.43
N LEU B 330 -35.34 15.31 -15.80
CA LEU B 330 -36.27 14.31 -15.29
C LEU B 330 -36.10 13.05 -16.12
N ILE B 331 -36.67 11.95 -15.68
CA ILE B 331 -36.31 10.67 -16.29
C ILE B 331 -36.83 10.56 -17.73
N ASN B 332 -37.85 11.34 -18.09
CA ASN B 332 -38.40 11.31 -19.45
C ASN B 332 -39.39 12.44 -19.79
N GLU B 333 -39.84 12.48 -21.04
CA GLU B 333 -40.78 13.51 -21.47
C GLU B 333 -42.12 13.44 -20.70
N ARG B 334 -42.61 12.24 -20.44
CA ARG B 334 -43.82 12.06 -19.64
C ARG B 334 -43.79 12.83 -18.32
N GLN B 335 -42.63 12.83 -17.65
CA GLN B 335 -42.49 13.52 -16.37
C GLN B 335 -42.58 15.04 -16.50
N VAL B 336 -41.97 15.59 -17.55
CA VAL B 336 -42.10 17.01 -17.86
C VAL B 336 -43.59 17.35 -18.07
N ALA B 337 -44.27 16.53 -18.87
CA ALA B 337 -45.69 16.71 -19.14
C ALA B 337 -46.47 16.79 -17.84
N LEU B 338 -46.28 15.80 -16.97
CA LEU B 338 -46.99 15.75 -15.71
C LEU B 338 -46.73 17.00 -14.86
N MET B 339 -45.48 17.44 -14.87
CA MET B 339 -45.13 18.61 -14.07
C MET B 339 -45.86 19.85 -14.58
N LYS B 340 -45.97 19.95 -15.91
CA LYS B 340 -46.65 21.07 -16.56
C LYS B 340 -48.11 21.12 -16.09
N GLU B 341 -48.80 19.98 -16.13
CA GLU B 341 -50.13 19.89 -15.57
C GLU B 341 -50.20 20.48 -14.18
N PHE B 342 -49.23 20.11 -13.33
CA PHE B 342 -49.17 20.54 -11.94
C PHE B 342 -49.03 22.04 -11.80
N VAL B 343 -48.19 22.64 -12.63
CA VAL B 343 -48.08 24.10 -12.66
C VAL B 343 -49.35 24.74 -13.25
N ASP B 344 -49.92 24.07 -14.25
CA ASP B 344 -51.17 24.51 -14.86
C ASP B 344 -52.28 24.55 -13.82
N ASP B 345 -52.48 23.45 -13.11
CA ASP B 345 -53.54 23.39 -12.11
C ASP B 345 -53.39 24.47 -11.03
N ALA B 346 -52.15 24.70 -10.60
CA ALA B 346 -51.91 25.66 -9.53
C ALA B 346 -52.20 27.09 -9.98
N VAL B 347 -51.93 27.39 -11.24
CA VAL B 347 -52.17 28.73 -11.71
C VAL B 347 -53.68 28.96 -11.79
N SER B 348 -54.39 28.00 -12.36
CA SER B 348 -55.82 28.18 -12.57
C SER B 348 -56.60 28.27 -11.27
N ARG B 349 -56.05 27.72 -10.18
CA ARG B 349 -56.75 27.67 -8.90
C ARG B 349 -56.43 28.87 -8.04
N GLY B 350 -55.53 29.72 -8.54
CA GLY B 350 -55.26 30.99 -7.90
C GLY B 350 -53.95 31.05 -7.15
N GLY B 351 -53.06 30.12 -7.45
CA GLY B 351 -51.78 30.09 -6.81
C GLY B 351 -50.87 31.15 -7.37
N ARG B 352 -49.97 31.65 -6.53
CA ARG B 352 -48.96 32.59 -6.94
C ARG B 352 -47.62 31.90 -7.27
N LEU B 353 -47.24 31.92 -8.54
CA LEU B 353 -45.96 31.39 -9.00
C LEU B 353 -44.80 32.34 -8.72
N LEU B 354 -43.93 31.95 -7.81
CA LEU B 354 -42.84 32.82 -7.41
C LEU B 354 -41.62 32.71 -8.31
N ILE B 355 -41.42 31.54 -8.91
CA ILE B 355 -40.23 31.33 -9.73
C ILE B 355 -40.35 30.03 -10.51
N GLY B 356 -39.60 29.91 -11.59
CA GLY B 356 -39.44 28.66 -12.32
C GLY B 356 -40.58 28.31 -13.22
N GLY B 357 -40.42 27.20 -13.93
CA GLY B 357 -41.44 26.72 -14.84
C GLY B 357 -40.86 26.46 -16.21
N ARG B 358 -39.76 27.17 -16.53
CA ARG B 358 -39.11 26.98 -17.82
C ARG B 358 -38.74 25.50 -17.98
N SER B 359 -38.97 24.95 -19.16
CA SER B 359 -38.56 23.58 -19.41
C SER B 359 -38.19 23.37 -20.87
N TRP B 360 -37.04 22.71 -21.06
CA TRP B 360 -36.58 22.34 -22.38
C TRP B 360 -36.13 20.88 -22.34
N GLY B 361 -36.59 20.10 -23.30
CA GLY B 361 -36.23 18.70 -23.34
C GLY B 361 -36.78 18.11 -22.08
N ASN B 362 -35.94 17.40 -21.34
CA ASN B 362 -36.37 16.83 -20.07
C ASN B 362 -35.91 17.65 -18.88
N PHE B 363 -35.37 18.83 -19.13
CA PHE B 363 -34.99 19.72 -18.02
C PHE B 363 -36.17 20.59 -17.59
N PHE B 364 -36.22 20.89 -16.30
CA PHE B 364 -37.33 21.62 -15.70
C PHE B 364 -36.85 22.47 -14.52
N GLU B 365 -37.07 23.78 -14.60
CA GLU B 365 -36.70 24.68 -13.52
C GLU B 365 -37.72 24.58 -12.40
N PRO B 366 -37.25 24.41 -11.15
CA PRO B 366 -38.14 24.31 -9.98
C PRO B 366 -39.17 25.44 -9.91
N ALA B 367 -40.44 25.09 -10.05
CA ALA B 367 -41.52 26.06 -9.92
C ALA B 367 -42.01 26.12 -8.49
N ILE B 368 -41.95 27.29 -7.87
CA ILE B 368 -42.35 27.44 -6.48
C ILE B 368 -43.63 28.27 -6.33
N PHE B 369 -44.55 27.76 -5.52
CA PHE B 369 -45.86 28.39 -5.33
C PHE B 369 -46.15 28.77 -3.89
N VAL B 370 -46.88 29.87 -3.72
CA VAL B 370 -47.52 30.21 -2.45
C VAL B 370 -48.98 30.51 -2.70
N ASP B 371 -49.70 30.87 -1.65
CA ASP B 371 -51.13 31.17 -1.72
C ASP B 371 -51.89 30.01 -2.35
N VAL B 372 -51.71 28.82 -1.81
CA VAL B 372 -52.39 27.63 -2.34
C VAL B 372 -53.40 27.13 -1.32
N ASP B 373 -54.29 26.22 -1.70
CA ASP B 373 -55.16 25.60 -0.69
C ASP B 373 -55.18 24.07 -0.81
N ARG B 374 -55.95 23.42 0.04
CA ARG B 374 -55.98 21.95 0.08
C ARG B 374 -56.61 21.31 -1.15
N ASN B 375 -57.09 22.13 -2.09
CA ASN B 375 -57.74 21.58 -3.28
C ASN B 375 -56.79 21.51 -4.47
N PHE B 376 -55.60 22.10 -4.32
CA PHE B 376 -54.56 22.04 -5.35
C PHE B 376 -54.04 20.61 -5.60
N ARG B 377 -53.77 20.28 -6.86
CA ARG B 377 -53.20 18.98 -7.18
C ARG B 377 -51.87 18.78 -6.43
N ILE B 378 -51.04 19.80 -6.39
CA ILE B 378 -49.74 19.69 -5.69
C ILE B 378 -49.88 19.71 -4.17
N MET B 379 -51.11 19.75 -3.66
CA MET B 379 -51.32 19.47 -2.24
C MET B 379 -51.92 18.08 -2.02
N ARG B 380 -52.60 17.55 -3.03
CA ARG B 380 -53.41 16.32 -2.94
C ARG B 380 -52.70 15.12 -3.51
N GLU B 381 -51.67 15.37 -4.30
CA GLU B 381 -51.00 14.30 -5.00
C GLU B 381 -49.53 14.32 -4.66
N GLU B 382 -48.85 13.22 -4.94
CA GLU B 382 -47.40 13.20 -4.88
C GLU B 382 -46.83 13.92 -6.11
N VAL B 383 -46.07 14.98 -5.87
CA VAL B 383 -45.37 15.68 -6.94
C VAL B 383 -43.94 15.15 -6.97
N PHE B 384 -43.75 14.12 -7.78
CA PHE B 384 -42.46 13.46 -7.96
C PHE B 384 -41.65 14.23 -9.00
N GLY B 385 -41.36 15.48 -8.67
CA GLY B 385 -40.52 16.33 -9.49
C GLY B 385 -40.45 17.69 -8.86
N PRO B 386 -39.92 18.69 -9.59
CA PRO B 386 -39.56 20.00 -9.02
C PRO B 386 -40.66 21.06 -9.05
N VAL B 387 -41.84 20.70 -8.58
CA VAL B 387 -42.87 21.67 -8.25
C VAL B 387 -43.17 21.57 -6.75
N ARG B 388 -43.20 22.69 -6.05
CA ARG B 388 -43.38 22.68 -4.60
C ARG B 388 -44.23 23.83 -4.06
N PRO B 389 -45.27 23.51 -3.26
CA PRO B 389 -46.09 24.52 -2.58
C PRO B 389 -45.46 24.97 -1.26
N ILE B 390 -45.72 26.22 -0.88
CA ILE B 390 -45.32 26.69 0.43
C ILE B 390 -46.57 27.23 1.09
N VAL B 391 -46.89 26.64 2.24
CA VAL B 391 -48.11 26.95 2.94
C VAL B 391 -47.81 27.65 4.24
N VAL B 392 -48.49 28.76 4.46
CA VAL B 392 -48.29 29.57 5.65
C VAL B 392 -49.37 29.21 6.66
N VAL B 393 -48.93 28.96 7.90
CA VAL B 393 -49.84 28.59 8.96
C VAL B 393 -49.70 29.58 10.13
N GLU B 394 -50.74 29.64 10.96
CA GLU B 394 -50.76 30.57 12.10
C GLU B 394 -50.28 29.98 13.42
N ASN B 395 -50.17 28.66 13.49
CA ASN B 395 -49.69 27.98 14.70
C ASN B 395 -49.46 26.49 14.51
N ASP B 396 -48.93 25.86 15.55
CA ASP B 396 -48.50 24.47 15.52
C ASP B 396 -49.66 23.52 15.25
N ASP B 397 -50.87 23.90 15.67
CA ASP B 397 -52.06 23.11 15.35
C ASP B 397 -52.27 23.06 13.83
N GLN B 398 -52.35 24.22 13.21
CA GLN B 398 -52.54 24.32 11.77
C GLN B 398 -51.44 23.55 11.04
N ALA B 399 -50.22 23.66 11.54
CA ALA B 399 -49.08 22.94 10.97
C ALA B 399 -49.32 21.44 10.93
N VAL B 400 -49.81 20.89 12.02
CA VAL B 400 -50.10 19.47 12.05
C VAL B 400 -51.25 19.18 11.10
N GLU B 401 -52.26 20.05 11.14
CA GLU B 401 -53.47 19.85 10.35
C GLU B 401 -53.10 19.76 8.87
N VAL B 402 -52.30 20.70 8.41
CA VAL B 402 -51.88 20.69 7.01
C VAL B 402 -51.02 19.47 6.73
N ALA B 403 -50.09 19.18 7.64
CA ALA B 403 -49.16 18.06 7.51
C ALA B 403 -49.88 16.74 7.29
N ASN B 404 -51.00 16.54 7.99
CA ASN B 404 -51.66 15.24 7.93
C ASN B 404 -52.76 15.21 6.88
N ASP B 405 -52.94 16.32 6.17
CA ASP B 405 -53.98 16.36 5.16
C ASP B 405 -53.50 15.70 3.87
N THR B 406 -53.16 14.41 3.98
CA THR B 406 -52.70 13.62 2.84
C THR B 406 -53.27 12.24 2.91
N ASP B 407 -53.21 11.54 1.79
CA ASP B 407 -53.43 10.13 1.82
C ASP B 407 -52.12 9.43 2.24
N TYR B 408 -51.02 10.17 2.14
CA TYR B 408 -49.68 9.66 2.39
C TYR B 408 -49.24 9.78 3.84
N GLY B 409 -48.08 9.18 4.11
CA GLY B 409 -47.47 9.18 5.42
C GLY B 409 -46.15 8.42 5.41
N LEU B 410 -45.22 8.85 4.58
CA LEU B 410 -43.92 8.23 4.51
C LEU B 410 -42.98 8.84 5.55
N SER B 411 -42.36 9.96 5.21
CA SER B 411 -41.52 10.66 6.19
C SER B 411 -42.08 12.05 6.53
N GLY B 412 -41.25 12.91 7.12
CA GLY B 412 -41.69 14.21 7.59
C GLY B 412 -40.67 14.84 8.53
N ALA B 413 -40.67 16.17 8.66
CA ALA B 413 -39.67 16.81 9.50
C ALA B 413 -40.06 18.20 10.01
N VAL B 414 -39.47 18.60 11.13
CA VAL B 414 -39.72 19.90 11.69
C VAL B 414 -38.42 20.57 12.14
N LEU B 415 -38.34 21.86 11.87
CA LEU B 415 -37.22 22.66 12.31
C LEU B 415 -37.71 23.58 13.42
N THR B 416 -36.96 23.62 14.51
CA THR B 416 -37.35 24.31 15.74
C THR B 416 -36.31 24.04 16.81
N ASN B 417 -36.14 24.99 17.71
CA ASN B 417 -35.18 24.84 18.80
C ASN B 417 -35.91 24.54 20.09
N ASN B 418 -37.24 24.54 20.01
CA ASN B 418 -38.06 24.26 21.17
C ASN B 418 -38.36 22.77 21.30
N VAL B 419 -37.89 22.18 22.39
CA VAL B 419 -38.05 20.76 22.62
C VAL B 419 -39.53 20.35 22.77
N ASN B 420 -40.35 21.17 23.42
CA ASN B 420 -41.75 20.82 23.59
C ASN B 420 -42.48 20.83 22.26
N ARG B 421 -42.32 21.90 21.50
CA ARG B 421 -42.99 22.02 20.21
C ARG B 421 -42.51 20.92 19.26
N ALA B 422 -41.19 20.68 19.25
CA ALA B 422 -40.59 19.61 18.45
C ALA B 422 -41.25 18.24 18.66
N PHE B 423 -41.37 17.81 19.91
CA PHE B 423 -41.87 16.45 20.16
C PHE B 423 -43.38 16.39 19.94
N ARG B 424 -44.10 17.41 20.42
CA ARG B 424 -45.55 17.44 20.25
C ARG B 424 -45.88 17.32 18.78
N ILE B 425 -45.14 18.04 17.96
CA ILE B 425 -45.39 18.03 16.54
C ILE B 425 -45.09 16.64 15.96
N ALA B 426 -43.94 16.08 16.34
CA ALA B 426 -43.52 14.78 15.84
C ALA B 426 -44.51 13.68 16.19
N GLU B 427 -44.96 13.67 17.43
CA GLU B 427 -45.98 12.73 17.86
C GLU B 427 -47.30 12.89 17.06
N ALA B 428 -47.63 14.13 16.66
CA ALA B 428 -48.92 14.41 16.02
C ALA B 428 -48.95 14.12 14.52
N VAL B 429 -47.82 14.32 13.86
CA VAL B 429 -47.71 14.04 12.42
C VAL B 429 -47.80 12.54 12.18
N GLU B 430 -48.60 12.17 11.17
CA GLU B 430 -48.86 10.77 10.87
C GLU B 430 -47.96 10.27 9.76
N SER B 431 -46.83 9.70 10.14
CA SER B 431 -45.87 9.23 9.17
C SER B 431 -45.11 8.03 9.71
N GLY B 432 -44.57 7.21 8.81
CA GLY B 432 -43.77 6.07 9.22
C GLY B 432 -42.37 6.44 9.75
N MET B 433 -41.93 7.65 9.43
CA MET B 433 -40.62 8.13 9.83
C MET B 433 -40.69 9.63 10.13
N PHE B 434 -39.98 10.09 11.16
CA PHE B 434 -39.92 11.52 11.42
C PHE B 434 -38.53 12.02 11.84
N HIS B 435 -38.25 13.28 11.52
CA HIS B 435 -36.92 13.83 11.73
C HIS B 435 -36.96 15.24 12.29
N ILE B 436 -36.34 15.44 13.43
CA ILE B 436 -36.33 16.75 14.03
C ILE B 436 -35.01 17.41 13.66
N ASN B 437 -35.14 18.57 13.02
CA ASN B 437 -34.01 19.38 12.61
C ASN B 437 -33.05 18.69 11.61
N ASP B 438 -33.60 17.90 10.69
CA ASP B 438 -32.84 17.43 9.55
C ASP B 438 -33.75 17.33 8.32
N VAL B 439 -33.23 16.83 7.20
CA VAL B 439 -34.00 16.71 5.95
C VAL B 439 -35.05 15.62 6.07
N THR B 440 -36.05 15.66 5.22
CA THR B 440 -37.08 14.63 5.25
C THR B 440 -36.52 13.29 4.81
N PHE B 441 -35.47 13.30 4.00
CA PHE B 441 -35.04 12.06 3.41
C PHE B 441 -33.79 11.49 4.06
N LEU B 442 -33.61 11.74 5.35
CA LEU B 442 -32.63 11.00 6.14
C LEU B 442 -32.76 9.51 5.89
N GLU B 443 -31.62 8.83 5.79
CA GLU B 443 -31.65 7.40 5.60
C GLU B 443 -30.32 6.74 6.02
N GLU B 444 -30.43 5.66 6.79
CA GLU B 444 -29.24 4.88 7.12
C GLU B 444 -29.54 3.44 6.72
N SER B 445 -28.49 2.62 6.60
CA SER B 445 -28.59 1.25 6.08
C SER B 445 -29.41 0.26 6.92
N HIS B 446 -29.59 0.55 8.20
CA HIS B 446 -30.01 -0.47 9.14
C HIS B 446 -31.20 -0.03 9.98
N VAL B 447 -31.80 1.08 9.58
CA VAL B 447 -32.97 1.60 10.29
C VAL B 447 -34.29 1.21 9.57
N PRO B 448 -35.39 1.08 10.34
CA PRO B 448 -36.64 0.69 9.67
C PRO B 448 -37.20 1.80 8.74
N PHE B 449 -37.09 1.55 7.44
CA PHE B 449 -37.57 2.50 6.42
C PHE B 449 -38.95 2.06 5.91
N GLY B 450 -39.91 2.97 5.93
CA GLY B 450 -41.25 2.63 5.50
C GLY B 450 -42.29 3.62 5.98
N GLY B 451 -43.49 3.51 5.42
CA GLY B 451 -44.53 4.46 5.70
C GLY B 451 -45.80 3.83 6.19
N ILE B 452 -46.80 4.67 6.44
CA ILE B 452 -48.13 4.23 6.82
C ILE B 452 -49.12 4.77 5.81
N LYS B 453 -50.40 4.50 6.05
CA LYS B 453 -51.46 4.97 5.17
C LYS B 453 -51.20 4.49 3.73
N ALA B 454 -51.21 5.43 2.78
CA ALA B 454 -50.98 5.09 1.37
C ALA B 454 -49.49 4.87 1.00
N SER B 455 -48.59 5.12 1.94
CA SER B 455 -47.16 5.04 1.66
C SER B 455 -46.62 3.62 1.79
N GLY B 456 -47.47 2.71 2.22
CA GLY B 456 -47.17 1.31 2.04
C GLY B 456 -47.24 0.48 3.30
N VAL B 457 -46.71 -0.73 3.23
CA VAL B 457 -46.75 -1.66 4.33
C VAL B 457 -45.35 -2.24 4.53
N GLY B 458 -44.92 -2.34 5.78
CA GLY B 458 -43.64 -2.97 6.09
C GLY B 458 -42.42 -2.07 6.14
N ARG B 459 -41.28 -2.68 6.48
CA ARG B 459 -40.08 -1.92 6.73
C ARG B 459 -38.86 -2.59 6.13
N GLU B 460 -37.93 -1.77 5.64
CA GLU B 460 -36.74 -2.29 5.02
C GLU B 460 -35.57 -1.58 5.64
N GLY B 461 -34.42 -2.25 5.67
CA GLY B 461 -33.26 -1.77 6.41
C GLY B 461 -32.88 -2.73 7.53
N GLY B 462 -31.67 -3.29 7.41
CA GLY B 462 -31.13 -4.20 8.40
C GLY B 462 -32.05 -5.33 8.83
N GLU B 463 -32.27 -5.42 10.13
CA GLU B 463 -33.10 -6.49 10.67
C GLU B 463 -34.56 -6.39 10.19
N TRP B 464 -34.99 -5.20 9.79
CA TRP B 464 -36.36 -5.05 9.32
C TRP B 464 -36.55 -5.68 7.96
N SER B 465 -35.52 -5.60 7.12
CA SER B 465 -35.53 -6.34 5.88
C SER B 465 -35.64 -7.83 6.17
N PHE B 466 -34.89 -8.28 7.18
CA PHE B 466 -34.92 -9.68 7.61
C PHE B 466 -36.30 -10.08 8.11
N HIS B 467 -36.96 -9.23 8.89
CA HIS B 467 -38.34 -9.53 9.31
C HIS B 467 -39.29 -9.78 8.12
N GLU B 468 -39.18 -8.96 7.08
CA GLU B 468 -40.01 -9.06 5.88
C GLU B 468 -39.75 -10.34 5.10
N THR B 469 -38.49 -10.81 5.07
CA THR B 469 -38.22 -11.92 4.19
C THR B 469 -37.88 -13.19 4.95
N THR B 470 -38.36 -13.26 6.19
CA THR B 470 -38.30 -14.49 6.95
C THR B 470 -39.62 -14.67 7.69
N TYR B 471 -39.86 -15.89 8.16
CA TYR B 471 -40.96 -16.12 9.08
C TYR B 471 -40.45 -16.77 10.39
N ASP B 472 -41.23 -16.59 11.44
CA ASP B 472 -40.92 -17.15 12.72
C ASP B 472 -41.47 -18.57 12.81
N ARG B 473 -40.73 -19.47 13.44
CA ARG B 473 -41.27 -20.82 13.59
C ARG B 473 -41.21 -21.35 15.03
N TRP B 474 -42.39 -21.49 15.63
CA TRP B 474 -42.51 -22.00 16.98
C TRP B 474 -42.27 -23.51 16.94
N VAL B 475 -41.29 -23.95 17.73
CA VAL B 475 -41.00 -25.36 17.83
C VAL B 475 -40.97 -25.78 19.31
N THR B 476 -41.51 -26.95 19.62
CA THR B 476 -41.45 -27.44 21.00
C THR B 476 -40.93 -28.86 21.13
N VAL B 477 -40.33 -29.13 22.29
CA VAL B 477 -39.99 -30.47 22.72
C VAL B 477 -40.63 -30.70 24.08
N THR B 478 -41.42 -31.77 24.18
CA THR B 478 -42.06 -32.15 25.43
C THR B 478 -41.29 -33.36 26.00
N LEU B 479 -41.03 -33.34 27.30
CA LEU B 479 -40.11 -34.32 27.88
C LEU B 479 -40.78 -35.24 28.91
N ARG B 480 -42.02 -34.96 29.28
CA ARG B 480 -42.81 -35.89 30.09
C ARG B 480 -44.04 -36.29 29.30
N THR B 481 -44.33 -37.59 29.29
CA THR B 481 -45.60 -38.05 28.73
C THR B 481 -46.71 -37.54 29.62
N ARG B 482 -47.93 -37.56 29.13
CA ARG B 482 -49.02 -37.05 29.94
C ARG B 482 -50.32 -37.74 29.61
N ARG B 483 -51.37 -37.42 30.35
CA ARG B 483 -52.66 -38.02 30.09
C ARG B 483 -53.56 -37.09 29.26
N PHE B 484 -54.46 -37.70 28.51
CA PHE B 484 -55.28 -36.99 27.54
C PHE B 484 -56.74 -37.15 27.95
N PRO B 485 -57.59 -36.18 27.58
CA PRO B 485 -58.96 -36.15 28.08
C PRO B 485 -59.97 -37.01 27.30
N ILE B 486 -59.57 -37.56 26.15
CA ILE B 486 -60.41 -38.55 25.48
C ILE B 486 -59.56 -39.75 25.12
N PRO B 487 -60.17 -40.94 25.14
CA PRO B 487 -61.53 -41.16 25.64
C PRO B 487 -61.57 -41.11 27.18
N SER B 488 -62.64 -40.53 27.71
CA SER B 488 -62.72 -40.25 29.14
C SER B 488 -62.83 -41.51 29.99
N ALA B 489 -63.12 -42.64 29.36
CA ALA B 489 -63.36 -43.88 30.09
C ALA B 489 -62.08 -44.43 30.72
N LEU B 490 -60.93 -44.03 30.18
CA LEU B 490 -59.65 -44.57 30.64
C LEU B 490 -59.36 -44.17 32.08
N MET C 7 -45.19 -4.70 70.95
CA MET C 7 -45.50 -5.50 69.75
C MET C 7 -44.37 -6.48 69.43
N LYS C 8 -44.73 -7.75 69.18
CA LYS C 8 -43.75 -8.84 69.04
C LYS C 8 -43.53 -9.27 67.59
N VAL C 9 -42.31 -9.04 67.13
CA VAL C 9 -41.91 -9.28 65.75
C VAL C 9 -40.86 -10.41 65.70
N ALA C 10 -41.04 -11.38 64.79
CA ALA C 10 -40.08 -12.48 64.70
C ALA C 10 -39.36 -12.54 63.36
N ASN C 11 -38.44 -13.49 63.22
CA ASN C 11 -37.92 -13.85 61.90
C ASN C 11 -38.95 -14.71 61.15
N TYR C 12 -38.81 -14.80 59.84
CA TYR C 12 -39.59 -15.76 59.06
C TYR C 12 -38.63 -16.71 58.37
N ILE C 13 -38.54 -17.94 58.87
CA ILE C 13 -37.64 -18.91 58.28
C ILE C 13 -38.37 -20.21 58.00
N ASN C 14 -38.10 -20.74 56.81
CA ASN C 14 -38.67 -22.00 56.36
C ASN C 14 -40.15 -22.18 56.68
N GLY C 15 -40.94 -21.15 56.41
CA GLY C 15 -42.38 -21.24 56.55
C GLY C 15 -43.00 -20.85 57.88
N GLU C 16 -42.16 -20.55 58.87
CA GLU C 16 -42.70 -20.24 60.19
C GLU C 16 -42.03 -19.04 60.85
N PHE C 17 -42.81 -18.33 61.67
CA PHE C 17 -42.30 -17.22 62.46
C PHE C 17 -41.64 -17.72 63.74
N LYS C 18 -40.34 -17.48 63.87
CA LYS C 18 -39.61 -17.97 65.01
C LYS C 18 -38.61 -16.96 65.58
N GLU C 19 -38.26 -17.19 66.85
CA GLU C 19 -37.44 -16.27 67.60
C GLU C 19 -35.99 -16.52 67.25
N PRO C 20 -35.13 -15.49 67.38
CA PRO C 20 -33.70 -15.62 67.05
C PRO C 20 -32.98 -16.66 67.89
N SER C 21 -32.08 -17.41 67.26
CA SER C 21 -31.30 -18.42 67.94
C SER C 21 -30.58 -17.83 69.15
N THR C 22 -30.23 -16.55 69.05
CA THR C 22 -29.47 -15.86 70.08
C THR C 22 -30.30 -15.54 71.32
N GLY C 23 -31.63 -15.57 71.18
CA GLY C 23 -32.51 -15.19 72.28
C GLY C 23 -32.65 -13.68 72.43
N ALA C 24 -31.67 -12.95 71.89
CA ALA C 24 -31.56 -11.50 72.06
C ALA C 24 -32.63 -10.70 71.30
N PHE C 25 -33.23 -9.73 72.00
CA PHE C 25 -34.15 -8.79 71.37
C PHE C 25 -33.67 -7.36 71.47
N GLN C 26 -34.45 -6.45 70.92
CA GLN C 26 -34.12 -5.02 70.84
C GLN C 26 -35.39 -4.22 70.61
N VAL C 27 -35.43 -3.00 71.11
CA VAL C 27 -36.63 -2.17 70.98
C VAL C 27 -36.50 -1.18 69.83
N LYS C 28 -37.50 -1.17 68.96
CA LYS C 28 -37.56 -0.21 67.87
C LYS C 28 -38.38 0.98 68.30
N THR C 29 -37.79 2.15 68.17
CA THR C 29 -38.43 3.36 68.66
C THR C 29 -38.83 4.20 67.48
N SER C 30 -39.85 5.04 67.66
CA SER C 30 -40.28 5.94 66.60
C SER C 30 -39.35 7.12 66.51
N PRO C 31 -39.06 7.56 65.29
CA PRO C 31 -38.25 8.78 65.14
C PRO C 31 -39.04 10.03 65.52
N VAL C 32 -40.37 9.94 65.50
CA VAL C 32 -41.22 11.08 65.81
C VAL C 32 -41.06 11.53 67.25
N ASP C 33 -41.17 10.59 68.19
CA ASP C 33 -41.15 10.92 69.61
C ASP C 33 -40.51 9.85 70.48
N GLY C 34 -39.76 8.93 69.89
CA GLY C 34 -39.10 7.89 70.65
C GLY C 34 -40.00 6.86 71.33
N SER C 35 -41.31 6.89 71.04
CA SER C 35 -42.26 5.85 71.50
C SER C 35 -41.86 4.42 71.10
N LYS C 36 -42.04 3.46 71.99
CA LYS C 36 -41.72 2.08 71.66
C LYS C 36 -42.77 1.53 70.70
N ILE C 37 -42.29 1.07 69.54
CA ILE C 37 -43.15 0.51 68.52
C ILE C 37 -43.25 -1.02 68.61
N ALA C 38 -42.09 -1.67 68.67
CA ALA C 38 -42.01 -3.12 68.64
C ALA C 38 -40.74 -3.62 69.27
N GLU C 39 -40.81 -4.81 69.83
CA GLU C 39 -39.63 -5.55 70.23
C GLU C 39 -39.25 -6.46 69.05
N VAL C 40 -37.99 -6.40 68.63
CA VAL C 40 -37.59 -7.06 67.38
C VAL C 40 -36.30 -7.88 67.56
N PRO C 41 -36.13 -8.93 66.74
CA PRO C 41 -34.95 -9.79 66.87
C PRO C 41 -33.62 -9.06 66.72
N ARG C 42 -32.62 -9.52 67.47
CA ARG C 42 -31.22 -9.23 67.19
C ARG C 42 -30.55 -10.57 66.84
N SER C 43 -30.76 -11.02 65.61
CA SER C 43 -30.33 -12.36 65.20
C SER C 43 -28.83 -12.43 65.00
N GLY C 44 -28.30 -13.64 65.02
CA GLY C 44 -26.87 -13.87 64.86
C GLY C 44 -26.58 -14.66 63.61
N ARG C 45 -25.31 -14.98 63.38
CA ARG C 45 -24.89 -15.67 62.16
C ARG C 45 -25.68 -16.95 61.86
N GLU C 46 -26.28 -17.57 62.88
CA GLU C 46 -26.85 -18.88 62.62
C GLU C 46 -28.32 -18.82 62.25
N ASP C 47 -29.02 -17.76 62.65
CA ASP C 47 -30.32 -17.50 62.09
C ASP C 47 -30.17 -17.31 60.58
N ALA C 48 -29.12 -16.59 60.20
CA ALA C 48 -28.78 -16.38 58.80
C ALA C 48 -28.57 -17.72 58.10
N ARG C 49 -27.68 -18.54 58.66
CA ARG C 49 -27.37 -19.84 58.10
C ARG C 49 -28.63 -20.70 57.95
N GLU C 50 -29.50 -20.63 58.95
CA GLU C 50 -30.72 -21.42 58.93
C GLU C 50 -31.60 -20.95 57.79
N ALA C 51 -31.63 -19.63 57.60
CA ALA C 51 -32.42 -19.02 56.54
C ALA C 51 -31.87 -19.41 55.16
N ILE C 52 -30.55 -19.28 55.02
CA ILE C 52 -29.87 -19.61 53.78
C ILE C 52 -30.08 -21.06 53.36
N ASP C 53 -29.87 -21.98 54.30
CA ASP C 53 -30.09 -23.42 54.06
C ASP C 53 -31.56 -23.71 53.75
N SER C 54 -32.46 -23.03 54.46
CA SER C 54 -33.87 -23.12 54.13
C SER C 54 -34.11 -22.72 52.68
N ALA C 55 -33.46 -21.65 52.26
CA ALA C 55 -33.62 -21.16 50.91
C ALA C 55 -33.01 -22.14 49.92
N PHE C 56 -31.85 -22.69 50.27
CA PHE C 56 -31.16 -23.56 49.35
C PHE C 56 -32.01 -24.81 49.06
N GLU C 57 -32.61 -25.39 50.11
CA GLU C 57 -33.40 -26.61 49.97
C GLU C 57 -34.63 -26.36 49.10
N ALA C 58 -35.25 -25.19 49.28
CA ALA C 58 -36.48 -24.84 48.57
C ALA C 58 -36.24 -24.46 47.09
N LEU C 59 -34.98 -24.20 46.76
CA LEU C 59 -34.64 -23.70 45.44
C LEU C 59 -35.06 -24.62 44.29
N LYS C 60 -34.78 -25.92 44.40
CA LYS C 60 -35.02 -26.84 43.27
C LYS C 60 -36.46 -26.79 42.80
N ALA C 61 -37.40 -26.96 43.71
CA ALA C 61 -38.81 -26.95 43.33
C ALA C 61 -39.21 -25.60 42.76
N TRP C 62 -38.70 -24.53 43.37
CA TRP C 62 -39.16 -23.19 43.03
C TRP C 62 -38.72 -22.80 41.63
N ALA C 63 -37.46 -23.06 41.33
CA ALA C 63 -36.91 -22.77 40.01
C ALA C 63 -37.49 -23.63 38.90
N ASN C 64 -37.99 -24.81 39.24
CA ASN C 64 -38.34 -25.79 38.21
C ASN C 64 -39.83 -25.83 37.84
N ILE C 65 -40.70 -25.35 38.73
CA ILE C 65 -42.09 -25.15 38.35
C ILE C 65 -42.17 -24.15 37.20
N PRO C 66 -43.25 -24.21 36.40
CA PRO C 66 -43.31 -23.25 35.28
C PRO C 66 -43.50 -21.80 35.76
N ALA C 67 -42.90 -20.86 35.03
CA ALA C 67 -42.96 -19.44 35.41
C ALA C 67 -44.37 -18.96 35.71
N ILE C 68 -45.36 -19.44 34.96
CA ILE C 68 -46.75 -19.03 35.15
C ILE C 68 -47.23 -19.28 36.59
N ARG C 69 -46.66 -20.31 37.23
CA ARG C 69 -47.03 -20.70 38.60
C ARG C 69 -46.45 -19.69 39.60
N ARG C 70 -45.22 -19.26 39.37
CA ARG C 70 -44.61 -18.24 40.21
C ARG C 70 -45.42 -16.98 40.05
N ALA C 71 -45.84 -16.69 38.82
CA ALA C 71 -46.64 -15.50 38.56
C ALA C 71 -47.93 -15.51 39.41
N GLU C 72 -48.59 -16.66 39.45
CA GLU C 72 -49.78 -16.80 40.26
C GLU C 72 -49.51 -16.45 41.73
N TYR C 73 -48.39 -16.92 42.27
CA TYR C 73 -48.06 -16.66 43.67
C TYR C 73 -47.83 -15.16 43.91
N LEU C 74 -47.20 -14.52 42.95
CA LEU C 74 -46.98 -13.10 43.02
C LEU C 74 -48.29 -12.32 42.93
N TYR C 75 -49.20 -12.75 42.08
CA TYR C 75 -50.51 -12.12 42.04
C TYR C 75 -51.24 -12.33 43.35
N LYS C 76 -51.03 -13.50 43.96
CA LYS C 76 -51.61 -13.79 45.28
C LYS C 76 -51.00 -12.82 46.30
N MET C 77 -49.69 -12.66 46.22
CA MET C 77 -48.98 -11.69 47.03
C MET C 77 -49.59 -10.30 46.86
N LEU C 78 -49.97 -9.96 45.63
CA LEU C 78 -50.50 -8.64 45.33
C LEU C 78 -51.88 -8.43 45.93
N GLU C 79 -52.67 -9.50 46.01
CA GLU C 79 -54.00 -9.35 46.58
C GLU C 79 -53.91 -9.11 48.09
N VAL C 80 -53.05 -9.87 48.76
CA VAL C 80 -52.79 -9.71 50.18
C VAL C 80 -52.30 -8.30 50.47
N PHE C 81 -51.33 -7.84 49.69
CA PHE C 81 -50.79 -6.48 49.85
C PHE C 81 -51.88 -5.42 49.78
N ARG C 82 -52.74 -5.48 48.76
CA ARG C 82 -53.84 -4.53 48.64
C ARG C 82 -54.68 -4.45 49.93
N GLN C 83 -54.93 -5.62 50.54
CA GLN C 83 -55.62 -5.71 51.81
C GLN C 83 -54.79 -5.17 52.98
N MET C 84 -53.47 -5.14 52.83
CA MET C 84 -52.60 -4.67 53.91
C MET C 84 -52.07 -3.24 53.75
N LYS C 85 -52.69 -2.47 52.86
CA LYS C 85 -52.16 -1.14 52.52
C LYS C 85 -52.07 -0.17 53.70
N GLU C 86 -53.15 0.01 54.44
CA GLU C 86 -53.14 0.88 55.61
C GLU C 86 -52.06 0.47 56.63
N ASP C 87 -51.93 -0.83 56.87
CA ASP C 87 -50.98 -1.31 57.85
C ASP C 87 -49.58 -0.90 57.44
N PHE C 88 -49.29 -1.03 56.15
CA PHE C 88 -47.98 -0.63 55.67
C PHE C 88 -47.75 0.88 55.80
N MET C 89 -48.75 1.67 55.42
CA MET C 89 -48.64 3.12 55.51
C MET C 89 -48.38 3.54 56.95
N LYS C 90 -49.29 3.13 57.82
CA LYS C 90 -49.19 3.35 59.25
C LYS C 90 -47.76 3.14 59.77
N ILE C 91 -47.11 2.05 59.33
CA ILE C 91 -45.78 1.70 59.84
C ILE C 91 -44.69 2.51 59.16
N LEU C 92 -44.88 2.83 57.89
CA LEU C 92 -43.88 3.61 57.19
C LEU C 92 -43.84 5.00 57.81
N THR C 93 -45.01 5.47 58.24
CA THR C 93 -45.13 6.78 58.86
C THR C 93 -44.49 6.77 60.24
N VAL C 94 -44.90 5.83 61.07
CA VAL C 94 -44.50 5.87 62.48
C VAL C 94 -43.10 5.29 62.73
N GLU C 95 -42.71 4.26 61.98
CA GLU C 95 -41.41 3.63 62.13
C GLU C 95 -40.33 4.37 61.33
N GLY C 96 -40.74 4.89 60.18
CA GLY C 96 -39.80 5.47 59.22
C GLY C 96 -39.84 6.98 59.13
N GLY C 97 -40.87 7.59 59.70
CA GLY C 97 -40.94 9.04 59.74
C GLY C 97 -41.55 9.71 58.52
N GLY C 98 -42.08 8.91 57.61
CA GLY C 98 -42.67 9.44 56.40
C GLY C 98 -44.02 10.12 56.56
N THR C 99 -44.22 11.19 55.82
CA THR C 99 -45.52 11.86 55.80
C THR C 99 -46.55 10.97 55.10
N TYR C 100 -47.82 11.35 55.22
CA TYR C 100 -48.87 10.63 54.54
C TYR C 100 -48.55 10.54 53.05
N ARG C 101 -48.44 11.70 52.41
CA ARG C 101 -48.18 11.72 50.98
C ARG C 101 -46.95 10.90 50.59
N LYS C 102 -45.92 10.89 51.43
CA LYS C 102 -44.73 10.09 51.11
C LYS C 102 -45.05 8.60 51.13
N VAL C 103 -45.76 8.14 52.17
CA VAL C 103 -45.99 6.71 52.33
C VAL C 103 -47.14 6.27 51.42
N TRP C 104 -47.96 7.21 50.99
CA TRP C 104 -48.96 6.91 49.98
C TRP C 104 -48.27 6.54 48.64
N GLY C 105 -47.33 7.37 48.21
CA GLY C 105 -46.61 7.10 46.98
C GLY C 105 -45.79 5.83 47.06
N GLU C 106 -45.17 5.59 48.21
CA GLU C 106 -44.35 4.38 48.36
C GLU C 106 -45.21 3.13 48.24
N VAL C 107 -46.42 3.19 48.78
CA VAL C 107 -47.29 2.03 48.79
C VAL C 107 -47.96 1.80 47.41
N VAL C 108 -48.36 2.88 46.76
CA VAL C 108 -48.84 2.81 45.40
C VAL C 108 -47.77 2.22 44.47
N PHE C 109 -46.55 2.74 44.53
CA PHE C 109 -45.46 2.22 43.72
C PHE C 109 -45.12 0.74 44.04
N THR C 110 -45.20 0.37 45.31
CA THR C 110 -44.92 -0.99 45.71
C THR C 110 -45.93 -1.96 45.08
N GLU C 111 -47.19 -1.56 45.07
CA GLU C 111 -48.24 -2.30 44.40
C GLU C 111 -47.84 -2.49 42.95
N ARG C 112 -47.50 -1.38 42.30
CA ARG C 112 -47.09 -1.43 40.89
C ARG C 112 -45.82 -2.26 40.70
N LEU C 113 -44.94 -2.23 41.70
CA LEU C 113 -43.75 -3.07 41.66
C LEU C 113 -44.11 -4.57 41.73
N ILE C 114 -44.99 -4.94 42.63
CA ILE C 114 -45.32 -6.34 42.75
C ILE C 114 -46.03 -6.80 41.48
N GLN C 115 -47.02 -6.03 41.01
CA GLN C 115 -47.74 -6.39 39.77
C GLN C 115 -46.79 -6.57 38.59
N ASN C 116 -45.78 -5.71 38.54
CA ASN C 116 -44.84 -5.70 37.44
C ASN C 116 -43.99 -6.96 37.40
N ALA C 117 -43.56 -7.41 38.58
CA ALA C 117 -42.79 -8.64 38.68
C ALA C 117 -43.65 -9.82 38.20
N ALA C 118 -44.92 -9.80 38.56
CA ALA C 118 -45.85 -10.84 38.14
C ALA C 118 -46.07 -10.82 36.63
N GLU C 119 -46.41 -9.65 36.12
CA GLU C 119 -46.62 -9.44 34.69
C GLU C 119 -45.50 -10.01 33.85
N LEU C 120 -44.27 -9.79 34.31
CA LEU C 120 -43.09 -10.09 33.47
C LEU C 120 -42.57 -11.52 33.61
N ALA C 121 -42.99 -12.24 34.66
CA ALA C 121 -42.44 -13.57 34.93
C ALA C 121 -42.48 -14.54 33.71
N ARG C 122 -43.54 -14.47 32.91
CA ARG C 122 -43.67 -15.43 31.83
C ARG C 122 -42.97 -15.00 30.53
N HIS C 123 -42.31 -13.84 30.56
CA HIS C 123 -41.86 -13.21 29.32
C HIS C 123 -40.39 -12.88 29.21
N TYR C 124 -39.59 -13.41 30.13
CA TYR C 124 -38.16 -13.19 30.12
C TYR C 124 -37.53 -14.22 29.19
N GLN C 125 -37.15 -13.76 28.02
CA GLN C 125 -36.78 -14.64 26.92
C GLN C 125 -35.28 -14.84 26.76
N GLY C 126 -34.91 -16.04 26.34
CA GLY C 126 -33.56 -16.30 25.86
C GLY C 126 -33.52 -16.09 24.36
N ARG C 127 -32.52 -16.68 23.72
CA ARG C 127 -32.20 -16.40 22.33
C ARG C 127 -31.96 -17.66 21.49
N VAL C 128 -32.43 -17.67 20.24
CA VAL C 128 -32.01 -18.69 19.29
C VAL C 128 -30.94 -18.10 18.38
N LEU C 129 -29.77 -18.74 18.30
CA LEU C 129 -28.67 -18.15 17.55
C LEU C 129 -28.37 -18.89 16.23
N GLN C 130 -27.77 -18.13 15.32
CA GLN C 130 -27.23 -18.63 14.09
C GLN C 130 -25.94 -19.35 14.42
N SER C 131 -25.72 -20.52 13.85
CA SER C 131 -24.48 -21.22 14.17
C SER C 131 -23.50 -21.20 13.03
N ASP C 132 -22.23 -21.00 13.36
CA ASP C 132 -21.18 -20.99 12.36
C ASP C 132 -20.80 -22.40 11.89
N SER C 133 -21.32 -23.42 12.57
CA SER C 133 -21.09 -24.80 12.17
C SER C 133 -22.32 -25.36 11.50
N GLU C 134 -22.16 -26.41 10.71
CA GLU C 134 -23.31 -27.04 10.07
C GLU C 134 -23.97 -27.98 11.06
N SER C 135 -25.26 -28.25 10.83
CA SER C 135 -25.98 -29.30 11.57
C SER C 135 -25.93 -29.08 13.11
N THR C 136 -25.93 -27.82 13.49
CA THR C 136 -25.85 -27.44 14.90
C THR C 136 -26.96 -26.47 15.30
N ILE C 137 -27.59 -26.77 16.42
CA ILE C 137 -28.55 -25.85 16.99
C ILE C 137 -27.93 -25.15 18.18
N SER C 138 -28.03 -23.83 18.19
CA SER C 138 -27.31 -22.96 19.10
C SER C 138 -28.29 -21.99 19.75
N VAL C 139 -28.64 -22.25 21.01
CA VAL C 139 -29.56 -21.41 21.77
C VAL C 139 -28.96 -20.92 23.09
N VAL C 140 -29.68 -20.00 23.75
CA VAL C 140 -29.28 -19.48 25.04
C VAL C 140 -30.49 -19.46 25.97
N PHE C 141 -30.39 -20.16 27.10
CA PHE C 141 -31.45 -20.16 28.11
C PHE C 141 -31.19 -19.15 29.21
N LYS C 142 -32.25 -18.79 29.92
CA LYS C 142 -32.13 -17.96 31.11
C LYS C 142 -32.24 -18.88 32.31
N ARG C 143 -31.32 -18.77 33.28
CA ARG C 143 -31.42 -19.66 34.45
C ARG C 143 -31.28 -18.90 35.75
N SER C 144 -32.01 -19.33 36.78
CA SER C 144 -31.91 -18.74 38.11
C SER C 144 -30.50 -18.82 38.67
N LYS C 145 -30.08 -17.78 39.36
CA LYS C 145 -28.77 -17.81 40.01
C LYS C 145 -28.84 -18.73 41.24
N GLY C 146 -29.94 -18.62 41.98
CA GLY C 146 -30.14 -19.53 43.09
C GLY C 146 -30.77 -18.86 44.29
N VAL C 147 -30.09 -18.93 45.43
CA VAL C 147 -30.56 -18.22 46.59
C VAL C 147 -29.90 -16.84 46.57
N VAL C 148 -30.74 -15.82 46.68
CA VAL C 148 -30.33 -14.42 46.58
C VAL C 148 -30.53 -13.63 47.89
N GLY C 149 -29.46 -13.05 48.40
CA GLY C 149 -29.55 -12.16 49.54
C GLY C 149 -30.09 -10.78 49.17
N VAL C 150 -30.99 -10.27 50.00
CA VAL C 150 -31.60 -8.96 49.78
C VAL C 150 -31.38 -8.05 50.99
N ILE C 151 -30.45 -7.10 50.87
CA ILE C 151 -30.15 -6.20 51.99
C ILE C 151 -30.47 -4.73 51.64
N THR C 152 -31.24 -4.07 52.51
CA THR C 152 -31.92 -2.83 52.13
C THR C 152 -31.76 -1.67 53.12
N PRO C 153 -32.08 -0.43 52.69
CA PRO C 153 -31.94 0.72 53.58
C PRO C 153 -33.24 1.11 54.29
N TRP C 154 -33.17 2.20 55.06
CA TRP C 154 -34.29 2.64 55.88
C TRP C 154 -35.16 3.76 55.25
N ASN C 155 -34.69 4.41 54.19
CA ASN C 155 -35.39 5.60 53.68
C ASN C 155 -36.69 5.28 52.92
N TYR C 156 -36.62 4.34 51.97
CA TYR C 156 -37.82 3.85 51.27
C TYR C 156 -37.83 2.34 51.42
N PRO C 157 -37.98 1.88 52.65
CA PRO C 157 -37.62 0.49 52.93
C PRO C 157 -38.63 -0.49 52.30
N LEU C 158 -39.88 -0.08 52.12
CA LEU C 158 -40.87 -0.99 51.53
C LEU C 158 -40.68 -1.19 50.03
N SER C 159 -40.70 -0.09 49.29
CA SER C 159 -40.63 -0.19 47.85
C SER C 159 -39.26 -0.74 47.42
N ILE C 160 -38.20 -0.25 48.04
CA ILE C 160 -36.88 -0.73 47.68
C ILE C 160 -36.75 -2.24 47.90
N SER C 161 -37.25 -2.73 49.04
CA SER C 161 -37.25 -4.17 49.32
C SER C 161 -38.11 -4.96 48.34
N MET C 162 -39.33 -4.49 48.09
CA MET C 162 -40.20 -5.25 47.23
C MET C 162 -39.69 -5.27 45.79
N LYS C 163 -39.06 -4.21 45.32
CA LYS C 163 -38.54 -4.24 43.96
C LYS C 163 -37.51 -5.36 43.84
N LYS C 164 -36.64 -5.47 44.86
CA LYS C 164 -35.65 -6.50 44.90
C LYS C 164 -36.31 -7.86 45.10
N ILE C 165 -37.11 -7.99 46.14
CA ILE C 165 -37.71 -9.27 46.51
C ILE C 165 -38.65 -9.86 45.42
N ALA C 166 -39.65 -9.09 45.01
CA ALA C 166 -40.61 -9.57 44.02
C ALA C 166 -39.96 -9.99 42.68
N HIS C 167 -39.06 -9.18 42.14
CA HIS C 167 -38.45 -9.50 40.88
C HIS C 167 -37.53 -10.70 41.02
N THR C 168 -36.86 -10.80 42.15
CA THR C 168 -35.98 -11.94 42.39
C THR C 168 -36.80 -13.22 42.43
N LEU C 169 -37.93 -13.18 43.14
CA LEU C 169 -38.77 -14.35 43.23
C LEU C 169 -39.30 -14.76 41.87
N ALA C 170 -39.62 -13.78 41.05
CA ALA C 170 -40.39 -14.00 39.81
C ALA C 170 -39.66 -14.96 38.89
N VAL C 171 -38.36 -14.90 38.96
CA VAL C 171 -37.57 -15.44 37.90
C VAL C 171 -36.83 -16.70 38.43
N GLY C 172 -37.38 -17.25 39.51
CA GLY C 172 -36.99 -18.57 39.99
C GLY C 172 -35.94 -18.67 41.09
N ASN C 173 -35.57 -17.54 41.67
CA ASN C 173 -34.65 -17.51 42.80
C ASN C 173 -35.38 -17.63 44.12
N THR C 174 -34.67 -18.06 45.16
CA THR C 174 -35.20 -17.96 46.52
C THR C 174 -34.49 -16.84 47.27
N VAL C 175 -35.17 -16.27 48.25
CA VAL C 175 -34.70 -15.01 48.82
C VAL C 175 -34.37 -15.14 50.29
N VAL C 176 -33.18 -14.70 50.68
CA VAL C 176 -32.93 -14.40 52.09
C VAL C 176 -32.76 -12.89 52.31
N TYR C 177 -33.66 -12.33 53.12
CA TYR C 177 -33.83 -10.89 53.21
C TYR C 177 -33.61 -10.35 54.62
N LYS C 178 -32.67 -9.39 54.73
CA LYS C 178 -32.41 -8.65 55.98
C LYS C 178 -32.63 -7.14 55.85
N PRO C 179 -33.69 -6.62 56.47
CA PRO C 179 -33.93 -5.17 56.36
C PRO C 179 -32.96 -4.31 57.18
N ALA C 180 -32.92 -3.03 56.86
CA ALA C 180 -32.33 -2.02 57.73
C ALA C 180 -32.84 -2.14 59.16
N SER C 181 -31.93 -2.04 60.13
CA SER C 181 -32.29 -2.17 61.53
C SER C 181 -33.19 -1.04 61.99
N ASP C 182 -33.15 0.10 61.30
CA ASP C 182 -34.02 1.22 61.62
C ASP C 182 -35.45 1.07 61.11
N THR C 183 -35.70 0.06 60.26
CA THR C 183 -37.05 -0.20 59.74
C THR C 183 -37.43 -1.68 59.71
N PRO C 184 -37.23 -2.39 60.85
CA PRO C 184 -37.44 -3.83 60.82
C PRO C 184 -38.91 -4.25 60.79
N VAL C 185 -39.83 -3.39 61.22
CA VAL C 185 -41.22 -3.79 61.30
C VAL C 185 -41.79 -3.93 59.89
N THR C 186 -41.41 -3.00 59.02
CA THR C 186 -41.79 -3.04 57.62
C THR C 186 -41.34 -4.36 56.99
N GLY C 187 -40.14 -4.81 57.36
CA GLY C 187 -39.64 -6.09 56.89
C GLY C 187 -40.57 -7.21 57.37
N TRP C 188 -41.03 -7.07 58.60
CA TRP C 188 -41.88 -8.07 59.22
C TRP C 188 -43.26 -8.11 58.56
N LEU C 189 -43.73 -6.95 58.13
CA LEU C 189 -45.00 -6.88 57.43
C LEU C 189 -44.92 -7.55 56.06
N ILE C 190 -43.75 -7.45 55.43
CA ILE C 190 -43.51 -8.11 54.15
C ILE C 190 -43.66 -9.62 54.34
N ALA C 191 -43.00 -10.13 55.38
CA ALA C 191 -43.03 -11.54 55.70
C ALA C 191 -44.46 -11.97 55.96
N GLN C 192 -45.17 -11.20 56.79
CA GLN C 192 -46.59 -11.39 57.01
C GLN C 192 -47.36 -11.57 55.70
N MET C 193 -47.14 -10.66 54.76
CA MET C 193 -47.79 -10.68 53.44
C MET C 193 -47.41 -11.94 52.65
N VAL C 194 -46.13 -12.28 52.64
CA VAL C 194 -45.68 -13.45 51.93
C VAL C 194 -46.39 -14.69 52.46
N ALA C 195 -46.50 -14.81 53.78
CA ALA C 195 -47.04 -16.01 54.41
C ALA C 195 -48.56 -16.12 54.25
N LYS C 196 -49.24 -14.99 54.19
CA LYS C 196 -50.69 -15.01 53.93
C LYS C 196 -50.95 -15.31 52.45
N ALA C 197 -49.90 -15.25 51.64
CA ALA C 197 -50.02 -15.56 50.21
C ALA C 197 -49.75 -17.05 50.01
N GLY C 198 -49.00 -17.62 50.94
CA GLY C 198 -48.80 -19.04 50.99
C GLY C 198 -47.66 -19.55 50.13
N LEU C 199 -46.60 -18.78 50.00
CA LEU C 199 -45.47 -19.26 49.22
C LEU C 199 -44.87 -20.48 49.92
N PRO C 200 -44.32 -21.42 49.15
CA PRO C 200 -43.76 -22.64 49.75
C PRO C 200 -42.64 -22.31 50.72
N LYS C 201 -42.56 -23.10 51.80
CA LYS C 201 -41.54 -22.95 52.83
C LYS C 201 -40.16 -22.78 52.24
N GLY C 202 -39.39 -21.80 52.74
CA GLY C 202 -38.02 -21.62 52.33
C GLY C 202 -37.77 -20.63 51.20
N VAL C 203 -38.80 -20.39 50.39
CA VAL C 203 -38.67 -19.54 49.21
C VAL C 203 -38.32 -18.10 49.60
N PHE C 204 -39.00 -17.59 50.63
CA PHE C 204 -38.70 -16.25 51.13
C PHE C 204 -38.33 -16.25 52.60
N ASN C 205 -37.23 -15.61 52.96
CA ASN C 205 -36.87 -15.62 54.38
C ASN C 205 -36.48 -14.26 54.96
N LEU C 206 -37.08 -13.96 56.11
CA LEU C 206 -36.78 -12.74 56.85
C LEU C 206 -35.86 -13.02 58.03
N VAL C 207 -34.73 -12.31 58.08
CA VAL C 207 -33.87 -12.32 59.26
C VAL C 207 -33.51 -10.89 59.67
N ILE C 208 -33.94 -10.50 60.87
CA ILE C 208 -33.68 -9.16 61.37
C ILE C 208 -32.48 -9.16 62.31
N GLY C 209 -31.51 -8.29 62.02
CA GLY C 209 -30.29 -8.23 62.82
C GLY C 209 -29.28 -7.30 62.19
N PRO C 210 -28.13 -7.11 62.86
CA PRO C 210 -27.10 -6.17 62.41
C PRO C 210 -26.43 -6.57 61.10
N GLY C 211 -26.23 -5.56 60.25
CA GLY C 211 -25.53 -5.74 58.99
C GLY C 211 -24.16 -6.40 59.08
N PRO C 212 -23.25 -5.83 59.89
CA PRO C 212 -21.93 -6.43 60.11
C PRO C 212 -21.95 -7.90 60.58
N VAL C 213 -23.05 -8.36 61.17
CA VAL C 213 -23.18 -9.76 61.58
C VAL C 213 -24.09 -10.62 60.67
N VAL C 214 -25.40 -10.34 60.66
CA VAL C 214 -26.36 -11.09 59.84
C VAL C 214 -26.13 -10.86 58.33
N GLY C 215 -25.98 -9.60 57.96
CA GLY C 215 -25.69 -9.26 56.57
C GLY C 215 -24.40 -9.88 56.05
N GLU C 216 -23.35 -9.78 56.85
CA GLU C 216 -22.06 -10.31 56.43
C GLU C 216 -22.08 -11.83 56.25
N GLU C 217 -22.87 -12.52 57.06
CA GLU C 217 -22.92 -13.97 56.95
C GLU C 217 -23.61 -14.30 55.63
N ILE C 218 -24.68 -13.57 55.32
CA ILE C 218 -25.32 -13.66 54.02
C ILE C 218 -24.35 -13.39 52.86
N VAL C 219 -23.57 -12.33 52.98
CA VAL C 219 -22.61 -11.99 51.94
C VAL C 219 -21.52 -13.06 51.75
N THR C 220 -21.09 -13.69 52.84
CA THR C 220 -19.94 -14.56 52.74
C THR C 220 -20.30 -16.02 52.59
N HIS C 221 -21.59 -16.35 52.68
CA HIS C 221 -22.02 -17.75 52.62
C HIS C 221 -21.88 -18.34 51.21
N LYS C 222 -21.53 -19.62 51.14
CA LYS C 222 -21.16 -20.30 49.89
C LYS C 222 -22.38 -20.75 49.10
N ARG C 223 -23.52 -20.88 49.76
CA ARG C 223 -24.74 -21.25 49.07
C ARG C 223 -25.54 -20.02 48.62
N VAL C 224 -24.94 -18.86 48.74
CA VAL C 224 -25.59 -17.67 48.24
C VAL C 224 -24.97 -17.33 46.90
N ALA C 225 -25.81 -17.31 45.87
CA ALA C 225 -25.36 -17.18 44.51
C ALA C 225 -25.11 -15.71 44.18
N HIS C 226 -25.85 -14.82 44.85
CA HIS C 226 -25.89 -13.42 44.46
C HIS C 226 -26.44 -12.57 45.59
N VAL C 227 -25.85 -11.39 45.79
CA VAL C 227 -26.42 -10.44 46.74
C VAL C 227 -26.82 -9.13 46.06
N THR C 228 -28.05 -8.69 46.32
CA THR C 228 -28.48 -7.38 45.87
C THR C 228 -28.63 -6.48 47.09
N PHE C 229 -28.01 -5.31 46.99
CA PHE C 229 -27.80 -4.41 48.12
C PHE C 229 -28.10 -2.96 47.81
N THR C 230 -28.76 -2.29 48.72
CA THR C 230 -28.96 -0.87 48.59
C THR C 230 -28.58 -0.23 49.90
N GLY C 231 -27.71 0.76 49.84
CA GLY C 231 -27.19 1.43 51.02
C GLY C 231 -26.07 2.39 50.69
N GLU C 232 -25.21 2.67 51.67
CA GLU C 232 -24.14 3.63 51.48
C GLU C 232 -23.00 3.05 50.63
N SER C 233 -22.29 3.94 49.97
CA SER C 233 -21.22 3.57 49.06
C SER C 233 -20.02 2.90 49.76
N SER C 234 -19.67 3.32 50.97
CA SER C 234 -18.62 2.66 51.73
C SER C 234 -19.02 1.22 52.09
N THR C 235 -20.25 1.05 52.57
CA THR C 235 -20.79 -0.29 52.86
C THR C 235 -20.75 -1.15 51.61
N GLY C 236 -21.21 -0.59 50.51
CA GLY C 236 -21.16 -1.28 49.24
C GLY C 236 -19.77 -1.83 48.93
N ARG C 237 -18.74 -1.02 49.13
CA ARG C 237 -17.38 -1.41 48.78
C ARG C 237 -16.96 -2.61 49.61
N GLU C 238 -17.35 -2.62 50.89
CA GLU C 238 -16.95 -3.72 51.73
C GLU C 238 -17.71 -4.99 51.35
N ILE C 239 -18.98 -4.82 51.03
CA ILE C 239 -19.81 -5.96 50.62
C ILE C 239 -19.29 -6.59 49.32
N ALA C 240 -18.87 -5.76 48.37
CA ALA C 240 -18.29 -6.29 47.14
C ALA C 240 -17.02 -7.05 47.47
N ALA C 241 -16.22 -6.48 48.35
CA ALA C 241 -14.95 -7.09 48.73
C ALA C 241 -15.21 -8.47 49.32
N LYS C 242 -16.17 -8.54 50.25
CA LYS C 242 -16.44 -9.80 50.93
C LYS C 242 -17.06 -10.83 50.00
N ALA C 243 -17.86 -10.35 49.04
CA ALA C 243 -18.52 -11.25 48.09
C ALA C 243 -17.53 -11.98 47.20
N ALA C 244 -16.37 -11.38 47.00
CA ALA C 244 -15.36 -11.95 46.12
C ALA C 244 -14.93 -13.34 46.60
N GLY C 245 -15.02 -13.55 47.92
CA GLY C 245 -14.60 -14.80 48.51
C GLY C 245 -15.23 -16.01 47.85
N THR C 246 -16.54 -15.94 47.65
CA THR C 246 -17.25 -17.10 47.13
C THR C 246 -17.62 -16.95 45.65
N LEU C 247 -17.06 -15.94 44.99
CA LEU C 247 -17.33 -15.64 43.57
C LEU C 247 -18.80 -15.47 43.25
N LYS C 248 -19.55 -14.86 44.16
CA LYS C 248 -20.93 -14.55 43.89
C LYS C 248 -21.04 -13.14 43.24
N THR C 249 -22.10 -12.91 42.47
CA THR C 249 -22.31 -11.61 41.85
C THR C 249 -23.02 -10.66 42.80
N VAL C 250 -23.02 -9.37 42.46
CA VAL C 250 -23.68 -8.39 43.32
C VAL C 250 -24.39 -7.32 42.50
N THR C 251 -25.44 -6.75 43.08
CA THR C 251 -26.01 -5.52 42.58
C THR C 251 -25.81 -4.50 43.68
N LEU C 252 -25.11 -3.40 43.38
CA LEU C 252 -24.92 -2.33 44.36
C LEU C 252 -25.64 -1.05 43.93
N GLU C 253 -26.67 -0.70 44.67
CA GLU C 253 -27.36 0.56 44.51
C GLU C 253 -26.96 1.48 45.65
N LEU C 254 -25.96 2.32 45.40
CA LEU C 254 -25.32 3.07 46.47
C LEU C 254 -25.79 4.50 46.54
N GLY C 255 -24.88 5.40 46.91
CA GLY C 255 -25.21 6.81 47.09
C GLY C 255 -25.45 7.62 45.82
N GLY C 256 -25.99 8.82 46.03
CA GLY C 256 -26.13 9.78 44.94
C GLY C 256 -25.93 11.20 45.42
N SER C 257 -25.51 12.06 44.51
CA SER C 257 -25.40 13.48 44.79
C SER C 257 -25.84 14.17 43.53
N ASP C 258 -27.13 14.04 43.23
CA ASP C 258 -27.58 14.35 41.88
C ASP C 258 -27.74 15.85 41.69
N PRO C 259 -27.24 16.32 40.54
CA PRO C 259 -27.37 17.70 40.09
C PRO C 259 -28.74 18.00 39.53
N LEU C 260 -29.30 19.13 39.92
CA LEU C 260 -30.43 19.66 39.20
C LEU C 260 -30.01 20.97 38.57
N ILE C 261 -29.86 20.94 37.25
CA ILE C 261 -29.39 22.09 36.49
C ILE C 261 -30.56 22.92 35.95
N ILE C 262 -30.63 24.20 36.31
CA ILE C 262 -31.64 25.08 35.74
C ILE C 262 -31.04 26.10 34.76
N LEU C 263 -31.48 26.04 33.50
CA LEU C 263 -31.05 27.00 32.50
C LEU C 263 -31.95 28.23 32.48
N ASP C 264 -31.58 29.23 31.67
CA ASP C 264 -32.18 30.55 31.77
C ASP C 264 -33.44 30.77 30.95
N ASP C 265 -33.94 29.72 30.31
CA ASP C 265 -35.07 29.91 29.38
C ASP C 265 -36.33 29.24 29.92
N VAL C 266 -36.37 29.09 31.24
CA VAL C 266 -37.41 28.35 31.90
C VAL C 266 -38.44 29.25 32.51
N ASP C 267 -39.55 28.65 32.90
CA ASP C 267 -40.52 29.28 33.78
C ASP C 267 -39.94 29.20 35.20
N VAL C 268 -39.32 30.30 35.61
CA VAL C 268 -38.58 30.38 36.87
C VAL C 268 -39.40 29.92 38.11
N ASP C 269 -40.65 30.35 38.19
CA ASP C 269 -41.51 29.89 39.26
C ASP C 269 -41.63 28.36 39.25
N TYR C 270 -41.98 27.81 38.09
CA TYR C 270 -42.17 26.37 37.97
C TYR C 270 -40.90 25.65 38.36
N ALA C 271 -39.78 26.14 37.84
CA ALA C 271 -38.48 25.57 38.14
C ALA C 271 -38.21 25.56 39.64
N ALA C 272 -38.76 26.53 40.35
CA ALA C 272 -38.53 26.60 41.79
C ALA C 272 -39.43 25.59 42.49
N ARG C 273 -40.67 25.46 42.03
CA ARG C 273 -41.58 24.48 42.64
C ARG C 273 -41.00 23.07 42.47
N LEU C 274 -40.63 22.74 41.25
CA LEU C 274 -40.03 21.45 40.99
C LEU C 274 -38.77 21.26 41.85
N ALA C 275 -37.90 22.27 41.83
CA ALA C 275 -36.65 22.21 42.58
C ALA C 275 -36.88 21.88 44.05
N VAL C 276 -37.92 22.46 44.63
CA VAL C 276 -38.15 22.30 46.07
C VAL C 276 -38.53 20.86 46.34
N PHE C 277 -39.40 20.34 45.50
CA PHE C 277 -39.86 18.95 45.58
C PHE C 277 -38.71 17.95 45.41
N ALA C 278 -37.86 18.19 44.42
CA ALA C 278 -36.80 17.22 44.12
C ALA C 278 -35.72 17.20 45.21
N SER C 279 -35.53 18.33 45.85
CA SER C 279 -34.43 18.50 46.80
C SER C 279 -34.81 18.18 48.22
N LEU C 280 -36.08 18.27 48.54
CA LEU C 280 -36.51 18.22 49.92
C LEU C 280 -37.58 17.19 50.26
N PHE C 281 -38.12 16.49 49.26
CA PHE C 281 -39.08 15.43 49.56
C PHE C 281 -38.42 14.38 50.45
N HIS C 282 -39.24 13.76 51.31
CA HIS C 282 -38.76 12.93 52.41
C HIS C 282 -37.55 13.51 53.10
N GLN C 283 -37.59 14.81 53.41
CA GLN C 283 -36.49 15.52 54.09
C GLN C 283 -35.15 15.38 53.36
N GLY C 284 -35.18 15.20 52.04
CA GLY C 284 -33.95 15.03 51.29
C GLY C 284 -33.27 13.68 51.45
N GLN C 285 -33.91 12.87 52.29
CA GLN C 285 -33.66 11.45 52.50
C GLN C 285 -33.86 10.51 51.32
N ILE C 286 -33.42 10.91 50.15
CA ILE C 286 -33.67 10.13 48.95
C ILE C 286 -32.38 10.04 48.17
N CYS C 287 -32.04 8.83 47.74
CA CYS C 287 -30.79 8.64 47.03
C CYS C 287 -30.74 9.40 45.71
N THR C 288 -31.91 9.59 45.10
CA THR C 288 -31.96 10.28 43.83
C THR C 288 -32.45 11.72 44.00
N SER C 289 -32.31 12.22 45.23
CA SER C 289 -32.68 13.59 45.58
C SER C 289 -31.87 14.61 44.79
N ALA C 290 -32.47 15.76 44.51
CA ALA C 290 -31.71 16.86 43.90
C ALA C 290 -30.86 17.47 45.01
N LYS C 291 -29.65 16.96 45.15
CA LYS C 291 -28.82 17.26 46.31
C LYS C 291 -27.97 18.50 46.09
N ARG C 292 -27.74 18.81 44.83
CA ARG C 292 -26.90 19.90 44.43
C ARG C 292 -27.60 20.66 43.30
N ILE C 293 -27.94 21.92 43.52
CA ILE C 293 -28.70 22.69 42.56
C ILE C 293 -27.81 23.66 41.79
N ILE C 294 -27.90 23.63 40.47
CA ILE C 294 -27.03 24.41 39.61
C ILE C 294 -27.84 25.37 38.71
N VAL C 295 -27.67 26.68 38.93
CA VAL C 295 -28.48 27.71 38.25
C VAL C 295 -27.70 28.62 37.34
N HIS C 296 -28.32 28.96 36.21
CA HIS C 296 -27.76 29.92 35.28
C HIS C 296 -27.84 31.33 35.85
N LYS C 297 -26.72 32.04 35.81
CA LYS C 297 -26.61 33.43 36.28
C LYS C 297 -27.81 34.31 35.93
N ALA C 298 -28.35 34.18 34.71
CA ALA C 298 -29.37 35.09 34.22
C ALA C 298 -30.73 34.96 34.94
N VAL C 299 -30.92 33.90 35.70
CA VAL C 299 -32.21 33.63 36.33
C VAL C 299 -32.00 33.30 37.81
N ALA C 300 -30.74 33.24 38.20
CA ALA C 300 -30.35 32.87 39.56
C ALA C 300 -31.04 33.68 40.66
N ASP C 301 -31.01 35.00 40.56
CA ASP C 301 -31.63 35.86 41.57
C ASP C 301 -33.12 35.59 41.75
N LYS C 302 -33.89 35.64 40.65
CA LYS C 302 -35.32 35.35 40.75
C LYS C 302 -35.55 33.92 41.23
N PHE C 303 -34.82 32.96 40.66
CA PHE C 303 -34.94 31.56 41.09
C PHE C 303 -34.67 31.38 42.58
N ILE C 304 -33.62 32.02 43.09
CA ILE C 304 -33.30 31.88 44.50
C ILE C 304 -34.37 32.52 45.40
N GLU C 305 -34.95 33.64 44.96
CA GLU C 305 -36.03 34.27 45.71
C GLU C 305 -37.19 33.28 45.82
N ARG C 306 -37.60 32.73 44.68
CA ARG C 306 -38.78 31.87 44.63
C ARG C 306 -38.60 30.57 45.40
N TYR C 307 -37.45 29.93 45.18
CA TYR C 307 -37.14 28.69 45.84
C TYR C 307 -37.25 28.87 47.36
N VAL C 308 -36.61 29.91 47.88
CA VAL C 308 -36.61 30.17 49.31
C VAL C 308 -38.01 30.51 49.78
N HIS C 309 -38.72 31.27 48.96
CA HIS C 309 -40.11 31.58 49.24
C HIS C 309 -40.88 30.27 49.49
N TYR C 310 -40.74 29.32 48.58
CA TYR C 310 -41.46 28.04 48.64
C TYR C 310 -40.95 27.10 49.72
N VAL C 311 -39.64 27.08 49.94
CA VAL C 311 -39.09 26.34 51.07
C VAL C 311 -39.71 26.85 52.38
N LYS C 312 -39.89 28.16 52.49
CA LYS C 312 -40.39 28.73 53.72
C LYS C 312 -41.79 28.22 54.01
N MET C 313 -42.54 27.95 52.95
CA MET C 313 -43.92 27.49 53.08
C MET C 313 -44.03 26.04 53.53
N LEU C 314 -42.90 25.36 53.64
CA LEU C 314 -42.94 23.95 53.99
C LEU C 314 -43.34 23.78 55.45
N ARG C 315 -44.38 22.97 55.65
CA ARG C 315 -44.90 22.69 56.97
C ARG C 315 -44.23 21.44 57.59
N ILE C 316 -43.64 21.61 58.77
CA ILE C 316 -42.92 20.55 59.46
C ILE C 316 -43.66 20.13 60.70
N ASP C 317 -43.88 18.83 60.87
CA ASP C 317 -44.82 18.37 61.89
C ASP C 317 -44.83 16.85 62.06
N ASP C 318 -45.36 16.40 63.21
CA ASP C 318 -45.72 15.00 63.44
C ASP C 318 -46.55 14.46 62.27
N PRO C 319 -45.95 13.58 61.46
CA PRO C 319 -46.59 13.08 60.24
C PRO C 319 -47.86 12.27 60.52
N ARG C 320 -48.15 12.01 61.79
CA ARG C 320 -49.40 11.34 62.17
C ARG C 320 -50.57 12.29 62.31
N LYS C 321 -50.30 13.59 62.31
CA LYS C 321 -51.39 14.54 62.55
C LYS C 321 -52.39 14.46 61.43
N ASP C 322 -51.96 14.83 60.23
CA ASP C 322 -52.85 14.86 59.08
C ASP C 322 -52.12 14.57 57.77
N GLU C 323 -52.87 14.64 56.68
CA GLU C 323 -52.39 14.21 55.37
C GLU C 323 -51.63 15.32 54.66
N LYS C 324 -51.76 16.55 55.12
CA LYS C 324 -51.16 17.69 54.45
C LYS C 324 -49.77 18.09 55.00
N VAL C 325 -49.27 17.37 56.01
CA VAL C 325 -47.90 17.59 56.49
C VAL C 325 -46.87 17.39 55.38
N ASP C 326 -45.98 18.36 55.19
CA ASP C 326 -45.01 18.29 54.11
C ASP C 326 -43.77 17.47 54.46
N LEU C 327 -43.22 17.70 55.66
CA LEU C 327 -41.98 17.07 56.11
C LEU C 327 -42.12 16.45 57.50
N GLY C 328 -41.61 15.23 57.66
CA GLY C 328 -41.56 14.58 58.96
C GLY C 328 -40.16 14.73 59.52
N PRO C 329 -39.78 13.88 60.50
CA PRO C 329 -38.45 14.00 61.07
C PRO C 329 -37.43 13.15 60.33
N LEU C 330 -36.16 13.30 60.68
CA LEU C 330 -35.10 12.44 60.15
C LEU C 330 -35.17 11.15 60.90
N ILE C 331 -34.47 10.13 60.40
CA ILE C 331 -34.69 8.79 60.90
C ILE C 331 -34.25 8.68 62.36
N ASN C 332 -33.14 9.32 62.73
CA ASN C 332 -32.67 9.30 64.10
C ASN C 332 -31.90 10.56 64.53
N GLU C 333 -31.49 10.56 65.79
CA GLU C 333 -30.79 11.71 66.35
C GLU C 333 -29.41 11.89 65.72
N ARG C 334 -28.81 10.78 65.32
CA ARG C 334 -27.49 10.81 64.68
C ARG C 334 -27.53 11.61 63.38
N GLN C 335 -28.60 11.46 62.61
CA GLN C 335 -28.68 12.15 61.34
C GLN C 335 -28.80 13.66 61.57
N VAL C 336 -29.54 14.06 62.59
CA VAL C 336 -29.65 15.48 62.92
C VAL C 336 -28.26 16.06 63.20
N ALA C 337 -27.46 15.32 63.96
CA ALA C 337 -26.08 15.72 64.24
C ALA C 337 -25.24 15.87 62.97
N LEU C 338 -25.33 14.89 62.06
CA LEU C 338 -24.61 14.98 60.80
C LEU C 338 -25.06 16.21 60.01
N MET C 339 -26.36 16.48 59.98
CA MET C 339 -26.84 17.62 59.25
C MET C 339 -26.35 18.94 59.87
N LYS C 340 -26.26 19.02 61.19
CA LYS C 340 -25.75 20.27 61.78
C LYS C 340 -24.25 20.37 61.49
N GLU C 341 -23.55 19.25 61.38
CA GLU C 341 -22.16 19.34 60.93
C GLU C 341 -22.08 19.95 59.53
N PHE C 342 -22.86 19.42 58.60
CA PHE C 342 -22.85 19.90 57.21
C PHE C 342 -23.10 21.40 57.15
N VAL C 343 -24.02 21.86 58.00
CA VAL C 343 -24.35 23.28 58.08
C VAL C 343 -23.20 24.11 58.63
N ASP C 344 -22.62 23.63 59.73
CA ASP C 344 -21.51 24.32 60.40
C ASP C 344 -20.32 24.49 59.47
N ASP C 345 -19.99 23.42 58.77
CA ASP C 345 -18.85 23.42 57.86
C ASP C 345 -19.06 24.50 56.79
N ALA C 346 -20.30 24.64 56.34
CA ALA C 346 -20.63 25.60 55.30
C ALA C 346 -20.51 27.03 55.81
N VAL C 347 -21.00 27.23 57.03
CA VAL C 347 -20.98 28.54 57.62
C VAL C 347 -19.54 28.93 57.86
N SER C 348 -18.82 28.04 58.52
CA SER C 348 -17.38 28.20 58.75
C SER C 348 -16.55 28.45 57.50
N ARG C 349 -17.00 27.93 56.36
CA ARG C 349 -16.25 28.07 55.11
C ARG C 349 -16.65 29.32 54.33
N GLY C 350 -17.45 30.17 54.96
CA GLY C 350 -17.85 31.41 54.32
C GLY C 350 -19.04 31.24 53.41
N GLY C 351 -19.96 30.39 53.84
CA GLY C 351 -21.18 30.15 53.10
C GLY C 351 -22.31 31.03 53.60
N ARG C 352 -23.28 31.30 52.73
CA ARG C 352 -24.42 32.13 53.10
C ARG C 352 -25.70 31.32 53.32
N LEU C 353 -26.16 31.31 54.58
CA LEU C 353 -27.37 30.59 54.97
C LEU C 353 -28.63 31.44 54.78
N LEU C 354 -29.52 31.03 53.89
CA LEU C 354 -30.67 31.86 53.52
C LEU C 354 -31.91 31.63 54.34
N ILE C 355 -32.05 30.43 54.91
CA ILE C 355 -33.19 30.11 55.75
C ILE C 355 -32.96 28.77 56.42
N GLY C 356 -33.57 28.57 57.58
CA GLY C 356 -33.57 27.29 58.25
C GLY C 356 -32.24 26.89 58.84
N GLY C 357 -32.13 25.61 59.19
CA GLY C 357 -30.93 25.11 59.81
C GLY C 357 -31.11 24.84 61.30
N ARG C 358 -32.30 25.10 61.82
CA ARG C 358 -32.59 24.74 63.21
C ARG C 358 -32.97 23.29 63.32
N SER C 359 -32.81 22.75 64.52
CA SER C 359 -33.27 21.40 64.78
C SER C 359 -33.92 21.35 66.14
N TRP C 360 -35.05 20.68 66.20
CA TRP C 360 -35.71 20.35 67.44
C TRP C 360 -36.08 18.87 67.37
N GLY C 361 -35.63 18.10 68.34
CA GLY C 361 -35.85 16.68 68.29
C GLY C 361 -35.16 16.12 67.06
N ASN C 362 -35.77 15.10 66.46
CA ASN C 362 -35.25 14.49 65.25
C ASN C 362 -35.64 15.28 64.00
N PHE C 363 -36.43 16.33 64.20
CA PHE C 363 -36.82 17.21 63.10
C PHE C 363 -35.73 18.24 62.80
N PHE C 364 -35.45 18.43 61.51
CA PHE C 364 -34.44 19.40 61.07
C PHE C 364 -35.02 20.35 60.03
N GLU C 365 -34.95 21.66 60.31
CA GLU C 365 -35.55 22.64 59.41
C GLU C 365 -34.61 22.87 58.22
N PRO C 366 -35.13 22.69 57.00
CA PRO C 366 -34.34 22.73 55.75
C PRO C 366 -33.38 23.92 55.65
N ALA C 367 -32.12 23.59 55.44
CA ALA C 367 -31.03 24.57 55.38
C ALA C 367 -30.60 24.82 53.94
N ILE C 368 -30.86 26.03 53.43
CA ILE C 368 -30.45 26.39 52.08
C ILE C 368 -29.28 27.37 52.06
N PHE C 369 -28.23 27.01 51.31
CA PHE C 369 -26.98 27.76 51.20
C PHE C 369 -26.67 28.30 49.79
N VAL C 370 -26.13 29.51 49.73
CA VAL C 370 -25.51 30.00 48.49
C VAL C 370 -24.05 30.41 48.77
N ASP C 371 -23.35 30.85 47.74
CA ASP C 371 -21.93 31.21 47.84
C ASP C 371 -21.05 30.10 48.42
N VAL C 372 -21.13 28.92 47.84
CA VAL C 372 -20.26 27.83 48.25
C VAL C 372 -19.18 27.58 47.20
N ASP C 373 -18.12 26.88 47.58
CA ASP C 373 -17.18 26.38 46.58
C ASP C 373 -17.13 24.87 46.65
N ARG C 374 -16.24 24.26 45.85
CA ARG C 374 -16.20 22.83 45.74
C ARG C 374 -15.67 22.10 46.98
N ASN C 375 -15.23 22.84 47.99
CA ASN C 375 -14.60 22.23 49.17
C ASN C 375 -15.55 22.00 50.34
N PHE C 376 -16.76 22.54 50.23
CA PHE C 376 -17.79 22.34 51.24
C PHE C 376 -18.14 20.87 51.39
N ARG C 377 -18.41 20.43 52.61
CA ARG C 377 -18.81 19.06 52.80
C ARG C 377 -20.07 18.76 52.00
N ILE C 378 -20.90 19.78 51.79
CA ILE C 378 -22.16 19.57 51.09
C ILE C 378 -22.00 19.55 49.59
N MET C 379 -20.76 19.66 49.13
CA MET C 379 -20.48 19.49 47.71
C MET C 379 -19.64 18.25 47.42
N ARG C 380 -19.00 17.69 48.45
CA ARG C 380 -18.08 16.58 48.23
C ARG C 380 -18.67 15.28 48.76
N GLU C 381 -19.68 15.37 49.61
CA GLU C 381 -20.30 14.18 50.19
C GLU C 381 -21.78 14.16 49.89
N GLU C 382 -22.36 12.96 49.91
CA GLU C 382 -23.80 12.84 49.83
C GLU C 382 -24.44 13.46 51.08
N VAL C 383 -25.25 14.49 50.90
CA VAL C 383 -25.96 15.07 52.04
C VAL C 383 -27.36 14.46 52.12
N PHE C 384 -27.45 13.37 52.87
CA PHE C 384 -28.69 12.60 52.94
C PHE C 384 -29.67 13.21 53.94
N GLY C 385 -30.09 14.44 53.67
CA GLY C 385 -31.01 15.14 54.55
C GLY C 385 -31.26 16.53 54.01
N PRO C 386 -31.99 17.35 54.77
CA PRO C 386 -32.52 18.63 54.24
C PRO C 386 -31.52 19.81 54.31
N VAL C 387 -30.34 19.63 53.74
CA VAL C 387 -29.36 20.72 53.66
C VAL C 387 -28.92 20.82 52.20
N ARG C 388 -29.23 21.93 51.55
CA ARG C 388 -29.00 22.01 50.11
C ARG C 388 -28.22 23.25 49.69
N PRO C 389 -27.17 23.05 48.87
CA PRO C 389 -26.42 24.15 48.24
C PRO C 389 -26.97 24.54 46.87
N ILE C 390 -27.07 25.84 46.63
CA ILE C 390 -27.39 26.34 45.30
C ILE C 390 -26.11 26.93 44.72
N VAL C 391 -25.82 26.60 43.47
CA VAL C 391 -24.61 27.08 42.80
C VAL C 391 -24.96 27.81 41.52
N VAL C 392 -24.37 29.00 41.37
CA VAL C 392 -24.62 29.87 40.22
C VAL C 392 -23.50 29.73 39.20
N VAL C 393 -23.85 29.50 37.95
CA VAL C 393 -22.84 29.34 36.89
C VAL C 393 -23.14 30.28 35.71
N GLU C 394 -22.15 30.48 34.86
CA GLU C 394 -22.22 31.50 33.82
C GLU C 394 -22.63 30.95 32.46
N ASN C 395 -22.38 29.67 32.22
CA ASN C 395 -22.72 29.05 30.95
C ASN C 395 -22.93 27.55 31.09
N ASP C 396 -23.45 26.92 30.06
CA ASP C 396 -23.75 25.50 30.09
C ASP C 396 -22.53 24.65 30.38
N ASP C 397 -21.36 25.05 29.86
CA ASP C 397 -20.16 24.24 30.04
C ASP C 397 -19.78 24.22 31.50
N GLN C 398 -20.06 25.31 32.19
CA GLN C 398 -19.81 25.37 33.62
C GLN C 398 -20.86 24.57 34.41
N ALA C 399 -22.10 24.57 33.93
CA ALA C 399 -23.15 23.77 34.52
C ALA C 399 -22.76 22.29 34.58
N VAL C 400 -22.08 21.82 33.54
CA VAL C 400 -21.73 20.42 33.46
C VAL C 400 -20.50 20.09 34.30
N GLU C 401 -19.59 21.04 34.42
CA GLU C 401 -18.42 20.80 35.26
C GLU C 401 -18.84 20.67 36.71
N VAL C 402 -19.78 21.52 37.15
CA VAL C 402 -20.20 21.44 38.53
C VAL C 402 -20.98 20.16 38.76
N ALA C 403 -21.89 19.88 37.82
CA ALA C 403 -22.65 18.64 37.83
C ALA C 403 -21.74 17.42 38.02
N ASN C 404 -20.68 17.33 37.22
CA ASN C 404 -19.84 16.14 37.28
C ASN C 404 -18.75 16.19 38.34
N ASP C 405 -18.58 17.33 39.00
CA ASP C 405 -17.58 17.43 40.05
C ASP C 405 -18.01 16.68 41.31
N THR C 406 -18.24 15.39 41.17
CA THR C 406 -18.58 14.56 42.31
C THR C 406 -18.06 13.15 42.09
N ASP C 407 -17.98 12.36 43.15
CA ASP C 407 -17.60 10.96 43.02
C ASP C 407 -18.78 10.14 42.59
N TYR C 408 -19.96 10.75 42.69
CA TYR C 408 -21.22 10.05 42.46
C TYR C 408 -21.71 10.19 41.03
N GLY C 409 -22.68 9.37 40.66
CA GLY C 409 -23.12 9.26 39.29
C GLY C 409 -24.45 8.54 39.15
N LEU C 410 -25.38 8.83 40.05
CA LEU C 410 -26.68 8.15 40.07
C LEU C 410 -27.67 8.80 39.07
N SER C 411 -28.45 9.78 39.51
CA SER C 411 -29.34 10.46 38.58
C SER C 411 -28.94 11.93 38.39
N GLY C 412 -29.87 12.71 37.86
CA GLY C 412 -29.61 14.07 37.47
C GLY C 412 -30.67 14.57 36.51
N ALA C 413 -30.72 15.87 36.30
CA ALA C 413 -31.81 16.46 35.52
C ALA C 413 -31.47 17.87 35.02
N VAL C 414 -32.14 18.29 33.95
CA VAL C 414 -31.98 19.64 33.44
C VAL C 414 -33.34 20.21 33.03
N LEU C 415 -33.57 21.46 33.44
CA LEU C 415 -34.80 22.20 33.12
C LEU C 415 -34.48 23.23 32.03
N THR C 416 -35.14 23.08 30.89
CA THR C 416 -34.95 23.96 29.74
C THR C 416 -35.98 23.65 28.65
N ASN C 417 -36.21 24.61 27.75
CA ASN C 417 -37.08 24.40 26.61
C ASN C 417 -36.31 24.32 25.31
N ASN C 418 -34.98 24.38 25.42
CA ASN C 418 -34.12 24.30 24.25
C ASN C 418 -33.68 22.87 23.99
N VAL C 419 -34.12 22.34 22.85
CA VAL C 419 -33.88 20.94 22.55
C VAL C 419 -32.39 20.61 22.53
N ASN C 420 -31.58 21.51 21.99
CA ASN C 420 -30.14 21.25 21.92
C ASN C 420 -29.47 21.33 23.27
N ARG C 421 -29.84 22.33 24.06
CA ARG C 421 -29.20 22.49 25.34
C ARG C 421 -29.55 21.28 26.22
N ALA C 422 -30.80 20.83 26.15
CA ALA C 422 -31.23 19.68 26.94
C ALA C 422 -30.41 18.44 26.61
N PHE C 423 -30.30 18.15 25.32
CA PHE C 423 -29.64 16.94 24.86
C PHE C 423 -28.14 17.00 25.05
N ARG C 424 -27.55 18.18 24.89
CA ARG C 424 -26.12 18.31 25.03
C ARG C 424 -25.73 18.11 26.48
N ILE C 425 -26.56 18.64 27.36
CA ILE C 425 -26.25 18.59 28.78
C ILE C 425 -26.51 17.16 29.30
N ALA C 426 -27.56 16.52 28.80
CA ALA C 426 -27.82 15.14 29.12
C ALA C 426 -26.62 14.26 28.75
N GLU C 427 -26.11 14.46 27.54
CA GLU C 427 -25.03 13.64 27.01
C GLU C 427 -23.75 13.74 27.89
N ALA C 428 -23.50 14.92 28.46
CA ALA C 428 -22.22 15.24 29.10
C ALA C 428 -22.18 14.94 30.60
N VAL C 429 -23.33 15.00 31.27
CA VAL C 429 -23.40 14.62 32.68
C VAL C 429 -23.09 13.14 32.85
N GLU C 430 -22.21 12.82 33.81
CA GLU C 430 -21.77 11.44 34.05
C GLU C 430 -22.62 10.80 35.14
N SER C 431 -23.73 10.19 34.71
CA SER C 431 -24.70 9.56 35.60
C SER C 431 -25.38 8.36 34.96
N GLY C 432 -25.87 7.45 35.80
CA GLY C 432 -26.61 6.28 35.34
C GLY C 432 -28.02 6.56 34.83
N MET C 433 -28.65 7.62 35.34
CA MET C 433 -30.00 8.00 34.95
C MET C 433 -30.08 9.51 34.75
N PHE C 434 -30.93 9.97 33.84
CA PHE C 434 -31.07 11.41 33.64
C PHE C 434 -32.46 11.81 33.18
N HIS C 435 -32.93 12.96 33.63
CA HIS C 435 -34.25 13.42 33.24
C HIS C 435 -34.27 14.86 32.72
N ILE C 436 -34.90 15.05 31.57
CA ILE C 436 -35.07 16.39 31.02
C ILE C 436 -36.47 16.86 31.41
N ASN C 437 -36.51 17.98 32.12
CA ASN C 437 -37.75 18.63 32.58
C ASN C 437 -38.59 17.81 33.54
N ASP C 438 -37.93 17.09 34.43
CA ASP C 438 -38.63 16.47 35.55
C ASP C 438 -37.70 16.41 36.77
N VAL C 439 -38.25 15.91 37.87
CA VAL C 439 -37.47 15.73 39.09
C VAL C 439 -36.37 14.68 38.90
N THR C 440 -35.35 14.74 39.74
CA THR C 440 -34.21 13.83 39.65
C THR C 440 -34.53 12.42 40.09
N PHE C 441 -35.60 12.25 40.84
CA PHE C 441 -35.86 10.95 41.45
C PHE C 441 -37.04 10.25 40.75
N LEU C 442 -37.26 10.61 39.50
CA LEU C 442 -38.23 9.90 38.68
C LEU C 442 -37.90 8.42 38.71
N GLU C 443 -38.96 7.61 38.76
CA GLU C 443 -38.83 6.17 38.85
C GLU C 443 -40.11 5.43 38.45
N GLU C 444 -39.98 4.56 37.44
CA GLU C 444 -41.04 3.62 37.06
C GLU C 444 -40.61 2.21 37.46
N SER C 445 -41.54 1.26 37.45
CA SER C 445 -41.30 -0.09 37.98
C SER C 445 -40.41 -0.97 37.10
N HIS C 446 -40.42 -0.70 35.80
CA HIS C 446 -39.82 -1.61 34.85
C HIS C 446 -38.60 -1.04 34.13
N VAL C 447 -38.14 0.13 34.59
CA VAL C 447 -37.04 0.84 33.94
C VAL C 447 -35.74 0.45 34.64
N PRO C 448 -34.60 0.62 33.95
CA PRO C 448 -33.29 0.28 34.54
C PRO C 448 -32.77 1.33 35.53
N PHE C 449 -32.93 1.05 36.82
CA PHE C 449 -32.50 1.98 37.87
C PHE C 449 -31.13 1.60 38.39
N GLY C 450 -30.21 2.57 38.40
CA GLY C 450 -28.85 2.29 38.79
C GLY C 450 -27.87 3.38 38.39
N GLY C 451 -26.68 3.32 38.98
CA GLY C 451 -25.74 4.41 38.89
C GLY C 451 -24.44 4.00 38.25
N ILE C 452 -23.56 4.96 38.10
CA ILE C 452 -22.19 4.69 37.70
C ILE C 452 -21.30 5.31 38.74
N LYS C 453 -19.98 5.31 38.50
CA LYS C 453 -19.01 5.84 39.45
C LYS C 453 -19.28 5.27 40.86
N ALA C 454 -19.45 6.13 41.86
CA ALA C 454 -19.62 5.63 43.23
C ALA C 454 -21.08 5.30 43.58
N SER C 455 -21.99 5.53 42.64
CA SER C 455 -23.41 5.28 42.88
C SER C 455 -23.77 3.82 42.72
N GLY C 456 -22.82 3.06 42.18
CA GLY C 456 -22.93 1.62 42.25
C GLY C 456 -22.75 0.87 40.95
N VAL C 457 -23.27 -0.35 40.93
CA VAL C 457 -23.07 -1.24 39.82
C VAL C 457 -24.33 -2.09 39.56
N GLY C 458 -24.71 -2.20 38.28
CA GLY C 458 -25.90 -2.93 37.89
C GLY C 458 -27.15 -2.08 37.83
N ARG C 459 -28.25 -2.70 37.38
CA ARG C 459 -29.56 -2.07 37.25
C ARG C 459 -30.69 -2.92 37.82
N GLU C 460 -31.75 -2.29 38.32
CA GLU C 460 -32.92 -3.02 38.83
C GLU C 460 -34.22 -2.43 38.29
N GLY C 461 -35.28 -3.24 38.29
CA GLY C 461 -36.53 -2.85 37.68
C GLY C 461 -36.83 -3.74 36.49
N GLY C 462 -38.00 -4.38 36.52
CA GLY C 462 -38.43 -5.27 35.44
C GLY C 462 -37.37 -6.25 34.95
N GLU C 463 -37.18 -6.27 33.63
CA GLU C 463 -36.24 -7.19 32.99
C GLU C 463 -34.83 -7.02 33.49
N TRP C 464 -34.52 -5.79 33.93
CA TRP C 464 -33.16 -5.50 34.37
C TRP C 464 -32.91 -6.16 35.73
N SER C 465 -33.95 -6.24 36.55
CA SER C 465 -33.86 -7.00 37.78
C SER C 465 -33.63 -8.48 37.49
N PHE C 466 -34.26 -8.96 36.41
CA PHE C 466 -34.13 -10.34 35.95
C PHE C 466 -32.70 -10.63 35.47
N HIS C 467 -32.09 -9.66 34.79
CA HIS C 467 -30.71 -9.81 34.30
C HIS C 467 -29.80 -10.07 35.49
N GLU C 468 -30.03 -9.33 36.56
CA GLU C 468 -29.19 -9.35 37.75
C GLU C 468 -29.27 -10.69 38.51
N THR C 469 -30.45 -11.27 38.58
CA THR C 469 -30.63 -12.50 39.35
C THR C 469 -30.76 -13.75 38.49
N THR C 470 -30.27 -13.69 37.25
CA THR C 470 -30.24 -14.86 36.37
C THR C 470 -28.96 -14.88 35.58
N TYR C 471 -28.64 -16.03 34.99
CA TYR C 471 -27.50 -16.10 34.12
C TYR C 471 -27.87 -16.70 32.76
N ASP C 472 -27.07 -16.35 31.76
CA ASP C 472 -27.25 -16.85 30.41
C ASP C 472 -26.60 -18.21 30.24
N ARG C 473 -27.28 -19.12 29.58
CA ARG C 473 -26.68 -20.44 29.39
C ARG C 473 -26.73 -20.89 27.94
N TRP C 474 -25.55 -20.97 27.36
CA TRP C 474 -25.40 -21.39 25.97
C TRP C 474 -25.50 -22.89 25.88
N VAL C 475 -26.45 -23.36 25.09
CA VAL C 475 -26.67 -24.80 24.95
C VAL C 475 -26.78 -25.15 23.48
N THR C 476 -26.12 -26.24 23.08
CA THR C 476 -26.11 -26.66 21.69
C THR C 476 -26.45 -28.13 21.50
N VAL C 477 -26.86 -28.45 20.27
CA VAL C 477 -27.08 -29.82 19.85
C VAL C 477 -26.46 -29.98 18.47
N THR C 478 -25.61 -30.99 18.33
CA THR C 478 -24.97 -31.30 17.06
C THR C 478 -25.56 -32.56 16.44
N LEU C 479 -25.95 -32.47 15.18
CA LEU C 479 -26.70 -33.53 14.53
C LEU C 479 -25.90 -34.36 13.51
N ARG C 480 -24.65 -33.97 13.26
CA ARG C 480 -23.77 -34.73 12.36
C ARG C 480 -22.41 -34.96 13.01
N THR C 481 -21.94 -36.19 12.90
CA THR C 481 -20.64 -36.60 13.44
C THR C 481 -19.50 -35.94 12.67
N ARG C 482 -18.36 -35.73 13.33
CA ARG C 482 -17.23 -35.10 12.64
C ARG C 482 -15.91 -35.81 12.87
N ARG C 483 -14.93 -35.53 12.01
CA ARG C 483 -13.60 -36.09 12.15
C ARG C 483 -12.83 -35.20 13.11
N PHE C 484 -11.97 -35.80 13.92
CA PHE C 484 -11.23 -35.04 14.94
C PHE C 484 -9.74 -35.01 14.61
N PRO C 485 -9.07 -33.90 14.91
CA PRO C 485 -7.68 -33.70 14.46
C PRO C 485 -6.61 -34.53 15.19
N ILE C 486 -6.91 -35.11 16.36
CA ILE C 486 -5.92 -36.00 16.98
C ILE C 486 -6.57 -37.33 17.38
N PRO C 487 -5.84 -38.44 17.19
CA PRO C 487 -4.47 -38.51 16.66
C PRO C 487 -4.42 -38.36 15.14
N SER C 488 -3.45 -37.58 14.66
CA SER C 488 -3.29 -37.28 13.23
C SER C 488 -3.17 -38.52 12.35
N ALA C 489 -3.09 -39.68 12.99
CA ALA C 489 -2.88 -40.95 12.30
C ALA C 489 -4.22 -41.59 11.95
N LEU C 490 -5.27 -40.79 11.87
CA LEU C 490 -6.58 -41.36 11.57
C LEU C 490 -7.24 -40.70 10.36
N LYS C 491 -7.56 -41.55 9.39
CA LYS C 491 -8.20 -41.17 8.12
C LYS C 491 -9.45 -40.34 8.31
N MET D 7 16.09 -11.39 20.02
CA MET D 7 14.88 -10.64 19.67
C MET D 7 14.45 -9.71 20.82
N LYS D 8 13.98 -8.51 20.50
CA LYS D 8 13.61 -7.53 21.54
C LYS D 8 12.19 -6.99 21.40
N VAL D 9 11.47 -7.04 22.51
CA VAL D 9 10.05 -6.77 22.56
C VAL D 9 9.85 -5.55 23.47
N ALA D 10 8.80 -4.77 23.22
CA ALA D 10 8.62 -3.56 24.00
C ALA D 10 7.17 -3.39 24.39
N ASN D 11 6.93 -2.47 25.32
CA ASN D 11 5.57 -2.03 25.58
C ASN D 11 5.04 -1.22 24.41
N TYR D 12 3.73 -1.21 24.22
CA TYR D 12 3.09 -0.27 23.32
C TYR D 12 2.21 0.67 24.13
N ILE D 13 2.66 1.93 24.27
CA ILE D 13 1.93 2.90 25.07
C ILE D 13 1.80 4.24 24.35
N ASN D 14 0.57 4.73 24.28
CA ASN D 14 0.25 6.01 23.66
C ASN D 14 0.84 6.18 22.27
N GLY D 15 0.54 5.24 21.38
CA GLY D 15 0.92 5.35 19.98
C GLY D 15 2.35 4.95 19.67
N GLU D 16 3.09 4.61 20.72
CA GLU D 16 4.54 4.49 20.64
C GLU D 16 5.12 3.31 21.44
N PHE D 17 5.96 2.50 20.78
CA PHE D 17 6.68 1.40 21.43
C PHE D 17 7.81 1.88 22.33
N LYS D 18 7.81 1.46 23.58
CA LYS D 18 8.84 1.94 24.48
C LYS D 18 9.33 0.89 25.48
N GLU D 19 10.47 1.20 26.09
CA GLU D 19 11.11 0.29 27.01
C GLU D 19 10.56 0.59 28.40
N PRO D 20 10.58 -0.42 29.30
CA PRO D 20 10.09 -0.27 30.68
C PRO D 20 10.75 0.89 31.41
N SER D 21 9.96 1.66 32.13
CA SER D 21 10.48 2.68 33.03
C SER D 21 11.55 2.10 33.95
N THR D 22 11.34 0.84 34.36
CA THR D 22 12.22 0.16 35.31
C THR D 22 13.55 -0.30 34.70
N GLY D 23 13.70 -0.18 33.39
CA GLY D 23 14.88 -0.70 32.72
C GLY D 23 14.98 -2.23 32.71
N ALA D 24 14.32 -2.90 33.65
CA ALA D 24 14.47 -4.36 33.84
C ALA D 24 13.97 -5.20 32.67
N PHE D 25 14.76 -6.19 32.28
CA PHE D 25 14.39 -7.08 31.18
C PHE D 25 14.48 -8.55 31.58
N GLN D 26 13.42 -9.31 31.29
CA GLN D 26 13.41 -10.74 31.54
C GLN D 26 13.63 -11.48 30.23
N VAL D 27 14.06 -12.74 30.31
CA VAL D 27 14.28 -13.52 29.10
C VAL D 27 13.24 -14.63 28.96
N LYS D 28 12.69 -14.78 27.77
CA LYS D 28 11.61 -15.71 27.48
C LYS D 28 12.15 -16.86 26.65
N THR D 29 12.17 -18.05 27.23
CA THR D 29 12.70 -19.21 26.53
C THR D 29 11.59 -20.15 26.11
N SER D 30 11.94 -21.09 25.22
CA SER D 30 10.98 -22.02 24.65
C SER D 30 10.61 -23.20 25.56
N PRO D 31 9.30 -23.48 25.65
CA PRO D 31 8.87 -24.66 26.40
C PRO D 31 9.32 -25.96 25.74
N VAL D 32 9.82 -25.88 24.51
CA VAL D 32 10.16 -27.10 23.78
C VAL D 32 11.58 -27.56 24.07
N ASP D 33 12.49 -26.63 24.34
CA ASP D 33 13.91 -26.98 24.46
C ASP D 33 14.70 -26.04 25.35
N GLY D 34 14.05 -25.01 25.87
CA GLY D 34 14.69 -24.05 26.75
C GLY D 34 15.47 -22.95 26.02
N SER D 35 15.45 -22.97 24.69
CA SER D 35 16.21 -21.99 23.92
C SER D 35 15.67 -20.58 24.07
N LYS D 36 16.56 -19.59 24.04
CA LYS D 36 16.14 -18.21 24.22
C LYS D 36 15.36 -17.68 23.00
N ILE D 37 14.13 -17.24 23.22
CA ILE D 37 13.24 -16.78 22.16
C ILE D 37 13.36 -15.29 21.92
N ALA D 38 13.24 -14.54 23.00
CA ALA D 38 13.25 -13.08 22.95
C ALA D 38 13.49 -12.48 24.32
N GLU D 39 13.93 -11.22 24.32
CA GLU D 39 14.09 -10.46 25.54
C GLU D 39 12.86 -9.58 25.68
N VAL D 40 12.16 -9.70 26.80
CA VAL D 40 10.90 -9.00 26.98
C VAL D 40 10.94 -8.09 28.21
N PRO D 41 10.09 -7.05 28.22
CA PRO D 41 10.05 -6.17 29.39
C PRO D 41 9.69 -6.87 30.69
N ARG D 42 10.08 -6.27 31.79
CA ARG D 42 9.57 -6.59 33.11
C ARG D 42 9.08 -5.28 33.70
N SER D 43 7.88 -4.87 33.29
CA SER D 43 7.41 -3.50 33.57
C SER D 43 7.01 -3.33 35.02
N GLY D 44 6.91 -2.08 35.47
CA GLY D 44 6.52 -1.80 36.83
C GLY D 44 5.20 -1.05 36.94
N ARG D 45 4.80 -0.75 38.17
CA ARG D 45 3.54 -0.07 38.40
C ARG D 45 3.54 1.30 37.73
N GLU D 46 4.73 1.86 37.52
CA GLU D 46 4.83 3.14 36.84
C GLU D 46 4.38 2.98 35.38
N ASP D 47 4.91 1.96 34.70
CA ASP D 47 4.52 1.69 33.32
C ASP D 47 3.02 1.43 33.14
N ALA D 48 2.39 0.87 34.16
CA ALA D 48 0.95 0.61 34.12
C ALA D 48 0.16 1.91 34.15
N ARG D 49 0.58 2.85 35.01
CA ARG D 49 -0.10 4.14 35.16
C ARG D 49 -0.01 4.98 33.91
N GLU D 50 1.15 4.97 33.27
CA GLU D 50 1.36 5.69 32.02
C GLU D 50 0.41 5.14 30.95
N ALA D 51 0.25 3.82 30.93
CA ALA D 51 -0.68 3.16 30.01
C ALA D 51 -2.14 3.54 30.30
N ILE D 52 -2.48 3.56 31.58
CA ILE D 52 -3.84 3.86 31.98
C ILE D 52 -4.22 5.31 31.64
N ASP D 53 -3.40 6.27 32.05
CA ASP D 53 -3.67 7.68 31.75
C ASP D 53 -3.78 7.94 30.24
N SER D 54 -2.95 7.26 29.46
CA SER D 54 -3.00 7.42 28.00
C SER D 54 -4.36 7.00 27.50
N ALA D 55 -4.85 5.88 28.04
CA ALA D 55 -6.13 5.33 27.61
C ALA D 55 -7.26 6.26 28.04
N PHE D 56 -7.13 6.85 29.22
CA PHE D 56 -8.08 7.83 29.72
C PHE D 56 -8.16 9.05 28.79
N GLU D 57 -7.02 9.65 28.46
CA GLU D 57 -7.02 10.82 27.58
C GLU D 57 -7.52 10.52 26.17
N ALA D 58 -7.30 9.31 25.67
CA ALA D 58 -7.77 8.96 24.34
C ALA D 58 -9.27 8.62 24.36
N LEU D 59 -9.80 8.35 25.55
CA LEU D 59 -11.14 7.81 25.69
C LEU D 59 -12.21 8.65 24.98
N LYS D 60 -12.31 9.92 25.35
CA LYS D 60 -13.44 10.75 24.91
C LYS D 60 -13.56 10.78 23.38
N ALA D 61 -12.45 11.05 22.71
CA ALA D 61 -12.43 11.11 21.25
C ALA D 61 -12.82 9.77 20.62
N TRP D 62 -12.44 8.67 21.27
CA TRP D 62 -12.67 7.31 20.74
C TRP D 62 -14.09 6.82 20.96
N ALA D 63 -14.64 7.14 22.13
CA ALA D 63 -16.00 6.75 22.47
C ALA D 63 -17.09 7.54 21.72
N ASN D 64 -16.78 8.78 21.31
CA ASN D 64 -17.80 9.65 20.77
C ASN D 64 -17.94 9.67 19.24
N ILE D 65 -16.96 9.15 18.51
CA ILE D 65 -17.15 8.99 17.06
C ILE D 65 -18.27 7.97 16.81
N PRO D 66 -18.87 7.99 15.59
CA PRO D 66 -19.90 6.99 15.35
C PRO D 66 -19.32 5.57 15.34
N ALA D 67 -20.13 4.57 15.65
CA ALA D 67 -19.65 3.19 15.73
C ALA D 67 -19.01 2.74 14.44
N ILE D 68 -19.45 3.32 13.34
CA ILE D 68 -19.01 2.88 12.02
C ILE D 68 -17.54 3.22 11.81
N ARG D 69 -17.06 4.29 12.46
CA ARG D 69 -15.64 4.59 12.47
C ARG D 69 -14.88 3.50 13.21
N ARG D 70 -15.33 3.18 14.43
CA ARG D 70 -14.68 2.14 15.23
C ARG D 70 -14.65 0.81 14.48
N ALA D 71 -15.71 0.50 13.76
CA ALA D 71 -15.73 -0.68 12.90
C ALA D 71 -14.61 -0.59 11.86
N GLU D 72 -14.47 0.58 11.23
CA GLU D 72 -13.50 0.74 10.14
C GLU D 72 -12.09 0.46 10.62
N TYR D 73 -11.79 0.89 11.84
CA TYR D 73 -10.51 0.56 12.47
C TYR D 73 -10.38 -0.93 12.80
N LEU D 74 -11.49 -1.59 13.10
CA LEU D 74 -11.40 -3.01 13.42
C LEU D 74 -11.23 -3.80 12.14
N TYR D 75 -11.99 -3.44 11.11
CA TYR D 75 -11.85 -4.05 9.78
C TYR D 75 -10.42 -3.88 9.32
N LYS D 76 -9.86 -2.73 9.66
CA LYS D 76 -8.45 -2.44 9.41
C LYS D 76 -7.54 -3.42 10.18
N MET D 77 -7.85 -3.67 11.47
CA MET D 77 -7.07 -4.64 12.23
C MET D 77 -7.13 -6.00 11.56
N LEU D 78 -8.29 -6.32 10.98
CA LEU D 78 -8.53 -7.63 10.39
C LEU D 78 -7.65 -7.83 9.17
N GLU D 79 -7.42 -6.75 8.42
CA GLU D 79 -6.59 -6.82 7.22
C GLU D 79 -5.17 -7.19 7.67
N VAL D 80 -4.63 -6.35 8.55
CA VAL D 80 -3.33 -6.53 9.14
C VAL D 80 -3.16 -7.91 9.78
N PHE D 81 -4.17 -8.36 10.52
CA PHE D 81 -4.06 -9.67 11.15
C PHE D 81 -3.97 -10.77 10.11
N ARG D 82 -4.74 -10.64 9.03
CA ARG D 82 -4.73 -11.63 7.98
C ARG D 82 -3.33 -11.76 7.39
N GLN D 83 -2.59 -10.67 7.38
CA GLN D 83 -1.26 -10.66 6.75
C GLN D 83 -0.15 -11.15 7.67
N MET D 84 -0.44 -11.23 8.97
CA MET D 84 0.54 -11.65 9.97
C MET D 84 0.37 -13.10 10.39
N LYS D 85 -0.74 -13.70 9.99
CA LYS D 85 -1.18 -15.01 10.46
C LYS D 85 -0.05 -15.97 10.79
N GLU D 86 0.85 -16.14 9.83
CA GLU D 86 1.92 -17.11 9.98
C GLU D 86 2.88 -16.71 11.12
N ASP D 87 3.04 -15.42 11.35
CA ASP D 87 3.87 -14.97 12.46
C ASP D 87 3.21 -15.27 13.81
N PHE D 88 1.90 -15.16 13.87
CA PHE D 88 1.19 -15.51 15.10
C PHE D 88 1.28 -16.99 15.32
N MET D 89 1.15 -17.75 14.21
CA MET D 89 1.27 -19.20 14.25
C MET D 89 2.64 -19.63 14.73
N LYS D 90 3.69 -19.09 14.12
CA LYS D 90 5.06 -19.40 14.53
C LYS D 90 5.23 -19.21 16.04
N ILE D 91 4.83 -18.04 16.53
CA ILE D 91 5.09 -17.69 17.93
C ILE D 91 4.22 -18.46 18.93
N LEU D 92 2.97 -18.76 18.58
CA LEU D 92 2.17 -19.60 19.48
C LEU D 92 2.82 -20.97 19.72
N THR D 93 3.33 -21.57 18.63
CA THR D 93 3.99 -22.86 18.72
C THR D 93 5.30 -22.80 19.52
N VAL D 94 6.14 -21.81 19.21
CA VAL D 94 7.48 -21.78 19.78
C VAL D 94 7.53 -21.14 21.18
N GLU D 95 6.49 -20.41 21.56
CA GLU D 95 6.46 -19.78 22.89
C GLU D 95 5.41 -20.45 23.76
N GLY D 96 4.35 -20.97 23.13
CA GLY D 96 3.26 -21.55 23.88
C GLY D 96 3.26 -23.05 23.86
N GLY D 97 3.94 -23.62 22.86
CA GLY D 97 4.15 -25.05 22.81
C GLY D 97 3.07 -25.75 22.04
N GLY D 98 2.21 -24.97 21.38
CA GLY D 98 1.07 -25.54 20.66
C GLY D 98 1.46 -26.24 19.37
N THR D 99 0.76 -27.33 19.06
CA THR D 99 0.98 -28.02 17.79
C THR D 99 0.53 -27.15 16.61
N TYR D 100 0.81 -27.60 15.38
CA TYR D 100 0.41 -26.88 14.19
C TYR D 100 -1.10 -26.73 14.14
N ARG D 101 -1.81 -27.83 14.27
CA ARG D 101 -3.26 -27.82 14.24
C ARG D 101 -3.86 -26.91 15.33
N LYS D 102 -3.27 -26.94 16.52
CA LYS D 102 -3.82 -26.13 17.60
C LYS D 102 -3.75 -24.65 17.25
N VAL D 103 -2.58 -24.20 16.79
CA VAL D 103 -2.35 -22.79 16.54
C VAL D 103 -3.05 -22.35 15.26
N TRP D 104 -3.18 -23.27 14.31
CA TRP D 104 -3.98 -23.01 13.13
C TRP D 104 -5.41 -22.65 13.56
N GLY D 105 -6.00 -23.49 14.40
CA GLY D 105 -7.32 -23.22 14.92
C GLY D 105 -7.42 -21.93 15.72
N GLU D 106 -6.38 -21.62 16.49
CA GLU D 106 -6.43 -20.40 17.29
C GLU D 106 -6.37 -19.19 16.36
N VAL D 107 -5.71 -19.36 15.22
CA VAL D 107 -5.49 -18.24 14.35
C VAL D 107 -6.74 -18.00 13.52
N VAL D 108 -7.39 -19.08 13.12
CA VAL D 108 -8.61 -18.94 12.35
C VAL D 108 -9.73 -18.35 13.19
N PHE D 109 -9.87 -18.84 14.41
CA PHE D 109 -10.86 -18.31 15.35
C PHE D 109 -10.57 -16.84 15.71
N THR D 110 -9.30 -16.48 15.81
CA THR D 110 -8.97 -15.11 16.13
C THR D 110 -9.40 -14.17 15.01
N GLU D 111 -9.22 -14.62 13.78
CA GLU D 111 -9.72 -13.90 12.61
C GLU D 111 -11.24 -13.67 12.69
N ARG D 112 -11.99 -14.73 12.95
CA ARG D 112 -13.42 -14.61 13.17
C ARG D 112 -13.75 -13.71 14.36
N LEU D 113 -12.93 -13.73 15.39
CA LEU D 113 -13.17 -12.87 16.54
C LEU D 113 -13.04 -11.40 16.15
N ILE D 114 -11.97 -11.05 15.45
CA ILE D 114 -11.78 -9.65 15.10
C ILE D 114 -12.92 -9.20 14.21
N GLN D 115 -13.27 -10.06 13.28
CA GLN D 115 -14.38 -9.77 12.38
C GLN D 115 -15.74 -9.69 13.10
N ASN D 116 -16.00 -10.58 14.05
CA ASN D 116 -17.29 -10.55 14.74
C ASN D 116 -17.44 -9.22 15.47
N ALA D 117 -16.36 -8.70 16.03
CA ALA D 117 -16.49 -7.50 16.82
C ALA D 117 -16.71 -6.31 15.90
N ALA D 118 -16.02 -6.30 14.76
CA ALA D 118 -16.22 -5.27 13.75
C ALA D 118 -17.66 -5.31 13.21
N GLU D 119 -18.18 -6.50 12.94
CA GLU D 119 -19.52 -6.65 12.38
C GLU D 119 -20.60 -6.08 13.30
N LEU D 120 -20.35 -6.09 14.61
CA LEU D 120 -21.45 -5.85 15.54
C LEU D 120 -21.47 -4.46 16.11
N ALA D 121 -20.39 -3.73 15.94
CA ALA D 121 -20.24 -2.41 16.54
C ALA D 121 -21.47 -1.51 16.24
N ARG D 122 -21.91 -1.51 14.99
CA ARG D 122 -22.97 -0.61 14.59
C ARG D 122 -24.35 -1.08 15.05
N HIS D 123 -24.42 -2.25 15.68
CA HIS D 123 -25.70 -2.92 15.86
C HIS D 123 -26.10 -3.19 17.29
N TYR D 124 -25.31 -2.68 18.23
CA TYR D 124 -25.59 -2.88 19.65
C TYR D 124 -26.66 -1.90 20.10
N GLN D 125 -27.87 -2.39 20.35
CA GLN D 125 -29.03 -1.52 20.49
C GLN D 125 -29.43 -1.21 21.93
N GLY D 126 -30.16 -0.11 22.09
CA GLY D 126 -30.79 0.24 23.35
C GLY D 126 -32.27 -0.06 23.26
N ARG D 127 -33.07 0.52 24.15
CA ARG D 127 -34.51 0.27 24.15
C ARG D 127 -35.37 1.53 24.26
N VAL D 128 -36.51 1.52 23.56
CA VAL D 128 -37.55 2.55 23.74
C VAL D 128 -38.69 1.94 24.56
N LEU D 129 -39.01 2.58 25.69
CA LEU D 129 -39.94 2.01 26.67
C LEU D 129 -41.29 2.66 26.72
N GLN D 130 -42.29 1.87 27.10
CA GLN D 130 -43.61 2.38 27.38
C GLN D 130 -43.54 3.12 28.71
N SER D 131 -43.99 4.37 28.77
CA SER D 131 -43.98 5.07 30.04
C SER D 131 -45.28 4.90 30.82
N ASP D 132 -45.17 4.77 32.13
CA ASP D 132 -46.33 4.70 33.01
C ASP D 132 -46.90 6.11 33.24
N SER D 133 -46.18 7.13 32.76
CA SER D 133 -46.59 8.51 32.95
C SER D 133 -47.04 9.18 31.64
N GLU D 134 -48.06 10.02 31.73
CA GLU D 134 -48.52 10.78 30.58
C GLU D 134 -47.38 11.62 30.05
N SER D 135 -47.39 11.84 28.75
CA SER D 135 -46.46 12.77 28.12
C SER D 135 -45.01 12.58 28.56
N THR D 136 -44.57 11.32 28.65
CA THR D 136 -43.18 11.06 28.98
C THR D 136 -42.54 10.17 27.92
N ILE D 137 -41.42 10.63 27.40
CA ILE D 137 -40.56 9.84 26.54
C ILE D 137 -39.55 9.11 27.42
N SER D 138 -39.48 7.78 27.34
CA SER D 138 -38.62 6.99 28.22
C SER D 138 -37.76 6.01 27.43
N VAL D 139 -36.44 6.25 27.39
CA VAL D 139 -35.57 5.40 26.57
C VAL D 139 -34.34 4.90 27.33
N VAL D 140 -33.61 3.96 26.74
CA VAL D 140 -32.40 3.45 27.37
C VAL D 140 -31.28 3.42 26.35
N PHE D 141 -30.20 4.16 26.62
CA PHE D 141 -29.01 4.16 25.76
C PHE D 141 -27.97 3.17 26.26
N LYS D 142 -27.02 2.89 25.38
CA LYS D 142 -25.81 2.17 25.72
C LYS D 142 -24.62 3.15 25.74
N ARG D 143 -23.89 3.14 26.85
CA ARG D 143 -22.69 3.96 27.02
C ARG D 143 -21.49 3.07 27.30
N SER D 144 -20.32 3.39 26.76
CA SER D 144 -19.15 2.62 27.09
C SER D 144 -18.69 2.92 28.52
N LYS D 145 -18.05 1.93 29.15
CA LYS D 145 -17.62 2.03 30.53
C LYS D 145 -16.50 3.06 30.68
N GLY D 146 -15.53 2.95 29.78
CA GLY D 146 -14.36 3.80 29.83
C GLY D 146 -13.09 3.00 29.61
N VAL D 147 -12.15 3.14 30.52
CA VAL D 147 -10.89 2.42 30.39
C VAL D 147 -11.10 1.02 30.88
N VAL D 148 -10.80 0.04 30.02
CA VAL D 148 -10.98 -1.36 30.38
C VAL D 148 -9.66 -2.11 30.40
N GLY D 149 -9.36 -2.74 31.53
CA GLY D 149 -8.18 -3.56 31.69
C GLY D 149 -8.40 -4.98 31.21
N VAL D 150 -7.48 -5.46 30.39
CA VAL D 150 -7.58 -6.79 29.82
C VAL D 150 -6.43 -7.71 30.28
N ILE D 151 -6.74 -8.69 31.14
CA ILE D 151 -5.71 -9.56 31.71
C ILE D 151 -5.93 -11.01 31.31
N THR D 152 -4.95 -11.59 30.61
CA THR D 152 -5.15 -12.84 29.89
C THR D 152 -4.19 -13.98 30.30
N PRO D 153 -4.53 -15.23 29.93
CA PRO D 153 -3.68 -16.36 30.31
C PRO D 153 -2.78 -16.84 29.19
N TRP D 154 -2.04 -17.92 29.47
CA TRP D 154 -1.00 -18.41 28.57
C TRP D 154 -1.41 -19.55 27.63
N ASN D 155 -2.55 -20.20 27.87
CA ASN D 155 -2.90 -21.41 27.11
C ASN D 155 -3.46 -21.15 25.70
N TYR D 156 -4.34 -20.16 25.59
CA TYR D 156 -4.80 -19.68 24.29
C TYR D 156 -4.63 -18.19 24.26
N PRO D 157 -3.38 -17.71 24.30
CA PRO D 157 -3.14 -16.28 24.53
C PRO D 157 -3.66 -15.40 23.39
N LEU D 158 -3.57 -15.86 22.13
CA LEU D 158 -4.04 -15.04 21.01
C LEU D 158 -5.55 -14.86 21.01
N SER D 159 -6.28 -15.97 21.00
CA SER D 159 -7.73 -15.90 20.84
C SER D 159 -8.42 -15.36 22.09
N ILE D 160 -8.03 -15.83 23.28
CA ILE D 160 -8.62 -15.29 24.50
C ILE D 160 -8.35 -13.78 24.60
N SER D 161 -7.16 -13.33 24.22
CA SER D 161 -6.88 -11.90 24.23
C SER D 161 -7.77 -11.15 23.24
N MET D 162 -7.85 -11.67 22.03
CA MET D 162 -8.44 -10.90 20.97
C MET D 162 -9.93 -10.79 21.16
N LYS D 163 -10.54 -11.82 21.74
CA LYS D 163 -11.98 -11.76 21.97
C LYS D 163 -12.27 -10.57 22.88
N LYS D 164 -11.41 -10.41 23.87
CA LYS D 164 -11.55 -9.31 24.81
C LYS D 164 -11.18 -7.95 24.21
N ILE D 165 -10.07 -7.89 23.50
CA ILE D 165 -9.60 -6.60 23.00
C ILE D 165 -10.53 -6.05 21.92
N ALA D 166 -10.86 -6.88 20.94
CA ALA D 166 -11.71 -6.47 19.81
C ALA D 166 -13.09 -6.00 20.25
N HIS D 167 -13.79 -6.85 21.00
CA HIS D 167 -15.14 -6.54 21.44
C HIS D 167 -15.17 -5.34 22.37
N THR D 168 -14.15 -5.22 23.22
CA THR D 168 -14.12 -4.10 24.16
C THR D 168 -13.92 -2.80 23.38
N LEU D 169 -12.96 -2.80 22.45
CA LEU D 169 -12.73 -1.64 21.60
C LEU D 169 -13.98 -1.21 20.82
N ALA D 170 -14.56 -2.15 20.09
CA ALA D 170 -15.65 -1.88 19.16
C ALA D 170 -16.72 -0.95 19.72
N VAL D 171 -17.06 -1.17 20.98
CA VAL D 171 -18.23 -0.55 21.56
C VAL D 171 -17.84 0.73 22.31
N GLY D 172 -16.60 1.18 22.07
CA GLY D 172 -16.21 2.52 22.49
C GLY D 172 -15.37 2.68 23.73
N ASN D 173 -14.83 1.60 24.27
CA ASN D 173 -13.89 1.67 25.39
C ASN D 173 -12.45 1.72 24.92
N THR D 174 -11.55 2.10 25.83
CA THR D 174 -10.11 2.00 25.58
C THR D 174 -9.53 0.87 26.44
N VAL D 175 -8.33 0.43 26.08
CA VAL D 175 -7.80 -0.81 26.60
C VAL D 175 -6.38 -0.68 27.13
N VAL D 176 -6.16 -1.21 28.34
CA VAL D 176 -4.82 -1.52 28.82
C VAL D 176 -4.68 -3.03 28.97
N TYR D 177 -3.79 -3.60 28.16
CA TYR D 177 -3.68 -5.05 28.05
C TYR D 177 -2.41 -5.60 28.72
N LYS D 178 -2.56 -6.60 29.58
CA LYS D 178 -1.42 -7.27 30.18
C LYS D 178 -1.43 -8.75 29.91
N PRO D 179 -0.66 -9.19 28.91
CA PRO D 179 -0.66 -10.59 28.51
C PRO D 179 -0.04 -11.50 29.58
N ALA D 180 -0.21 -12.81 29.46
CA ALA D 180 0.41 -13.73 30.41
C ALA D 180 1.93 -13.69 30.27
N SER D 181 2.63 -13.64 31.41
CA SER D 181 4.09 -13.55 31.42
C SER D 181 4.77 -14.70 30.68
N ASP D 182 4.10 -15.85 30.60
CA ASP D 182 4.63 -16.98 29.83
C ASP D 182 4.41 -16.87 28.32
N THR D 183 3.60 -15.89 27.90
CA THR D 183 3.36 -15.65 26.47
C THR D 183 3.42 -14.17 26.09
N PRO D 184 4.53 -13.49 26.42
CA PRO D 184 4.56 -12.05 26.18
C PRO D 184 4.73 -11.69 24.70
N VAL D 185 5.36 -12.55 23.91
CA VAL D 185 5.62 -12.19 22.52
C VAL D 185 4.32 -12.15 21.72
N THR D 186 3.45 -13.10 21.99
CA THR D 186 2.12 -13.09 21.40
C THR D 186 1.44 -11.75 21.65
N GLY D 187 1.55 -11.25 22.88
CA GLY D 187 1.01 -9.97 23.24
C GLY D 187 1.62 -8.84 22.44
N TRP D 188 2.92 -8.93 22.23
CA TRP D 188 3.65 -7.93 21.48
C TRP D 188 3.23 -7.94 20.00
N LEU D 189 3.12 -9.12 19.43
CA LEU D 189 2.63 -9.28 18.07
C LEU D 189 1.24 -8.65 17.86
N ILE D 190 0.39 -8.72 18.88
CA ILE D 190 -0.91 -8.07 18.87
C ILE D 190 -0.74 -6.57 18.79
N ALA D 191 0.18 -6.05 19.58
CA ALA D 191 0.48 -4.63 19.63
C ALA D 191 0.93 -4.15 18.26
N GLN D 192 1.75 -4.98 17.60
CA GLN D 192 2.19 -4.71 16.24
C GLN D 192 1.01 -4.50 15.32
N MET D 193 0.07 -5.44 15.37
CA MET D 193 -1.14 -5.40 14.57
C MET D 193 -1.90 -4.08 14.77
N VAL D 194 -2.36 -3.85 16.01
CA VAL D 194 -3.05 -2.62 16.37
C VAL D 194 -2.34 -1.38 15.83
N ALA D 195 -1.03 -1.36 15.96
CA ALA D 195 -0.24 -0.21 15.54
C ALA D 195 -0.22 -0.10 14.00
N LYS D 196 -0.04 -1.24 13.33
CA LYS D 196 -0.01 -1.27 11.87
C LYS D 196 -1.34 -0.81 11.29
N ALA D 197 -2.40 -0.92 12.09
CA ALA D 197 -3.75 -0.53 11.67
C ALA D 197 -4.02 0.93 12.00
N GLY D 198 -3.03 1.58 12.61
CA GLY D 198 -3.14 2.99 12.89
C GLY D 198 -4.29 3.44 13.74
N LEU D 199 -4.59 2.71 14.81
CA LEU D 199 -5.60 3.18 15.75
C LEU D 199 -5.10 4.44 16.42
N PRO D 200 -6.01 5.27 16.93
CA PRO D 200 -5.49 6.49 17.55
C PRO D 200 -4.66 6.14 18.76
N LYS D 201 -3.61 6.92 19.00
CA LYS D 201 -2.72 6.72 20.13
C LYS D 201 -3.57 6.64 21.39
N GLY D 202 -3.11 5.82 22.35
CA GLY D 202 -3.77 5.72 23.63
C GLY D 202 -4.96 4.80 23.62
N VAL D 203 -5.50 4.49 22.44
CA VAL D 203 -6.70 3.68 22.39
C VAL D 203 -6.36 2.27 22.84
N PHE D 204 -5.29 1.73 22.27
CA PHE D 204 -4.77 0.45 22.73
C PHE D 204 -3.36 0.56 23.31
N ASN D 205 -3.14 -0.11 24.44
CA ASN D 205 -1.86 -0.07 25.17
C ASN D 205 -1.44 -1.44 25.69
N LEU D 206 -0.20 -1.83 25.40
CA LEU D 206 0.37 -3.09 25.88
C LEU D 206 1.36 -2.88 27.03
N VAL D 207 1.22 -3.66 28.09
CA VAL D 207 2.19 -3.62 29.21
C VAL D 207 2.62 -5.01 29.65
N ILE D 208 3.87 -5.35 29.33
CA ILE D 208 4.40 -6.67 29.67
C ILE D 208 5.10 -6.68 31.03
N GLY D 209 4.52 -7.40 31.98
CA GLY D 209 5.05 -7.44 33.32
C GLY D 209 4.38 -8.44 34.24
N PRO D 210 4.93 -8.62 35.43
CA PRO D 210 4.32 -9.50 36.43
C PRO D 210 2.92 -9.07 36.84
N GLY D 211 1.98 -10.01 36.76
CA GLY D 211 0.63 -9.82 37.24
C GLY D 211 0.49 -9.17 38.61
N PRO D 212 1.24 -9.66 39.60
CA PRO D 212 1.04 -9.09 40.95
C PRO D 212 1.50 -7.64 41.10
N VAL D 213 2.14 -7.06 40.10
CA VAL D 213 2.46 -5.65 40.23
C VAL D 213 1.82 -4.87 39.08
N VAL D 214 1.93 -5.38 37.86
CA VAL D 214 1.32 -4.66 36.74
C VAL D 214 -0.20 -4.90 36.70
N GLY D 215 -0.60 -6.17 36.77
CA GLY D 215 -2.01 -6.51 36.80
C GLY D 215 -2.74 -5.83 37.96
N GLU D 216 -2.10 -5.81 39.14
CA GLU D 216 -2.71 -5.24 40.33
C GLU D 216 -2.93 -3.73 40.21
N GLU D 217 -1.99 -3.03 39.60
CA GLU D 217 -2.16 -1.60 39.42
C GLU D 217 -3.38 -1.33 38.57
N ILE D 218 -3.51 -2.09 37.48
CA ILE D 218 -4.67 -2.00 36.62
C ILE D 218 -5.93 -2.21 37.45
N VAL D 219 -5.96 -3.29 38.21
CA VAL D 219 -7.14 -3.66 38.97
C VAL D 219 -7.50 -2.61 40.02
N THR D 220 -6.53 -1.93 40.59
CA THR D 220 -6.85 -1.00 41.69
C THR D 220 -6.91 0.48 41.29
N HIS D 221 -6.49 0.80 40.08
CA HIS D 221 -6.49 2.20 39.64
C HIS D 221 -7.91 2.79 39.56
N LYS D 222 -7.99 4.07 39.93
CA LYS D 222 -9.20 4.89 39.85
C LYS D 222 -9.77 5.06 38.43
N ARG D 223 -8.89 5.25 37.46
CA ARG D 223 -9.28 5.59 36.09
C ARG D 223 -9.64 4.39 35.25
N VAL D 224 -9.66 3.22 35.88
CA VAL D 224 -10.12 2.03 35.22
C VAL D 224 -11.55 1.72 35.67
N ALA D 225 -12.44 1.53 34.69
CA ALA D 225 -13.87 1.35 34.94
C ALA D 225 -14.23 -0.12 35.08
N HIS D 226 -13.50 -0.97 34.38
CA HIS D 226 -13.83 -2.38 34.27
C HIS D 226 -12.55 -3.14 33.97
N VAL D 227 -12.49 -4.35 34.49
CA VAL D 227 -11.42 -5.28 34.16
C VAL D 227 -12.04 -6.59 33.72
N THR D 228 -11.58 -7.09 32.58
CA THR D 228 -12.05 -8.40 32.16
C THR D 228 -10.91 -9.40 32.32
N PHE D 229 -11.09 -10.39 33.17
CA PHE D 229 -10.02 -11.31 33.54
C PHE D 229 -10.24 -12.77 33.12
N THR D 230 -9.19 -13.39 32.60
CA THR D 230 -9.20 -14.83 32.39
C THR D 230 -7.99 -15.51 33.01
N GLY D 231 -8.24 -16.43 33.95
CA GLY D 231 -7.15 -17.08 34.66
C GLY D 231 -7.63 -18.06 35.73
N GLU D 232 -6.77 -18.41 36.68
CA GLU D 232 -7.16 -19.27 37.79
C GLU D 232 -8.26 -18.61 38.62
N SER D 233 -9.11 -19.43 39.23
CA SER D 233 -10.15 -18.94 40.12
C SER D 233 -9.62 -18.31 41.40
N SER D 234 -8.53 -18.84 41.95
CA SER D 234 -7.92 -18.20 43.11
C SER D 234 -7.60 -16.76 42.75
N THR D 235 -6.89 -16.58 41.64
CA THR D 235 -6.57 -15.27 41.08
C THR D 235 -7.80 -14.39 40.90
N GLY D 236 -8.86 -14.97 40.34
CA GLY D 236 -10.09 -14.24 40.16
C GLY D 236 -10.61 -13.64 41.47
N ARG D 237 -10.59 -14.46 42.53
CA ARG D 237 -11.09 -14.04 43.83
C ARG D 237 -10.30 -12.84 44.33
N GLU D 238 -8.98 -12.92 44.19
CA GLU D 238 -8.09 -11.78 44.48
C GLU D 238 -8.51 -10.50 43.73
N ILE D 239 -8.52 -10.61 42.40
CA ILE D 239 -8.83 -9.51 41.53
C ILE D 239 -10.18 -8.89 41.85
N ALA D 240 -11.17 -9.74 42.05
CA ALA D 240 -12.52 -9.27 42.36
C ALA D 240 -12.52 -8.46 43.65
N ALA D 241 -11.62 -8.80 44.56
CA ALA D 241 -11.59 -8.15 45.87
C ALA D 241 -10.89 -6.80 45.83
N LYS D 242 -9.78 -6.72 45.13
CA LYS D 242 -9.11 -5.46 44.97
C LYS D 242 -9.94 -4.53 44.08
N ALA D 243 -10.67 -5.09 43.13
CA ALA D 243 -11.49 -4.29 42.23
C ALA D 243 -12.58 -3.55 43.00
N ALA D 244 -12.92 -4.09 44.16
CA ALA D 244 -14.00 -3.52 44.95
C ALA D 244 -13.59 -2.15 45.47
N GLY D 245 -12.30 -1.96 45.66
CA GLY D 245 -11.80 -0.69 46.17
C GLY D 245 -12.37 0.48 45.39
N THR D 246 -12.28 0.42 44.07
CA THR D 246 -12.77 1.53 43.23
C THR D 246 -14.16 1.31 42.63
N LEU D 247 -14.91 0.35 43.18
CA LEU D 247 -16.23 -0.02 42.67
C LEU D 247 -16.25 -0.24 41.16
N LYS D 248 -15.20 -0.83 40.60
CA LYS D 248 -15.21 -1.18 39.20
C LYS D 248 -15.87 -2.55 38.99
N THR D 249 -16.38 -2.78 37.79
CA THR D 249 -17.01 -4.04 37.43
C THR D 249 -15.98 -5.04 36.95
N VAL D 250 -16.32 -6.32 36.93
CA VAL D 250 -15.42 -7.31 36.35
C VAL D 250 -16.06 -8.42 35.55
N THR D 251 -15.28 -8.99 34.65
CA THR D 251 -15.66 -10.21 33.97
C THR D 251 -14.65 -11.25 34.41
N LEU D 252 -15.12 -12.31 35.05
CA LEU D 252 -14.22 -13.37 35.52
C LEU D 252 -14.46 -14.68 34.78
N GLU D 253 -13.55 -15.01 33.88
CA GLU D 253 -13.58 -16.28 33.20
C GLU D 253 -12.53 -17.15 33.87
N LEU D 254 -12.97 -17.98 34.80
CA LEU D 254 -12.05 -18.73 35.64
C LEU D 254 -11.87 -20.17 35.17
N GLY D 255 -11.58 -21.09 36.08
CA GLY D 255 -11.25 -22.45 35.69
C GLY D 255 -12.46 -23.32 35.38
N GLY D 256 -12.19 -24.54 34.90
CA GLY D 256 -13.22 -25.56 34.75
C GLY D 256 -12.76 -27.01 34.96
N SER D 257 -13.69 -27.87 35.37
CA SER D 257 -13.48 -29.30 35.41
C SER D 257 -14.67 -29.96 34.72
N ASP D 258 -14.77 -29.80 33.40
CA ASP D 258 -16.04 -30.06 32.71
C ASP D 258 -16.29 -31.53 32.54
N PRO D 259 -17.54 -31.93 32.72
CA PRO D 259 -17.93 -33.34 32.63
C PRO D 259 -18.29 -33.78 31.21
N LEU D 260 -17.71 -34.89 30.78
CA LEU D 260 -18.15 -35.53 29.55
C LEU D 260 -18.87 -36.83 29.89
N ILE D 261 -20.19 -36.79 29.80
CA ILE D 261 -21.03 -37.92 30.09
C ILE D 261 -21.29 -38.73 28.82
N ILE D 262 -20.93 -40.02 28.84
CA ILE D 262 -21.20 -40.93 27.73
C ILE D 262 -22.23 -41.99 28.13
N LEU D 263 -23.42 -41.92 27.56
CA LEU D 263 -24.46 -42.88 27.87
C LEU D 263 -24.27 -44.17 27.07
N ASP D 264 -25.17 -45.12 27.23
CA ASP D 264 -24.93 -46.47 26.74
C ASP D 264 -25.53 -46.77 25.39
N ASP D 265 -26.11 -45.76 24.75
CA ASP D 265 -26.74 -45.99 23.45
C ASP D 265 -25.92 -45.39 22.31
N VAL D 266 -24.66 -45.07 22.59
CA VAL D 266 -23.78 -44.43 21.62
C VAL D 266 -23.05 -45.40 20.72
N ASP D 267 -22.54 -44.87 19.60
CA ASP D 267 -21.46 -45.51 18.88
C ASP D 267 -20.22 -45.40 19.79
N VAL D 268 -19.80 -46.51 20.39
CA VAL D 268 -18.77 -46.47 21.41
C VAL D 268 -17.43 -45.98 20.84
N ASP D 269 -17.10 -46.42 19.63
CA ASP D 269 -15.84 -46.00 19.00
C ASP D 269 -15.80 -44.49 18.73
N TYR D 270 -16.92 -43.95 18.26
CA TYR D 270 -17.02 -42.51 18.08
C TYR D 270 -16.84 -41.78 19.39
N ALA D 271 -17.53 -42.28 20.41
CA ALA D 271 -17.49 -41.69 21.73
C ALA D 271 -16.05 -41.56 22.20
N ALA D 272 -15.29 -42.63 21.96
CA ALA D 272 -13.89 -42.66 22.36
C ALA D 272 -13.11 -41.58 21.63
N ARG D 273 -13.21 -41.59 20.30
CA ARG D 273 -12.53 -40.60 19.45
C ARG D 273 -12.85 -39.16 19.89
N LEU D 274 -14.11 -38.91 20.21
CA LEU D 274 -14.50 -37.59 20.69
C LEU D 274 -13.89 -37.36 22.07
N ALA D 275 -14.08 -38.32 22.96
CA ALA D 275 -13.56 -38.20 24.33
C ALA D 275 -12.07 -37.86 24.35
N VAL D 276 -11.30 -38.52 23.48
CA VAL D 276 -9.87 -38.29 23.44
C VAL D 276 -9.55 -36.87 23.03
N PHE D 277 -10.17 -36.44 21.94
CA PHE D 277 -9.96 -35.08 21.41
C PHE D 277 -10.38 -34.05 22.45
N ALA D 278 -11.56 -34.23 23.02
CA ALA D 278 -12.07 -33.29 24.01
C ALA D 278 -11.22 -33.23 25.28
N SER D 279 -10.71 -34.38 25.71
CA SER D 279 -10.09 -34.43 27.02
C SER D 279 -8.61 -34.06 26.98
N LEU D 280 -7.99 -34.20 25.81
CA LEU D 280 -6.54 -34.16 25.75
C LEU D 280 -5.95 -33.19 24.72
N PHE D 281 -6.80 -32.51 23.96
CA PHE D 281 -6.29 -31.57 22.96
C PHE D 281 -5.56 -30.40 23.63
N HIS D 282 -4.47 -29.94 23.00
CA HIS D 282 -3.51 -28.98 23.60
C HIS D 282 -3.09 -29.47 24.97
N GLN D 283 -2.77 -30.77 25.04
CA GLN D 283 -2.23 -31.34 26.26
C GLN D 283 -3.23 -31.21 27.41
N GLY D 284 -4.50 -31.04 27.08
CA GLY D 284 -5.54 -30.79 28.06
C GLY D 284 -5.42 -29.45 28.77
N GLN D 285 -4.66 -28.52 28.20
CA GLN D 285 -4.50 -27.20 28.81
C GLN D 285 -5.56 -26.23 28.27
N ILE D 286 -6.81 -26.59 28.49
CA ILE D 286 -7.94 -25.88 27.94
C ILE D 286 -8.96 -25.77 29.07
N CYS D 287 -9.47 -24.58 29.32
CA CYS D 287 -10.41 -24.39 30.42
C CYS D 287 -11.64 -25.28 30.28
N THR D 288 -12.10 -25.47 29.03
CA THR D 288 -13.30 -26.25 28.78
C THR D 288 -12.98 -27.68 28.36
N SER D 289 -11.78 -28.13 28.71
CA SER D 289 -11.37 -29.50 28.46
C SER D 289 -12.31 -30.51 29.13
N ALA D 290 -12.52 -31.64 28.48
CA ALA D 290 -13.20 -32.75 29.11
C ALA D 290 -12.30 -33.33 30.22
N LYS D 291 -12.44 -32.81 31.44
CA LYS D 291 -11.46 -33.09 32.48
C LYS D 291 -11.90 -34.24 33.38
N ARG D 292 -13.19 -34.54 33.34
CA ARG D 292 -13.72 -35.61 34.12
C ARG D 292 -14.67 -36.42 33.24
N ILE D 293 -14.22 -37.60 32.82
CA ILE D 293 -15.00 -38.40 31.88
C ILE D 293 -15.91 -39.38 32.61
N ILE D 294 -17.20 -39.33 32.32
CA ILE D 294 -18.20 -40.14 33.04
C ILE D 294 -18.93 -41.10 32.11
N VAL D 295 -18.89 -42.39 32.46
CA VAL D 295 -19.32 -43.49 31.55
C VAL D 295 -20.39 -44.39 32.12
N HIS D 296 -21.40 -44.69 31.30
CA HIS D 296 -22.42 -45.64 31.68
C HIS D 296 -21.84 -47.05 31.70
N LYS D 297 -22.20 -47.83 32.72
CA LYS D 297 -21.58 -49.13 32.93
C LYS D 297 -21.78 -50.10 31.77
N ALA D 298 -22.90 -49.97 31.05
CA ALA D 298 -23.19 -50.91 29.96
C ALA D 298 -22.24 -50.78 28.77
N VAL D 299 -21.46 -49.70 28.70
CA VAL D 299 -20.47 -49.58 27.63
C VAL D 299 -19.09 -49.25 28.18
N ALA D 300 -18.96 -49.29 29.50
CA ALA D 300 -17.72 -48.88 30.14
C ALA D 300 -16.50 -49.68 29.65
N ASP D 301 -16.57 -51.01 29.69
CA ASP D 301 -15.40 -51.80 29.32
C ASP D 301 -14.95 -51.48 27.91
N LYS D 302 -15.87 -51.60 26.94
CA LYS D 302 -15.59 -51.24 25.55
C LYS D 302 -15.04 -49.81 25.42
N PHE D 303 -15.69 -48.84 26.07
CA PHE D 303 -15.30 -47.45 25.94
C PHE D 303 -13.89 -47.24 26.45
N ILE D 304 -13.62 -47.76 27.64
CA ILE D 304 -12.30 -47.63 28.21
C ILE D 304 -11.23 -48.31 27.34
N GLU D 305 -11.52 -49.52 26.84
CA GLU D 305 -10.61 -50.17 25.90
C GLU D 305 -10.29 -49.20 24.76
N ARG D 306 -11.34 -48.70 24.11
CA ARG D 306 -11.17 -47.84 22.95
C ARG D 306 -10.48 -46.52 23.26
N TYR D 307 -10.88 -45.89 24.37
CA TYR D 307 -10.28 -44.61 24.73
C TYR D 307 -8.77 -44.80 24.90
N VAL D 308 -8.38 -45.83 25.65
CA VAL D 308 -6.97 -46.06 25.88
C VAL D 308 -6.26 -46.42 24.57
N HIS D 309 -6.94 -47.17 23.71
CA HIS D 309 -6.34 -47.49 22.43
C HIS D 309 -5.90 -46.24 21.65
N TYR D 310 -6.79 -45.24 21.55
CA TYR D 310 -6.48 -44.03 20.78
C TYR D 310 -5.48 -43.10 21.50
N VAL D 311 -5.41 -43.18 22.81
CA VAL D 311 -4.43 -42.37 23.54
C VAL D 311 -3.04 -42.86 23.21
N LYS D 312 -2.90 -44.18 23.12
CA LYS D 312 -1.65 -44.84 22.75
C LYS D 312 -1.14 -44.30 21.41
N MET D 313 -2.08 -44.17 20.47
CA MET D 313 -1.78 -43.60 19.17
C MET D 313 -1.36 -42.13 19.19
N LEU D 314 -1.64 -41.41 20.28
CA LEU D 314 -1.26 -40.01 20.31
C LEU D 314 0.24 -39.86 20.14
N ARG D 315 0.64 -39.04 19.17
CA ARG D 315 2.04 -38.76 18.90
C ARG D 315 2.51 -37.47 19.58
N ILE D 316 3.49 -37.60 20.46
CA ILE D 316 4.05 -36.48 21.22
C ILE D 316 5.46 -36.18 20.74
N ASP D 317 5.72 -34.95 20.30
CA ASP D 317 6.99 -34.64 19.66
C ASP D 317 7.26 -33.15 19.77
N ASP D 318 8.30 -32.68 19.10
CA ASP D 318 8.54 -31.25 18.92
C ASP D 318 7.43 -30.69 18.03
N PRO D 319 6.70 -29.68 18.53
CA PRO D 319 5.58 -29.16 17.74
C PRO D 319 6.05 -28.38 16.50
N ARG D 320 7.36 -28.23 16.32
CA ARG D 320 7.88 -27.56 15.14
C ARG D 320 8.28 -28.55 14.04
N LYS D 321 8.27 -29.84 14.36
CA LYS D 321 8.81 -30.81 13.42
C LYS D 321 7.96 -30.86 12.17
N ASP D 322 6.67 -31.10 12.33
CA ASP D 322 5.76 -31.24 11.19
C ASP D 322 4.33 -30.96 11.61
N GLU D 323 3.43 -30.93 10.63
CA GLU D 323 2.05 -30.58 10.87
C GLU D 323 1.27 -31.64 11.63
N LYS D 324 1.69 -32.90 11.53
CA LYS D 324 0.89 -34.00 12.06
C LYS D 324 1.32 -34.43 13.48
N VAL D 325 1.79 -33.48 14.28
CA VAL D 325 2.11 -33.71 15.69
C VAL D 325 0.89 -33.57 16.60
N ASP D 326 0.57 -34.61 17.36
CA ASP D 326 -0.64 -34.59 18.17
C ASP D 326 -0.50 -33.71 19.40
N LEU D 327 0.57 -33.87 20.17
CA LEU D 327 0.76 -33.07 21.40
C LEU D 327 2.18 -32.50 21.54
N GLY D 328 2.27 -31.30 22.10
CA GLY D 328 3.55 -30.65 22.37
C GLY D 328 3.81 -30.64 23.87
N PRO D 329 4.73 -29.79 24.34
CA PRO D 329 5.10 -29.82 25.76
C PRO D 329 4.07 -29.13 26.65
N LEU D 330 4.31 -29.09 27.94
CA LEU D 330 3.52 -28.24 28.81
C LEU D 330 4.25 -26.93 28.83
N ILE D 331 3.64 -25.90 29.38
CA ILE D 331 4.19 -24.56 29.26
C ILE D 331 5.48 -24.35 30.07
N ASN D 332 5.68 -25.13 31.14
CA ASN D 332 6.88 -25.01 31.97
C ASN D 332 7.07 -26.21 32.93
N GLU D 333 8.15 -26.17 33.71
CA GLU D 333 8.47 -27.22 34.68
C GLU D 333 7.38 -27.37 35.74
N ARG D 334 6.87 -26.23 36.20
CA ARG D 334 5.91 -26.17 37.29
C ARG D 334 4.64 -26.96 36.97
N GLN D 335 4.19 -26.89 35.72
CA GLN D 335 3.02 -27.65 35.29
C GLN D 335 3.31 -29.15 35.29
N VAL D 336 4.53 -29.53 34.94
CA VAL D 336 4.92 -30.94 34.96
C VAL D 336 4.93 -31.44 36.39
N ALA D 337 5.51 -30.64 37.28
CA ALA D 337 5.51 -30.97 38.70
C ALA D 337 4.09 -31.23 39.15
N LEU D 338 3.19 -30.33 38.76
CA LEU D 338 1.82 -30.40 39.18
C LEU D 338 1.14 -31.67 38.64
N MET D 339 1.39 -32.01 37.38
CA MET D 339 0.82 -33.24 36.87
C MET D 339 1.35 -34.45 37.65
N LYS D 340 2.62 -34.40 38.07
CA LYS D 340 3.23 -35.48 38.86
C LYS D 340 2.54 -35.68 40.22
N GLU D 341 2.25 -34.59 40.93
CA GLU D 341 1.47 -34.66 42.17
C GLU D 341 0.11 -35.33 41.94
N PHE D 342 -0.59 -34.91 40.87
CA PHE D 342 -1.89 -35.46 40.50
C PHE D 342 -1.85 -36.97 40.31
N VAL D 343 -0.84 -37.46 39.59
CA VAL D 343 -0.68 -38.90 39.40
C VAL D 343 -0.35 -39.60 40.72
N ASP D 344 0.57 -39.01 41.47
CA ASP D 344 0.94 -39.51 42.78
C ASP D 344 -0.30 -39.72 43.62
N ASP D 345 -1.08 -38.65 43.81
CA ASP D 345 -2.26 -38.71 44.68
C ASP D 345 -3.19 -39.83 44.26
N ALA D 346 -3.42 -39.97 42.96
CA ALA D 346 -4.39 -40.93 42.46
C ALA D 346 -3.89 -42.36 42.67
N VAL D 347 -2.61 -42.59 42.41
CA VAL D 347 -2.02 -43.89 42.68
C VAL D 347 -2.08 -44.13 44.17
N SER D 348 -1.68 -43.12 44.94
CA SER D 348 -1.68 -43.21 46.39
C SER D 348 -3.04 -43.63 46.95
N ARG D 349 -4.11 -43.35 46.21
CA ARG D 349 -5.47 -43.60 46.68
C ARG D 349 -6.06 -44.85 46.06
N GLY D 350 -5.25 -45.58 45.31
CA GLY D 350 -5.67 -46.86 44.75
C GLY D 350 -6.39 -46.78 43.42
N GLY D 351 -6.08 -45.77 42.63
CA GLY D 351 -6.67 -45.69 41.31
C GLY D 351 -5.84 -46.48 40.31
N ARG D 352 -6.49 -47.15 39.38
CA ARG D 352 -5.74 -47.93 38.41
C ARG D 352 -5.26 -47.08 37.24
N LEU D 353 -3.95 -46.89 37.17
CA LEU D 353 -3.30 -46.21 36.06
C LEU D 353 -3.25 -47.11 34.84
N LEU D 354 -3.91 -46.70 33.77
CA LEU D 354 -4.02 -47.55 32.61
C LEU D 354 -2.92 -47.27 31.60
N ILE D 355 -2.38 -46.06 31.61
CA ILE D 355 -1.36 -45.70 30.62
C ILE D 355 -0.75 -44.33 30.93
N GLY D 356 0.41 -44.04 30.35
CA GLY D 356 1.04 -42.73 30.47
C GLY D 356 1.60 -42.41 31.83
N GLY D 357 2.25 -41.25 31.95
CA GLY D 357 2.86 -40.81 33.19
C GLY D 357 4.29 -40.36 32.96
N ARG D 358 4.90 -40.89 31.91
CA ARG D 358 6.27 -40.58 31.54
C ARG D 358 6.41 -39.10 31.21
N SER D 359 7.48 -38.48 31.70
CA SER D 359 7.76 -37.10 31.35
C SER D 359 9.24 -36.89 31.19
N TRP D 360 9.61 -36.07 30.21
CA TRP D 360 10.99 -35.73 29.97
C TRP D 360 11.06 -34.25 29.60
N GLY D 361 11.76 -33.46 30.39
CA GLY D 361 11.78 -32.03 30.18
C GLY D 361 10.37 -31.50 30.42
N ASN D 362 9.83 -30.75 29.45
CA ASN D 362 8.50 -30.20 29.61
C ASN D 362 7.41 -31.08 29.02
N PHE D 363 7.78 -32.22 28.46
CA PHE D 363 6.79 -33.10 27.84
C PHE D 363 6.17 -34.07 28.84
N PHE D 364 5.02 -34.64 28.47
CA PHE D 364 4.27 -35.49 29.39
C PHE D 364 3.29 -36.40 28.64
N GLU D 365 3.48 -37.71 28.74
CA GLU D 365 2.52 -38.65 28.15
C GLU D 365 1.26 -38.73 29.01
N PRO D 366 0.11 -38.42 28.41
CA PRO D 366 -1.23 -38.48 29.02
C PRO D 366 -1.47 -39.69 29.94
N ALA D 367 -1.88 -39.41 31.17
CA ALA D 367 -2.09 -40.44 32.17
C ALA D 367 -3.57 -40.66 32.50
N ILE D 368 -4.10 -41.83 32.14
CA ILE D 368 -5.50 -42.15 32.34
C ILE D 368 -5.73 -43.08 33.55
N PHE D 369 -6.70 -42.72 34.40
CA PHE D 369 -7.03 -43.48 35.60
C PHE D 369 -8.47 -44.01 35.63
N VAL D 370 -8.66 -45.16 36.27
CA VAL D 370 -9.99 -45.64 36.62
C VAL D 370 -10.02 -45.99 38.09
N ASP D 371 -11.17 -46.48 38.54
CA ASP D 371 -11.36 -46.83 39.95
C ASP D 371 -10.99 -45.65 40.85
N VAL D 372 -11.57 -44.49 40.57
CA VAL D 372 -11.33 -43.33 41.42
C VAL D 372 -12.54 -43.13 42.31
N ASP D 373 -12.42 -42.26 43.31
CA ASP D 373 -13.57 -41.81 44.08
C ASP D 373 -13.57 -40.27 44.16
N ARG D 374 -14.53 -39.70 44.88
CA ARG D 374 -14.66 -38.26 44.89
C ARG D 374 -13.57 -37.54 45.72
N ASN D 375 -12.71 -38.29 46.40
CA ASN D 375 -11.67 -37.65 47.21
C ASN D 375 -10.35 -37.49 46.47
N PHE D 376 -10.29 -38.03 45.25
CA PHE D 376 -9.09 -37.89 44.41
C PHE D 376 -8.84 -36.42 44.03
N ARG D 377 -7.60 -35.98 44.12
CA ARG D 377 -7.30 -34.60 43.74
C ARG D 377 -7.78 -34.32 42.31
N ILE D 378 -7.65 -35.28 41.40
CA ILE D 378 -8.11 -35.08 40.03
C ILE D 378 -9.64 -35.10 39.87
N MET D 379 -10.37 -35.17 40.98
CA MET D 379 -11.81 -35.01 40.92
C MET D 379 -12.29 -33.77 41.69
N ARG D 380 -11.40 -33.15 42.45
CA ARG D 380 -11.77 -32.03 43.31
C ARG D 380 -11.18 -30.73 42.83
N GLU D 381 -10.13 -30.82 42.02
CA GLU D 381 -9.43 -29.64 41.55
C GLU D 381 -9.46 -29.58 40.03
N GLU D 382 -9.17 -28.41 39.48
CA GLU D 382 -9.01 -28.34 38.04
C GLU D 382 -7.68 -28.96 37.62
N VAL D 383 -7.72 -29.96 36.74
CA VAL D 383 -6.49 -30.59 36.28
C VAL D 383 -6.13 -30.02 34.90
N PHE D 384 -5.38 -28.91 34.92
CA PHE D 384 -5.07 -28.15 33.71
C PHE D 384 -3.92 -28.79 32.94
N GLY D 385 -4.09 -30.06 32.60
CA GLY D 385 -3.07 -30.79 31.88
C GLY D 385 -3.51 -32.21 31.63
N PRO D 386 -2.60 -33.05 31.09
CA PRO D 386 -2.93 -34.36 30.56
C PRO D 386 -2.98 -35.51 31.59
N VAL D 387 -3.75 -35.31 32.65
CA VAL D 387 -4.15 -36.39 33.54
C VAL D 387 -5.69 -36.44 33.56
N ARG D 388 -6.28 -37.61 33.28
CA ARG D 388 -7.73 -37.68 33.12
C ARG D 388 -8.37 -38.91 33.78
N PRO D 389 -9.29 -38.67 34.72
CA PRO D 389 -10.07 -39.72 35.37
C PRO D 389 -11.26 -40.15 34.54
N ILE D 390 -11.57 -41.44 34.59
CA ILE D 390 -12.76 -41.99 34.00
C ILE D 390 -13.59 -42.64 35.10
N VAL D 391 -14.86 -42.24 35.23
CA VAL D 391 -15.73 -42.83 36.24
C VAL D 391 -16.86 -43.63 35.59
N VAL D 392 -17.07 -44.84 36.08
CA VAL D 392 -18.22 -45.63 35.64
C VAL D 392 -19.39 -45.35 36.55
N VAL D 393 -20.56 -45.13 35.97
CA VAL D 393 -21.77 -44.97 36.78
C VAL D 393 -22.82 -45.95 36.29
N GLU D 394 -23.88 -46.12 37.09
CA GLU D 394 -24.89 -47.14 36.81
C GLU D 394 -26.13 -46.62 36.07
N ASN D 395 -26.36 -45.31 36.13
CA ASN D 395 -27.59 -44.76 35.59
C ASN D 395 -27.46 -43.25 35.36
N ASP D 396 -28.48 -42.62 34.79
CA ASP D 396 -28.41 -41.19 34.48
C ASP D 396 -28.34 -40.28 35.72
N ASP D 397 -29.09 -40.60 36.77
CA ASP D 397 -29.02 -39.85 38.02
C ASP D 397 -27.59 -39.76 38.53
N GLN D 398 -26.97 -40.93 38.54
CA GLN D 398 -25.61 -41.10 39.03
C GLN D 398 -24.62 -40.28 38.22
N ALA D 399 -24.77 -40.29 36.89
CA ALA D 399 -23.94 -39.47 36.01
C ALA D 399 -24.03 -38.00 36.38
N VAL D 400 -25.24 -37.54 36.62
CA VAL D 400 -25.48 -36.15 36.99
C VAL D 400 -24.91 -35.84 38.39
N GLU D 401 -25.21 -36.68 39.38
CA GLU D 401 -24.66 -36.48 40.74
C GLU D 401 -23.14 -36.32 40.66
N VAL D 402 -22.47 -37.20 39.91
CA VAL D 402 -21.02 -37.07 39.75
C VAL D 402 -20.65 -35.78 39.00
N ALA D 403 -21.40 -35.46 37.95
CA ALA D 403 -21.11 -34.29 37.12
C ALA D 403 -21.15 -32.98 37.90
N ASN D 404 -22.16 -32.85 38.75
CA ASN D 404 -22.30 -31.65 39.57
C ASN D 404 -21.41 -31.62 40.80
N ASP D 405 -20.69 -32.72 41.08
CA ASP D 405 -19.87 -32.83 42.29
C ASP D 405 -18.51 -32.15 42.13
N THR D 406 -18.53 -30.83 42.08
CA THR D 406 -17.33 -30.05 41.81
C THR D 406 -17.67 -28.64 42.16
N ASP D 407 -16.65 -27.84 42.46
CA ASP D 407 -16.83 -26.41 42.71
C ASP D 407 -17.02 -25.64 41.42
N TYR D 408 -16.69 -26.28 40.29
CA TYR D 408 -16.68 -25.59 39.00
C TYR D 408 -17.98 -25.79 38.25
N GLY D 409 -18.20 -24.95 37.25
CA GLY D 409 -19.41 -25.00 36.44
C GLY D 409 -19.24 -24.22 35.15
N LEU D 410 -18.18 -24.51 34.41
CA LEU D 410 -17.91 -23.82 33.17
C LEU D 410 -18.72 -24.43 32.03
N SER D 411 -18.26 -25.56 31.51
CA SER D 411 -18.98 -26.21 30.42
C SER D 411 -19.33 -27.66 30.74
N GLY D 412 -19.69 -28.42 29.72
CA GLY D 412 -20.18 -29.78 29.90
C GLY D 412 -20.80 -30.34 28.63
N ALA D 413 -20.88 -31.67 28.55
CA ALA D 413 -21.41 -32.30 27.36
C ALA D 413 -21.91 -33.71 27.66
N VAL D 414 -22.94 -34.12 26.93
CA VAL D 414 -23.44 -35.47 27.07
C VAL D 414 -23.55 -36.13 25.69
N LEU D 415 -23.28 -37.43 25.66
CA LEU D 415 -23.26 -38.20 24.43
C LEU D 415 -24.34 -39.27 24.46
N THR D 416 -25.34 -39.12 23.61
CA THR D 416 -26.47 -40.04 23.54
C THR D 416 -27.27 -39.74 22.25
N ASN D 417 -28.14 -40.66 21.87
CA ASN D 417 -29.01 -40.47 20.72
C ASN D 417 -30.45 -40.41 21.18
N ASN D 418 -30.65 -40.50 22.50
CA ASN D 418 -31.98 -40.44 23.10
C ASN D 418 -32.38 -39.03 23.54
N VAL D 419 -33.47 -38.50 22.99
CA VAL D 419 -33.81 -37.08 23.18
C VAL D 419 -34.15 -36.75 24.64
N ASN D 420 -34.99 -37.55 25.28
CA ASN D 420 -35.33 -37.31 26.68
C ASN D 420 -34.10 -37.37 27.58
N ARG D 421 -33.27 -38.39 27.41
CA ARG D 421 -32.09 -38.53 28.26
C ARG D 421 -31.13 -37.36 28.09
N ALA D 422 -30.98 -36.88 26.86
CA ALA D 422 -30.07 -35.77 26.57
C ALA D 422 -30.53 -34.45 27.19
N PHE D 423 -31.82 -34.19 27.11
CA PHE D 423 -32.31 -32.92 27.62
C PHE D 423 -32.37 -32.94 29.14
N ARG D 424 -32.82 -34.06 29.71
CA ARG D 424 -32.95 -34.18 31.14
C ARG D 424 -31.59 -34.11 31.80
N ILE D 425 -30.57 -34.63 31.13
CA ILE D 425 -29.23 -34.51 31.67
C ILE D 425 -28.75 -33.07 31.50
N ALA D 426 -28.98 -32.50 30.32
CA ALA D 426 -28.58 -31.14 30.03
C ALA D 426 -29.07 -30.14 31.07
N GLU D 427 -30.36 -30.15 31.38
CA GLU D 427 -30.87 -29.13 32.28
C GLU D 427 -30.56 -29.53 33.73
N ALA D 428 -30.07 -30.74 33.95
CA ALA D 428 -29.68 -31.16 35.30
C ALA D 428 -28.22 -30.79 35.66
N VAL D 429 -27.32 -30.81 34.68
CA VAL D 429 -25.94 -30.40 34.93
C VAL D 429 -25.85 -28.89 35.10
N GLU D 430 -25.12 -28.50 36.14
CA GLU D 430 -24.90 -27.09 36.45
C GLU D 430 -23.63 -26.56 35.81
N SER D 431 -23.75 -26.05 34.61
CA SER D 431 -22.62 -25.43 33.95
C SER D 431 -23.11 -24.15 33.26
N GLY D 432 -22.19 -23.25 32.94
CA GLY D 432 -22.55 -22.05 32.20
C GLY D 432 -22.91 -22.39 30.78
N MET D 433 -22.29 -23.44 30.25
CA MET D 433 -22.51 -23.86 28.87
C MET D 433 -22.73 -25.37 28.83
N PHE D 434 -23.33 -25.86 27.76
CA PHE D 434 -23.55 -27.30 27.61
C PHE D 434 -23.76 -27.71 26.17
N HIS D 435 -23.25 -28.87 25.81
CA HIS D 435 -23.29 -29.32 24.43
C HIS D 435 -23.75 -30.76 24.34
N ILE D 436 -24.63 -31.02 23.39
CA ILE D 436 -25.16 -32.35 23.23
C ILE D 436 -24.54 -32.92 21.96
N ASN D 437 -23.86 -34.06 22.13
CA ASN D 437 -23.17 -34.75 21.03
C ASN D 437 -22.13 -33.89 20.32
N ASP D 438 -21.44 -33.06 21.10
CA ASP D 438 -20.22 -32.43 20.64
C ASP D 438 -19.22 -32.34 21.81
N VAL D 439 -18.05 -31.78 21.55
CA VAL D 439 -17.03 -31.67 22.58
C VAL D 439 -17.34 -30.56 23.58
N THR D 440 -16.64 -30.54 24.69
CA THR D 440 -16.98 -29.64 25.77
C THR D 440 -16.53 -28.22 25.46
N PHE D 441 -15.51 -28.08 24.61
CA PHE D 441 -14.96 -26.77 24.31
C PHE D 441 -15.40 -26.21 22.94
N LEU D 442 -16.66 -26.44 22.57
CA LEU D 442 -17.25 -25.68 21.47
C LEU D 442 -17.12 -24.22 21.79
N GLU D 443 -16.82 -23.42 20.79
CA GLU D 443 -16.76 -21.98 20.98
C GLU D 443 -17.04 -21.28 19.67
N GLU D 444 -18.10 -20.47 19.62
CA GLU D 444 -18.30 -19.59 18.46
C GLU D 444 -18.15 -18.16 18.99
N SER D 445 -17.88 -17.23 18.08
CA SER D 445 -17.38 -15.90 18.43
C SER D 445 -18.41 -14.95 19.03
N HIS D 446 -19.67 -15.36 19.02
CA HIS D 446 -20.79 -14.47 19.29
C HIS D 446 -21.81 -15.12 20.23
N VAL D 447 -21.41 -16.21 20.88
CA VAL D 447 -22.25 -16.86 21.89
C VAL D 447 -21.81 -16.41 23.27
N PRO D 448 -22.72 -16.49 24.25
CA PRO D 448 -22.32 -16.17 25.61
C PRO D 448 -21.43 -17.26 26.19
N PHE D 449 -20.15 -16.95 26.37
CA PHE D 449 -19.14 -17.89 26.86
C PHE D 449 -18.81 -17.51 28.30
N GLY D 450 -18.84 -18.48 29.20
CA GLY D 450 -18.65 -18.19 30.62
C GLY D 450 -19.26 -19.25 31.53
N GLY D 451 -19.02 -19.11 32.83
CA GLY D 451 -19.39 -20.14 33.79
C GLY D 451 -20.21 -19.64 34.97
N ILE D 452 -20.56 -20.57 35.86
CA ILE D 452 -21.25 -20.26 37.10
C ILE D 452 -20.43 -20.87 38.23
N LYS D 453 -20.97 -20.84 39.45
CA LYS D 453 -20.23 -21.32 40.62
C LYS D 453 -18.83 -20.70 40.63
N ALA D 454 -17.80 -21.54 40.75
CA ALA D 454 -16.43 -21.05 40.88
C ALA D 454 -15.76 -20.78 39.54
N SER D 455 -16.49 -20.98 38.45
CA SER D 455 -15.90 -20.80 37.13
C SER D 455 -16.01 -19.35 36.67
N GLY D 456 -16.77 -18.54 37.40
CA GLY D 456 -16.72 -17.10 37.17
C GLY D 456 -18.04 -16.36 37.12
N VAL D 457 -17.96 -15.12 36.65
CA VAL D 457 -19.13 -14.24 36.53
C VAL D 457 -19.12 -13.53 35.16
N GLY D 458 -20.30 -13.35 34.58
CA GLY D 458 -20.39 -12.68 33.29
C GLY D 458 -20.23 -13.56 32.07
N ARG D 459 -20.48 -12.99 30.89
CA ARG D 459 -20.32 -13.72 29.62
C ARG D 459 -19.52 -12.90 28.62
N GLU D 460 -18.82 -13.59 27.72
CA GLU D 460 -18.10 -12.90 26.64
C GLU D 460 -18.39 -13.57 25.30
N GLY D 461 -18.34 -12.77 24.23
CA GLY D 461 -18.73 -13.23 22.91
C GLY D 461 -19.84 -12.35 22.35
N GLY D 462 -19.58 -11.77 21.18
CA GLY D 462 -20.54 -10.90 20.53
C GLY D 462 -21.08 -9.82 21.43
N GLU D 463 -22.41 -9.68 21.44
CA GLU D 463 -23.07 -8.68 22.26
C GLU D 463 -22.88 -8.91 23.78
N TRP D 464 -22.64 -10.15 24.18
CA TRP D 464 -22.42 -10.43 25.60
C TRP D 464 -21.15 -9.75 26.09
N SER D 465 -20.09 -9.80 25.29
CA SER D 465 -18.93 -8.97 25.49
C SER D 465 -19.34 -7.50 25.66
N PHE D 466 -20.25 -7.04 24.80
CA PHE D 466 -20.75 -5.67 24.84
C PHE D 466 -21.49 -5.35 26.14
N HIS D 467 -22.29 -6.28 26.64
CA HIS D 467 -23.02 -6.08 27.89
C HIS D 467 -22.06 -5.81 29.05
N GLU D 468 -20.92 -6.52 29.02
CA GLU D 468 -19.91 -6.45 30.09
C GLU D 468 -19.20 -5.12 30.09
N THR D 469 -18.95 -4.56 28.92
CA THR D 469 -18.16 -3.35 28.89
C THR D 469 -18.96 -2.12 28.50
N THR D 470 -20.25 -2.15 28.80
CA THR D 470 -21.12 -0.99 28.63
C THR D 470 -22.05 -0.92 29.80
N TYR D 471 -22.71 0.21 29.95
CA TYR D 471 -23.75 0.32 30.93
C TYR D 471 -25.00 0.90 30.29
N ASP D 472 -26.15 0.52 30.84
CA ASP D 472 -27.42 1.03 30.40
C ASP D 472 -27.67 2.37 31.02
N ARG D 473 -28.26 3.29 30.25
CA ARG D 473 -28.59 4.61 30.79
C ARG D 473 -30.03 5.01 30.50
N TRP D 474 -30.84 5.02 31.55
CA TRP D 474 -32.22 5.43 31.45
C TRP D 474 -32.28 6.95 31.33
N VAL D 475 -32.94 7.44 30.28
CA VAL D 475 -33.02 8.86 30.00
C VAL D 475 -34.43 9.25 29.57
N THR D 476 -34.98 10.32 30.16
CA THR D 476 -36.37 10.73 29.88
C THR D 476 -36.57 12.19 29.50
N VAL D 477 -37.65 12.48 28.78
CA VAL D 477 -38.11 13.85 28.55
C VAL D 477 -39.58 13.99 28.95
N THR D 478 -39.88 14.95 29.81
CA THR D 478 -41.27 15.14 30.25
C THR D 478 -41.83 16.37 29.55
N LEU D 479 -43.03 16.23 28.98
CA LEU D 479 -43.52 17.23 28.03
C LEU D 479 -44.69 18.07 28.51
N ARG D 480 -45.27 17.73 29.66
CA ARG D 480 -46.29 18.57 30.29
C ARG D 480 -45.92 18.81 31.75
N THR D 481 -46.15 20.03 32.23
CA THR D 481 -45.81 20.39 33.58
C THR D 481 -46.75 19.72 34.56
N ARG D 482 -46.34 19.60 35.82
CA ARG D 482 -47.13 18.91 36.82
C ARG D 482 -47.23 19.68 38.13
N ARG D 483 -48.26 19.36 38.90
CA ARG D 483 -48.37 19.88 40.26
C ARG D 483 -47.59 18.97 41.20
N PHE D 484 -46.95 19.57 42.19
CA PHE D 484 -46.10 18.81 43.11
C PHE D 484 -46.69 18.78 44.53
N PRO D 485 -46.52 17.66 45.23
CA PRO D 485 -47.21 17.48 46.53
C PRO D 485 -46.80 18.46 47.65
N ILE D 486 -45.57 18.96 47.64
CA ILE D 486 -45.15 19.95 48.63
C ILE D 486 -44.75 21.26 47.96
N PRO D 487 -45.08 22.41 48.59
CA PRO D 487 -45.80 22.54 49.86
C PRO D 487 -47.30 22.29 49.66
N SER D 488 -47.92 21.51 50.54
CA SER D 488 -49.30 21.12 50.34
C SER D 488 -50.27 22.30 50.38
N ALA D 489 -49.87 23.36 51.06
CA ALA D 489 -50.67 24.58 51.19
C ALA D 489 -50.99 25.21 49.84
N LEU D 490 -50.08 25.00 48.90
CA LEU D 490 -50.10 25.70 47.63
C LEU D 490 -50.78 24.89 46.54
N LYS D 491 -51.69 25.53 45.81
CA LYS D 491 -52.29 24.89 44.62
C LYS D 491 -51.95 25.68 43.36
N MET E 7 -15.36 0.07 -21.67
CA MET E 7 -14.28 0.91 -21.16
C MET E 7 -13.80 1.95 -22.21
N LYS E 8 -13.59 3.21 -21.80
CA LYS E 8 -13.40 4.31 -22.76
C LYS E 8 -12.06 5.06 -22.66
N VAL E 9 -11.23 4.88 -23.68
CA VAL E 9 -9.84 5.33 -23.67
C VAL E 9 -9.68 6.60 -24.53
N ALA E 10 -8.77 7.49 -24.16
CA ALA E 10 -8.60 8.71 -24.93
C ALA E 10 -7.15 9.01 -25.26
N ASN E 11 -6.93 9.97 -26.16
CA ASN E 11 -5.61 10.53 -26.35
C ASN E 11 -5.19 11.37 -25.14
N TYR E 12 -3.91 11.72 -25.08
CA TYR E 12 -3.43 12.61 -24.03
C TYR E 12 -2.59 13.68 -24.72
N ILE E 13 -3.11 14.91 -24.80
CA ILE E 13 -2.44 15.95 -25.55
C ILE E 13 -2.34 17.26 -24.76
N ASN E 14 -1.18 17.90 -24.84
CA ASN E 14 -0.90 19.16 -24.14
C ASN E 14 -1.41 19.20 -22.70
N GLY E 15 -1.43 18.06 -22.01
CA GLY E 15 -1.78 18.06 -20.60
C GLY E 15 -3.14 17.48 -20.27
N GLU E 16 -3.95 17.19 -21.27
CA GLU E 16 -5.28 16.66 -20.95
C GLU E 16 -5.75 15.52 -21.85
N PHE E 17 -6.62 14.67 -21.29
CA PHE E 17 -7.24 13.60 -22.04
C PHE E 17 -8.39 14.14 -22.88
N LYS E 18 -8.32 13.93 -24.18
CA LYS E 18 -9.35 14.44 -25.06
C LYS E 18 -9.66 13.40 -26.13
N GLU E 19 -10.86 13.49 -26.69
CA GLU E 19 -11.27 12.57 -27.72
C GLU E 19 -10.62 12.97 -29.03
N PRO E 20 -10.70 12.12 -30.06
CA PRO E 20 -10.12 12.50 -31.36
C PRO E 20 -10.91 13.57 -32.11
N SER E 21 -10.18 14.45 -32.78
CA SER E 21 -10.77 15.48 -33.62
C SER E 21 -11.62 14.86 -34.71
N THR E 22 -11.43 13.58 -34.95
CA THR E 22 -12.19 12.87 -35.98
C THR E 22 -13.40 12.14 -35.39
N GLY E 23 -13.59 12.24 -34.08
CA GLY E 23 -14.72 11.62 -33.42
C GLY E 23 -14.86 10.11 -33.54
N ALA E 24 -14.02 9.46 -34.34
CA ALA E 24 -14.14 8.03 -34.62
C ALA E 24 -13.56 7.14 -33.51
N PHE E 25 -14.18 5.99 -33.25
CA PHE E 25 -13.71 5.02 -32.26
C PHE E 25 -13.66 3.59 -32.80
N GLN E 26 -12.88 2.73 -32.13
CA GLN E 26 -12.81 1.32 -32.46
C GLN E 26 -12.74 0.44 -31.21
N VAL E 27 -13.12 -0.81 -31.35
CA VAL E 27 -13.21 -1.69 -30.19
C VAL E 27 -12.03 -2.67 -30.08
N LYS E 28 -11.14 -2.41 -29.15
CA LYS E 28 -10.08 -3.36 -28.87
C LYS E 28 -10.69 -4.61 -28.27
N THR E 29 -10.40 -5.76 -28.88
CA THR E 29 -10.88 -7.04 -28.37
C THR E 29 -9.73 -7.86 -27.78
N SER E 30 -10.05 -8.78 -26.88
CA SER E 30 -9.05 -9.67 -26.33
C SER E 30 -8.67 -10.77 -27.33
N PRO E 31 -7.38 -11.08 -27.42
CA PRO E 31 -6.96 -12.23 -28.24
C PRO E 31 -7.19 -13.57 -27.52
N VAL E 32 -7.57 -13.51 -26.25
CA VAL E 32 -7.83 -14.73 -25.47
C VAL E 32 -9.23 -15.29 -25.74
N ASP E 33 -10.22 -14.42 -25.88
CA ASP E 33 -11.58 -14.88 -26.12
C ASP E 33 -12.41 -13.92 -26.96
N GLY E 34 -11.75 -13.06 -27.74
CA GLY E 34 -12.47 -12.09 -28.57
C GLY E 34 -13.40 -11.13 -27.84
N SER E 35 -13.42 -11.17 -26.51
CA SER E 35 -14.35 -10.34 -25.76
C SER E 35 -13.90 -8.87 -25.66
N LYS E 36 -14.86 -7.97 -25.74
CA LYS E 36 -14.58 -6.55 -25.83
C LYS E 36 -13.87 -6.00 -24.59
N ILE E 37 -12.81 -5.22 -24.81
CA ILE E 37 -11.96 -4.69 -23.74
C ILE E 37 -12.14 -3.20 -23.55
N ALA E 38 -11.99 -2.46 -24.63
CA ALA E 38 -12.08 -1.02 -24.56
C ALA E 38 -12.56 -0.46 -25.88
N GLU E 39 -13.01 0.78 -25.83
CA GLU E 39 -13.28 1.54 -27.03
C GLU E 39 -12.20 2.61 -27.12
N VAL E 40 -11.37 2.50 -28.15
CA VAL E 40 -10.19 3.32 -28.23
C VAL E 40 -10.33 4.32 -29.35
N PRO E 41 -9.63 5.45 -29.25
CA PRO E 41 -9.74 6.41 -30.35
C PRO E 41 -9.22 5.84 -31.65
N ARG E 42 -9.71 6.35 -32.76
CA ARG E 42 -9.09 6.14 -34.07
C ARG E 42 -8.77 7.51 -34.62
N SER E 43 -7.57 8.03 -34.31
CA SER E 43 -7.28 9.44 -34.54
C SER E 43 -6.83 9.78 -35.97
N GLY E 44 -6.75 11.08 -36.25
CA GLY E 44 -6.37 11.58 -37.56
C GLY E 44 -5.16 12.48 -37.52
N ARG E 45 -4.76 12.98 -38.68
CA ARG E 45 -3.51 13.74 -38.80
C ARG E 45 -3.44 15.07 -38.02
N GLU E 46 -4.57 15.68 -37.66
CA GLU E 46 -4.48 16.94 -36.96
C GLU E 46 -4.53 16.63 -35.45
N ASP E 47 -4.92 15.40 -35.11
CA ASP E 47 -4.68 14.91 -33.76
C ASP E 47 -3.17 14.80 -33.52
N ALA E 48 -2.47 14.27 -34.53
CA ALA E 48 -1.02 14.17 -34.46
C ALA E 48 -0.39 15.56 -34.37
N ARG E 49 -0.85 16.47 -35.22
CA ARG E 49 -0.33 17.82 -35.29
C ARG E 49 -0.57 18.59 -34.00
N GLU E 50 -1.78 18.49 -33.47
CA GLU E 50 -2.10 19.10 -32.18
C GLU E 50 -1.13 18.55 -31.10
N ALA E 51 -0.76 17.27 -31.21
CA ALA E 51 0.19 16.66 -30.28
C ALA E 51 1.59 17.21 -30.51
N ILE E 52 1.94 17.37 -31.79
CA ILE E 52 3.28 17.81 -32.15
C ILE E 52 3.50 19.26 -31.79
N ASP E 53 2.50 20.09 -32.04
CA ASP E 53 2.63 21.49 -31.68
C ASP E 53 2.73 21.64 -30.17
N SER E 54 1.98 20.82 -29.43
CA SER E 54 2.05 20.85 -27.97
C SER E 54 3.45 20.54 -27.46
N ALA E 55 4.03 19.47 -28.01
CA ALA E 55 5.35 19.04 -27.59
C ALA E 55 6.37 20.11 -27.97
N PHE E 56 6.13 20.73 -29.11
CA PHE E 56 7.03 21.76 -29.59
C PHE E 56 7.03 22.98 -28.67
N GLU E 57 5.87 23.36 -28.17
CA GLU E 57 5.80 24.50 -27.27
C GLU E 57 6.33 24.16 -25.89
N ALA E 58 6.26 22.89 -25.50
CA ALA E 58 6.70 22.50 -24.17
C ALA E 58 8.21 22.36 -24.10
N LEU E 59 8.83 22.27 -25.27
CA LEU E 59 10.23 21.93 -25.40
C LEU E 59 11.19 22.90 -24.72
N LYS E 60 11.09 24.20 -25.00
CA LYS E 60 11.98 25.21 -24.45
C LYS E 60 12.20 25.02 -22.95
N ALA E 61 11.10 25.00 -22.21
CA ALA E 61 11.16 24.97 -20.75
C ALA E 61 11.66 23.62 -20.23
N TRP E 62 11.23 22.54 -20.88
CA TRP E 62 11.62 21.19 -20.46
C TRP E 62 13.13 20.94 -20.68
N ALA E 63 13.65 21.41 -21.81
CA ALA E 63 15.05 21.17 -22.13
C ALA E 63 15.98 22.05 -21.29
N ASN E 64 15.50 23.22 -20.93
CA ASN E 64 16.35 24.22 -20.30
C ASN E 64 16.46 24.06 -18.80
N ILE E 65 15.48 23.41 -18.17
CA ILE E 65 15.60 23.13 -16.76
C ILE E 65 16.78 22.17 -16.54
N PRO E 66 17.38 22.20 -15.33
CA PRO E 66 18.51 21.27 -15.12
C PRO E 66 18.08 19.80 -15.12
N ALA E 67 19.00 18.96 -15.58
CA ALA E 67 18.80 17.50 -15.62
C ALA E 67 18.20 16.94 -14.32
N ILE E 68 18.62 17.48 -13.18
CA ILE E 68 18.18 16.98 -11.87
C ILE E 68 16.68 17.17 -11.67
N ARG E 69 16.12 18.22 -12.26
CA ARG E 69 14.68 18.46 -12.15
C ARG E 69 13.95 17.46 -13.05
N ARG E 70 14.49 17.21 -14.25
CA ARG E 70 13.92 16.18 -15.09
C ARG E 70 14.02 14.83 -14.40
N ALA E 71 15.11 14.59 -13.69
CA ALA E 71 15.27 13.32 -12.99
C ALA E 71 14.23 13.19 -11.88
N GLU E 72 13.88 14.31 -11.25
CA GLU E 72 12.85 14.27 -10.21
C GLU E 72 11.53 13.80 -10.79
N TYR E 73 11.16 14.35 -11.95
CA TYR E 73 9.96 13.94 -12.66
C TYR E 73 9.98 12.45 -12.97
N LEU E 74 11.09 11.97 -13.49
CA LEU E 74 11.18 10.55 -13.81
C LEU E 74 11.07 9.68 -12.55
N TYR E 75 11.58 10.13 -11.41
CA TYR E 75 11.40 9.35 -10.18
C TYR E 75 9.95 9.36 -9.75
N LYS E 76 9.31 10.53 -9.86
CA LYS E 76 7.88 10.66 -9.58
C LYS E 76 7.12 9.70 -10.47
N MET E 77 7.55 9.58 -11.71
CA MET E 77 6.98 8.63 -12.64
C MET E 77 7.14 7.17 -12.15
N LEU E 78 8.26 6.88 -11.50
CA LEU E 78 8.55 5.52 -11.04
C LEU E 78 7.65 5.16 -9.88
N GLU E 79 7.39 6.15 -9.02
CA GLU E 79 6.58 5.95 -7.83
C GLU E 79 5.18 5.58 -8.28
N VAL E 80 4.69 6.28 -9.29
CA VAL E 80 3.35 6.06 -9.80
C VAL E 80 3.28 4.66 -10.40
N PHE E 81 4.22 4.37 -11.30
CA PHE E 81 4.29 3.06 -11.94
C PHE E 81 4.35 1.91 -10.94
N ARG E 82 4.98 2.12 -9.81
CA ARG E 82 5.03 1.06 -8.81
C ARG E 82 3.63 0.78 -8.25
N GLN E 83 2.77 1.80 -8.24
CA GLN E 83 1.42 1.68 -7.69
C GLN E 83 0.46 1.09 -8.70
N MET E 84 0.74 1.33 -9.97
CA MET E 84 -0.09 0.85 -11.07
C MET E 84 0.37 -0.49 -11.63
N LYS E 85 1.29 -1.14 -10.93
CA LYS E 85 1.97 -2.30 -11.50
C LYS E 85 1.01 -3.41 -11.93
N GLU E 86 0.12 -3.78 -11.02
CA GLU E 86 -0.83 -4.85 -11.28
C GLU E 86 -1.86 -4.42 -12.32
N ASP E 87 -2.07 -3.12 -12.50
CA ASP E 87 -2.95 -2.66 -13.57
C ASP E 87 -2.28 -2.90 -14.92
N PHE E 88 -0.96 -2.72 -14.97
CA PHE E 88 -0.26 -2.91 -16.22
C PHE E 88 -0.25 -4.39 -16.59
N MET E 89 -0.15 -5.23 -15.58
CA MET E 89 -0.07 -6.66 -15.82
C MET E 89 -1.35 -7.20 -16.38
N LYS E 90 -2.47 -6.80 -15.77
CA LYS E 90 -3.78 -7.27 -16.21
C LYS E 90 -3.96 -6.95 -17.70
N ILE E 91 -3.65 -5.72 -18.10
CA ILE E 91 -3.80 -5.31 -19.50
C ILE E 91 -2.80 -6.00 -20.43
N LEU E 92 -1.57 -6.18 -19.97
CA LEU E 92 -0.59 -6.87 -20.79
C LEU E 92 -1.03 -8.30 -21.06
N THR E 93 -1.76 -8.86 -20.09
CA THR E 93 -2.27 -10.21 -20.18
C THR E 93 -3.52 -10.25 -21.06
N VAL E 94 -4.52 -9.47 -20.67
CA VAL E 94 -5.80 -9.46 -21.36
C VAL E 94 -5.72 -8.87 -22.76
N GLU E 95 -5.15 -7.68 -22.89
CA GLU E 95 -5.04 -6.99 -24.19
C GLU E 95 -4.00 -7.62 -25.12
N GLY E 96 -2.88 -8.08 -24.55
CA GLY E 96 -1.79 -8.56 -25.36
C GLY E 96 -1.52 -10.06 -25.32
N GLY E 97 -2.15 -10.79 -24.42
CA GLY E 97 -2.10 -12.24 -24.47
C GLY E 97 -0.93 -12.87 -23.76
N GLY E 98 -0.20 -12.08 -22.98
CA GLY E 98 0.97 -12.59 -22.27
C GLY E 98 0.63 -13.35 -21.00
N THR E 99 1.42 -14.38 -20.70
CA THR E 99 1.24 -15.12 -19.46
C THR E 99 1.64 -14.27 -18.27
N TYR E 100 1.21 -14.69 -17.08
CA TYR E 100 1.65 -14.06 -15.84
C TYR E 100 3.16 -13.82 -15.79
N ARG E 101 3.93 -14.88 -15.98
CA ARG E 101 5.37 -14.80 -15.95
C ARG E 101 5.94 -13.81 -16.97
N LYS E 102 5.41 -13.81 -18.18
CA LYS E 102 5.86 -12.90 -19.22
C LYS E 102 5.61 -11.44 -18.82
N VAL E 103 4.40 -11.15 -18.36
CA VAL E 103 3.99 -9.78 -18.10
C VAL E 103 4.60 -9.32 -16.79
N TRP E 104 4.97 -10.28 -15.96
CA TRP E 104 5.63 -9.95 -14.70
C TRP E 104 7.02 -9.42 -15.04
N GLY E 105 7.73 -10.15 -15.90
CA GLY E 105 9.08 -9.74 -16.28
C GLY E 105 9.05 -8.41 -16.99
N GLU E 106 8.04 -8.23 -17.83
CA GLU E 106 7.95 -7.00 -18.61
C GLU E 106 7.77 -5.83 -17.65
N VAL E 107 7.04 -6.06 -16.58
CA VAL E 107 6.75 -5.00 -15.61
C VAL E 107 7.95 -4.73 -14.70
N VAL E 108 8.53 -5.78 -14.12
CA VAL E 108 9.79 -5.65 -13.40
C VAL E 108 10.80 -4.89 -14.25
N PHE E 109 10.98 -5.33 -15.48
CA PHE E 109 11.96 -4.69 -16.35
C PHE E 109 11.62 -3.21 -16.63
N THR E 110 10.34 -2.93 -16.94
CA THR E 110 9.89 -1.56 -17.14
C THR E 110 10.28 -0.69 -15.96
N GLU E 111 10.07 -1.22 -14.76
CA GLU E 111 10.39 -0.52 -13.54
C GLU E 111 11.84 -0.09 -13.60
N ARG E 112 12.73 -1.05 -13.81
CA ARG E 112 14.16 -0.78 -13.92
C ARG E 112 14.52 0.19 -15.06
N LEU E 113 13.79 0.10 -16.16
CA LEU E 113 13.98 0.99 -17.29
C LEU E 113 13.72 2.46 -16.88
N ILE E 114 12.64 2.70 -16.15
CA ILE E 114 12.31 4.04 -15.72
C ILE E 114 13.41 4.54 -14.80
N GLN E 115 13.76 3.71 -13.82
CA GLN E 115 14.81 4.05 -12.87
C GLN E 115 16.15 4.36 -13.56
N ASN E 116 16.53 3.51 -14.51
CA ASN E 116 17.74 3.71 -15.28
C ASN E 116 17.81 5.08 -15.93
N ALA E 117 16.77 5.44 -16.66
CA ALA E 117 16.72 6.74 -17.33
C ALA E 117 16.83 7.85 -16.29
N ALA E 118 16.13 7.69 -15.17
CA ALA E 118 16.21 8.68 -14.10
C ALA E 118 17.63 8.78 -13.59
N GLU E 119 18.24 7.65 -13.29
CA GLU E 119 19.60 7.61 -12.78
C GLU E 119 20.59 8.35 -13.67
N LEU E 120 20.44 8.18 -14.97
CA LEU E 120 21.49 8.61 -15.89
C LEU E 120 21.30 10.04 -16.39
N ALA E 121 20.23 10.69 -15.98
CA ALA E 121 19.87 11.98 -16.56
C ALA E 121 20.94 13.03 -16.29
N ARG E 122 21.46 13.04 -15.06
CA ARG E 122 22.45 14.02 -14.63
C ARG E 122 23.88 13.67 -15.07
N HIS E 123 24.07 12.53 -15.70
CA HIS E 123 25.44 12.06 -15.88
C HIS E 123 25.85 11.90 -17.32
N TYR E 124 25.04 12.45 -18.24
CA TYR E 124 25.36 12.39 -19.66
C TYR E 124 26.30 13.52 -20.03
N GLN E 125 27.56 13.17 -20.29
CA GLN E 125 28.62 14.16 -20.38
C GLN E 125 29.03 14.52 -21.81
N GLY E 126 29.53 15.75 -21.97
CA GLY E 126 30.17 16.15 -23.20
C GLY E 126 31.67 15.94 -23.10
N ARG E 127 32.42 16.58 -23.98
CA ARG E 127 33.87 16.50 -23.92
C ARG E 127 34.56 17.86 -23.82
N VAL E 128 35.74 17.86 -23.21
CA VAL E 128 36.66 18.98 -23.32
C VAL E 128 37.82 18.52 -24.19
N LEU E 129 38.14 19.29 -25.24
CA LEU E 129 39.12 18.89 -26.24
C LEU E 129 40.41 19.70 -26.19
N GLN E 130 41.46 19.15 -26.78
CA GLN E 130 42.73 19.85 -27.00
C GLN E 130 42.62 20.64 -28.29
N SER E 131 42.93 21.92 -28.26
CA SER E 131 42.85 22.69 -29.50
C SER E 131 44.20 22.74 -30.21
N ASP E 132 44.21 22.52 -31.52
CA ASP E 132 45.41 22.68 -32.31
C ASP E 132 45.81 24.17 -32.46
N SER E 133 44.97 25.09 -32.00
CA SER E 133 45.24 26.53 -32.10
C SER E 133 45.68 27.06 -30.76
N GLU E 134 46.47 28.13 -30.75
CA GLU E 134 46.85 28.70 -29.46
C GLU E 134 45.67 29.52 -28.95
N SER E 135 45.62 29.72 -27.65
CA SER E 135 44.59 30.53 -27.02
C SER E 135 43.15 30.15 -27.39
N THR E 136 42.83 28.86 -27.40
CA THR E 136 41.49 28.46 -27.80
C THR E 136 40.87 27.38 -26.92
N ILE E 137 39.73 27.69 -26.32
CA ILE E 137 38.96 26.73 -25.54
C ILE E 137 38.04 25.96 -26.48
N SER E 138 38.08 24.64 -26.42
CA SER E 138 37.36 23.80 -27.38
C SER E 138 36.57 22.71 -26.63
N VAL E 139 35.24 22.77 -26.70
CA VAL E 139 34.41 21.83 -25.96
C VAL E 139 33.27 21.25 -26.80
N VAL E 140 32.67 20.18 -26.30
CA VAL E 140 31.50 19.60 -26.94
C VAL E 140 30.38 19.48 -25.93
N PHE E 141 29.27 20.16 -26.20
CA PHE E 141 28.09 20.05 -25.35
C PHE E 141 27.17 18.94 -25.84
N LYS E 142 26.18 18.60 -25.02
CA LYS E 142 25.14 17.68 -25.42
C LYS E 142 23.83 18.44 -25.46
N ARG E 143 23.10 18.34 -26.56
CA ARG E 143 21.84 19.06 -26.72
C ARG E 143 20.69 18.13 -27.10
N SER E 144 19.51 18.36 -26.51
CA SER E 144 18.29 17.67 -26.91
C SER E 144 17.99 17.86 -28.40
N LYS E 145 17.53 16.80 -29.06
CA LYS E 145 17.29 16.89 -30.49
C LYS E 145 16.07 17.76 -30.75
N GLY E 146 15.10 17.65 -29.84
CA GLY E 146 13.89 18.44 -29.90
C GLY E 146 12.65 17.62 -29.64
N VAL E 147 11.68 17.68 -30.55
CA VAL E 147 10.52 16.82 -30.43
C VAL E 147 10.82 15.46 -31.06
N VAL E 148 10.52 14.41 -30.29
CA VAL E 148 10.83 13.03 -30.68
C VAL E 148 9.57 12.19 -30.81
N GLY E 149 9.42 11.50 -31.93
CA GLY E 149 8.32 10.60 -32.13
C GLY E 149 8.63 9.18 -31.71
N VAL E 150 7.73 8.60 -30.93
CA VAL E 150 7.90 7.25 -30.40
C VAL E 150 6.82 6.31 -30.96
N ILE E 151 7.23 5.39 -31.83
CA ILE E 151 6.30 4.45 -32.48
C ILE E 151 6.69 2.99 -32.21
N THR E 152 5.79 2.27 -31.54
CA THR E 152 6.11 0.98 -30.92
C THR E 152 5.23 -0.18 -31.39
N PRO E 153 5.67 -1.44 -31.15
CA PRO E 153 4.87 -2.59 -31.61
C PRO E 153 4.07 -3.22 -30.46
N TRP E 154 3.50 -4.40 -30.70
CA TRP E 154 2.52 -4.99 -29.78
C TRP E 154 2.99 -6.15 -28.86
N ASN E 155 4.15 -6.74 -29.14
CA ASN E 155 4.58 -7.94 -28.39
C ASN E 155 4.96 -7.64 -26.96
N TYR E 156 5.86 -6.69 -26.79
CA TYR E 156 6.24 -6.16 -25.48
C TYR E 156 5.93 -4.67 -25.49
N PRO E 157 4.64 -4.32 -25.55
CA PRO E 157 4.29 -2.91 -25.76
C PRO E 157 4.67 -2.00 -24.57
N LEU E 158 4.78 -2.56 -23.37
CA LEU E 158 5.03 -1.75 -22.18
C LEU E 158 6.50 -1.39 -22.08
N SER E 159 7.33 -2.42 -21.97
CA SER E 159 8.76 -2.25 -21.79
C SER E 159 9.36 -1.53 -22.99
N ILE E 160 9.02 -1.97 -24.20
CA ILE E 160 9.59 -1.34 -25.39
C ILE E 160 9.22 0.16 -25.42
N SER E 161 7.99 0.49 -25.08
CA SER E 161 7.59 1.88 -25.13
C SER E 161 8.29 2.67 -24.04
N MET E 162 8.36 2.11 -22.84
CA MET E 162 8.94 2.86 -21.74
C MET E 162 10.44 3.05 -21.91
N LYS E 163 11.14 2.09 -22.51
CA LYS E 163 12.57 2.27 -22.73
C LYS E 163 12.75 3.52 -23.57
N LYS E 164 12.00 3.57 -24.66
CA LYS E 164 12.08 4.72 -25.56
C LYS E 164 11.64 6.03 -24.91
N ILE E 165 10.56 6.00 -24.14
CA ILE E 165 9.97 7.24 -23.65
C ILE E 165 10.80 7.82 -22.50
N ALA E 166 11.18 6.96 -21.57
CA ALA E 166 11.87 7.42 -20.38
C ALA E 166 13.25 8.04 -20.72
N HIS E 167 14.00 7.39 -21.59
CA HIS E 167 15.33 7.86 -21.86
C HIS E 167 15.31 9.13 -22.70
N THR E 168 14.42 9.17 -23.68
CA THR E 168 14.28 10.38 -24.49
C THR E 168 13.88 11.57 -23.62
N LEU E 169 13.01 11.35 -22.64
CA LEU E 169 12.57 12.43 -21.75
C LEU E 169 13.68 12.96 -20.85
N ALA E 170 14.45 12.01 -20.28
CA ALA E 170 15.51 12.30 -19.31
C ALA E 170 16.48 13.35 -19.82
N VAL E 171 16.72 13.29 -21.10
CA VAL E 171 17.81 14.02 -21.71
C VAL E 171 17.28 15.30 -22.40
N GLY E 172 16.00 15.59 -22.14
CA GLY E 172 15.45 16.91 -22.40
C GLY E 172 14.54 17.04 -23.62
N ASN E 173 14.25 15.93 -24.29
CA ASN E 173 13.36 15.97 -25.44
C ASN E 173 11.91 15.86 -25.02
N THR E 174 11.01 16.22 -25.91
CA THR E 174 9.58 16.01 -25.69
C THR E 174 9.06 14.91 -26.60
N VAL E 175 7.92 14.35 -26.24
CA VAL E 175 7.48 13.11 -26.85
C VAL E 175 6.07 13.14 -27.39
N VAL E 176 5.92 12.65 -28.61
CA VAL E 176 4.62 12.22 -29.10
C VAL E 176 4.70 10.71 -29.31
N TYR E 177 3.85 9.99 -28.60
CA TYR E 177 3.84 8.53 -28.57
C TYR E 177 2.61 7.90 -29.26
N LYS E 178 2.85 7.09 -30.29
CA LYS E 178 1.77 6.28 -30.88
C LYS E 178 1.99 4.78 -30.77
N PRO E 179 1.28 4.13 -29.84
CA PRO E 179 1.38 2.69 -29.60
C PRO E 179 0.82 1.92 -30.77
N ALA E 180 1.20 0.65 -30.90
CA ALA E 180 0.63 -0.21 -31.92
C ALA E 180 -0.86 -0.40 -31.70
N SER E 181 -1.63 -0.44 -32.78
CA SER E 181 -3.09 -0.52 -32.70
C SER E 181 -3.59 -1.75 -31.93
N ASP E 182 -2.84 -2.83 -31.94
CA ASP E 182 -3.25 -4.04 -31.27
C ASP E 182 -3.05 -3.96 -29.76
N THR E 183 -2.38 -2.91 -29.28
CA THR E 183 -2.18 -2.79 -27.83
C THR E 183 -2.35 -1.35 -27.30
N PRO E 184 -3.47 -0.70 -27.63
CA PRO E 184 -3.67 0.72 -27.34
C PRO E 184 -3.90 1.06 -25.86
N VAL E 185 -4.55 0.17 -25.10
CA VAL E 185 -4.82 0.44 -23.69
C VAL E 185 -3.54 0.56 -22.87
N THR E 186 -2.51 -0.20 -23.26
CA THR E 186 -1.20 -0.10 -22.60
C THR E 186 -0.62 1.31 -22.73
N GLY E 187 -0.69 1.85 -23.95
CA GLY E 187 -0.30 3.23 -24.17
C GLY E 187 -1.08 4.13 -23.24
N TRP E 188 -2.38 3.87 -23.15
CA TRP E 188 -3.27 4.72 -22.38
C TRP E 188 -2.89 4.72 -20.91
N LEU E 189 -2.58 3.53 -20.39
CA LEU E 189 -2.08 3.40 -19.03
C LEU E 189 -0.85 4.26 -18.81
N ILE E 190 0.04 4.24 -19.78
CA ILE E 190 1.28 4.99 -19.67
C ILE E 190 0.99 6.47 -19.54
N ALA E 191 0.07 6.95 -20.36
CA ALA E 191 -0.46 8.31 -20.25
C ALA E 191 -1.02 8.58 -18.87
N GLN E 192 -1.83 7.65 -18.36
CA GLN E 192 -2.35 7.76 -17.00
C GLN E 192 -1.22 7.95 -16.00
N MET E 193 -0.15 7.18 -16.20
CA MET E 193 1.00 7.25 -15.31
C MET E 193 1.69 8.61 -15.38
N VAL E 194 2.02 9.04 -16.60
CA VAL E 194 2.65 10.33 -16.81
C VAL E 194 1.87 11.46 -16.15
N ALA E 195 0.57 11.50 -16.43
CA ALA E 195 -0.32 12.53 -15.88
C ALA E 195 -0.35 12.49 -14.35
N LYS E 196 -0.49 11.29 -13.77
CA LYS E 196 -0.49 11.17 -12.31
C LYS E 196 0.86 11.60 -11.72
N ALA E 197 1.90 11.65 -12.56
CA ALA E 197 3.23 12.05 -12.12
C ALA E 197 3.38 13.57 -12.20
N GLY E 198 2.48 14.20 -12.95
CA GLY E 198 2.43 15.65 -13.02
C GLY E 198 3.46 16.31 -13.90
N LEU E 199 3.89 15.65 -14.97
CA LEU E 199 4.85 16.27 -15.87
C LEU E 199 4.20 17.48 -16.52
N PRO E 200 5.01 18.48 -16.89
CA PRO E 200 4.44 19.67 -17.51
C PRO E 200 3.59 19.33 -18.73
N LYS E 201 2.57 20.14 -19.01
CA LYS E 201 1.70 19.89 -20.14
C LYS E 201 2.54 19.94 -21.43
N GLY E 202 2.31 18.97 -22.32
CA GLY E 202 2.97 18.93 -23.61
C GLY E 202 4.28 18.16 -23.68
N VAL E 203 4.88 17.91 -22.52
CA VAL E 203 6.14 17.18 -22.44
C VAL E 203 5.92 15.75 -22.91
N PHE E 204 4.79 15.16 -22.51
CA PHE E 204 4.40 13.86 -23.03
C PHE E 204 3.02 13.91 -23.68
N ASN E 205 2.89 13.23 -24.81
CA ASN E 205 1.62 13.18 -25.51
C ASN E 205 1.32 11.80 -26.10
N LEU E 206 0.13 11.27 -25.79
CA LEU E 206 -0.36 10.01 -26.39
C LEU E 206 -1.40 10.25 -27.48
N VAL E 207 -1.20 9.64 -28.65
CA VAL E 207 -2.20 9.68 -29.71
C VAL E 207 -2.46 8.28 -30.27
N ILE E 208 -3.69 7.83 -30.21
CA ILE E 208 -4.01 6.46 -30.60
C ILE E 208 -4.67 6.42 -31.97
N GLY E 209 -4.07 5.65 -32.88
CA GLY E 209 -4.60 5.59 -34.22
C GLY E 209 -3.79 4.62 -35.05
N PRO E 210 -4.11 4.54 -36.35
CA PRO E 210 -3.38 3.75 -37.34
C PRO E 210 -2.06 4.38 -37.79
N GLY E 211 -1.05 3.53 -37.92
CA GLY E 211 0.28 3.94 -38.31
C GLY E 211 0.42 4.70 -39.62
N PRO E 212 -0.20 4.19 -40.71
CA PRO E 212 -0.01 4.89 -42.00
C PRO E 212 -0.81 6.20 -42.09
N VAL E 213 -1.52 6.54 -41.03
CA VAL E 213 -2.17 7.83 -40.90
C VAL E 213 -1.48 8.64 -39.78
N VAL E 214 -1.74 8.28 -38.52
CA VAL E 214 -1.21 9.03 -37.38
C VAL E 214 0.32 8.95 -37.25
N GLY E 215 0.87 7.75 -37.46
CA GLY E 215 2.30 7.56 -37.43
C GLY E 215 3.01 8.24 -38.59
N GLU E 216 2.45 8.14 -39.77
CA GLU E 216 3.08 8.76 -40.94
C GLU E 216 3.18 10.27 -40.78
N GLU E 217 2.18 10.88 -40.16
CA GLU E 217 2.15 12.32 -39.99
C GLU E 217 3.28 12.74 -39.07
N ILE E 218 3.51 11.94 -38.02
CA ILE E 218 4.65 12.13 -37.12
C ILE E 218 5.98 12.04 -37.85
N VAL E 219 6.09 11.05 -38.72
CA VAL E 219 7.34 10.82 -39.43
C VAL E 219 7.66 11.96 -40.41
N THR E 220 6.63 12.66 -40.89
CA THR E 220 6.85 13.64 -41.95
C THR E 220 6.77 15.09 -41.47
N HIS E 221 6.14 15.30 -40.31
CA HIS E 221 5.99 16.64 -39.75
C HIS E 221 7.34 17.30 -39.48
N LYS E 222 7.47 18.56 -39.86
CA LYS E 222 8.76 19.23 -39.91
C LYS E 222 9.22 19.74 -38.53
N ARG E 223 8.31 19.74 -37.56
CA ARG E 223 8.68 20.12 -36.19
C ARG E 223 8.93 18.90 -35.31
N VAL E 224 9.14 17.74 -35.94
CA VAL E 224 9.64 16.56 -35.25
C VAL E 224 11.11 16.37 -35.58
N ALA E 225 11.95 16.24 -34.56
CA ALA E 225 13.40 16.24 -34.79
C ALA E 225 14.00 14.83 -34.97
N HIS E 226 13.28 13.82 -34.50
CA HIS E 226 13.79 12.45 -34.49
C HIS E 226 12.64 11.48 -34.32
N VAL E 227 12.72 10.34 -35.00
CA VAL E 227 11.79 9.25 -34.74
C VAL E 227 12.51 7.98 -34.30
N THR E 228 12.07 7.42 -33.19
CA THR E 228 12.59 6.14 -32.78
C THR E 228 11.47 5.15 -32.97
N PHE E 229 11.75 4.15 -33.79
CA PHE E 229 10.77 3.19 -34.24
C PHE E 229 11.17 1.78 -33.91
N THR E 230 10.22 0.99 -33.44
CA THR E 230 10.43 -0.44 -33.33
C THR E 230 9.30 -1.18 -34.04
N GLY E 231 9.65 -2.00 -35.04
CA GLY E 231 8.67 -2.82 -35.71
C GLY E 231 9.21 -3.70 -36.83
N GLU E 232 8.34 -4.01 -37.78
CA GLU E 232 8.74 -4.85 -38.89
C GLU E 232 9.69 -4.07 -39.78
N SER E 233 10.67 -4.77 -40.34
CA SER E 233 11.64 -4.14 -41.22
C SER E 233 11.02 -3.40 -42.41
N SER E 234 9.99 -3.96 -43.04
CA SER E 234 9.38 -3.28 -44.19
C SER E 234 8.83 -1.94 -43.74
N THR E 235 8.18 -1.94 -42.58
CA THR E 235 7.73 -0.70 -41.97
C THR E 235 8.88 0.27 -41.72
N GLY E 236 9.99 -0.24 -41.18
CA GLY E 236 11.20 0.57 -40.99
C GLY E 236 11.70 1.24 -42.26
N ARG E 237 11.77 0.48 -43.36
CA ARG E 237 12.19 1.05 -44.63
C ARG E 237 11.25 2.20 -45.04
N GLU E 238 9.95 1.98 -44.93
CA GLU E 238 8.98 3.01 -45.27
C GLU E 238 9.17 4.28 -44.43
N ILE E 239 9.40 4.10 -43.14
CA ILE E 239 9.59 5.22 -42.24
C ILE E 239 10.86 5.99 -42.55
N ALA E 240 11.95 5.25 -42.75
CA ALA E 240 13.24 5.87 -43.01
C ALA E 240 13.20 6.70 -44.29
N ALA E 241 12.39 6.26 -45.23
CA ALA E 241 12.22 6.95 -46.51
C ALA E 241 11.40 8.24 -46.37
N LYS E 242 10.23 8.13 -45.73
CA LYS E 242 9.43 9.31 -45.40
C LYS E 242 10.18 10.35 -44.56
N ALA E 243 10.90 9.88 -43.54
CA ALA E 243 11.63 10.75 -42.63
C ALA E 243 12.68 11.62 -43.35
N ALA E 244 13.10 11.17 -44.53
CA ALA E 244 14.18 11.84 -45.24
C ALA E 244 13.86 13.27 -45.73
N GLY E 245 12.59 13.54 -46.02
CA GLY E 245 12.20 14.83 -46.55
C GLY E 245 12.44 15.99 -45.60
N THR E 246 12.36 15.74 -44.30
CA THR E 246 12.64 16.79 -43.34
C THR E 246 14.00 16.65 -42.68
N LEU E 247 14.79 15.68 -43.12
CA LEU E 247 16.15 15.47 -42.63
C LEU E 247 16.24 15.15 -41.14
N LYS E 248 15.15 14.61 -40.59
CA LYS E 248 15.18 14.12 -39.21
C LYS E 248 15.90 12.77 -39.11
N THR E 249 16.54 12.52 -37.97
CA THR E 249 17.22 11.25 -37.71
C THR E 249 16.30 10.12 -37.30
N VAL E 250 16.79 8.89 -37.41
CA VAL E 250 15.95 7.74 -37.05
C VAL E 250 16.66 6.70 -36.22
N THR E 251 15.89 6.11 -35.31
CA THR E 251 16.34 4.93 -34.60
C THR E 251 15.41 3.82 -35.01
N LEU E 252 15.95 2.80 -35.66
CA LEU E 252 15.13 1.70 -36.17
C LEU E 252 15.46 0.37 -35.53
N GLU E 253 14.53 -0.13 -34.73
CA GLU E 253 14.64 -1.46 -34.13
C GLU E 253 13.77 -2.42 -34.93
N LEU E 254 14.35 -3.08 -35.92
CA LEU E 254 13.54 -3.89 -36.81
C LEU E 254 13.53 -5.36 -36.41
N GLY E 255 13.13 -6.23 -37.34
CA GLY E 255 12.93 -7.64 -37.05
C GLY E 255 14.16 -8.44 -36.67
N GLY E 256 13.96 -9.72 -36.37
CA GLY E 256 15.05 -10.62 -36.06
C GLY E 256 14.77 -12.08 -36.39
N SER E 257 15.83 -12.80 -36.75
CA SER E 257 15.79 -14.24 -36.92
C SER E 257 17.03 -14.87 -36.29
N ASP E 258 17.16 -14.76 -34.97
CA ASP E 258 18.43 -15.04 -34.33
C ASP E 258 18.73 -16.51 -34.23
N PRO E 259 20.00 -16.87 -34.49
CA PRO E 259 20.50 -18.25 -34.39
C PRO E 259 20.94 -18.59 -32.98
N LEU E 260 20.50 -19.75 -32.49
CA LEU E 260 21.05 -20.33 -31.29
C LEU E 260 21.91 -21.54 -31.70
N ILE E 261 23.22 -21.42 -31.50
CA ILE E 261 24.15 -22.44 -31.97
C ILE E 261 24.59 -23.31 -30.80
N ILE E 262 24.42 -24.62 -30.95
CA ILE E 262 24.77 -25.55 -29.89
C ILE E 262 25.89 -26.48 -30.33
N LEU E 263 26.98 -26.48 -29.58
CA LEU E 263 28.11 -27.35 -29.89
C LEU E 263 28.06 -28.67 -29.11
N ASP E 264 29.00 -29.57 -29.40
CA ASP E 264 28.94 -30.95 -28.92
C ASP E 264 29.45 -31.16 -27.50
N ASP E 265 30.15 -30.18 -26.94
CA ASP E 265 30.70 -30.30 -25.59
C ASP E 265 29.76 -29.80 -24.45
N VAL E 266 28.52 -29.46 -24.78
CA VAL E 266 27.60 -28.93 -23.76
C VAL E 266 26.96 -29.99 -22.89
N ASP E 267 26.42 -29.55 -21.75
CA ASP E 267 25.42 -30.29 -21.03
C ASP E 267 24.18 -30.24 -21.91
N VAL E 268 23.91 -31.33 -22.60
CA VAL E 268 22.89 -31.35 -23.62
C VAL E 268 21.47 -31.08 -23.08
N ASP E 269 21.14 -31.70 -21.96
CA ASP E 269 19.86 -31.46 -21.33
C ASP E 269 19.67 -29.98 -20.94
N TYR E 270 20.74 -29.31 -20.53
CA TYR E 270 20.67 -27.89 -20.20
C TYR E 270 20.47 -27.06 -21.45
N ALA E 271 21.13 -27.49 -22.52
CA ALA E 271 20.99 -26.81 -23.80
C ALA E 271 19.54 -26.86 -24.28
N ALA E 272 18.85 -27.91 -23.87
CA ALA E 272 17.47 -28.12 -24.28
C ALA E 272 16.56 -27.16 -23.54
N ARG E 273 16.67 -27.16 -22.21
CA ARG E 273 15.89 -26.25 -21.38
C ARG E 273 16.11 -24.79 -21.82
N LEU E 274 17.36 -24.45 -22.11
CA LEU E 274 17.69 -23.12 -22.56
C LEU E 274 17.03 -22.88 -23.91
N ALA E 275 17.32 -23.76 -24.87
CA ALA E 275 16.75 -23.66 -26.22
C ALA E 275 15.23 -23.48 -26.21
N VAL E 276 14.55 -24.22 -25.32
CA VAL E 276 13.10 -24.17 -25.28
C VAL E 276 12.63 -22.80 -24.82
N PHE E 277 13.27 -22.28 -23.79
CA PHE E 277 12.97 -20.95 -23.30
C PHE E 277 13.22 -19.86 -24.33
N ALA E 278 14.36 -19.93 -25.01
CA ALA E 278 14.77 -18.84 -25.89
C ALA E 278 13.95 -18.81 -27.18
N SER E 279 13.53 -19.99 -27.62
CA SER E 279 12.82 -20.13 -28.90
C SER E 279 11.32 -19.90 -28.80
N LEU E 280 10.74 -20.14 -27.62
CA LEU E 280 9.30 -20.23 -27.54
C LEU E 280 8.64 -19.33 -26.51
N PHE E 281 9.40 -18.70 -25.62
CA PHE E 281 8.82 -17.82 -24.60
C PHE E 281 7.97 -16.75 -25.26
N HIS E 282 6.82 -16.44 -24.65
CA HIS E 282 5.80 -15.54 -25.23
C HIS E 282 5.45 -15.95 -26.66
N GLN E 283 5.31 -17.26 -26.85
CA GLN E 283 4.85 -17.84 -28.12
C GLN E 283 5.80 -17.56 -29.29
N GLY E 284 7.08 -17.34 -29.00
CA GLY E 284 8.02 -16.98 -30.05
C GLY E 284 7.85 -15.54 -30.56
N GLN E 285 6.96 -14.78 -29.92
CA GLN E 285 6.69 -13.42 -30.35
C GLN E 285 7.65 -12.42 -29.72
N ILE E 286 8.95 -12.66 -29.92
CA ILE E 286 9.99 -11.80 -29.39
C ILE E 286 10.97 -11.57 -30.53
N CYS E 287 11.41 -10.34 -30.68
CA CYS E 287 12.26 -9.99 -31.81
C CYS E 287 13.64 -10.69 -31.74
N THR E 288 14.12 -10.91 -30.52
CA THR E 288 15.39 -11.58 -30.33
C THR E 288 15.21 -13.05 -29.98
N SER E 289 14.05 -13.59 -30.35
CA SER E 289 13.74 -14.99 -30.05
C SER E 289 14.74 -15.88 -30.76
N ALA E 290 15.08 -17.01 -30.15
CA ALA E 290 15.92 -17.98 -30.83
C ALA E 290 15.09 -18.63 -31.95
N LYS E 291 15.22 -18.09 -33.16
CA LYS E 291 14.28 -18.43 -34.24
C LYS E 291 14.80 -19.56 -35.15
N ARG E 292 16.11 -19.74 -35.16
CA ARG E 292 16.74 -20.78 -35.95
C ARG E 292 17.76 -21.50 -35.07
N ILE E 293 17.48 -22.77 -34.78
CA ILE E 293 18.32 -23.55 -33.88
C ILE E 293 19.31 -24.41 -34.65
N ILE E 294 20.58 -24.16 -34.44
CA ILE E 294 21.64 -24.84 -35.14
C ILE E 294 22.38 -25.77 -34.19
N VAL E 295 22.37 -27.08 -34.44
CA VAL E 295 22.98 -28.02 -33.49
C VAL E 295 24.03 -28.91 -34.13
N HIS E 296 25.13 -29.11 -33.42
CA HIS E 296 26.24 -29.88 -33.94
C HIS E 296 25.89 -31.35 -34.08
N LYS E 297 26.21 -31.91 -35.25
CA LYS E 297 26.04 -33.34 -35.59
C LYS E 297 26.07 -34.29 -34.40
N ALA E 298 27.12 -34.15 -33.58
CA ALA E 298 27.47 -35.14 -32.56
C ALA E 298 26.58 -35.14 -31.32
N VAL E 299 25.71 -34.15 -31.18
CA VAL E 299 24.74 -34.19 -30.08
C VAL E 299 23.34 -33.91 -30.59
N ALA E 300 23.18 -33.89 -31.91
CA ALA E 300 21.90 -33.51 -32.51
C ALA E 300 20.74 -34.38 -32.05
N ASP E 301 20.92 -35.70 -32.12
CA ASP E 301 19.88 -36.66 -31.72
C ASP E 301 19.43 -36.48 -30.27
N LYS E 302 20.40 -36.56 -29.36
CA LYS E 302 20.11 -36.41 -27.94
C LYS E 302 19.44 -35.06 -27.69
N PHE E 303 19.96 -34.03 -28.36
CA PHE E 303 19.44 -32.68 -28.16
C PHE E 303 17.99 -32.56 -28.62
N ILE E 304 17.71 -33.09 -29.82
CA ILE E 304 16.38 -33.03 -30.38
C ILE E 304 15.40 -33.77 -29.47
N GLU E 305 15.83 -34.91 -28.94
CA GLU E 305 14.99 -35.71 -28.07
C GLU E 305 14.61 -34.90 -26.83
N ARG E 306 15.61 -34.37 -26.15
CA ARG E 306 15.32 -33.62 -24.94
C ARG E 306 14.62 -32.28 -25.22
N TYR E 307 14.88 -31.70 -26.39
CA TYR E 307 14.18 -30.49 -26.74
C TYR E 307 12.70 -30.79 -26.87
N VAL E 308 12.41 -31.84 -27.64
CA VAL E 308 11.04 -32.27 -27.82
C VAL E 308 10.43 -32.64 -26.48
N HIS E 309 11.23 -33.26 -25.62
CA HIS E 309 10.73 -33.75 -24.35
C HIS E 309 10.17 -32.61 -23.51
N TYR E 310 10.87 -31.48 -23.46
CA TYR E 310 10.42 -30.36 -22.63
C TYR E 310 9.30 -29.57 -23.28
N VAL E 311 9.34 -29.42 -24.60
CA VAL E 311 8.25 -28.77 -25.33
C VAL E 311 6.91 -29.45 -25.03
N LYS E 312 6.95 -30.79 -24.94
CA LYS E 312 5.83 -31.61 -24.53
C LYS E 312 5.29 -31.12 -23.18
N MET E 313 6.19 -30.59 -22.35
CA MET E 313 5.81 -30.17 -21.00
C MET E 313 5.11 -28.83 -21.01
N LEU E 314 5.35 -28.02 -22.03
CA LEU E 314 4.78 -26.69 -22.11
C LEU E 314 3.27 -26.74 -22.08
N ARG E 315 2.66 -25.72 -21.52
CA ARG E 315 1.25 -25.74 -21.14
C ARG E 315 0.54 -24.52 -21.73
N ILE E 316 -0.33 -24.74 -22.71
CA ILE E 316 -0.98 -23.65 -23.40
C ILE E 316 -2.41 -23.50 -22.93
N ASP E 317 -2.76 -22.33 -22.43
CA ASP E 317 -4.05 -22.12 -21.79
C ASP E 317 -4.45 -20.65 -21.76
N ASP E 318 -5.59 -20.37 -21.14
CA ASP E 318 -5.98 -19.00 -20.83
C ASP E 318 -4.95 -18.39 -19.89
N PRO E 319 -4.27 -17.32 -20.33
CA PRO E 319 -3.25 -16.71 -19.48
C PRO E 319 -3.85 -16.01 -18.27
N ARG E 320 -5.18 -16.05 -18.14
CA ARG E 320 -5.86 -15.49 -16.97
C ARG E 320 -6.05 -16.52 -15.84
N LYS E 321 -5.90 -17.80 -16.16
CA LYS E 321 -6.20 -18.87 -15.19
C LYS E 321 -5.35 -18.74 -13.95
N ASP E 322 -4.07 -18.97 -14.14
CA ASP E 322 -3.15 -19.07 -13.04
C ASP E 322 -1.78 -18.61 -13.49
N GLU E 323 -0.86 -18.51 -12.53
CA GLU E 323 0.43 -17.93 -12.77
C GLU E 323 1.29 -18.79 -13.68
N LYS E 324 1.09 -20.09 -13.56
CA LYS E 324 2.04 -21.06 -14.12
C LYS E 324 1.72 -21.48 -15.56
N VAL E 325 0.85 -20.73 -16.25
CA VAL E 325 0.66 -20.95 -17.68
C VAL E 325 1.93 -20.57 -18.45
N ASP E 326 2.38 -21.46 -19.34
CA ASP E 326 3.61 -21.23 -20.11
C ASP E 326 3.38 -20.33 -21.32
N LEU E 327 2.45 -20.72 -22.19
CA LEU E 327 2.15 -19.94 -23.39
C LEU E 327 0.68 -19.57 -23.42
N GLY E 328 0.40 -18.40 -23.97
CA GLY E 328 -0.97 -17.96 -24.25
C GLY E 328 -1.13 -17.95 -25.76
N PRO E 329 -2.03 -17.09 -26.26
CA PRO E 329 -2.32 -17.03 -27.71
C PRO E 329 -1.42 -16.08 -28.46
N LEU E 330 -1.59 -16.07 -29.77
CA LEU E 330 -0.98 -15.06 -30.61
C LEU E 330 -1.89 -13.87 -30.52
N ILE E 331 -1.46 -12.75 -31.10
CA ILE E 331 -2.17 -11.50 -30.86
C ILE E 331 -3.49 -11.44 -31.64
N ASN E 332 -3.56 -12.16 -32.76
CA ASN E 332 -4.79 -12.22 -33.54
C ASN E 332 -4.82 -13.34 -34.60
N GLU E 333 -5.99 -13.50 -35.22
CA GLU E 333 -6.24 -14.49 -36.28
C GLU E 333 -5.22 -14.46 -37.44
N ARG E 334 -4.78 -13.27 -37.84
CA ARG E 334 -3.83 -13.15 -38.94
C ARG E 334 -2.49 -13.80 -38.56
N GLN E 335 -2.14 -13.73 -37.28
CA GLN E 335 -0.91 -14.39 -36.82
C GLN E 335 -1.03 -15.92 -36.94
N VAL E 336 -2.14 -16.49 -36.46
CA VAL E 336 -2.39 -17.92 -36.63
C VAL E 336 -2.36 -18.31 -38.11
N ALA E 337 -2.98 -17.48 -38.94
CA ALA E 337 -3.02 -17.70 -40.39
C ALA E 337 -1.61 -17.83 -40.98
N LEU E 338 -0.70 -16.97 -40.52
CA LEU E 338 0.65 -16.97 -41.04
C LEU E 338 1.42 -18.17 -40.52
N MET E 339 1.19 -18.48 -39.25
CA MET E 339 1.84 -19.61 -38.64
C MET E 339 1.44 -20.86 -39.41
N LYS E 340 0.14 -20.97 -39.68
CA LYS E 340 -0.38 -22.07 -40.52
C LYS E 340 0.35 -22.17 -41.85
N GLU E 341 0.51 -21.04 -42.55
CA GLU E 341 1.27 -21.01 -43.81
C GLU E 341 2.69 -21.54 -43.64
N PHE E 342 3.38 -21.07 -42.60
CA PHE E 342 4.75 -21.49 -42.35
C PHE E 342 4.83 -23.00 -42.16
N VAL E 343 3.87 -23.56 -41.43
CA VAL E 343 3.84 -25.00 -41.16
C VAL E 343 3.53 -25.81 -42.41
N ASP E 344 2.49 -25.39 -43.13
CA ASP E 344 2.13 -26.02 -44.40
C ASP E 344 3.30 -25.96 -45.38
N ASP E 345 4.02 -24.83 -45.37
CA ASP E 345 5.10 -24.66 -46.34
C ASP E 345 6.22 -25.66 -46.08
N ALA E 346 6.51 -25.93 -44.81
CA ALA E 346 7.62 -26.80 -44.47
C ALA E 346 7.25 -28.28 -44.57
N VAL E 347 5.97 -28.59 -44.39
CA VAL E 347 5.51 -29.97 -44.59
C VAL E 347 5.62 -30.32 -46.08
N SER E 348 5.06 -29.44 -46.91
CA SER E 348 5.15 -29.51 -48.35
C SER E 348 6.58 -29.71 -48.89
N ARG E 349 7.56 -29.10 -48.24
CA ARG E 349 8.92 -29.09 -48.78
C ARG E 349 9.76 -30.30 -48.37
N GLY E 350 9.20 -31.17 -47.54
CA GLY E 350 9.88 -32.39 -47.16
C GLY E 350 10.30 -32.46 -45.71
N GLY E 351 9.85 -31.48 -44.93
CA GLY E 351 10.29 -31.34 -43.56
C GLY E 351 9.56 -32.21 -42.56
N ARG E 352 10.26 -32.62 -41.51
CA ARG E 352 9.68 -33.49 -40.51
C ARG E 352 9.16 -32.73 -39.28
N LEU E 353 7.84 -32.71 -39.11
CA LEU E 353 7.22 -32.10 -37.95
C LEU E 353 7.35 -32.99 -36.72
N LEU E 354 8.37 -32.73 -35.91
CA LEU E 354 8.62 -33.50 -34.69
C LEU E 354 7.46 -33.48 -33.70
N ILE E 355 6.75 -32.35 -33.60
CA ILE E 355 5.73 -32.19 -32.57
C ILE E 355 4.92 -30.90 -32.76
N GLY E 356 3.66 -30.93 -32.28
CA GLY E 356 2.80 -29.77 -32.22
C GLY E 356 2.07 -29.42 -33.50
N GLY E 357 1.52 -28.21 -33.53
CA GLY E 357 0.94 -27.66 -34.74
C GLY E 357 -0.56 -27.44 -34.65
N ARG E 358 -1.12 -27.72 -33.48
CA ARG E 358 -2.56 -27.57 -33.31
C ARG E 358 -2.93 -26.09 -33.11
N SER E 359 -4.10 -25.71 -33.59
CA SER E 359 -4.58 -24.34 -33.39
C SER E 359 -6.05 -24.32 -33.04
N TRP E 360 -6.43 -23.31 -32.28
CA TRP E 360 -7.81 -23.04 -31.96
C TRP E 360 -7.91 -21.58 -31.57
N GLY E 361 -8.93 -20.90 -32.06
CA GLY E 361 -9.05 -19.46 -31.83
C GLY E 361 -7.75 -18.78 -32.15
N ASN E 362 -7.27 -17.96 -31.24
CA ASN E 362 -5.97 -17.35 -31.46
C ASN E 362 -4.79 -18.15 -30.90
N PHE E 363 -5.03 -19.40 -30.52
CA PHE E 363 -3.97 -20.24 -29.97
C PHE E 363 -3.27 -21.10 -31.00
N PHE E 364 -1.96 -21.25 -30.84
CA PHE E 364 -1.15 -22.02 -31.77
C PHE E 364 -0.05 -22.77 -31.02
N GLU E 365 -0.18 -24.09 -30.95
CA GLU E 365 0.82 -24.95 -30.34
C GLU E 365 2.15 -24.78 -31.06
N PRO E 366 3.25 -24.76 -30.29
CA PRO E 366 4.58 -24.75 -30.88
C PRO E 366 4.76 -25.87 -31.88
N ALA E 367 5.20 -25.56 -33.09
CA ALA E 367 5.49 -26.59 -34.07
C ALA E 367 6.99 -26.59 -34.40
N ILE E 368 7.63 -27.72 -34.14
CA ILE E 368 9.07 -27.85 -34.29
C ILE E 368 9.38 -28.71 -35.52
N PHE E 369 10.37 -28.29 -36.31
CA PHE E 369 10.74 -29.01 -37.54
C PHE E 369 12.23 -29.41 -37.61
N VAL E 370 12.51 -30.49 -38.35
CA VAL E 370 13.86 -30.87 -38.75
C VAL E 370 13.88 -31.24 -40.22
N ASP E 371 15.08 -31.56 -40.71
CA ASP E 371 15.31 -31.84 -42.12
C ASP E 371 14.73 -30.72 -42.93
N VAL E 372 15.35 -29.56 -42.82
CA VAL E 372 14.94 -28.40 -43.59
C VAL E 372 16.13 -28.02 -44.44
N ASP E 373 15.92 -27.13 -45.39
CA ASP E 373 17.05 -26.52 -46.08
C ASP E 373 16.78 -25.02 -46.17
N ARG E 374 17.72 -24.29 -46.74
CA ARG E 374 17.67 -22.84 -46.74
C ARG E 374 16.53 -22.24 -47.57
N ASN E 375 15.74 -23.08 -48.24
CA ASN E 375 14.68 -22.55 -49.08
C ASN E 375 13.33 -22.55 -48.37
N PHE E 376 13.28 -23.14 -47.17
CA PHE E 376 12.05 -23.14 -46.37
C PHE E 376 11.71 -21.72 -45.94
N ARG E 377 10.42 -21.42 -45.82
CA ARG E 377 10.01 -20.09 -45.38
C ARG E 377 10.50 -19.81 -43.96
N ILE E 378 10.45 -20.80 -43.06
CA ILE E 378 10.94 -20.62 -41.70
C ILE E 378 12.47 -20.57 -41.61
N MET E 379 13.13 -20.45 -42.76
CA MET E 379 14.55 -20.14 -42.74
C MET E 379 14.82 -18.80 -43.42
N ARG E 380 13.92 -18.36 -44.30
CA ARG E 380 14.15 -17.15 -45.06
C ARG E 380 13.47 -15.92 -44.48
N GLU E 381 12.50 -16.14 -43.61
CA GLU E 381 11.68 -15.05 -43.06
C GLU E 381 11.69 -15.05 -41.52
N GLU E 382 11.41 -13.89 -40.94
CA GLU E 382 11.16 -13.85 -39.51
C GLU E 382 9.86 -14.56 -39.20
N VAL E 383 9.95 -15.60 -38.39
CA VAL E 383 8.76 -16.32 -37.95
C VAL E 383 8.38 -15.79 -36.57
N PHE E 384 7.41 -14.88 -36.54
CA PHE E 384 7.05 -14.20 -35.29
C PHE E 384 5.97 -14.95 -34.54
N GLY E 385 6.29 -16.18 -34.18
CA GLY E 385 5.35 -17.06 -33.53
C GLY E 385 6.10 -18.34 -33.26
N PRO E 386 5.41 -19.32 -32.70
CA PRO E 386 6.03 -20.54 -32.15
C PRO E 386 6.28 -21.65 -33.19
N VAL E 387 6.84 -21.30 -34.34
CA VAL E 387 7.25 -22.31 -35.31
C VAL E 387 8.75 -22.29 -35.42
N ARG E 388 9.40 -23.41 -35.12
CA ARG E 388 10.86 -23.39 -35.09
C ARG E 388 11.51 -24.56 -35.84
N PRO E 389 12.48 -24.24 -36.71
CA PRO E 389 13.32 -25.23 -37.39
C PRO E 389 14.57 -25.60 -36.58
N ILE E 390 14.91 -26.88 -36.52
CA ILE E 390 16.21 -27.30 -36.00
C ILE E 390 17.11 -27.73 -37.15
N VAL E 391 18.30 -27.17 -37.24
CA VAL E 391 19.24 -27.48 -38.30
C VAL E 391 20.48 -28.10 -37.71
N VAL E 392 20.84 -29.27 -38.25
CA VAL E 392 21.99 -30.03 -37.77
C VAL E 392 23.20 -29.75 -38.68
N VAL E 393 24.34 -29.40 -38.10
CA VAL E 393 25.53 -29.15 -38.91
C VAL E 393 26.67 -30.07 -38.51
N GLU E 394 27.74 -30.06 -39.29
CA GLU E 394 28.85 -30.98 -39.08
C GLU E 394 30.05 -30.36 -38.40
N ASN E 395 30.25 -29.06 -38.59
CA ASN E 395 31.35 -28.35 -37.94
C ASN E 395 30.99 -26.90 -37.65
N ASP E 396 31.86 -26.24 -36.89
CA ASP E 396 31.58 -24.89 -36.43
C ASP E 396 31.43 -23.96 -37.64
N ASP E 397 32.20 -24.21 -38.69
CA ASP E 397 32.10 -23.41 -39.90
C ASP E 397 30.70 -23.47 -40.49
N GLN E 398 30.11 -24.66 -40.60
CA GLN E 398 28.75 -24.76 -41.13
C GLN E 398 27.76 -24.08 -40.20
N ALA E 399 28.01 -24.22 -38.90
CA ALA E 399 27.21 -23.54 -37.90
C ALA E 399 27.15 -22.03 -38.17
N VAL E 400 28.29 -21.45 -38.54
CA VAL E 400 28.33 -20.03 -38.82
C VAL E 400 27.72 -19.70 -40.18
N GLU E 401 28.08 -20.49 -41.21
CA GLU E 401 27.58 -20.28 -42.57
C GLU E 401 26.07 -20.18 -42.53
N VAL E 402 25.46 -21.08 -41.77
CA VAL E 402 24.01 -21.18 -41.67
C VAL E 402 23.49 -20.05 -40.84
N ALA E 403 24.16 -19.75 -39.72
CA ALA E 403 23.73 -18.66 -38.85
C ALA E 403 23.64 -17.36 -39.64
N ASN E 404 24.63 -17.12 -40.49
CA ASN E 404 24.67 -15.87 -41.23
C ASN E 404 23.87 -15.91 -42.52
N ASP E 405 23.26 -17.05 -42.81
CA ASP E 405 22.45 -17.19 -44.02
C ASP E 405 21.04 -16.62 -43.81
N THR E 406 20.96 -15.32 -43.58
CA THR E 406 19.70 -14.64 -43.32
C THR E 406 19.87 -13.16 -43.59
N ASP E 407 18.77 -12.47 -43.80
CA ASP E 407 18.82 -11.03 -44.05
C ASP E 407 18.93 -10.26 -42.74
N TYR E 408 18.53 -10.93 -41.66
CA TYR E 408 18.50 -10.31 -40.35
C TYR E 408 19.87 -10.40 -39.69
N GLY E 409 20.06 -9.62 -38.63
CA GLY E 409 21.32 -9.59 -37.91
C GLY E 409 21.15 -8.87 -36.60
N LEU E 410 20.18 -9.34 -35.81
CA LEU E 410 19.84 -8.71 -34.55
C LEU E 410 20.70 -9.25 -33.44
N SER E 411 20.29 -10.39 -32.89
CA SER E 411 21.05 -11.05 -31.84
C SER E 411 21.40 -12.49 -32.26
N GLY E 412 21.93 -13.27 -31.32
CA GLY E 412 22.56 -14.53 -31.61
C GLY E 412 23.25 -15.07 -30.36
N ALA E 413 23.45 -16.37 -30.30
CA ALA E 413 24.05 -16.98 -29.13
C ALA E 413 24.67 -18.34 -29.45
N VAL E 414 25.66 -18.73 -28.66
CA VAL E 414 26.24 -20.05 -28.83
C VAL E 414 26.36 -20.72 -27.44
N LEU E 415 26.08 -22.03 -27.38
CA LEU E 415 26.34 -22.78 -26.14
C LEU E 415 27.53 -23.71 -26.34
N THR E 416 28.57 -23.52 -25.53
CA THR E 416 29.76 -24.35 -25.58
C THR E 416 30.55 -24.13 -24.30
N ASN E 417 31.54 -24.98 -24.04
CA ASN E 417 32.45 -24.77 -22.91
C ASN E 417 33.89 -24.51 -23.40
N ASN E 418 34.08 -24.55 -24.71
CA ASN E 418 35.38 -24.28 -25.30
C ASN E 418 35.60 -22.76 -25.54
N VAL E 419 36.59 -22.18 -24.85
CA VAL E 419 36.77 -20.74 -24.92
C VAL E 419 37.10 -20.28 -26.34
N ASN E 420 37.84 -21.08 -27.11
CA ASN E 420 38.16 -20.67 -28.49
C ASN E 420 36.95 -20.77 -29.44
N ARG E 421 36.18 -21.84 -29.31
CA ARG E 421 35.03 -22.03 -30.18
C ARG E 421 33.99 -20.95 -29.91
N ALA E 422 33.78 -20.64 -28.63
CA ALA E 422 32.88 -19.57 -28.28
C ALA E 422 33.24 -18.22 -28.93
N PHE E 423 34.52 -17.87 -28.92
CA PHE E 423 34.90 -16.54 -29.41
C PHE E 423 34.98 -16.46 -30.93
N ARG E 424 35.41 -17.54 -31.57
CA ARG E 424 35.56 -17.52 -33.00
C ARG E 424 34.19 -17.47 -33.64
N ILE E 425 33.25 -18.21 -33.05
CA ILE E 425 31.86 -18.19 -33.50
C ILE E 425 31.23 -16.82 -33.23
N ALA E 426 31.45 -16.26 -32.06
CA ALA E 426 30.93 -14.92 -31.78
C ALA E 426 31.49 -13.91 -32.79
N GLU E 427 32.81 -13.93 -33.01
CA GLU E 427 33.43 -13.00 -33.96
C GLU E 427 32.87 -13.15 -35.38
N ALA E 428 32.35 -14.33 -35.69
CA ALA E 428 31.98 -14.66 -37.06
C ALA E 428 30.51 -14.45 -37.36
N VAL E 429 29.66 -14.66 -36.36
CA VAL E 429 28.24 -14.36 -36.54
C VAL E 429 28.08 -12.86 -36.77
N GLU E 430 27.19 -12.51 -37.71
CA GLU E 430 26.92 -11.12 -38.05
C GLU E 430 25.64 -10.69 -37.34
N SER E 431 25.80 -10.16 -36.13
CA SER E 431 24.66 -9.74 -35.32
C SER E 431 25.06 -8.47 -34.56
N GLY E 432 24.07 -7.69 -34.15
CA GLY E 432 24.34 -6.47 -33.40
C GLY E 432 24.57 -6.79 -31.93
N MET E 433 24.14 -7.99 -31.56
CA MET E 433 24.24 -8.45 -30.19
C MET E 433 24.64 -9.92 -30.23
N PHE E 434 25.39 -10.38 -29.23
CA PHE E 434 25.68 -11.80 -29.13
C PHE E 434 25.90 -12.25 -27.69
N HIS E 435 25.50 -13.49 -27.39
CA HIS E 435 25.61 -14.00 -26.03
C HIS E 435 26.21 -15.41 -25.99
N ILE E 436 27.34 -15.54 -25.31
CA ILE E 436 27.94 -16.84 -25.10
C ILE E 436 27.35 -17.48 -23.83
N ASN E 437 26.74 -18.66 -24.00
CA ASN E 437 26.16 -19.47 -22.90
C ASN E 437 24.99 -18.79 -22.19
N ASP E 438 24.11 -18.24 -23.01
CA ASP E 438 22.89 -17.61 -22.52
C ASP E 438 21.92 -17.42 -23.68
N VAL E 439 20.69 -17.04 -23.36
CA VAL E 439 19.66 -16.93 -24.38
C VAL E 439 19.88 -15.76 -25.35
N THR E 440 19.22 -15.83 -26.49
CA THR E 440 19.28 -14.78 -27.49
C THR E 440 18.64 -13.45 -27.06
N PHE E 441 17.64 -13.49 -26.18
CA PHE E 441 16.89 -12.28 -25.86
C PHE E 441 17.32 -11.72 -24.51
N LEU E 442 18.54 -12.01 -24.12
CA LEU E 442 19.13 -11.33 -22.99
C LEU E 442 19.01 -9.82 -23.20
N GLU E 443 18.69 -9.11 -22.14
CA GLU E 443 18.53 -7.68 -22.26
C GLU E 443 18.75 -6.97 -20.94
N GLU E 444 19.51 -5.88 -20.96
CA GLU E 444 19.70 -5.07 -19.76
C GLU E 444 19.24 -3.64 -20.06
N SER E 445 18.93 -2.88 -19.02
CA SER E 445 18.35 -1.53 -19.19
C SER E 445 19.30 -0.51 -19.81
N HIS E 446 20.61 -0.75 -19.69
CA HIS E 446 21.61 0.25 -20.02
C HIS E 446 22.61 -0.19 -21.08
N VAL E 447 22.38 -1.32 -21.72
CA VAL E 447 23.30 -1.81 -22.77
C VAL E 447 22.85 -1.42 -24.16
N PRO E 448 23.79 -1.37 -25.11
CA PRO E 448 23.33 -0.97 -26.46
C PRO E 448 22.48 -2.08 -27.10
N PHE E 449 21.17 -1.91 -27.07
CA PHE E 449 20.30 -2.82 -27.76
C PHE E 449 20.07 -2.37 -29.21
N GLY E 450 20.31 -3.27 -30.16
CA GLY E 450 20.12 -2.94 -31.56
C GLY E 450 20.75 -3.94 -32.52
N GLY E 451 20.46 -3.78 -33.82
CA GLY E 451 20.90 -4.72 -34.84
C GLY E 451 21.72 -4.15 -35.99
N ILE E 452 22.22 -5.04 -36.84
CA ILE E 452 22.83 -4.66 -38.11
C ILE E 452 22.02 -5.30 -39.23
N LYS E 453 22.54 -5.21 -40.46
CA LYS E 453 21.84 -5.71 -41.66
C LYS E 453 20.38 -5.26 -41.66
N ALA E 454 19.43 -6.21 -41.80
CA ALA E 454 18.00 -5.84 -41.91
C ALA E 454 17.34 -5.55 -40.57
N SER E 455 18.05 -5.81 -39.48
CA SER E 455 17.47 -5.75 -38.14
C SER E 455 17.46 -4.33 -37.58
N GLY E 456 18.05 -3.39 -38.32
CA GLY E 456 17.82 -1.98 -38.03
C GLY E 456 19.03 -1.08 -38.04
N VAL E 457 18.87 0.05 -37.36
CA VAL E 457 19.85 1.13 -37.36
C VAL E 457 19.83 1.81 -36.00
N GLY E 458 21.00 1.93 -35.37
CA GLY E 458 21.10 2.57 -34.07
C GLY E 458 21.05 1.67 -32.84
N ARG E 459 21.18 2.27 -31.66
CA ARG E 459 21.17 1.51 -30.40
C ARG E 459 20.35 2.19 -29.30
N GLU E 460 19.74 1.40 -28.43
CA GLU E 460 18.93 1.94 -27.35
C GLU E 460 19.27 1.25 -26.04
N GLY E 461 19.19 2.02 -24.96
CA GLY E 461 19.56 1.53 -23.65
C GLY E 461 20.51 2.52 -23.02
N GLY E 462 20.10 3.06 -21.87
CA GLY E 462 20.91 4.00 -21.13
C GLY E 462 21.51 5.07 -22.02
N GLU E 463 22.83 5.21 -21.94
CA GLU E 463 23.52 6.26 -22.67
C GLU E 463 23.33 6.14 -24.18
N TRP E 464 23.08 4.92 -24.67
CA TRP E 464 22.96 4.71 -26.12
C TRP E 464 21.71 5.35 -26.66
N SER E 465 20.63 5.27 -25.88
CA SER E 465 19.41 6.00 -26.15
C SER E 465 19.67 7.50 -26.19
N PHE E 466 20.50 7.96 -25.25
CA PHE E 466 20.81 9.37 -25.13
C PHE E 466 21.55 9.86 -26.37
N HIS E 467 22.50 9.09 -26.89
CA HIS E 467 23.16 9.45 -28.15
C HIS E 467 22.15 9.66 -29.27
N GLU E 468 21.17 8.75 -29.34
CA GLU E 468 20.17 8.73 -30.41
C GLU E 468 19.35 9.99 -30.42
N THR E 469 19.00 10.49 -29.23
CA THR E 469 18.12 11.63 -29.16
C THR E 469 18.84 12.88 -28.65
N THR E 470 20.14 12.95 -28.94
CA THR E 470 20.92 14.15 -28.69
C THR E 470 21.82 14.38 -29.85
N TYR E 471 22.43 15.55 -29.86
CA TYR E 471 23.49 15.79 -30.81
C TYR E 471 24.65 16.47 -30.09
N ASP E 472 25.84 16.32 -30.66
CA ASP E 472 27.04 16.92 -30.11
C ASP E 472 27.26 18.32 -30.65
N ARG E 473 27.48 19.31 -29.77
CA ARG E 473 27.71 20.65 -30.28
C ARG E 473 29.08 21.19 -29.89
N TRP E 474 29.93 21.30 -30.91
CA TRP E 474 31.26 21.87 -30.76
C TRP E 474 31.14 23.38 -30.50
N VAL E 475 31.67 23.82 -29.36
CA VAL E 475 31.71 25.25 -29.06
C VAL E 475 33.11 25.69 -28.64
N THR E 476 33.57 26.79 -29.21
CA THR E 476 34.91 27.31 -28.94
C THR E 476 34.94 28.77 -28.49
N VAL E 477 35.96 29.10 -27.73
CA VAL E 477 36.22 30.48 -27.36
C VAL E 477 37.68 30.77 -27.71
N THR E 478 37.89 31.88 -28.41
CA THR E 478 39.20 32.30 -28.91
C THR E 478 39.67 33.56 -28.17
N LEU E 479 40.84 33.48 -27.53
CA LEU E 479 41.20 34.49 -26.54
C LEU E 479 42.28 35.47 -26.98
N ARG E 480 42.92 35.21 -28.11
CA ARG E 480 43.84 36.18 -28.72
C ARG E 480 43.18 36.67 -30.00
N THR E 481 43.68 37.78 -30.54
CA THR E 481 43.23 38.20 -31.86
C THR E 481 44.22 37.69 -32.87
N ARG E 482 43.81 37.55 -34.13
CA ARG E 482 44.75 37.12 -35.16
C ARG E 482 44.65 37.96 -36.41
N ARG E 483 45.65 37.84 -37.27
CA ARG E 483 45.65 38.57 -38.53
C ARG E 483 44.96 37.65 -39.54
N PHE E 484 44.40 38.22 -40.60
CA PHE E 484 43.71 37.41 -41.62
C PHE E 484 44.40 37.51 -42.95
N PRO E 485 44.23 36.49 -43.79
CA PRO E 485 44.82 36.47 -45.14
C PRO E 485 44.21 37.46 -46.15
N ILE E 486 42.94 37.82 -46.03
CA ILE E 486 42.35 38.79 -46.95
C ILE E 486 41.81 39.99 -46.19
N PRO E 487 42.03 41.20 -46.73
CA PRO E 487 42.79 41.51 -47.95
C PRO E 487 44.30 41.45 -47.75
N SER E 488 44.99 40.81 -48.68
CA SER E 488 46.44 40.66 -48.64
C SER E 488 47.20 41.98 -48.55
N ALA E 489 46.54 43.08 -48.96
CA ALA E 489 47.17 44.41 -48.89
C ALA E 489 47.36 44.94 -47.45
N LEU E 490 47.14 44.10 -46.46
CA LEU E 490 47.29 44.50 -45.06
C LEU E 490 48.36 43.65 -44.35
N LYS E 491 49.00 44.19 -43.30
N VAL F 9 43.92 10.58 -66.97
CA VAL F 9 43.05 10.52 -65.79
C VAL F 9 41.99 9.43 -65.89
N ALA F 10 41.90 8.55 -64.89
CA ALA F 10 40.94 7.46 -64.99
C ALA F 10 40.36 7.02 -63.65
N ASN F 11 39.43 6.07 -63.70
CA ASN F 11 38.94 5.38 -62.51
C ASN F 11 40.02 4.51 -61.86
N TYR F 12 39.95 4.33 -60.54
CA TYR F 12 40.86 3.41 -59.85
C TYR F 12 40.03 2.34 -59.16
N ILE F 13 40.07 1.12 -59.70
CA ILE F 13 39.29 0.01 -59.12
C ILE F 13 40.14 -1.25 -58.92
N ASN F 14 40.05 -1.81 -57.71
CA ASN F 14 40.73 -3.04 -57.34
C ASN F 14 42.23 -3.02 -57.59
N GLY F 15 42.88 -1.89 -57.31
CA GLY F 15 44.31 -1.78 -57.43
C GLY F 15 44.81 -1.34 -58.80
N GLU F 16 43.89 -1.17 -59.74
CA GLU F 16 44.24 -0.80 -61.11
C GLU F 16 43.54 0.47 -61.60
N PHE F 17 44.27 1.33 -62.31
CA PHE F 17 43.61 2.41 -63.04
C PHE F 17 42.93 1.84 -64.28
N LYS F 18 41.62 2.03 -64.36
CA LYS F 18 40.83 1.47 -65.44
C LYS F 18 40.03 2.55 -66.17
N GLU F 19 39.91 2.42 -67.48
CA GLU F 19 39.06 3.31 -68.25
C GLU F 19 37.62 2.92 -67.95
N PRO F 20 36.69 3.89 -68.07
CA PRO F 20 35.29 3.60 -67.76
C PRO F 20 34.75 2.52 -68.69
N SER F 21 33.96 1.61 -68.14
CA SER F 21 33.38 0.53 -68.92
C SER F 21 32.76 1.04 -70.23
N THR F 22 32.11 2.19 -70.15
CA THR F 22 31.31 2.70 -71.27
C THR F 22 32.15 3.52 -72.27
N GLY F 23 33.45 3.58 -72.03
CA GLY F 23 34.34 4.34 -72.89
C GLY F 23 34.05 5.84 -72.93
N ALA F 24 32.97 6.27 -72.29
CA ALA F 24 32.57 7.67 -72.35
C ALA F 24 33.56 8.59 -71.61
N PHE F 25 33.93 9.68 -72.26
CA PHE F 25 34.76 10.70 -71.63
C PHE F 25 34.12 12.08 -71.76
N GLN F 26 34.54 13.00 -70.91
CA GLN F 26 34.11 14.38 -71.02
C GLN F 26 35.30 15.25 -70.66
N VAL F 27 35.27 16.52 -71.04
CA VAL F 27 36.39 17.41 -70.76
C VAL F 27 36.12 18.33 -69.58
N LYS F 28 36.99 18.27 -68.57
CA LYS F 28 36.99 19.26 -67.51
C LYS F 28 37.66 20.52 -68.03
N THR F 29 37.08 21.67 -67.75
CA THR F 29 37.76 22.91 -68.13
C THR F 29 38.14 23.71 -66.89
N SER F 30 38.94 24.75 -67.11
CA SER F 30 39.34 25.63 -66.04
C SER F 30 38.34 26.78 -65.87
N PRO F 31 37.94 27.04 -64.62
CA PRO F 31 37.05 28.17 -64.35
C PRO F 31 37.74 29.52 -64.53
N VAL F 32 39.06 29.52 -64.66
CA VAL F 32 39.79 30.77 -64.77
C VAL F 32 39.80 31.32 -66.19
N ASP F 33 39.91 30.43 -67.17
CA ASP F 33 39.95 30.85 -68.57
C ASP F 33 39.21 29.92 -69.52
N GLY F 34 38.62 28.85 -68.99
CA GLY F 34 37.85 27.96 -69.83
C GLY F 34 38.67 26.95 -70.59
N SER F 35 39.99 27.06 -70.47
CA SER F 35 40.95 26.18 -71.13
C SER F 35 40.77 24.70 -70.76
N LYS F 36 41.41 23.83 -71.53
CA LYS F 36 41.23 22.40 -71.37
C LYS F 36 42.23 21.89 -70.34
N ILE F 37 41.73 21.19 -69.32
CA ILE F 37 42.56 20.67 -68.22
C ILE F 37 42.86 19.16 -68.35
N ALA F 38 41.81 18.37 -68.56
CA ALA F 38 41.97 16.94 -68.78
C ALA F 38 40.69 16.31 -69.34
N GLU F 39 40.83 15.16 -69.98
CA GLU F 39 39.65 14.36 -70.29
C GLU F 39 39.51 13.35 -69.18
N VAL F 40 38.31 13.31 -68.61
CA VAL F 40 38.06 12.49 -67.44
C VAL F 40 36.95 11.52 -67.76
N PRO F 41 36.90 10.41 -67.02
CA PRO F 41 35.79 9.45 -67.18
C PRO F 41 34.40 10.09 -67.11
N ARG F 42 33.46 9.42 -67.77
CA ARG F 42 32.03 9.67 -67.61
C ARG F 42 31.44 8.30 -67.34
N SER F 43 31.73 7.78 -66.15
CA SER F 43 31.48 6.38 -65.80
C SER F 43 30.00 6.11 -65.57
N GLY F 44 29.63 4.84 -65.44
CA GLY F 44 28.24 4.47 -65.29
C GLY F 44 27.97 3.52 -64.14
N ARG F 45 26.77 2.96 -64.10
CA ARG F 45 26.40 2.08 -63.00
C ARG F 45 27.28 0.84 -62.91
N GLU F 46 27.75 0.34 -64.04
CA GLU F 46 28.59 -0.87 -64.01
C GLU F 46 29.92 -0.59 -63.33
N ASP F 47 30.50 0.57 -63.61
CA ASP F 47 31.77 0.94 -63.00
C ASP F 47 31.62 0.95 -61.46
N ALA F 48 30.52 1.54 -61.00
CA ALA F 48 30.22 1.59 -59.58
C ALA F 48 30.12 0.19 -58.99
N ARG F 49 29.41 -0.68 -59.70
CA ARG F 49 29.17 -2.06 -59.27
C ARG F 49 30.48 -2.82 -59.15
N GLU F 50 31.43 -2.47 -60.00
CA GLU F 50 32.71 -3.14 -60.06
C GLU F 50 33.56 -2.70 -58.88
N ALA F 51 33.41 -1.44 -58.49
CA ALA F 51 34.15 -0.93 -57.34
C ALA F 51 33.51 -1.44 -56.04
N ILE F 52 32.18 -1.43 -55.98
CA ILE F 52 31.51 -1.89 -54.79
C ILE F 52 31.89 -3.35 -54.52
N ASP F 53 31.90 -4.16 -55.57
CA ASP F 53 32.27 -5.56 -55.44
C ASP F 53 33.73 -5.69 -54.96
N SER F 54 34.63 -4.90 -55.52
CA SER F 54 36.02 -4.88 -55.06
C SER F 54 36.13 -4.66 -53.56
N ALA F 55 35.62 -3.51 -53.12
CA ALA F 55 35.68 -3.10 -51.74
C ALA F 55 35.02 -4.13 -50.82
N PHE F 56 34.00 -4.79 -51.33
CA PHE F 56 33.29 -5.77 -50.53
C PHE F 56 34.15 -7.00 -50.25
N GLU F 57 34.95 -7.38 -51.24
CA GLU F 57 35.77 -8.56 -51.14
C GLU F 57 37.12 -8.25 -50.49
N ALA F 58 37.57 -7.01 -50.60
CA ALA F 58 38.77 -6.56 -49.91
C ALA F 58 38.52 -6.38 -48.41
N LEU F 59 37.25 -6.37 -48.03
CA LEU F 59 36.83 -5.94 -46.71
C LEU F 59 37.33 -6.81 -45.56
N LYS F 60 37.02 -8.11 -45.63
CA LYS F 60 37.28 -9.02 -44.53
C LYS F 60 38.75 -8.99 -44.09
N ALA F 61 39.65 -9.02 -45.07
CA ALA F 61 41.07 -8.96 -44.79
C ALA F 61 41.50 -7.59 -44.20
N TRP F 62 40.82 -6.53 -44.62
CA TRP F 62 41.18 -5.17 -44.19
C TRP F 62 40.61 -4.83 -42.81
N ALA F 63 39.47 -5.42 -42.47
CA ALA F 63 38.84 -5.15 -41.18
C ALA F 63 39.50 -5.92 -40.05
N ASN F 64 40.00 -7.11 -40.37
CA ASN F 64 40.43 -8.06 -39.35
C ASN F 64 41.92 -8.13 -39.14
N ILE F 65 42.68 -7.24 -39.76
CA ILE F 65 44.07 -7.06 -39.36
C ILE F 65 44.09 -6.09 -38.19
N PRO F 66 45.11 -6.17 -37.33
CA PRO F 66 45.23 -5.23 -36.20
C PRO F 66 45.20 -3.77 -36.63
N ALA F 67 44.65 -2.89 -35.79
CA ALA F 67 44.48 -1.48 -36.13
C ALA F 67 45.80 -0.81 -36.49
N ILE F 68 46.88 -1.26 -35.86
CA ILE F 68 48.20 -0.68 -36.05
C ILE F 68 48.71 -0.84 -37.48
N ARG F 69 48.29 -1.90 -38.17
CA ARG F 69 48.69 -2.10 -39.56
C ARG F 69 47.97 -1.09 -40.49
N ARG F 70 46.66 -0.92 -40.26
CA ARG F 70 45.89 0.10 -40.96
C ARG F 70 46.53 1.45 -40.72
N ALA F 71 46.95 1.71 -39.49
CA ALA F 71 47.63 2.96 -39.16
C ALA F 71 48.94 3.10 -39.91
N GLU F 72 49.67 1.99 -40.08
CA GLU F 72 50.91 1.97 -40.84
C GLU F 72 50.66 2.44 -42.30
N TYR F 73 49.60 1.91 -42.90
CA TYR F 73 49.25 2.31 -44.25
C TYR F 73 48.93 3.80 -44.32
N LEU F 74 48.16 4.29 -43.35
CA LEU F 74 47.77 5.69 -43.34
C LEU F 74 49.00 6.57 -43.19
N TYR F 75 49.98 6.10 -42.43
CA TYR F 75 51.23 6.83 -42.26
C TYR F 75 52.05 6.86 -43.54
N LYS F 76 52.00 5.77 -44.30
CA LYS F 76 52.63 5.74 -45.60
C LYS F 76 51.88 6.71 -46.54
N MET F 77 50.55 6.67 -46.47
CA MET F 77 49.72 7.63 -47.19
C MET F 77 50.12 9.07 -46.88
N LEU F 78 50.39 9.36 -45.61
CA LEU F 78 50.78 10.71 -45.21
C LEU F 78 52.09 11.14 -45.85
N GLU F 79 53.02 10.21 -45.94
CA GLU F 79 54.35 10.56 -46.42
C GLU F 79 54.29 10.80 -47.94
N VAL F 80 53.48 10.00 -48.63
CA VAL F 80 53.20 10.21 -50.04
C VAL F 80 52.52 11.56 -50.30
N PHE F 81 51.54 11.92 -49.47
CA PHE F 81 50.85 13.18 -49.66
C PHE F 81 51.80 14.35 -49.47
N ARG F 82 52.75 14.19 -48.55
CA ARG F 82 53.74 15.24 -48.31
C ARG F 82 54.61 15.45 -49.55
N GLN F 83 54.83 14.38 -50.31
CA GLN F 83 55.52 14.45 -51.59
C GLN F 83 54.73 15.18 -52.69
N MET F 84 53.41 14.99 -52.70
CA MET F 84 52.57 15.48 -53.78
C MET F 84 51.90 16.84 -53.53
N LYS F 85 52.28 17.52 -52.45
CA LYS F 85 51.60 18.76 -52.03
C LYS F 85 51.41 19.75 -53.16
N GLU F 86 52.51 20.16 -53.76
CA GLU F 86 52.47 21.19 -54.79
C GLU F 86 51.61 20.73 -55.97
N ASP F 87 51.55 19.42 -56.22
CA ASP F 87 50.71 18.92 -57.29
C ASP F 87 49.24 19.08 -56.94
N PHE F 88 48.92 19.01 -55.65
CA PHE F 88 47.55 19.17 -55.20
C PHE F 88 47.19 20.65 -55.29
N MET F 89 48.07 21.49 -54.75
CA MET F 89 47.86 22.94 -54.77
C MET F 89 47.60 23.45 -56.17
N LYS F 90 48.45 23.03 -57.11
CA LYS F 90 48.30 23.41 -58.50
C LYS F 90 46.88 23.05 -58.96
N ILE F 91 46.51 21.79 -58.78
CA ILE F 91 45.19 21.36 -59.25
C ILE F 91 44.06 22.05 -58.50
N LEU F 92 44.24 22.27 -57.21
CA LEU F 92 43.17 22.95 -56.47
C LEU F 92 42.92 24.32 -57.08
N THR F 93 43.98 25.00 -57.48
CA THR F 93 43.84 26.31 -58.12
C THR F 93 43.23 26.21 -59.53
N VAL F 94 43.76 25.33 -60.38
CA VAL F 94 43.38 25.41 -61.79
C VAL F 94 42.09 24.66 -62.10
N GLU F 95 41.83 23.60 -61.33
CA GLU F 95 40.60 22.84 -61.49
C GLU F 95 39.49 23.51 -60.72
N GLY F 96 39.87 24.17 -59.64
CA GLY F 96 38.94 24.56 -58.62
C GLY F 96 38.80 26.04 -58.49
N GLY F 97 39.85 26.78 -58.84
CA GLY F 97 39.77 28.22 -58.87
C GLY F 97 40.19 28.90 -57.58
N GLY F 98 40.78 28.13 -56.66
CA GLY F 98 41.16 28.63 -55.36
C GLY F 98 42.45 29.43 -55.42
N THR F 99 42.52 30.49 -54.63
CA THR F 99 43.76 31.24 -54.52
C THR F 99 44.84 30.37 -53.86
N TYR F 100 46.09 30.79 -53.98
CA TYR F 100 47.24 30.09 -53.40
C TYR F 100 47.04 29.91 -51.91
N ARG F 101 46.64 30.99 -51.25
CA ARG F 101 46.46 30.95 -49.80
C ARG F 101 45.32 29.98 -49.41
N LYS F 102 44.25 29.96 -50.20
CA LYS F 102 43.13 29.06 -49.89
C LYS F 102 43.57 27.60 -50.02
N VAL F 103 44.32 27.31 -51.08
CA VAL F 103 44.70 25.93 -51.38
C VAL F 103 45.87 25.46 -50.51
N TRP F 104 46.71 26.40 -50.08
CA TRP F 104 47.77 26.10 -49.14
C TRP F 104 47.11 25.66 -47.85
N GLY F 105 46.19 26.50 -47.39
CA GLY F 105 45.41 26.18 -46.23
C GLY F 105 44.74 24.81 -46.36
N GLU F 106 44.22 24.50 -47.54
CA GLU F 106 43.52 23.23 -47.70
C GLU F 106 44.50 22.04 -47.68
N VAL F 107 45.72 22.27 -48.14
CA VAL F 107 46.69 21.20 -48.22
C VAL F 107 47.30 20.96 -46.84
N VAL F 108 47.45 22.03 -46.07
CA VAL F 108 47.97 21.90 -44.72
C VAL F 108 46.98 21.14 -43.85
N PHE F 109 45.70 21.51 -43.95
CA PHE F 109 44.66 20.84 -43.19
C PHE F 109 44.51 19.39 -43.61
N THR F 110 44.67 19.13 -44.90
CA THR F 110 44.56 17.78 -45.43
C THR F 110 45.64 16.88 -44.85
N GLU F 111 46.87 17.41 -44.81
CA GLU F 111 47.99 16.73 -44.17
C GLU F 111 47.64 16.35 -42.74
N ARG F 112 47.05 17.30 -42.03
CA ARG F 112 46.66 17.07 -40.66
C ARG F 112 45.50 16.08 -40.52
N LEU F 113 44.60 16.10 -41.48
CA LEU F 113 43.48 15.18 -41.43
C LEU F 113 44.05 13.79 -41.56
N ILE F 114 44.96 13.61 -42.50
CA ILE F 114 45.47 12.29 -42.79
C ILE F 114 46.16 11.79 -41.54
N GLN F 115 47.01 12.64 -40.97
CA GLN F 115 47.71 12.24 -39.77
C GLN F 115 46.74 11.91 -38.64
N ASN F 116 45.74 12.75 -38.44
CA ASN F 116 44.80 12.54 -37.34
C ASN F 116 44.11 11.16 -37.38
N ALA F 117 43.73 10.72 -38.57
CA ALA F 117 43.11 9.43 -38.73
C ALA F 117 44.10 8.33 -38.37
N ALA F 118 45.35 8.49 -38.80
CA ALA F 118 46.38 7.48 -38.50
C ALA F 118 46.68 7.41 -37.00
N GLU F 119 46.77 8.57 -36.35
CA GLU F 119 46.98 8.65 -34.89
C GLU F 119 45.90 7.95 -34.06
N LEU F 120 44.67 7.91 -34.55
CA LEU F 120 43.57 7.49 -33.70
C LEU F 120 43.22 6.02 -33.82
N ALA F 121 43.46 5.47 -35.01
CA ALA F 121 43.15 4.08 -35.35
C ALA F 121 43.22 3.08 -34.17
N ARG F 122 44.36 3.06 -33.50
CA ARG F 122 44.61 2.09 -32.42
C ARG F 122 43.88 2.45 -31.14
N HIS F 123 43.10 3.53 -31.14
CA HIS F 123 42.60 4.05 -29.87
C HIS F 123 41.09 4.21 -29.78
N TYR F 124 40.38 3.63 -30.71
CA TYR F 124 38.95 3.73 -30.70
C TYR F 124 38.46 2.65 -29.77
N GLN F 125 37.91 3.07 -28.62
CA GLN F 125 37.63 2.15 -27.53
C GLN F 125 36.17 1.71 -27.45
N GLY F 126 35.97 0.52 -26.90
CA GLY F 126 34.65 0.04 -26.57
C GLY F 126 34.51 0.16 -25.07
N ARG F 127 33.41 -0.35 -24.52
CA ARG F 127 33.20 -0.22 -23.08
C ARG F 127 33.01 -1.58 -22.41
N VAL F 128 33.37 -1.63 -21.13
CA VAL F 128 33.10 -2.77 -20.25
C VAL F 128 32.07 -2.33 -19.24
N LEU F 129 30.96 -3.06 -19.17
CA LEU F 129 29.78 -2.62 -18.43
C LEU F 129 29.50 -3.39 -17.15
N GLN F 130 28.81 -2.75 -16.20
CA GLN F 130 28.29 -3.48 -15.04
C GLN F 130 27.11 -4.32 -15.48
N SER F 131 27.09 -5.59 -15.13
CA SER F 131 25.92 -6.39 -15.43
C SER F 131 24.91 -6.40 -14.28
N ASP F 132 23.63 -6.21 -14.61
CA ASP F 132 22.59 -6.39 -13.58
C ASP F 132 22.44 -7.89 -13.24
N SER F 133 23.10 -8.77 -14.00
CA SER F 133 23.03 -10.21 -13.77
C SER F 133 24.24 -10.80 -13.02
N GLU F 134 23.98 -11.76 -12.15
CA GLU F 134 25.06 -12.49 -11.50
C GLU F 134 25.89 -13.24 -12.54
N SER F 135 27.18 -13.37 -12.26
CA SER F 135 28.10 -14.18 -13.05
C SER F 135 28.02 -13.95 -14.57
N THR F 136 27.75 -12.70 -14.95
CA THR F 136 27.74 -12.33 -16.37
C THR F 136 28.79 -11.27 -16.68
N ILE F 137 29.61 -11.55 -17.68
CA ILE F 137 30.52 -10.56 -18.25
C ILE F 137 29.81 -9.81 -19.39
N SER F 138 29.85 -8.49 -19.35
CA SER F 138 29.10 -7.69 -20.32
C SER F 138 29.95 -6.59 -20.94
N VAL F 139 30.23 -6.67 -22.23
CA VAL F 139 31.06 -5.67 -22.90
C VAL F 139 30.48 -5.20 -24.25
N VAL F 140 31.12 -4.19 -24.84
CA VAL F 140 30.71 -3.65 -26.13
C VAL F 140 31.92 -3.49 -27.05
N PHE F 141 31.86 -4.10 -28.23
CA PHE F 141 32.94 -3.94 -29.19
C PHE F 141 32.63 -2.87 -30.21
N LYS F 142 33.64 -2.48 -30.98
CA LYS F 142 33.47 -1.56 -32.11
C LYS F 142 33.77 -2.34 -33.40
N ARG F 143 32.78 -2.42 -34.28
CA ARG F 143 32.92 -3.17 -35.52
C ARG F 143 32.86 -2.21 -36.68
N SER F 144 33.68 -2.41 -37.70
CA SER F 144 33.62 -1.55 -38.86
C SER F 144 32.35 -1.92 -39.63
N LYS F 145 31.80 -0.97 -40.40
CA LYS F 145 30.49 -1.18 -41.03
C LYS F 145 30.61 -1.96 -42.33
N GLY F 146 31.66 -1.68 -43.09
CA GLY F 146 31.98 -2.43 -44.27
C GLY F 146 32.40 -1.58 -45.46
N VAL F 147 31.62 -1.67 -46.53
CA VAL F 147 31.83 -0.87 -47.71
C VAL F 147 31.18 0.48 -47.47
N VAL F 148 31.96 1.54 -47.59
CA VAL F 148 31.44 2.85 -47.30
C VAL F 148 31.57 3.74 -48.53
N GLY F 149 30.42 4.23 -49.00
CA GLY F 149 30.38 5.24 -50.05
C GLY F 149 30.79 6.62 -49.56
N VAL F 150 31.62 7.29 -50.35
CA VAL F 150 32.08 8.65 -50.05
C VAL F 150 31.80 9.56 -51.24
N ILE F 151 30.80 10.43 -51.10
CA ILE F 151 30.40 11.36 -52.17
C ILE F 151 30.59 12.83 -51.75
N THR F 152 31.39 13.57 -52.52
CA THR F 152 31.88 14.88 -52.09
C THR F 152 31.45 16.08 -52.96
N PRO F 153 31.65 17.31 -52.44
CA PRO F 153 31.46 18.55 -53.22
C PRO F 153 32.73 19.08 -53.90
N TRP F 154 32.62 20.26 -54.52
CA TRP F 154 33.68 20.80 -55.38
C TRP F 154 34.47 21.98 -54.77
N ASN F 155 34.03 22.49 -53.63
CA ASN F 155 34.61 23.73 -53.11
C ASN F 155 35.89 23.53 -52.27
N TYR F 156 35.93 22.45 -51.51
CA TYR F 156 37.12 22.03 -50.78
C TYR F 156 37.30 20.58 -51.06
N PRO F 157 37.46 20.22 -52.35
CA PRO F 157 37.36 18.82 -52.75
C PRO F 157 38.38 17.94 -52.02
N LEU F 158 39.58 18.47 -51.78
CA LEU F 158 40.66 17.70 -51.18
C LEU F 158 40.39 17.35 -49.71
N SER F 159 40.24 18.37 -48.89
CA SER F 159 40.13 18.19 -47.44
C SER F 159 38.85 17.45 -47.05
N ILE F 160 37.73 17.83 -47.66
CA ILE F 160 36.48 17.16 -47.34
C ILE F 160 36.50 15.69 -47.78
N SER F 161 37.07 15.42 -48.94
CA SER F 161 37.22 14.02 -49.34
C SER F 161 38.14 13.29 -48.36
N MET F 162 39.29 13.91 -48.09
CA MET F 162 40.30 13.24 -47.30
C MET F 162 39.85 13.05 -45.85
N LYS F 163 39.14 14.01 -45.27
CA LYS F 163 38.63 13.75 -43.93
C LYS F 163 37.79 12.48 -43.96
N LYS F 164 36.93 12.36 -44.96
CA LYS F 164 36.06 11.20 -45.01
C LYS F 164 36.83 9.92 -45.33
N ILE F 165 37.75 10.00 -46.27
CA ILE F 165 38.40 8.80 -46.73
C ILE F 165 39.32 8.20 -45.65
N ALA F 166 40.21 9.03 -45.13
CA ALA F 166 41.19 8.59 -44.16
C ALA F 166 40.53 7.95 -42.93
N HIS F 167 39.63 8.68 -42.31
CA HIS F 167 39.02 8.20 -41.08
C HIS F 167 38.21 6.93 -41.32
N THR F 168 37.58 6.83 -42.47
CA THR F 168 36.75 5.65 -42.76
C THR F 168 37.63 4.43 -42.91
N LEU F 169 38.82 4.63 -43.47
CA LEU F 169 39.75 3.52 -43.62
C LEU F 169 40.35 3.08 -42.28
N ALA F 170 40.63 4.06 -41.42
CA ALA F 170 41.37 3.81 -40.18
C ALA F 170 40.73 2.72 -39.34
N VAL F 171 39.42 2.75 -39.34
CA VAL F 171 38.68 1.99 -38.37
C VAL F 171 38.16 0.67 -39.01
N GLY F 172 38.72 0.32 -40.17
CA GLY F 172 38.47 -0.99 -40.75
C GLY F 172 37.52 -1.11 -41.94
N ASN F 173 36.90 0.01 -42.36
CA ASN F 173 36.01 0.01 -43.52
C ASN F 173 36.78 0.13 -44.81
N THR F 174 36.16 -0.31 -45.91
CA THR F 174 36.71 -0.03 -47.23
C THR F 174 35.83 1.00 -47.94
N VAL F 175 36.43 1.68 -48.92
CA VAL F 175 35.85 2.88 -49.51
C VAL F 175 35.46 2.76 -51.01
N VAL F 176 34.34 3.36 -51.39
CA VAL F 176 34.08 3.66 -52.80
C VAL F 176 33.76 5.14 -52.92
N TYR F 177 34.67 5.87 -53.56
CA TYR F 177 34.68 7.32 -53.58
C TYR F 177 34.32 7.91 -54.94
N LYS F 178 33.34 8.83 -54.97
CA LYS F 178 32.97 9.50 -56.20
C LYS F 178 32.98 11.01 -56.00
N PRO F 179 33.97 11.70 -56.56
CA PRO F 179 34.15 13.13 -56.33
C PRO F 179 33.12 13.97 -57.09
N ALA F 180 33.11 15.28 -56.84
CA ALA F 180 32.27 16.20 -57.61
C ALA F 180 32.77 16.24 -59.04
N SER F 181 31.82 16.28 -59.99
CA SER F 181 32.13 16.30 -61.44
C SER F 181 32.89 17.56 -61.87
N ASP F 182 32.75 18.63 -61.10
CA ASP F 182 33.48 19.85 -61.36
C ASP F 182 34.88 19.80 -60.73
N THR F 183 35.15 18.79 -59.91
CA THR F 183 36.52 18.60 -59.40
C THR F 183 37.01 17.15 -59.50
N PRO F 184 37.03 16.57 -60.72
CA PRO F 184 37.41 15.15 -60.85
C PRO F 184 38.91 14.88 -60.68
N VAL F 185 39.74 15.85 -61.05
CA VAL F 185 41.19 15.63 -61.10
C VAL F 185 41.77 15.52 -59.68
N THR F 186 41.22 16.28 -58.73
CA THR F 186 41.65 16.17 -57.34
C THR F 186 41.42 14.75 -56.83
N GLY F 187 40.30 14.14 -57.21
CA GLY F 187 40.00 12.79 -56.80
C GLY F 187 40.94 11.78 -57.39
N TRP F 188 41.39 12.05 -58.61
CA TRP F 188 42.33 11.18 -59.30
C TRP F 188 43.71 11.25 -58.64
N LEU F 189 44.10 12.45 -58.21
CA LEU F 189 45.32 12.61 -57.43
C LEU F 189 45.24 11.87 -56.10
N ILE F 190 44.06 11.86 -55.49
CA ILE F 190 43.85 11.14 -54.25
C ILE F 190 44.20 9.68 -54.47
N ALA F 191 43.71 9.15 -55.60
CA ALA F 191 43.92 7.75 -55.97
C ALA F 191 45.37 7.55 -56.31
N GLN F 192 45.99 8.57 -56.87
CA GLN F 192 47.42 8.53 -57.08
C GLN F 192 48.12 8.24 -55.78
N MET F 193 47.90 9.12 -54.83
CA MET F 193 48.44 9.01 -53.49
C MET F 193 48.21 7.63 -52.87
N VAL F 194 46.95 7.21 -52.79
CA VAL F 194 46.58 5.93 -52.20
C VAL F 194 47.32 4.77 -52.88
N ALA F 195 47.38 4.78 -54.21
CA ALA F 195 48.05 3.73 -54.96
C ALA F 195 49.56 3.70 -54.66
N LYS F 196 50.17 4.89 -54.66
CA LYS F 196 51.58 5.01 -54.32
C LYS F 196 51.84 4.57 -52.87
N ALA F 197 50.81 4.61 -52.04
CA ALA F 197 50.95 4.24 -50.64
C ALA F 197 50.80 2.72 -50.48
N GLY F 198 50.40 2.07 -51.57
CA GLY F 198 50.38 0.62 -51.63
C GLY F 198 49.32 -0.08 -50.82
N LEU F 199 48.16 0.52 -50.65
CA LEU F 199 47.08 -0.13 -49.92
C LEU F 199 46.58 -1.36 -50.67
N PRO F 200 46.18 -2.40 -49.94
CA PRO F 200 45.63 -3.62 -50.53
C PRO F 200 44.58 -3.32 -51.58
N LYS F 201 44.60 -4.09 -52.67
CA LYS F 201 43.72 -3.80 -53.79
C LYS F 201 42.26 -3.85 -53.35
N GLY F 202 41.44 -3.00 -53.97
CA GLY F 202 40.03 -2.94 -53.64
C GLY F 202 39.69 -2.17 -52.38
N VAL F 203 40.68 -1.88 -51.53
CA VAL F 203 40.40 -1.21 -50.26
C VAL F 203 39.98 0.22 -50.53
N PHE F 204 40.71 0.90 -51.41
CA PHE F 204 40.25 2.19 -51.90
C PHE F 204 39.87 2.13 -53.38
N ASN F 205 38.76 2.77 -53.73
CA ASN F 205 38.29 2.81 -55.11
C ASN F 205 37.78 4.21 -55.49
N LEU F 206 38.16 4.64 -56.71
CA LEU F 206 37.72 5.90 -57.31
C LEU F 206 36.86 5.64 -58.55
N VAL F 207 35.71 6.31 -58.62
CA VAL F 207 34.85 6.25 -59.80
C VAL F 207 34.38 7.67 -60.14
N ILE F 208 34.98 8.24 -61.17
CA ILE F 208 34.61 9.56 -61.68
C ILE F 208 33.44 9.49 -62.64
N GLY F 209 32.34 10.14 -62.27
CA GLY F 209 31.11 10.03 -63.05
C GLY F 209 30.02 10.89 -62.45
N PRO F 210 28.83 10.86 -63.04
CA PRO F 210 27.76 11.77 -62.60
C PRO F 210 26.99 11.29 -61.38
N GLY F 211 26.74 12.23 -60.47
CA GLY F 211 25.99 11.97 -59.27
C GLY F 211 24.77 11.09 -59.40
N PRO F 212 23.79 11.54 -60.19
CA PRO F 212 22.51 10.81 -60.32
C PRO F 212 22.66 9.44 -60.98
N VAL F 213 23.86 9.07 -61.41
CA VAL F 213 24.10 7.74 -61.95
C VAL F 213 25.07 6.95 -61.07
N VAL F 214 26.34 7.34 -61.08
CA VAL F 214 27.36 6.66 -60.27
C VAL F 214 27.05 6.78 -58.77
N GLY F 215 26.60 7.96 -58.35
CA GLY F 215 26.26 8.18 -56.96
C GLY F 215 25.03 7.38 -56.54
N GLU F 216 24.03 7.32 -57.41
CA GLU F 216 22.79 6.66 -57.03
C GLU F 216 23.00 5.17 -56.88
N GLU F 217 23.82 4.61 -57.75
CA GLU F 217 24.13 3.19 -57.67
C GLU F 217 24.77 2.89 -56.33
N ILE F 218 25.77 3.69 -55.94
CA ILE F 218 26.41 3.58 -54.64
C ILE F 218 25.41 3.67 -53.49
N VAL F 219 24.53 4.65 -53.57
CA VAL F 219 23.52 4.87 -52.55
C VAL F 219 22.50 3.72 -52.42
N THR F 220 22.22 3.02 -53.52
CA THR F 220 21.20 1.97 -53.51
C THR F 220 21.74 0.55 -53.53
N HIS F 221 23.05 0.39 -53.71
CA HIS F 221 23.63 -0.94 -53.77
C HIS F 221 23.55 -1.63 -52.41
N LYS F 222 23.23 -2.92 -52.40
CA LYS F 222 22.99 -3.60 -51.13
C LYS F 222 24.29 -4.03 -50.41
N ARG F 223 25.40 -4.11 -51.13
CA ARG F 223 26.66 -4.42 -50.49
C ARG F 223 27.29 -3.19 -49.82
N VAL F 224 26.73 -2.02 -50.08
CA VAL F 224 27.19 -0.80 -49.42
C VAL F 224 26.46 -0.66 -48.07
N ALA F 225 27.24 -0.36 -47.03
CA ALA F 225 26.74 -0.41 -45.66
C ALA F 225 26.43 1.00 -45.12
N HIS F 226 27.17 1.99 -45.58
CA HIS F 226 27.01 3.35 -45.10
C HIS F 226 27.38 4.30 -46.24
N VAL F 227 26.78 5.49 -46.23
CA VAL F 227 27.17 6.54 -47.17
C VAL F 227 27.48 7.82 -46.43
N THR F 228 28.68 8.35 -46.64
CA THR F 228 28.99 9.64 -46.07
C THR F 228 29.08 10.65 -47.20
N PHE F 229 28.23 11.66 -47.09
CA PHE F 229 27.94 12.58 -48.18
C PHE F 229 28.08 14.02 -47.74
N THR F 230 28.64 14.82 -48.64
CA THR F 230 28.66 16.25 -48.40
C THR F 230 28.22 16.99 -49.65
N GLY F 231 27.17 17.79 -49.50
CA GLY F 231 26.60 18.53 -50.61
C GLY F 231 25.38 19.35 -50.23
N GLU F 232 24.46 19.55 -51.16
CA GLU F 232 23.32 20.41 -50.90
C GLU F 232 22.22 19.66 -50.15
N SER F 233 21.42 20.40 -49.40
CA SER F 233 20.36 19.81 -48.59
C SER F 233 19.30 19.11 -49.45
N SER F 234 19.04 19.63 -50.65
CA SER F 234 18.11 18.96 -51.55
C SER F 234 18.66 17.57 -51.89
N THR F 235 19.96 17.51 -52.18
CA THR F 235 20.60 16.26 -52.55
C THR F 235 20.60 15.31 -51.37
N GLY F 236 20.87 15.85 -50.18
CA GLY F 236 20.90 15.07 -48.97
C GLY F 236 19.58 14.39 -48.70
N ARG F 237 18.47 15.12 -48.89
CA ARG F 237 17.14 14.54 -48.75
C ARG F 237 16.96 13.41 -49.77
N GLU F 238 17.48 13.64 -50.98
CA GLU F 238 17.36 12.66 -52.05
C GLU F 238 18.12 11.39 -51.71
N ILE F 239 19.35 11.57 -51.22
CA ILE F 239 20.20 10.45 -50.88
C ILE F 239 19.70 9.65 -49.67
N ALA F 240 19.22 10.34 -48.64
CA ALA F 240 18.70 9.65 -47.46
C ALA F 240 17.51 8.79 -47.86
N ALA F 241 16.65 9.33 -48.72
CA ALA F 241 15.46 8.61 -49.19
C ALA F 241 15.84 7.30 -49.90
N LYS F 242 16.73 7.39 -50.89
CA LYS F 242 17.18 6.21 -51.63
C LYS F 242 17.98 5.24 -50.73
N ALA F 243 18.65 5.74 -49.70
CA ALA F 243 19.41 4.86 -48.81
C ALA F 243 18.51 4.03 -47.91
N ALA F 244 17.25 4.43 -47.78
CA ALA F 244 16.28 3.74 -46.92
C ALA F 244 15.96 2.32 -47.40
N GLY F 245 16.19 2.08 -48.69
CA GLY F 245 15.83 0.81 -49.29
C GLY F 245 16.65 -0.34 -48.77
N THR F 246 17.97 -0.13 -48.71
CA THR F 246 18.90 -1.13 -48.19
C THR F 246 19.22 -0.93 -46.70
N LEU F 247 18.41 -0.11 -46.03
CA LEU F 247 18.58 0.20 -44.61
C LEU F 247 19.97 0.68 -44.22
N LYS F 248 20.72 1.24 -45.17
CA LYS F 248 22.08 1.67 -44.87
C LYS F 248 22.08 3.04 -44.15
N THR F 249 23.02 3.24 -43.23
CA THR F 249 23.09 4.49 -42.48
C THR F 249 23.75 5.57 -43.33
N VAL F 250 23.48 6.83 -43.01
CA VAL F 250 24.10 7.91 -43.75
C VAL F 250 24.75 8.98 -42.86
N THR F 251 25.75 9.65 -43.40
CA THR F 251 26.23 10.89 -42.77
C THR F 251 26.04 12.01 -43.80
N LEU F 252 25.23 13.00 -43.45
CA LEU F 252 24.93 14.11 -44.37
C LEU F 252 25.47 15.44 -43.85
N GLU F 253 26.45 15.98 -44.54
CA GLU F 253 26.94 17.33 -44.31
C GLU F 253 26.35 18.23 -45.37
N LEU F 254 25.20 18.82 -45.08
CA LEU F 254 24.53 19.66 -46.06
C LEU F 254 24.88 21.14 -45.86
N GLY F 255 24.04 22.04 -46.35
CA GLY F 255 24.42 23.44 -46.42
C GLY F 255 24.43 24.25 -45.12
N GLY F 256 24.97 25.46 -45.19
CA GLY F 256 24.78 26.42 -44.13
C GLY F 256 24.33 27.83 -44.55
N SER F 257 23.81 28.58 -43.57
CA SER F 257 23.61 30.02 -43.72
C SER F 257 23.92 30.69 -42.39
N ASP F 258 25.17 30.54 -41.95
CA ASP F 258 25.52 30.84 -40.58
C ASP F 258 25.48 32.30 -40.22
N PRO F 259 24.98 32.62 -39.02
CA PRO F 259 25.02 33.99 -38.52
C PRO F 259 26.42 34.39 -38.02
N LEU F 260 26.72 35.66 -38.19
CA LEU F 260 27.86 36.26 -37.53
C LEU F 260 27.33 37.49 -36.78
N ILE F 261 27.05 37.30 -35.50
CA ILE F 261 26.53 38.35 -34.63
C ILE F 261 27.63 39.21 -34.04
N ILE F 262 27.47 40.53 -34.18
CA ILE F 262 28.48 41.50 -33.73
C ILE F 262 27.87 42.50 -32.77
N LEU F 263 28.35 42.49 -31.54
CA LEU F 263 27.79 43.37 -30.52
C LEU F 263 28.54 44.69 -30.47
N ASP F 264 28.10 45.59 -29.58
CA ASP F 264 28.54 46.97 -29.61
C ASP F 264 29.77 47.24 -28.75
N ASP F 265 30.26 46.20 -28.08
CA ASP F 265 31.39 46.39 -27.19
C ASP F 265 32.67 45.86 -27.81
N VAL F 266 32.67 45.76 -29.14
CA VAL F 266 33.84 45.24 -29.86
C VAL F 266 34.79 46.32 -30.37
N ASP F 267 36.01 45.89 -30.67
CA ASP F 267 36.95 46.64 -31.48
C ASP F 267 36.39 46.60 -32.90
N VAL F 268 35.68 47.65 -33.28
CA VAL F 268 34.85 47.60 -34.48
C VAL F 268 35.66 47.30 -35.74
N ASP F 269 36.83 47.90 -35.86
CA ASP F 269 37.66 47.66 -37.03
C ASP F 269 38.02 46.18 -37.16
N TYR F 270 38.49 45.60 -36.06
CA TYR F 270 38.81 44.17 -36.03
C TYR F 270 37.59 43.32 -36.43
N ALA F 271 36.43 43.67 -35.87
CA ALA F 271 35.20 42.97 -36.20
C ALA F 271 34.98 42.93 -37.69
N ALA F 272 35.18 44.08 -38.34
CA ALA F 272 34.99 44.22 -39.78
C ALA F 272 35.95 43.33 -40.58
N ARG F 273 37.23 43.40 -40.24
CA ARG F 273 38.26 42.58 -40.87
C ARG F 273 37.90 41.10 -40.76
N LEU F 274 37.39 40.70 -39.61
CA LEU F 274 37.08 39.29 -39.40
C LEU F 274 35.84 38.94 -40.20
N ALA F 275 34.88 39.84 -40.22
CA ALA F 275 33.69 39.63 -41.02
C ALA F 275 34.05 39.42 -42.49
N VAL F 276 34.97 40.24 -43.00
CA VAL F 276 35.29 40.17 -44.42
C VAL F 276 35.83 38.80 -44.74
N PHE F 277 36.79 38.35 -43.92
CA PHE F 277 37.37 37.02 -44.03
C PHE F 277 36.32 35.93 -43.97
N ALA F 278 35.52 35.95 -42.90
CA ALA F 278 34.52 34.91 -42.67
C ALA F 278 33.45 34.83 -43.77
N SER F 279 33.00 35.98 -44.26
CA SER F 279 31.89 36.00 -45.20
C SER F 279 32.37 35.82 -46.64
N LEU F 280 33.63 36.14 -46.92
CA LEU F 280 34.02 36.21 -48.32
C LEU F 280 35.16 35.29 -48.80
N PHE F 281 35.84 34.62 -47.88
CA PHE F 281 36.94 33.72 -48.27
C PHE F 281 36.44 32.64 -49.20
N HIS F 282 37.33 32.23 -50.11
CA HIS F 282 36.99 31.36 -51.23
C HIS F 282 35.68 31.84 -51.89
N GLN F 283 35.62 33.16 -52.07
CA GLN F 283 34.48 33.83 -52.72
C GLN F 283 33.16 33.48 -52.05
N GLY F 284 33.18 33.27 -50.74
CA GLY F 284 32.01 32.83 -50.02
C GLY F 284 31.56 31.40 -50.31
N GLN F 285 32.42 30.61 -50.94
CA GLN F 285 32.02 29.25 -51.31
C GLN F 285 32.40 28.22 -50.22
N ILE F 286 31.91 28.50 -49.02
CA ILE F 286 32.20 27.72 -47.84
C ILE F 286 30.90 27.42 -47.10
N CYS F 287 30.68 26.16 -46.76
CA CYS F 287 29.46 25.76 -46.07
C CYS F 287 29.32 26.50 -44.74
N THR F 288 30.44 26.86 -44.15
CA THR F 288 30.40 27.56 -42.88
C THR F 288 30.83 29.00 -43.07
N SER F 289 30.60 29.55 -44.27
CA SER F 289 30.82 30.98 -44.48
C SER F 289 29.87 31.75 -43.59
N ALA F 290 30.33 32.91 -43.15
CA ALA F 290 29.45 33.82 -42.43
C ALA F 290 28.57 34.51 -43.46
N LYS F 291 27.41 33.90 -43.74
CA LYS F 291 26.55 34.27 -44.87
C LYS F 291 25.48 35.33 -44.56
N ARG F 292 25.27 35.57 -43.27
CA ARG F 292 24.24 36.44 -42.77
C ARG F 292 24.84 37.25 -41.62
N ILE F 293 25.33 38.46 -41.90
CA ILE F 293 25.98 39.26 -40.89
C ILE F 293 24.96 40.08 -40.09
N ILE F 294 25.06 40.00 -38.78
CA ILE F 294 24.12 40.65 -37.88
C ILE F 294 24.86 41.57 -36.94
N VAL F 295 24.54 42.86 -37.01
CA VAL F 295 25.29 43.81 -36.21
C VAL F 295 24.35 44.69 -35.38
N HIS F 296 24.84 45.08 -34.22
CA HIS F 296 24.11 45.85 -33.23
C HIS F 296 24.08 47.34 -33.59
N LYS F 297 22.90 47.96 -33.49
CA LYS F 297 22.66 49.36 -33.91
C LYS F 297 23.77 50.34 -33.51
N ALA F 298 24.30 50.16 -32.30
CA ALA F 298 25.24 51.14 -31.72
C ALA F 298 26.58 51.21 -32.44
N VAL F 299 26.96 50.14 -33.12
CA VAL F 299 28.22 50.14 -33.86
C VAL F 299 27.96 49.88 -35.34
N ALA F 300 26.69 49.81 -35.71
CA ALA F 300 26.31 49.43 -37.06
C ALA F 300 26.93 50.31 -38.13
N ASP F 301 26.74 51.62 -37.99
CA ASP F 301 27.19 52.53 -39.04
C ASP F 301 28.69 52.47 -39.21
N LYS F 302 29.43 52.52 -38.10
CA LYS F 302 30.87 52.41 -38.19
C LYS F 302 31.29 51.06 -38.78
N PHE F 303 30.60 49.98 -38.41
CA PHE F 303 30.97 48.66 -38.89
C PHE F 303 30.80 48.52 -40.41
N ILE F 304 29.63 48.92 -40.89
CA ILE F 304 29.31 48.81 -42.31
C ILE F 304 30.30 49.60 -43.15
N GLU F 305 30.64 50.79 -42.65
CA GLU F 305 31.64 51.63 -43.29
C GLU F 305 32.96 50.88 -43.51
N ARG F 306 33.53 50.30 -42.45
CA ARG F 306 34.83 49.65 -42.64
C ARG F 306 34.68 48.27 -43.27
N TYR F 307 33.54 47.62 -43.10
CA TYR F 307 33.36 46.35 -43.78
C TYR F 307 33.42 46.60 -45.29
N VAL F 308 32.72 47.62 -45.75
CA VAL F 308 32.72 47.93 -47.17
C VAL F 308 34.12 48.39 -47.59
N HIS F 309 34.74 49.19 -46.74
CA HIS F 309 36.10 49.62 -46.96
C HIS F 309 37.07 48.46 -47.23
N TYR F 310 37.02 47.43 -46.41
CA TYR F 310 37.95 46.31 -46.59
C TYR F 310 37.54 45.42 -47.77
N VAL F 311 36.25 45.39 -48.09
CA VAL F 311 35.81 44.66 -49.27
C VAL F 311 36.29 45.37 -50.55
N LYS F 312 36.33 46.70 -50.50
CA LYS F 312 36.90 47.52 -51.58
C LYS F 312 38.32 47.09 -51.90
N MET F 313 39.10 46.91 -50.84
CA MET F 313 40.51 46.55 -50.94
C MET F 313 40.75 45.16 -51.53
N LEU F 314 39.71 44.33 -51.57
CA LEU F 314 39.87 42.95 -52.03
C LEU F 314 40.37 42.93 -53.45
N ARG F 315 41.21 41.95 -53.76
CA ARG F 315 41.82 41.86 -55.07
C ARG F 315 41.35 40.61 -55.79
N ILE F 316 40.54 40.81 -56.83
CA ILE F 316 39.99 39.71 -57.62
C ILE F 316 40.74 39.58 -58.92
N ASP F 317 41.43 38.46 -59.10
CA ASP F 317 42.32 38.30 -60.24
C ASP F 317 42.45 36.82 -60.57
N ASP F 318 43.30 36.52 -61.55
CA ASP F 318 43.70 35.14 -61.82
C ASP F 318 44.50 34.59 -60.64
N PRO F 319 44.00 33.52 -60.00
CA PRO F 319 44.70 32.90 -58.87
C PRO F 319 46.09 32.36 -59.23
N ARG F 320 46.32 31.97 -60.50
CA ARG F 320 47.65 31.51 -60.95
C ARG F 320 48.72 32.61 -61.02
N LYS F 321 48.32 33.87 -61.08
CA LYS F 321 49.30 34.93 -61.34
C LYS F 321 50.24 35.06 -60.16
N ASP F 322 49.70 35.09 -58.94
CA ASP F 322 50.55 35.15 -57.76
C ASP F 322 49.83 34.74 -56.48
N GLU F 323 50.47 35.02 -55.35
CA GLU F 323 50.08 34.46 -54.06
C GLU F 323 49.28 35.45 -53.24
N LYS F 324 49.27 36.71 -53.67
CA LYS F 324 48.58 37.75 -52.92
C LYS F 324 47.14 37.91 -53.40
N VAL F 325 46.74 37.12 -54.39
CA VAL F 325 45.40 37.23 -54.92
C VAL F 325 44.38 36.89 -53.84
N ASP F 326 43.50 37.82 -53.51
CA ASP F 326 42.49 37.58 -52.48
C ASP F 326 41.35 36.65 -52.97
N LEU F 327 40.81 36.89 -54.16
CA LEU F 327 39.74 36.05 -54.69
C LEU F 327 39.93 35.64 -56.14
N GLY F 328 39.52 34.42 -56.45
CA GLY F 328 39.54 33.92 -57.81
C GLY F 328 38.11 33.80 -58.26
N PRO F 329 37.85 32.94 -59.26
CA PRO F 329 36.53 32.84 -59.87
C PRO F 329 35.59 31.90 -59.12
N LEU F 330 34.29 32.01 -59.39
CA LEU F 330 33.33 31.01 -58.95
C LEU F 330 33.55 29.79 -59.84
N ILE F 331 32.95 28.66 -59.49
CA ILE F 331 33.33 27.41 -60.12
C ILE F 331 32.80 27.29 -61.56
N ASN F 332 31.63 27.89 -61.85
CA ASN F 332 31.07 27.92 -63.21
C ASN F 332 29.98 29.00 -63.42
N GLU F 333 29.46 29.08 -64.64
CA GLU F 333 28.48 30.10 -65.00
C GLU F 333 27.17 29.94 -64.23
N ARG F 334 26.73 28.69 -64.05
CA ARG F 334 25.53 28.40 -63.26
C ARG F 334 25.58 29.13 -61.91
N GLN F 335 26.75 29.11 -61.25
CA GLN F 335 26.92 29.83 -59.98
C GLN F 335 26.86 31.33 -60.14
N VAL F 336 27.53 31.87 -61.17
CA VAL F 336 27.46 33.31 -61.46
C VAL F 336 26.02 33.75 -61.71
N ALA F 337 25.35 33.00 -62.60
CA ALA F 337 23.94 33.22 -62.88
C ALA F 337 23.14 33.30 -61.58
N LEU F 338 23.39 32.32 -60.72
CA LEU F 338 22.65 32.22 -59.47
C LEU F 338 22.89 33.45 -58.59
N MET F 339 24.15 33.87 -58.50
CA MET F 339 24.47 35.06 -57.71
C MET F 339 23.74 36.27 -58.27
N LYS F 340 23.62 36.34 -59.60
CA LYS F 340 22.84 37.39 -60.26
C LYS F 340 21.39 37.36 -59.78
N GLU F 341 20.77 36.18 -59.81
CA GLU F 341 19.39 36.05 -59.36
C GLU F 341 19.23 36.60 -57.94
N PHE F 342 20.17 36.25 -57.05
CA PHE F 342 20.19 36.75 -55.68
C PHE F 342 20.29 38.27 -55.62
N VAL F 343 21.19 38.85 -56.43
CA VAL F 343 21.34 40.29 -56.47
C VAL F 343 20.08 40.96 -57.06
N ASP F 344 19.54 40.35 -58.10
CA ASP F 344 18.29 40.78 -58.70
C ASP F 344 17.17 40.86 -57.65
N ASP F 345 17.08 39.81 -56.83
CA ASP F 345 15.95 39.72 -55.94
C ASP F 345 16.03 40.77 -54.82
N ALA F 346 17.24 41.04 -54.35
CA ALA F 346 17.42 41.98 -53.25
C ALA F 346 17.18 43.42 -53.68
N VAL F 347 17.63 43.75 -54.89
CA VAL F 347 17.35 45.08 -55.40
C VAL F 347 15.85 45.21 -55.62
N SER F 348 15.25 44.20 -56.23
CA SER F 348 13.82 44.23 -56.47
C SER F 348 13.01 44.38 -55.18
N ARG F 349 13.52 43.84 -54.08
CA ARG F 349 12.75 43.78 -52.84
C ARG F 349 13.02 44.99 -51.96
N GLY F 350 14.04 45.77 -52.31
CA GLY F 350 14.21 47.09 -51.75
C GLY F 350 15.52 47.38 -51.05
N GLY F 351 16.51 46.52 -51.21
CA GLY F 351 17.74 46.66 -50.46
C GLY F 351 18.79 47.57 -51.06
N ARG F 352 19.54 48.24 -50.20
CA ARG F 352 20.63 49.11 -50.64
C ARG F 352 21.85 48.26 -51.01
N LEU F 353 22.21 48.25 -52.29
CA LEU F 353 23.45 47.63 -52.74
C LEU F 353 24.61 48.58 -52.46
N LEU F 354 25.49 48.20 -51.53
CA LEU F 354 26.56 49.10 -51.16
C LEU F 354 27.77 49.05 -52.09
N ILE F 355 27.99 47.90 -52.73
CA ILE F 355 29.19 47.72 -53.53
C ILE F 355 29.18 46.40 -54.32
N GLY F 356 30.00 46.30 -55.36
CA GLY F 356 30.13 45.08 -56.15
C GLY F 356 28.90 44.67 -56.94
N GLY F 357 29.05 43.56 -57.68
CA GLY F 357 27.99 43.06 -58.54
C GLY F 357 28.55 42.83 -59.93
N ARG F 358 29.65 43.53 -60.22
CA ARG F 358 30.33 43.39 -61.50
C ARG F 358 30.73 41.92 -61.66
N SER F 359 30.49 41.34 -62.83
CA SER F 359 30.84 39.95 -63.06
C SER F 359 31.26 39.72 -64.50
N TRP F 360 32.48 39.25 -64.69
CA TRP F 360 32.96 38.85 -66.00
C TRP F 360 33.43 37.40 -65.96
N GLY F 361 33.21 36.66 -67.04
CA GLY F 361 33.48 35.23 -67.05
C GLY F 361 32.85 34.52 -65.85
N ASN F 362 33.69 33.98 -64.99
CA ASN F 362 33.22 33.33 -63.79
C ASN F 362 33.58 34.15 -62.56
N PHE F 363 34.19 35.31 -62.79
CA PHE F 363 34.54 36.19 -61.69
C PHE F 363 33.35 37.08 -61.32
N PHE F 364 33.35 37.52 -60.06
CA PHE F 364 32.22 38.20 -59.48
C PHE F 364 32.69 39.02 -58.27
N GLU F 365 32.58 40.34 -58.36
CA GLU F 365 32.91 41.20 -57.24
C GLU F 365 31.84 41.06 -56.17
N PRO F 366 32.26 40.77 -54.92
CA PRO F 366 31.36 40.59 -53.78
C PRO F 366 30.31 41.70 -53.65
N ALA F 367 29.03 41.30 -53.71
CA ALA F 367 27.89 42.20 -53.62
C ALA F 367 27.35 42.31 -52.19
N ILE F 368 27.49 43.49 -51.58
CA ILE F 368 27.06 43.67 -50.18
C ILE F 368 25.76 44.47 -50.06
N PHE F 369 24.80 43.93 -49.31
CA PHE F 369 23.51 44.58 -49.10
C PHE F 369 23.23 44.97 -47.65
N VAL F 370 22.43 46.03 -47.47
CA VAL F 370 21.83 46.38 -46.19
C VAL F 370 20.38 46.66 -46.45
N ASP F 371 19.65 47.09 -45.43
CA ASP F 371 18.23 47.36 -45.56
C ASP F 371 17.56 46.17 -46.23
N VAL F 372 17.76 45.01 -45.65
CA VAL F 372 17.05 43.84 -46.11
C VAL F 372 16.02 43.44 -45.05
N ASP F 373 15.15 42.51 -45.40
CA ASP F 373 14.23 41.95 -44.42
C ASP F 373 14.16 40.42 -44.62
N ARG F 374 13.39 39.75 -43.78
CA ARG F 374 13.41 38.30 -43.72
C ARG F 374 12.90 37.61 -44.99
N ASN F 375 12.34 38.36 -45.93
CA ASN F 375 11.77 37.71 -47.12
C ASN F 375 12.72 37.70 -48.31
N PHE F 376 13.85 38.41 -48.20
CA PHE F 376 14.86 38.37 -49.28
C PHE F 376 15.38 36.94 -49.48
N ARG F 377 15.64 36.57 -50.73
CA ARG F 377 16.23 35.26 -51.01
C ARG F 377 17.55 35.05 -50.26
N ILE F 378 18.38 36.10 -50.19
CA ILE F 378 19.67 35.99 -49.51
C ILE F 378 19.54 35.91 -48.00
N MET F 379 18.31 35.82 -47.49
CA MET F 379 18.09 35.56 -46.08
C MET F 379 17.38 34.22 -45.85
N ARG F 380 16.72 33.69 -46.89
CA ARG F 380 15.99 32.44 -46.77
C ARG F 380 16.74 31.28 -47.39
N GLU F 381 17.74 31.58 -48.21
CA GLU F 381 18.47 30.50 -48.89
C GLU F 381 19.96 30.52 -48.55
N GLU F 382 20.62 29.39 -48.74
CA GLU F 382 22.07 29.37 -48.67
C GLU F 382 22.60 30.10 -49.89
N VAL F 383 23.39 31.14 -49.65
CA VAL F 383 23.99 31.89 -50.73
C VAL F 383 25.46 31.51 -50.80
N PHE F 384 25.72 30.53 -51.67
CA PHE F 384 27.04 29.90 -51.81
C PHE F 384 27.99 30.64 -52.78
N GLY F 385 28.26 31.90 -52.48
CA GLY F 385 29.12 32.75 -53.28
C GLY F 385 29.17 34.14 -52.70
N PRO F 386 29.83 35.08 -53.41
CA PRO F 386 30.11 36.36 -52.77
C PRO F 386 28.94 37.38 -52.85
N VAL F 387 27.82 37.07 -52.20
CA VAL F 387 26.74 38.03 -52.01
C VAL F 387 26.30 37.99 -50.55
N ARG F 388 26.48 39.10 -49.83
CA ARG F 388 26.29 39.09 -48.38
C ARG F 388 25.41 40.24 -47.86
N PRO F 389 24.37 39.90 -47.09
CA PRO F 389 23.55 40.92 -46.42
C PRO F 389 24.10 41.28 -45.05
N ILE F 390 23.77 42.49 -44.60
CA ILE F 390 24.13 42.96 -43.28
C ILE F 390 22.87 43.49 -42.61
N VAL F 391 22.52 42.91 -41.47
CA VAL F 391 21.28 43.24 -40.80
C VAL F 391 21.54 43.91 -39.47
N VAL F 392 20.90 45.05 -39.28
CA VAL F 392 21.10 45.83 -38.07
C VAL F 392 20.00 45.50 -37.07
N VAL F 393 20.38 45.22 -35.83
CA VAL F 393 19.43 44.78 -34.82
C VAL F 393 19.52 45.68 -33.59
N GLU F 394 18.42 45.78 -32.86
CA GLU F 394 18.33 46.71 -31.74
C GLU F 394 18.90 46.16 -30.42
N ASN F 395 18.92 44.84 -30.26
CA ASN F 395 19.41 44.23 -29.02
C ASN F 395 19.80 42.74 -29.21
N ASP F 396 20.34 42.13 -28.15
CA ASP F 396 20.79 40.74 -28.20
C ASP F 396 19.66 39.77 -28.58
N ASP F 397 18.45 40.04 -28.14
CA ASP F 397 17.34 39.14 -28.42
C ASP F 397 16.95 39.14 -29.90
N GLN F 398 16.99 40.31 -30.54
CA GLN F 398 16.73 40.42 -31.97
C GLN F 398 17.80 39.65 -32.73
N ALA F 399 19.05 39.88 -32.34
CA ALA F 399 20.21 39.20 -32.93
C ALA F 399 19.96 37.70 -32.99
N VAL F 400 19.51 37.14 -31.88
CA VAL F 400 19.22 35.72 -31.79
C VAL F 400 17.99 35.37 -32.62
N GLU F 401 16.93 36.18 -32.49
CA GLU F 401 15.69 35.99 -33.27
C GLU F 401 16.02 35.89 -34.76
N VAL F 402 16.81 36.84 -35.26
CA VAL F 402 17.22 36.87 -36.66
C VAL F 402 18.10 35.68 -37.01
N ALA F 403 19.08 35.39 -36.16
CA ALA F 403 20.04 34.29 -36.38
C ALA F 403 19.37 32.92 -36.55
N ASN F 404 18.35 32.63 -35.75
CA ASN F 404 17.67 31.35 -35.88
C ASN F 404 16.58 31.37 -36.96
N ASP F 405 16.40 32.52 -37.63
CA ASP F 405 15.37 32.59 -38.66
C ASP F 405 15.86 32.01 -39.97
N THR F 406 16.20 30.73 -39.93
CA THR F 406 16.61 30.01 -41.12
C THR F 406 16.29 28.55 -40.95
N ASP F 407 16.37 27.78 -42.03
CA ASP F 407 16.21 26.35 -41.92
C ASP F 407 17.51 25.67 -41.59
N TYR F 408 18.60 26.43 -41.62
CA TYR F 408 19.91 25.85 -41.42
C TYR F 408 20.36 25.95 -39.98
N GLY F 409 21.35 25.14 -39.63
CA GLY F 409 21.87 25.10 -38.29
C GLY F 409 23.22 24.40 -38.32
N LEU F 410 24.13 24.93 -39.12
CA LEU F 410 25.46 24.39 -39.25
C LEU F 410 26.39 25.01 -38.21
N SER F 411 26.79 26.24 -38.46
CA SER F 411 27.67 26.96 -37.56
C SER F 411 27.13 28.37 -37.28
N GLY F 412 27.97 29.22 -36.70
CA GLY F 412 27.61 30.58 -36.31
C GLY F 412 28.68 31.19 -35.41
N ALA F 413 28.58 32.49 -35.12
CA ALA F 413 29.59 33.11 -34.27
C ALA F 413 29.13 34.44 -33.68
N VAL F 414 29.71 34.81 -32.55
CA VAL F 414 29.38 36.07 -31.94
C VAL F 414 30.65 36.75 -31.44
N LEU F 415 30.77 38.04 -31.75
CA LEU F 415 31.90 38.84 -31.32
C LEU F 415 31.50 39.76 -30.20
N THR F 416 32.11 39.57 -29.05
CA THR F 416 31.85 40.41 -27.89
C THR F 416 32.94 40.19 -26.86
N ASN F 417 33.08 41.13 -25.94
CA ASN F 417 34.02 40.96 -24.83
C ASN F 417 33.27 40.70 -23.53
N ASN F 418 31.94 40.64 -23.61
CA ASN F 418 31.11 40.41 -22.43
C ASN F 418 30.76 38.92 -22.25
N VAL F 419 31.24 38.31 -21.16
CA VAL F 419 31.07 36.87 -20.97
C VAL F 419 29.60 36.46 -21.00
N ASN F 420 28.75 37.26 -20.35
CA ASN F 420 27.35 36.91 -20.26
C ASN F 420 26.68 37.03 -21.61
N ARG F 421 27.07 38.04 -22.36
CA ARG F 421 26.45 38.22 -23.67
C ARG F 421 26.91 37.11 -24.62
N ALA F 422 28.14 36.64 -24.45
CA ALA F 422 28.70 35.61 -25.32
C ALA F 422 28.00 34.27 -25.14
N PHE F 423 27.81 33.87 -23.89
CA PHE F 423 27.30 32.55 -23.65
C PHE F 423 25.79 32.49 -23.80
N ARG F 424 25.10 33.54 -23.35
CA ARG F 424 23.66 33.64 -23.55
C ARG F 424 23.31 33.53 -25.02
N ILE F 425 24.13 34.17 -25.84
CA ILE F 425 23.90 34.16 -27.27
C ILE F 425 24.31 32.80 -27.88
N ALA F 426 25.42 32.23 -27.43
CA ALA F 426 25.80 30.90 -27.87
C ALA F 426 24.74 29.85 -27.53
N GLU F 427 24.33 29.81 -26.27
CA GLU F 427 23.29 28.88 -25.86
C GLU F 427 22.02 29.05 -26.71
N ALA F 428 21.69 30.28 -27.09
CA ALA F 428 20.43 30.54 -27.78
C ALA F 428 20.46 30.25 -29.29
N VAL F 429 21.60 30.43 -29.94
CA VAL F 429 21.66 30.21 -31.38
C VAL F 429 21.60 28.73 -31.66
N GLU F 430 20.81 28.35 -32.67
CA GLU F 430 20.57 26.96 -33.00
C GLU F 430 21.48 26.50 -34.13
N SER F 431 22.54 25.80 -33.76
CA SER F 431 23.54 25.37 -34.72
C SER F 431 24.29 24.20 -34.12
N GLY F 432 24.94 23.43 -34.98
CA GLY F 432 25.71 22.27 -34.57
C GLY F 432 27.10 22.66 -34.12
N MET F 433 27.53 23.86 -34.48
CA MET F 433 28.82 24.37 -34.08
C MET F 433 28.69 25.86 -33.78
N PHE F 434 29.50 26.35 -32.84
CA PHE F 434 29.46 27.76 -32.52
C PHE F 434 30.81 28.27 -32.01
N HIS F 435 31.19 29.47 -32.46
CA HIS F 435 32.48 30.05 -32.11
C HIS F 435 32.37 31.45 -31.52
N ILE F 436 32.93 31.63 -30.32
CA ILE F 436 32.91 32.93 -29.70
C ILE F 436 34.24 33.63 -29.98
N ASN F 437 34.14 34.81 -30.61
CA ASN F 437 35.28 35.62 -31.05
C ASN F 437 36.21 34.91 -32.03
N ASP F 438 35.64 34.19 -32.99
CA ASP F 438 36.43 33.72 -34.12
C ASP F 438 35.56 33.67 -35.38
N VAL F 439 36.15 33.28 -36.51
CA VAL F 439 35.41 33.04 -37.76
C VAL F 439 34.37 31.92 -37.62
N THR F 440 33.35 31.94 -38.48
CA THR F 440 32.35 30.86 -38.47
C THR F 440 32.90 29.53 -38.96
N PHE F 441 33.94 29.58 -39.78
CA PHE F 441 34.35 28.38 -40.47
C PHE F 441 35.57 27.74 -39.83
N LEU F 442 35.76 28.03 -38.54
CA LEU F 442 36.76 27.33 -37.73
C LEU F 442 36.57 25.82 -37.88
N GLU F 443 37.68 25.09 -38.07
CA GLU F 443 37.63 23.64 -38.18
C GLU F 443 38.97 22.98 -37.81
N GLU F 444 38.89 21.97 -36.94
CA GLU F 444 40.06 21.21 -36.50
C GLU F 444 39.84 19.76 -36.92
N SER F 445 40.92 18.99 -37.05
CA SER F 445 40.80 17.65 -37.65
C SER F 445 40.03 16.62 -36.77
N HIS F 446 39.86 16.92 -35.49
CA HIS F 446 39.34 15.91 -34.57
C HIS F 446 38.13 16.35 -33.75
N VAL F 447 37.58 17.51 -34.07
CA VAL F 447 36.38 17.96 -33.39
C VAL F 447 35.15 17.44 -34.13
N PRO F 448 34.01 17.35 -33.45
CA PRO F 448 32.79 16.96 -34.16
C PRO F 448 32.31 18.06 -35.15
N PHE F 449 32.41 17.80 -36.44
CA PHE F 449 31.97 18.77 -37.45
C PHE F 449 30.66 18.32 -38.13
N GLY F 450 29.66 19.20 -38.08
CA GLY F 450 28.32 18.84 -38.52
C GLY F 450 27.29 19.83 -38.03
N GLY F 451 26.06 19.69 -38.51
CA GLY F 451 25.01 20.66 -38.18
C GLY F 451 23.67 20.05 -37.81
N ILE F 452 22.68 20.89 -37.59
CA ILE F 452 21.35 20.41 -37.25
C ILE F 452 20.36 20.96 -38.27
N LYS F 453 19.08 20.70 -38.03
CA LYS F 453 18.03 21.13 -38.94
C LYS F 453 18.37 20.72 -40.37
N ALA F 454 18.40 21.68 -41.30
CA ALA F 454 18.60 21.37 -42.71
C ALA F 454 20.07 21.22 -43.11
N SER F 455 20.97 21.36 -42.14
CA SER F 455 22.40 21.26 -42.40
C SER F 455 22.93 19.82 -42.30
N GLY F 456 22.15 18.93 -41.70
CA GLY F 456 22.51 17.54 -41.79
C GLY F 456 22.29 16.71 -40.56
N VAL F 457 22.82 15.49 -40.63
CA VAL F 457 22.77 14.53 -39.55
C VAL F 457 24.16 13.94 -39.39
N GLY F 458 24.60 13.82 -38.14
CA GLY F 458 25.88 13.18 -37.84
C GLY F 458 27.05 14.15 -37.76
N ARG F 459 28.22 13.60 -37.43
CA ARG F 459 29.42 14.39 -37.21
C ARG F 459 30.69 13.73 -37.78
N GLU F 460 31.63 14.53 -38.27
CA GLU F 460 32.88 13.98 -38.77
C GLU F 460 34.07 14.70 -38.14
N GLY F 461 35.17 13.99 -38.01
CA GLY F 461 36.34 14.52 -37.34
C GLY F 461 36.77 13.59 -36.22
N GLY F 462 37.96 13.02 -36.36
CA GLY F 462 38.48 12.07 -35.40
C GLY F 462 37.54 10.92 -35.07
N GLU F 463 37.33 10.72 -33.77
CA GLU F 463 36.40 9.74 -33.21
C GLU F 463 34.98 9.83 -33.75
N TRP F 464 34.52 11.04 -34.07
CA TRP F 464 33.16 11.22 -34.56
C TRP F 464 32.96 10.57 -35.92
N SER F 465 33.93 10.74 -36.81
CA SER F 465 33.98 9.93 -38.03
C SER F 465 33.91 8.43 -37.72
N PHE F 466 34.65 8.01 -36.68
CA PHE F 466 34.67 6.61 -36.26
C PHE F 466 33.30 6.15 -35.79
N HIS F 467 32.58 7.02 -35.08
CA HIS F 467 31.23 6.72 -34.65
C HIS F 467 30.34 6.43 -35.86
N GLU F 468 30.42 7.33 -36.86
CA GLU F 468 29.60 7.27 -38.07
C GLU F 468 29.78 5.97 -38.85
N THR F 469 31.02 5.50 -38.91
CA THR F 469 31.35 4.37 -39.77
C THR F 469 31.69 3.12 -38.98
N THR F 470 31.17 3.02 -37.77
CA THR F 470 31.23 1.77 -37.02
C THR F 470 29.90 1.55 -36.33
N TYR F 471 29.72 0.34 -35.81
CA TYR F 471 28.58 0.08 -34.95
C TYR F 471 29.03 -0.54 -33.66
N ASP F 472 28.26 -0.36 -32.62
CA ASP F 472 28.54 -0.94 -31.32
C ASP F 472 28.00 -2.37 -31.24
N ARG F 473 28.74 -3.28 -30.62
CA ARG F 473 28.22 -4.63 -30.48
C ARG F 473 28.26 -5.14 -29.02
N TRP F 474 27.07 -5.23 -28.43
CA TRP F 474 26.92 -5.81 -27.10
C TRP F 474 27.15 -7.32 -27.12
N VAL F 475 28.17 -7.75 -26.39
CA VAL F 475 28.55 -9.16 -26.31
C VAL F 475 28.71 -9.58 -24.84
N THR F 476 28.13 -10.74 -24.49
CA THR F 476 28.19 -11.22 -23.10
C THR F 476 28.72 -12.64 -22.97
N VAL F 477 29.17 -12.99 -21.77
CA VAL F 477 29.44 -14.37 -21.39
C VAL F 477 28.78 -14.68 -20.05
N THR F 478 27.98 -15.75 -20.01
CA THR F 478 27.32 -16.16 -18.76
C THR F 478 28.04 -17.37 -18.13
N LEU F 479 28.41 -17.24 -16.86
CA LEU F 479 29.30 -18.19 -16.20
C LEU F 479 28.60 -19.07 -15.17
N ARG F 480 27.29 -19.00 -15.12
CA ARG F 480 26.55 -19.88 -14.23
C ARG F 480 25.30 -20.26 -14.95
N THR F 481 24.85 -21.50 -14.75
CA THR F 481 23.62 -21.93 -15.37
C THR F 481 22.46 -21.42 -14.52
N ARG F 482 21.28 -21.32 -15.09
CA ARG F 482 20.13 -20.93 -14.26
C ARG F 482 18.89 -21.72 -14.60
N ARG F 483 17.90 -21.63 -13.72
CA ARG F 483 16.60 -22.23 -13.96
C ARG F 483 15.82 -21.30 -14.88
N PHE F 484 14.86 -21.85 -15.63
CA PHE F 484 14.11 -21.05 -16.58
C PHE F 484 12.64 -21.05 -16.21
N PRO F 485 11.91 -20.02 -16.63
CA PRO F 485 10.49 -19.91 -16.26
C PRO F 485 9.58 -20.94 -16.93
N ILE F 486 9.85 -21.31 -18.19
CA ILE F 486 9.08 -22.34 -18.87
C ILE F 486 9.96 -23.53 -19.24
N PRO F 487 9.42 -24.75 -19.13
CA PRO F 487 8.05 -25.02 -18.66
C PRO F 487 8.01 -24.91 -17.14
N SER F 488 6.89 -24.44 -16.59
CA SER F 488 6.82 -24.20 -15.16
C SER F 488 6.69 -25.47 -14.33
N ALA F 489 6.57 -26.61 -15.00
CA ALA F 489 6.41 -27.88 -14.31
C ALA F 489 7.70 -28.35 -13.61
N LEU F 490 8.85 -27.93 -14.12
CA LEU F 490 10.16 -28.32 -13.57
C LEU F 490 10.39 -27.74 -12.16
N LYS F 491 11.09 -28.42 -11.23
N MET G 7 22.69 10.84 27.23
CA MET G 7 22.70 10.19 25.92
C MET G 7 24.00 9.41 25.69
N LYS G 8 23.90 8.12 25.37
CA LYS G 8 25.11 7.30 25.22
C LYS G 8 25.29 6.72 23.82
N VAL G 9 26.30 7.20 23.10
CA VAL G 9 26.56 6.69 21.76
C VAL G 9 27.62 5.58 21.81
N ALA G 10 27.60 4.73 20.78
CA ALA G 10 28.48 3.56 20.73
C ALA G 10 29.16 3.47 19.38
N ASN G 11 30.13 2.57 19.29
CA ASN G 11 30.68 2.14 18.00
C ASN G 11 29.71 1.23 17.24
N TYR G 12 29.94 1.09 15.94
CA TYR G 12 29.17 0.15 15.14
C TYR G 12 30.16 -0.75 14.39
N ILE G 13 30.28 -1.98 14.89
CA ILE G 13 31.25 -2.91 14.31
C ILE G 13 30.60 -4.22 13.99
N ASN G 14 30.75 -4.64 12.73
CA ASN G 14 30.24 -5.91 12.26
C ASN G 14 28.75 -6.09 12.56
N GLY G 15 27.94 -5.10 12.21
CA GLY G 15 26.49 -5.17 12.41
C GLY G 15 25.98 -5.05 13.84
N GLU G 16 26.85 -4.70 14.79
CA GLU G 16 26.48 -4.60 16.19
C GLU G 16 26.95 -3.27 16.78
N PHE G 17 26.10 -2.61 17.57
CA PHE G 17 26.53 -1.47 18.35
C PHE G 17 27.18 -1.97 19.64
N LYS G 18 28.40 -1.52 19.91
CA LYS G 18 29.10 -1.97 21.11
C LYS G 18 29.95 -0.89 21.73
N GLU G 19 30.51 -1.21 22.89
CA GLU G 19 31.32 -0.29 23.67
C GLU G 19 32.77 -0.49 23.29
N PRO G 20 33.62 0.50 23.59
CA PRO G 20 35.05 0.32 23.35
C PRO G 20 35.56 -0.80 24.22
N SER G 21 36.49 -1.60 23.70
CA SER G 21 37.11 -2.66 24.47
C SER G 21 37.69 -2.11 25.77
N THR G 22 38.20 -0.88 25.70
CA THR G 22 38.82 -0.23 26.85
C THR G 22 37.83 0.32 27.86
N GLY G 23 36.54 0.25 27.55
CA GLY G 23 35.51 0.80 28.43
C GLY G 23 35.73 2.26 28.82
N ALA G 24 36.58 2.98 28.08
CA ALA G 24 36.77 4.41 28.29
C ALA G 24 35.71 5.22 27.56
N PHE G 25 35.11 6.19 28.24
CA PHE G 25 34.14 7.10 27.61
C PHE G 25 34.51 8.55 27.84
N GLN G 26 33.93 9.43 27.03
CA GLN G 26 34.27 10.84 27.06
C GLN G 26 33.02 11.66 26.82
N VAL G 27 33.05 12.92 27.20
CA VAL G 27 31.84 13.73 27.20
C VAL G 27 31.85 14.81 26.13
N LYS G 28 30.95 14.67 25.17
CA LYS G 28 30.84 15.66 24.10
C LYS G 28 29.98 16.84 24.54
N THR G 29 30.60 18.03 24.54
CA THR G 29 29.97 19.27 24.98
C THR G 29 29.58 20.13 23.79
N SER G 30 28.60 21.01 23.99
CA SER G 30 28.21 21.94 22.93
C SER G 30 29.20 23.10 22.82
N PRO G 31 29.44 23.56 21.59
CA PRO G 31 30.34 24.71 21.44
C PRO G 31 29.60 26.01 21.73
N VAL G 32 28.28 25.91 21.81
CA VAL G 32 27.41 27.05 22.11
C VAL G 32 27.44 27.43 23.59
N ASP G 33 27.30 26.45 24.48
CA ASP G 33 27.21 26.73 25.91
C ASP G 33 27.91 25.69 26.78
N GLY G 34 28.69 24.82 26.17
CA GLY G 34 29.42 23.80 26.91
C GLY G 34 28.55 22.77 27.61
N SER G 35 27.27 22.71 27.25
CA SER G 35 26.36 21.69 27.81
C SER G 35 26.69 20.28 27.32
N LYS G 36 26.38 19.31 28.18
CA LYS G 36 26.62 17.89 27.90
C LYS G 36 25.65 17.36 26.85
N ILE G 37 26.19 16.95 25.70
CA ILE G 37 25.38 16.40 24.62
C ILE G 37 25.27 14.87 24.68
N ALA G 38 26.41 14.19 24.78
CA ALA G 38 26.42 12.74 24.89
C ALA G 38 27.73 12.18 25.43
N GLU G 39 27.63 11.00 26.03
CA GLU G 39 28.81 10.25 26.44
C GLU G 39 29.26 9.39 25.26
N VAL G 40 30.49 9.60 24.79
CA VAL G 40 30.95 8.94 23.58
C VAL G 40 32.15 8.08 23.89
N PRO G 41 32.36 7.03 23.08
CA PRO G 41 33.51 6.13 23.22
C PRO G 41 34.85 6.85 23.14
N ARG G 42 35.88 6.21 23.69
CA ARG G 42 37.25 6.67 23.50
C ARG G 42 38.04 5.44 23.09
N SER G 43 37.85 5.04 21.83
CA SER G 43 38.30 3.73 21.38
C SER G 43 39.82 3.66 21.23
N GLY G 44 40.34 2.45 21.10
CA GLY G 44 41.77 2.23 20.90
C GLY G 44 42.05 1.31 19.74
N ARG G 45 43.31 0.89 19.61
CA ARG G 45 43.75 0.10 18.46
C ARG G 45 43.02 -1.23 18.27
N GLU G 46 42.58 -1.88 19.35
CA GLU G 46 41.91 -3.16 19.20
C GLU G 46 40.53 -2.93 18.57
N ASP G 47 39.90 -1.83 18.94
CA ASP G 47 38.63 -1.44 18.34
C ASP G 47 38.76 -1.20 16.81
N ALA G 48 39.80 -0.48 16.42
CA ALA G 48 40.09 -0.27 15.01
C ALA G 48 40.28 -1.63 14.31
N ARG G 49 41.10 -2.47 14.92
CA ARG G 49 41.42 -3.79 14.38
C ARG G 49 40.17 -4.66 14.18
N GLU G 50 39.29 -4.65 15.18
CA GLU G 50 38.07 -5.44 15.11
C GLU G 50 37.14 -4.94 14.01
N ALA G 51 37.05 -3.62 13.87
CA ALA G 51 36.27 -3.05 12.78
C ALA G 51 36.89 -3.38 11.43
N ILE G 52 38.21 -3.30 11.35
CA ILE G 52 38.90 -3.62 10.12
C ILE G 52 38.69 -5.08 9.74
N ASP G 53 39.02 -6.01 10.63
CA ASP G 53 38.80 -7.42 10.38
C ASP G 53 37.37 -7.70 9.93
N SER G 54 36.40 -7.07 10.59
CA SER G 54 35.00 -7.14 10.14
C SER G 54 34.81 -6.73 8.68
N ALA G 55 35.47 -5.66 8.27
CA ALA G 55 35.30 -5.14 6.92
C ALA G 55 35.92 -6.08 5.88
N PHE G 56 37.13 -6.55 6.17
CA PHE G 56 37.81 -7.55 5.34
C PHE G 56 36.91 -8.76 5.11
N GLU G 57 36.33 -9.26 6.20
CA GLU G 57 35.45 -10.42 6.15
C GLU G 57 34.21 -10.21 5.26
N ALA G 58 33.65 -8.99 5.26
CA ALA G 58 32.42 -8.69 4.53
C ALA G 58 32.66 -8.46 3.03
N LEU G 59 33.91 -8.16 2.71
CA LEU G 59 34.34 -7.71 1.40
C LEU G 59 33.90 -8.58 0.22
N LYS G 60 34.34 -9.83 0.21
CA LYS G 60 34.09 -10.71 -0.93
C LYS G 60 32.61 -10.68 -1.29
N ALA G 61 31.77 -11.00 -0.31
CA ALA G 61 30.32 -11.04 -0.54
C ALA G 61 29.75 -9.68 -0.99
N TRP G 62 30.21 -8.59 -0.38
CA TRP G 62 29.75 -7.26 -0.79
C TRP G 62 30.26 -6.81 -2.16
N ALA G 63 31.52 -7.13 -2.47
CA ALA G 63 32.09 -6.72 -3.75
C ALA G 63 31.63 -7.59 -4.94
N ASN G 64 31.14 -8.80 -4.67
CA ASN G 64 30.77 -9.72 -5.76
C ASN G 64 29.31 -9.69 -6.16
N ILE G 65 28.45 -9.18 -5.30
CA ILE G 65 27.06 -9.01 -5.69
C ILE G 65 27.01 -7.99 -6.85
N PRO G 66 26.01 -8.09 -7.73
CA PRO G 66 25.89 -7.12 -8.83
C PRO G 66 25.70 -5.68 -8.32
N ALA G 67 26.19 -4.70 -9.07
CA ALA G 67 26.15 -3.30 -8.61
C ALA G 67 24.73 -2.89 -8.27
N ILE G 68 23.76 -3.36 -9.05
CA ILE G 68 22.37 -3.03 -8.77
C ILE G 68 21.95 -3.40 -7.34
N ARG G 69 22.44 -4.52 -6.80
CA ARG G 69 22.18 -4.85 -5.39
C ARG G 69 22.75 -3.79 -4.44
N ARG G 70 23.96 -3.32 -4.73
CA ARG G 70 24.56 -2.28 -3.92
C ARG G 70 23.77 -0.99 -4.07
N ALA G 71 23.39 -0.67 -5.30
CA ALA G 71 22.53 0.49 -5.52
C ALA G 71 21.28 0.40 -4.64
N GLU G 72 20.71 -0.79 -4.53
CA GLU G 72 19.49 -0.95 -3.75
C GLU G 72 19.70 -0.58 -2.27
N TYR G 73 20.78 -1.04 -1.68
CA TYR G 73 21.07 -0.70 -0.28
C TYR G 73 21.21 0.83 -0.11
N LEU G 74 21.90 1.48 -1.05
CA LEU G 74 22.05 2.93 -1.01
C LEU G 74 20.72 3.70 -1.12
N TYR G 75 19.75 3.16 -1.86
CA TYR G 75 18.44 3.79 -1.92
C TYR G 75 17.69 3.55 -0.62
N LYS G 76 17.87 2.37 -0.04
CA LYS G 76 17.27 2.07 1.25
C LYS G 76 17.86 3.02 2.30
N MET G 77 19.11 3.41 2.06
CA MET G 77 19.79 4.32 2.95
C MET G 77 19.28 5.74 2.76
N LEU G 78 19.03 6.12 1.52
CA LEU G 78 18.46 7.42 1.22
C LEU G 78 17.10 7.61 1.86
N GLU G 79 16.29 6.57 1.84
CA GLU G 79 14.94 6.69 2.38
C GLU G 79 15.02 6.82 3.90
N VAL G 80 16.01 6.20 4.51
CA VAL G 80 16.17 6.29 5.95
C VAL G 80 16.69 7.66 6.33
N PHE G 81 17.71 8.11 5.60
CA PHE G 81 18.29 9.43 5.81
C PHE G 81 17.19 10.47 5.82
N ARG G 82 16.28 10.38 4.84
CA ARG G 82 15.18 11.33 4.73
C ARG G 82 14.32 11.36 6.00
N GLN G 83 14.11 10.19 6.61
CA GLN G 83 13.36 10.08 7.85
C GLN G 83 14.12 10.68 9.04
N MET G 84 15.44 10.73 8.94
CA MET G 84 16.27 11.20 10.03
C MET G 84 16.72 12.65 9.85
N LYS G 85 16.22 13.32 8.83
CA LYS G 85 16.69 14.66 8.45
C LYS G 85 16.73 15.68 9.59
N GLU G 86 15.68 15.72 10.39
CA GLU G 86 15.59 16.70 11.48
C GLU G 86 16.60 16.37 12.55
N ASP G 87 16.83 15.09 12.79
CA ASP G 87 17.79 14.69 13.82
C ASP G 87 19.21 15.06 13.41
N PHE G 88 19.54 14.88 12.15
CA PHE G 88 20.87 15.28 11.69
C PHE G 88 21.10 16.78 11.84
N MET G 89 20.14 17.58 11.39
CA MET G 89 20.24 19.03 11.48
C MET G 89 20.49 19.47 12.90
N LYS G 90 19.64 18.95 13.79
CA LYS G 90 19.67 19.24 15.20
C LYS G 90 21.05 19.00 15.80
N ILE G 91 21.66 17.87 15.47
CA ILE G 91 22.97 17.51 16.00
C ILE G 91 24.06 18.35 15.34
N LEU G 92 23.88 18.67 14.06
CA LEU G 92 24.85 19.50 13.37
C LEU G 92 24.91 20.89 13.99
N THR G 93 23.74 21.42 14.38
CA THR G 93 23.66 22.69 15.09
C THR G 93 24.19 22.62 16.53
N VAL G 94 23.57 21.77 17.33
CA VAL G 94 23.90 21.54 18.74
C VAL G 94 25.33 21.07 19.01
N GLU G 95 25.82 20.16 18.17
CA GLU G 95 27.16 19.58 18.35
C GLU G 95 28.20 20.35 17.53
N GLY G 96 27.76 20.96 16.44
CA GLY G 96 28.71 21.56 15.52
C GLY G 96 28.65 23.06 15.44
N GLY G 97 27.62 23.64 16.04
CA GLY G 97 27.51 25.07 16.13
C GLY G 97 26.95 25.69 14.88
N GLY G 98 26.52 24.85 13.94
CA GLY G 98 26.00 25.32 12.69
C GLY G 98 24.63 26.00 12.82
N THR G 99 24.41 27.03 12.00
CA THR G 99 23.12 27.70 11.93
C THR G 99 22.08 26.85 11.17
N TYR G 100 20.80 27.17 11.35
CA TYR G 100 19.71 26.51 10.63
C TYR G 100 20.00 26.44 9.14
N ARG G 101 20.26 27.60 8.55
CA ARG G 101 20.51 27.68 7.12
C ARG G 101 21.74 26.86 6.72
N LYS G 102 22.75 26.84 7.57
CA LYS G 102 23.96 26.11 7.26
C LYS G 102 23.72 24.62 7.24
N VAL G 103 23.07 24.10 8.29
CA VAL G 103 22.88 22.66 8.48
C VAL G 103 21.79 22.13 7.55
N TRP G 104 20.85 23.01 7.21
CA TRP G 104 19.87 22.72 6.17
C TRP G 104 20.59 22.38 4.87
N GLY G 105 21.44 23.31 4.45
CA GLY G 105 22.24 23.14 3.26
C GLY G 105 23.07 21.87 3.27
N GLU G 106 23.62 21.50 4.42
CA GLU G 106 24.42 20.28 4.51
C GLU G 106 23.55 19.04 4.39
N VAL G 107 22.37 19.10 5.02
CA VAL G 107 21.44 17.97 4.96
C VAL G 107 20.84 17.77 3.56
N VAL G 108 20.54 18.88 2.87
CA VAL G 108 20.04 18.77 1.51
C VAL G 108 21.11 18.17 0.60
N PHE G 109 22.33 18.69 0.72
CA PHE G 109 23.45 18.21 -0.08
C PHE G 109 23.74 16.73 0.22
N THR G 110 23.65 16.34 1.49
CA THR G 110 23.92 14.95 1.86
C THR G 110 22.94 13.99 1.17
N GLU G 111 21.66 14.33 1.28
CA GLU G 111 20.62 13.63 0.56
C GLU G 111 21.01 13.39 -0.90
N ARG G 112 21.47 14.45 -1.55
CA ARG G 112 21.89 14.37 -2.93
C ARG G 112 23.16 13.57 -3.12
N LEU G 113 24.04 13.64 -2.12
CA LEU G 113 25.26 12.83 -2.14
C LEU G 113 24.94 11.33 -2.17
N ILE G 114 24.07 10.88 -1.26
CA ILE G 114 23.70 9.48 -1.18
C ILE G 114 23.04 9.03 -2.50
N GLN G 115 22.07 9.82 -2.98
CA GLN G 115 21.42 9.54 -4.26
C GLN G 115 22.39 9.43 -5.42
N ASN G 116 23.29 10.40 -5.53
CA ASN G 116 24.29 10.39 -6.61
C ASN G 116 25.13 9.11 -6.60
N ALA G 117 25.44 8.62 -5.40
CA ALA G 117 26.20 7.39 -5.29
C ALA G 117 25.36 6.20 -5.76
N ALA G 118 24.08 6.19 -5.40
CA ALA G 118 23.20 5.10 -5.77
C ALA G 118 22.98 5.09 -7.27
N GLU G 119 22.81 6.29 -7.84
CA GLU G 119 22.54 6.45 -9.26
C GLU G 119 23.70 5.99 -10.11
N LEU G 120 24.90 6.03 -9.54
CA LEU G 120 26.09 5.85 -10.37
C LEU G 120 26.72 4.47 -10.32
N ALA G 121 26.34 3.66 -9.33
CA ALA G 121 26.98 2.38 -9.10
C ALA G 121 26.91 1.44 -10.33
N ARG G 122 25.77 1.42 -11.02
CA ARG G 122 25.63 0.49 -12.12
C ARG G 122 26.26 1.00 -13.40
N HIS G 123 26.93 2.14 -13.36
CA HIS G 123 27.33 2.80 -14.61
C HIS G 123 28.79 3.12 -14.72
N TYR G 124 29.57 2.63 -13.76
CA TYR G 124 31.00 2.85 -13.74
C TYR G 124 31.66 1.89 -14.73
N GLN G 125 32.15 2.40 -15.85
CA GLN G 125 32.58 1.56 -16.98
C GLN G 125 34.08 1.34 -17.11
N GLY G 126 34.45 0.17 -17.66
CA GLY G 126 35.79 -0.09 -18.13
C GLY G 126 35.90 0.16 -19.62
N ARG G 127 36.97 -0.30 -20.25
CA ARG G 127 37.17 -0.06 -21.68
C ARG G 127 37.50 -1.34 -22.43
N VAL G 128 37.02 -1.43 -23.66
CA VAL G 128 37.48 -2.47 -24.56
C VAL G 128 38.56 -1.85 -25.42
N LEU G 129 39.72 -2.48 -25.49
CA LEU G 129 40.84 -1.91 -26.22
C LEU G 129 41.10 -2.59 -27.56
N GLN G 130 41.77 -1.85 -28.43
CA GLN G 130 42.27 -2.35 -29.69
C GLN G 130 43.63 -2.98 -29.46
N SER G 131 43.80 -4.27 -29.75
CA SER G 131 45.09 -4.94 -29.48
C SER G 131 46.06 -4.83 -30.64
N ASP G 132 47.34 -4.62 -30.32
CA ASP G 132 48.40 -4.57 -31.33
C ASP G 132 48.82 -5.98 -31.81
N SER G 133 48.23 -7.01 -31.22
CA SER G 133 48.47 -8.38 -31.67
C SER G 133 47.24 -9.00 -32.30
N GLU G 134 47.47 -10.00 -33.16
CA GLU G 134 46.38 -10.70 -33.83
C GLU G 134 45.65 -11.52 -32.80
N SER G 135 44.37 -11.79 -33.06
CA SER G 135 43.66 -12.83 -32.32
C SER G 135 43.72 -12.67 -30.79
N THR G 136 43.55 -11.42 -30.36
CA THR G 136 43.65 -11.03 -28.94
C THR G 136 42.50 -10.12 -28.50
N ILE G 137 41.81 -10.53 -27.44
CA ILE G 137 40.83 -9.65 -26.84
C ILE G 137 41.52 -8.85 -25.72
N SER G 138 41.50 -7.53 -25.83
CA SER G 138 42.09 -6.69 -24.79
C SER G 138 41.04 -5.80 -24.13
N VAL G 139 40.79 -6.03 -22.84
CA VAL G 139 39.81 -5.24 -22.10
C VAL G 139 40.32 -4.76 -20.73
N VAL G 140 39.62 -3.82 -20.11
CA VAL G 140 40.01 -3.32 -18.80
C VAL G 140 38.81 -3.32 -17.87
N PHE G 141 38.89 -4.05 -16.76
CA PHE G 141 37.81 -4.05 -15.77
C PHE G 141 38.06 -3.02 -14.66
N LYS G 142 37.01 -2.69 -13.91
CA LYS G 142 37.08 -1.92 -12.68
C LYS G 142 36.90 -2.79 -11.43
N ARG G 143 37.83 -2.71 -10.47
CA ARG G 143 37.73 -3.57 -9.29
C ARG G 143 37.79 -2.81 -7.97
N SER G 144 37.05 -3.27 -6.96
CA SER G 144 37.07 -2.65 -5.63
C SER G 144 38.47 -2.69 -5.09
N LYS G 145 38.83 -1.72 -4.27
CA LYS G 145 40.18 -1.75 -3.75
C LYS G 145 40.23 -2.67 -2.56
N GLY G 146 39.17 -2.65 -1.79
CA GLY G 146 39.07 -3.51 -0.62
C GLY G 146 38.39 -2.78 0.52
N VAL G 147 39.00 -2.88 1.70
CA VAL G 147 38.56 -2.16 2.90
C VAL G 147 39.08 -0.75 2.82
N VAL G 148 38.18 0.22 2.92
CA VAL G 148 38.59 1.62 2.81
C VAL G 148 38.40 2.39 4.12
N GLY G 149 39.50 2.97 4.60
CA GLY G 149 39.46 3.84 5.76
C GLY G 149 38.96 5.24 5.41
N VAL G 150 37.98 5.73 6.16
CA VAL G 150 37.43 7.06 5.95
C VAL G 150 37.65 7.95 7.18
N ILE G 151 38.49 8.98 7.04
CA ILE G 151 38.76 9.86 8.18
C ILE G 151 38.40 11.29 7.82
N THR G 152 37.60 11.92 8.69
CA THR G 152 36.92 13.16 8.34
C THR G 152 37.03 14.29 9.38
N PRO G 153 36.78 15.55 8.96
CA PRO G 153 36.92 16.68 9.87
C PRO G 153 35.58 17.12 10.48
N TRP G 154 35.61 18.22 11.22
CA TRP G 154 34.45 18.64 12.03
C TRP G 154 33.63 19.79 11.42
N ASN G 155 34.15 20.49 10.41
CA ASN G 155 33.43 21.65 9.88
C ASN G 155 32.12 21.27 9.15
N TYR G 156 32.18 20.33 8.20
CA TYR G 156 31.00 19.84 7.48
C TYR G 156 30.97 18.32 7.62
N PRO G 157 30.73 17.86 8.83
CA PRO G 157 31.00 16.46 9.16
C PRO G 157 30.00 15.50 8.53
N LEU G 158 28.76 15.91 8.35
CA LEU G 158 27.77 15.02 7.75
C LEU G 158 28.05 14.78 6.26
N SER G 159 28.10 15.85 5.48
CA SER G 159 28.21 15.71 4.03
C SER G 159 29.59 15.20 3.61
N ILE G 160 30.65 15.65 4.28
CA ILE G 160 31.98 15.19 3.89
C ILE G 160 32.12 13.69 4.18
N SER G 161 31.50 13.23 5.26
CA SER G 161 31.51 11.81 5.58
C SER G 161 30.69 11.02 4.56
N MET G 162 29.51 11.51 4.25
CA MET G 162 28.62 10.76 3.39
C MET G 162 29.11 10.73 1.95
N LYS G 163 29.87 11.74 1.53
CA LYS G 163 30.37 11.70 0.17
C LYS G 163 31.38 10.59 0.06
N LYS G 164 32.18 10.45 1.09
CA LYS G 164 33.23 9.44 1.10
C LYS G 164 32.63 8.06 1.29
N ILE G 165 31.71 7.94 2.24
CA ILE G 165 31.16 6.64 2.59
C ILE G 165 30.29 6.09 1.45
N ALA G 166 29.30 6.87 1.04
CA ALA G 166 28.33 6.42 0.05
C ALA G 166 28.99 5.97 -1.25
N HIS G 167 29.88 6.80 -1.78
CA HIS G 167 30.52 6.49 -3.05
C HIS G 167 31.51 5.33 -2.92
N THR G 168 32.18 5.23 -1.77
CA THR G 168 33.13 4.14 -1.59
C THR G 168 32.36 2.83 -1.51
N LEU G 169 31.22 2.91 -0.85
CA LEU G 169 30.32 1.78 -0.72
C LEU G 169 29.78 1.34 -2.07
N ALA G 170 29.28 2.32 -2.83
CA ALA G 170 28.59 2.06 -4.10
C ALA G 170 29.37 1.14 -5.03
N VAL G 171 30.69 1.29 -4.98
CA VAL G 171 31.54 0.72 -5.99
C VAL G 171 32.17 -0.60 -5.51
N GLY G 172 31.77 -1.07 -4.32
CA GLY G 172 32.10 -2.41 -3.89
C GLY G 172 33.08 -2.57 -2.74
N ASN G 173 33.53 -1.45 -2.17
CA ASN G 173 34.41 -1.46 -1.01
C ASN G 173 33.65 -1.54 0.31
N THR G 174 34.31 -2.03 1.35
CA THR G 174 33.74 -1.95 2.68
C THR G 174 34.42 -0.81 3.44
N VAL G 175 33.79 -0.37 4.53
CA VAL G 175 34.19 0.87 5.14
C VAL G 175 34.44 0.79 6.63
N VAL G 176 35.58 1.30 7.06
CA VAL G 176 35.83 1.62 8.44
C VAL G 176 35.98 3.14 8.61
N TYR G 177 35.07 3.72 9.39
CA TYR G 177 34.89 5.15 9.50
C TYR G 177 35.23 5.70 10.89
N LYS G 178 36.19 6.61 10.95
CA LYS G 178 36.53 7.31 12.18
C LYS G 178 36.23 8.81 12.05
N PRO G 179 35.12 9.26 12.63
CA PRO G 179 34.76 10.68 12.57
C PRO G 179 35.67 11.57 13.42
N ALA G 180 35.62 12.88 13.16
CA ALA G 180 36.34 13.88 13.96
C ALA G 180 35.82 13.87 15.39
N SER G 181 36.72 14.12 16.34
CA SER G 181 36.37 13.98 17.75
C SER G 181 35.41 15.06 18.26
N ASP G 182 35.42 16.22 17.63
CA ASP G 182 34.47 17.26 18.02
C ASP G 182 33.08 17.00 17.45
N THR G 183 32.99 16.11 16.46
CA THR G 183 31.68 15.72 15.93
C THR G 183 31.50 14.20 15.89
N PRO G 184 31.46 13.56 17.07
CA PRO G 184 31.29 12.11 17.04
C PRO G 184 29.82 11.68 16.86
N VAL G 185 28.89 12.53 17.29
CA VAL G 185 27.49 12.12 17.33
C VAL G 185 26.90 12.10 15.92
N THR G 186 27.44 12.97 15.05
CA THR G 186 27.10 12.94 13.64
C THR G 186 27.52 11.58 13.07
N GLY G 187 28.66 11.08 13.56
CA GLY G 187 29.16 9.77 13.16
C GLY G 187 28.23 8.66 13.60
N TRP G 188 27.79 8.73 14.85
CA TRP G 188 26.87 7.74 15.39
C TRP G 188 25.53 7.73 14.65
N LEU G 189 25.07 8.92 14.27
CA LEU G 189 23.81 9.05 13.54
C LEU G 189 23.92 8.42 12.14
N ILE G 190 25.11 8.46 11.55
CA ILE G 190 25.32 7.80 10.28
C ILE G 190 25.20 6.28 10.45
N ALA G 191 25.82 5.77 11.52
CA ALA G 191 25.77 4.35 11.82
C ALA G 191 24.33 3.93 12.03
N GLN G 192 23.62 4.68 12.88
CA GLN G 192 22.19 4.50 13.08
C GLN G 192 21.45 4.35 11.76
N MET G 193 21.76 5.23 10.82
CA MET G 193 21.13 5.22 9.51
C MET G 193 21.52 3.99 8.69
N VAL G 194 22.81 3.68 8.66
CA VAL G 194 23.25 2.51 7.92
C VAL G 194 22.60 1.26 8.49
N ALA G 195 22.62 1.16 9.81
CA ALA G 195 22.00 0.04 10.52
C ALA G 195 20.53 -0.09 10.16
N LYS G 196 19.76 1.00 10.32
CA LYS G 196 18.34 0.98 9.94
C LYS G 196 18.13 0.67 8.44
N ALA G 197 19.17 0.83 7.63
CA ALA G 197 19.08 0.51 6.20
C ALA G 197 19.40 -0.95 5.96
N GLY G 198 19.87 -1.61 7.02
CA GLY G 198 20.11 -3.04 6.98
C GLY G 198 21.20 -3.52 6.04
N LEU G 199 22.28 -2.74 5.91
CA LEU G 199 23.46 -3.21 5.19
C LEU G 199 24.03 -4.40 5.96
N PRO G 200 24.50 -5.41 5.22
CA PRO G 200 25.05 -6.64 5.80
C PRO G 200 26.14 -6.35 6.81
N LYS G 201 26.21 -7.15 7.87
CA LYS G 201 27.19 -6.97 8.94
C LYS G 201 28.60 -6.80 8.37
N GLY G 202 29.35 -5.83 8.91
CA GLY G 202 30.75 -5.64 8.54
C GLY G 202 31.01 -4.69 7.39
N VAL G 203 30.01 -4.48 6.54
CA VAL G 203 30.17 -3.67 5.34
C VAL G 203 30.48 -2.22 5.68
N PHE G 204 29.79 -1.71 6.70
CA PHE G 204 30.11 -0.39 7.22
C PHE G 204 30.41 -0.49 8.70
N ASN G 205 31.42 0.23 9.16
CA ASN G 205 31.83 0.17 10.57
C ASN G 205 32.19 1.54 11.13
N LEU G 206 31.76 1.83 12.35
CA LEU G 206 32.06 3.09 13.00
C LEU G 206 32.94 2.87 14.22
N VAL G 207 34.07 3.60 14.28
CA VAL G 207 34.91 3.59 15.47
C VAL G 207 35.21 5.02 15.90
N ILE G 208 34.64 5.43 17.03
CA ILE G 208 34.86 6.77 17.55
C ILE G 208 36.02 6.80 18.53
N GLY G 209 37.03 7.59 18.22
CA GLY G 209 38.19 7.68 19.08
C GLY G 209 39.20 8.66 18.53
N PRO G 210 40.30 8.85 19.26
CA PRO G 210 41.38 9.77 18.89
C PRO G 210 42.08 9.41 17.57
N GLY G 211 42.27 10.43 16.75
CA GLY G 211 43.02 10.29 15.50
C GLY G 211 44.37 9.61 15.62
N PRO G 212 45.21 10.06 16.55
CA PRO G 212 46.55 9.48 16.65
C PRO G 212 46.57 8.02 17.10
N VAL G 213 45.44 7.53 17.61
CA VAL G 213 45.38 6.13 18.01
C VAL G 213 44.50 5.34 17.06
N VAL G 214 43.20 5.60 17.08
CA VAL G 214 42.28 4.89 16.21
C VAL G 214 42.59 5.14 14.74
N GLY G 215 42.88 6.40 14.41
CA GLY G 215 43.13 6.78 13.03
C GLY G 215 44.40 6.17 12.49
N GLU G 216 45.46 6.24 13.28
CA GLU G 216 46.76 5.75 12.83
C GLU G 216 46.71 4.25 12.56
N GLU G 217 45.95 3.54 13.38
CA GLU G 217 45.85 2.10 13.25
C GLU G 217 45.22 1.77 11.88
N ILE G 218 44.21 2.53 11.50
CA ILE G 218 43.59 2.37 10.20
C ILE G 218 44.59 2.62 9.08
N VAL G 219 45.40 3.65 9.26
CA VAL G 219 46.32 4.09 8.23
C VAL G 219 47.47 3.11 8.05
N THR G 220 47.80 2.39 9.12
CA THR G 220 48.96 1.50 9.09
C THR G 220 48.58 0.00 8.99
N HIS G 221 47.30 -0.30 9.04
CA HIS G 221 46.89 -1.71 9.02
C HIS G 221 47.11 -2.36 7.67
N LYS G 222 47.56 -3.60 7.71
CA LYS G 222 47.90 -4.39 6.53
C LYS G 222 46.68 -4.67 5.61
N ARG G 223 45.50 -4.81 6.19
CA ARG G 223 44.32 -5.20 5.43
C ARG G 223 43.52 -4.01 4.95
N VAL G 224 44.00 -2.80 5.22
CA VAL G 224 43.32 -1.63 4.67
C VAL G 224 43.94 -1.31 3.32
N ALA G 225 43.10 -1.19 2.30
CA ALA G 225 43.58 -1.06 0.93
C ALA G 225 43.82 0.40 0.52
N HIS G 226 43.02 1.30 1.10
CA HIS G 226 42.97 2.70 0.72
C HIS G 226 42.50 3.53 1.90
N VAL G 227 43.01 4.76 2.02
CA VAL G 227 42.44 5.69 3.00
C VAL G 227 42.03 7.00 2.31
N THR G 228 40.76 7.33 2.39
CA THR G 228 40.35 8.68 2.04
C THR G 228 40.23 9.52 3.30
N PHE G 229 40.87 10.70 3.24
CA PHE G 229 41.08 11.58 4.39
C PHE G 229 40.79 13.05 4.08
N THR G 230 40.04 13.67 4.97
CA THR G 230 39.87 15.10 4.88
C THR G 230 40.23 15.74 6.21
N GLY G 231 41.22 16.62 6.18
CA GLY G 231 41.62 17.38 7.34
C GLY G 231 42.77 18.34 7.07
N GLU G 232 43.60 18.56 8.08
CA GLU G 232 44.66 19.56 7.95
C GLU G 232 45.82 19.03 7.14
N SER G 233 46.45 19.95 6.43
CA SER G 233 47.53 19.63 5.54
C SER G 233 48.70 18.92 6.26
N SER G 234 48.95 19.28 7.52
CA SER G 234 49.98 18.60 8.29
C SER G 234 49.61 17.14 8.53
N THR G 235 48.35 16.93 8.90
CA THR G 235 47.85 15.59 9.15
C THR G 235 47.99 14.75 7.89
N GLY G 236 47.66 15.38 6.76
CA GLY G 236 47.77 14.74 5.47
C GLY G 236 49.17 14.20 5.20
N ARG G 237 50.18 15.03 5.43
CA ARG G 237 51.57 14.65 5.21
C ARG G 237 51.92 13.48 6.11
N GLU G 238 51.38 13.48 7.32
CA GLU G 238 51.70 12.44 8.30
C GLU G 238 51.03 11.13 7.92
N ILE G 239 49.80 11.22 7.45
CA ILE G 239 49.05 10.07 7.02
C ILE G 239 49.69 9.41 5.80
N ALA G 240 50.10 10.27 4.85
CA ALA G 240 50.67 9.82 3.60
C ALA G 240 51.95 9.07 3.92
N ALA G 241 52.72 9.65 4.83
CA ALA G 241 53.95 9.02 5.25
C ALA G 241 53.66 7.63 5.83
N LYS G 242 52.78 7.54 6.81
CA LYS G 242 52.55 6.26 7.48
C LYS G 242 51.80 5.26 6.61
N ALA G 243 51.26 5.70 5.46
CA ALA G 243 50.51 4.77 4.61
C ALA G 243 51.43 4.01 3.66
N ALA G 244 52.61 4.57 3.43
CA ALA G 244 53.57 3.96 2.53
C ALA G 244 54.04 2.59 3.05
N GLY G 245 53.88 2.37 4.35
CA GLY G 245 54.29 1.11 4.95
C GLY G 245 53.66 -0.08 4.28
N THR G 246 52.36 -0.03 4.09
CA THR G 246 51.65 -1.15 3.48
C THR G 246 51.23 -0.85 2.05
N LEU G 247 51.87 0.15 1.43
CA LEU G 247 51.59 0.58 0.04
C LEU G 247 50.10 0.74 -0.27
N LYS G 248 49.33 1.21 0.68
CA LYS G 248 47.94 1.55 0.41
C LYS G 248 47.86 2.94 -0.25
N THR G 249 46.85 3.16 -1.09
CA THR G 249 46.64 4.48 -1.70
C THR G 249 45.89 5.40 -0.75
N VAL G 250 45.97 6.70 -1.02
CA VAL G 250 45.25 7.66 -0.18
C VAL G 250 44.57 8.76 -0.99
N THR G 251 43.42 9.19 -0.53
CA THR G 251 42.84 10.41 -1.06
C THR G 251 43.03 11.46 0.01
N LEU G 252 43.58 12.61 -0.37
CA LEU G 252 43.87 13.65 0.60
C LEU G 252 43.21 14.94 0.25
N GLU G 253 42.14 15.28 0.96
CA GLU G 253 41.52 16.59 0.84
C GLU G 253 42.01 17.50 1.98
N LEU G 254 43.02 18.31 1.71
CA LEU G 254 43.62 19.07 2.79
C LEU G 254 43.12 20.51 2.78
N GLY G 255 43.91 21.42 3.33
CA GLY G 255 43.43 22.78 3.50
C GLY G 255 43.39 23.62 2.25
N GLY G 256 42.94 24.86 2.40
CA GLY G 256 42.98 25.83 1.33
C GLY G 256 43.00 27.24 1.88
N SER G 257 43.51 28.16 1.07
CA SER G 257 43.48 29.58 1.37
C SER G 257 42.99 30.26 0.10
N ASP G 258 41.73 30.02 -0.27
CA ASP G 258 41.27 30.35 -1.62
C ASP G 258 41.17 31.83 -1.92
N PRO G 259 41.66 32.23 -3.09
CA PRO G 259 41.52 33.63 -3.51
C PRO G 259 40.13 33.93 -4.05
N LEU G 260 39.70 35.17 -3.86
CA LEU G 260 38.50 35.68 -4.51
C LEU G 260 38.87 37.01 -5.15
N ILE G 261 38.98 37.01 -6.47
CA ILE G 261 39.43 38.21 -7.17
C ILE G 261 38.25 39.02 -7.69
N ILE G 262 38.22 40.31 -7.38
CA ILE G 262 37.16 41.18 -7.85
C ILE G 262 37.71 42.28 -8.77
N LEU G 263 37.32 42.22 -10.04
CA LEU G 263 37.81 43.18 -11.01
C LEU G 263 36.92 44.41 -11.07
N ASP G 264 37.29 45.39 -11.88
CA ASP G 264 36.68 46.72 -11.80
C ASP G 264 35.42 46.92 -12.63
N ASP G 265 35.04 45.94 -13.45
CA ASP G 265 33.85 46.12 -14.29
C ASP G 265 32.64 45.36 -13.75
N VAL G 266 32.61 45.20 -12.43
CA VAL G 266 31.55 44.47 -11.78
C VAL G 266 30.49 45.36 -11.15
N ASP G 267 29.34 44.79 -10.85
CA ASP G 267 28.38 45.39 -9.93
C ASP G 267 28.98 45.21 -8.53
N VAL G 268 29.39 46.31 -7.92
CA VAL G 268 30.18 46.25 -6.67
C VAL G 268 29.33 45.78 -5.50
N ASP G 269 28.10 46.25 -5.40
CA ASP G 269 27.23 45.84 -4.31
C ASP G 269 27.00 44.32 -4.32
N TYR G 270 26.91 43.76 -5.52
CA TYR G 270 26.71 42.33 -5.64
C TYR G 270 28.00 41.64 -5.25
N ALA G 271 29.12 42.18 -5.73
CA ALA G 271 30.43 41.63 -5.40
C ALA G 271 30.62 41.60 -3.90
N ALA G 272 30.11 42.61 -3.22
CA ALA G 272 30.23 42.66 -1.76
C ALA G 272 29.39 41.58 -1.13
N ARG G 273 28.11 41.52 -1.50
CA ARG G 273 27.19 40.52 -0.96
C ARG G 273 27.72 39.10 -1.19
N LEU G 274 28.26 38.86 -2.37
CA LEU G 274 28.83 37.57 -2.70
C LEU G 274 30.04 37.32 -1.82
N ALA G 275 30.90 38.33 -1.70
CA ALA G 275 32.15 38.15 -0.99
C ALA G 275 31.92 37.91 0.50
N VAL G 276 30.85 38.49 1.05
CA VAL G 276 30.58 38.31 2.46
C VAL G 276 30.14 36.88 2.69
N PHE G 277 29.27 36.40 1.80
CA PHE G 277 28.81 35.03 1.84
C PHE G 277 29.97 34.04 1.72
N ALA G 278 30.85 34.28 0.75
CA ALA G 278 31.93 33.35 0.38
C ALA G 278 33.02 33.25 1.43
N SER G 279 33.18 34.30 2.21
CA SER G 279 34.33 34.42 3.09
C SER G 279 33.98 34.19 4.54
N LEU G 280 32.69 34.21 4.88
CA LEU G 280 32.30 34.15 6.29
C LEU G 280 31.19 33.14 6.64
N PHE G 281 30.61 32.48 5.65
CA PHE G 281 29.61 31.46 5.92
C PHE G 281 30.22 30.36 6.78
N HIS G 282 29.47 29.91 7.77
CA HIS G 282 29.95 28.97 8.77
C HIS G 282 31.18 29.52 9.48
N GLN G 283 31.15 30.82 9.75
CA GLN G 283 32.21 31.47 10.52
C GLN G 283 33.55 31.37 9.79
N GLY G 284 33.48 31.28 8.46
CA GLY G 284 34.67 31.12 7.66
C GLY G 284 35.30 29.76 7.84
N GLN G 285 34.58 28.82 8.44
CA GLN G 285 35.16 27.50 8.71
C GLN G 285 34.88 26.52 7.57
N ILE G 286 35.43 26.83 6.40
CA ILE G 286 35.13 26.07 5.20
C ILE G 286 36.43 25.98 4.41
N CYS G 287 36.75 24.79 3.92
CA CYS G 287 38.03 24.58 3.26
C CYS G 287 38.12 25.47 2.04
N THR G 288 36.97 25.66 1.39
CA THR G 288 36.93 26.47 0.18
C THR G 288 36.30 27.82 0.44
N SER G 289 36.41 28.25 1.70
CA SER G 289 36.05 29.61 2.08
C SER G 289 36.90 30.60 1.26
N ALA G 290 36.30 31.72 0.89
CA ALA G 290 37.07 32.81 0.33
C ALA G 290 37.94 33.43 1.41
N LYS G 291 39.15 32.91 1.58
CA LYS G 291 39.98 33.28 2.71
C LYS G 291 40.88 34.51 2.47
N ARG G 292 41.03 34.90 1.20
CA ARG G 292 41.89 36.01 0.82
C ARG G 292 41.22 36.80 -0.31
N ILE G 293 40.72 37.98 0.04
CA ILE G 293 39.98 38.79 -0.91
C ILE G 293 40.89 39.76 -1.64
N ILE G 294 40.89 39.67 -2.97
CA ILE G 294 41.77 40.48 -3.81
C ILE G 294 40.94 41.42 -4.72
N VAL G 295 41.10 42.74 -4.53
CA VAL G 295 40.27 43.71 -5.26
C VAL G 295 41.09 44.69 -6.12
N HIS G 296 40.52 45.00 -7.28
CA HIS G 296 41.11 45.98 -8.19
C HIS G 296 41.00 47.42 -7.63
N LYS G 297 42.08 48.18 -7.81
CA LYS G 297 42.21 49.52 -7.27
C LYS G 297 40.99 50.37 -7.56
N ALA G 298 40.50 50.24 -8.79
CA ALA G 298 39.48 51.15 -9.34
C ALA G 298 38.08 50.98 -8.74
N VAL G 299 37.86 49.95 -7.92
CA VAL G 299 36.59 49.83 -7.18
C VAL G 299 36.82 49.49 -5.72
N ALA G 300 38.07 49.49 -5.30
CA ALA G 300 38.45 48.97 -3.99
C ALA G 300 37.75 49.67 -2.82
N ASP G 301 37.73 51.00 -2.85
CA ASP G 301 37.18 51.76 -1.72
C ASP G 301 35.68 51.58 -1.64
N LYS G 302 34.99 51.63 -2.78
CA LYS G 302 33.54 51.43 -2.69
C LYS G 302 33.27 49.97 -2.29
N PHE G 303 34.15 49.06 -2.72
CA PHE G 303 33.99 47.66 -2.38
C PHE G 303 34.15 47.42 -0.90
N ILE G 304 35.25 47.93 -0.35
CA ILE G 304 35.56 47.77 1.05
C ILE G 304 34.47 48.37 1.94
N GLU G 305 33.91 49.50 1.51
CA GLU G 305 32.84 50.12 2.28
C GLU G 305 31.63 49.19 2.30
N ARG G 306 31.19 48.78 1.13
CA ARG G 306 30.03 47.89 1.04
C ARG G 306 30.24 46.56 1.76
N TYR G 307 31.41 45.96 1.58
CA TYR G 307 31.74 44.73 2.27
C TYR G 307 31.55 44.88 3.78
N VAL G 308 32.24 45.85 4.37
CA VAL G 308 32.20 46.06 5.82
C VAL G 308 30.76 46.29 6.27
N HIS G 309 30.05 47.11 5.49
CA HIS G 309 28.66 47.44 5.76
C HIS G 309 27.80 46.17 5.92
N TYR G 310 28.03 45.21 5.02
CA TYR G 310 27.25 43.98 5.03
C TYR G 310 27.74 43.02 6.12
N VAL G 311 29.06 42.95 6.31
CA VAL G 311 29.60 42.27 7.47
C VAL G 311 28.97 42.74 8.78
N LYS G 312 28.78 44.05 8.91
CA LYS G 312 28.22 44.62 10.13
C LYS G 312 26.77 44.16 10.39
N MET G 313 26.03 43.84 9.32
CA MET G 313 24.66 43.36 9.47
C MET G 313 24.57 41.91 9.94
N LEU G 314 25.71 41.23 10.03
CA LEU G 314 25.71 39.81 10.34
C LEU G 314 25.26 39.56 11.77
N ARG G 315 24.23 38.74 11.92
CA ARG G 315 23.71 38.41 13.24
C ARG G 315 24.42 37.20 13.86
N ILE G 316 24.98 37.41 15.04
CA ILE G 316 25.69 36.38 15.79
C ILE G 316 24.91 36.01 17.05
N ASP G 317 24.43 34.77 17.11
CA ASP G 317 23.56 34.34 18.22
C ASP G 317 23.62 32.83 18.42
N ASP G 318 22.89 32.34 19.43
CA ASP G 318 22.68 30.91 19.61
C ASP G 318 22.04 30.40 18.32
N PRO G 319 22.71 29.47 17.62
CA PRO G 319 22.12 28.97 16.37
C PRO G 319 20.84 28.15 16.61
N ARG G 320 20.58 27.73 17.85
CA ARG G 320 19.38 26.97 18.17
C ARG G 320 18.16 27.91 18.28
N LYS G 321 18.42 29.20 18.39
CA LYS G 321 17.37 30.20 18.62
C LYS G 321 16.31 30.23 17.53
N ASP G 322 16.70 30.66 16.34
CA ASP G 322 15.75 30.74 15.24
C ASP G 322 16.45 30.48 13.92
N GLU G 323 15.70 30.48 12.83
CA GLU G 323 16.22 30.13 11.52
C GLU G 323 17.08 31.24 10.90
N LYS G 324 16.88 32.48 11.35
CA LYS G 324 17.52 33.62 10.71
C LYS G 324 18.85 34.03 11.34
N VAL G 325 19.42 33.18 12.18
CA VAL G 325 20.76 33.46 12.71
C VAL G 325 21.81 33.30 11.60
N ASP G 326 22.75 34.25 11.52
CA ASP G 326 23.76 34.22 10.47
C ASP G 326 24.96 33.41 10.87
N LEU G 327 25.55 33.75 12.02
CA LEU G 327 26.76 33.07 12.46
C LEU G 327 26.59 32.39 13.82
N GLY G 328 27.10 31.16 13.91
CA GLY G 328 27.15 30.45 15.18
C GLY G 328 28.54 30.59 15.78
N PRO G 329 28.83 29.79 16.81
CA PRO G 329 30.15 29.86 17.44
C PRO G 329 31.18 29.09 16.65
N LEU G 330 32.45 29.26 17.00
CA LEU G 330 33.49 28.37 16.47
C LEU G 330 33.36 27.03 17.19
N ILE G 331 34.06 26.00 16.74
CA ILE G 331 33.85 24.65 17.28
C ILE G 331 34.32 24.49 18.72
N ASN G 332 35.35 25.24 19.11
CA ASN G 332 35.78 25.19 20.51
C ASN G 332 36.65 26.35 20.96
N GLU G 333 37.17 26.21 22.17
CA GLU G 333 37.86 27.30 22.84
C GLU G 333 39.22 27.57 22.20
N ARG G 334 39.87 26.50 21.72
CA ARG G 334 41.17 26.64 21.09
C ARG G 334 41.06 27.38 19.75
N GLN G 335 39.90 27.30 19.10
CA GLN G 335 39.71 27.99 17.82
C GLN G 335 39.66 29.49 17.97
N VAL G 336 38.92 29.96 18.97
CA VAL G 336 38.85 31.38 19.28
C VAL G 336 40.24 31.89 19.59
N ALA G 337 40.98 31.15 20.40
CA ALA G 337 42.35 31.55 20.76
C ALA G 337 43.26 31.68 19.52
N LEU G 338 43.11 30.76 18.57
CA LEU G 338 43.87 30.86 17.32
C LEU G 338 43.44 32.09 16.52
N MET G 339 42.14 32.34 16.47
CA MET G 339 41.66 33.52 15.78
C MET G 339 42.18 34.80 16.46
N LYS G 340 42.24 34.82 17.79
CA LYS G 340 42.82 35.98 18.50
C LYS G 340 44.28 36.23 18.09
N GLU G 341 45.07 35.17 17.97
CA GLU G 341 46.45 35.31 17.51
C GLU G 341 46.51 35.94 16.11
N PHE G 342 45.59 35.54 15.22
CA PHE G 342 45.59 36.03 13.85
C PHE G 342 45.35 37.54 13.79
N VAL G 343 44.40 38.01 14.59
CA VAL G 343 44.15 39.44 14.72
C VAL G 343 45.39 40.16 15.24
N ASP G 344 45.97 39.64 16.31
CA ASP G 344 47.17 40.23 16.93
C ASP G 344 48.35 40.36 15.98
N ASP G 345 48.71 39.26 15.33
CA ASP G 345 49.83 39.31 14.41
C ASP G 345 49.58 40.37 13.37
N ALA G 346 48.32 40.54 12.98
CA ALA G 346 47.99 41.48 11.91
C ALA G 346 48.11 42.94 12.39
N VAL G 347 47.53 43.22 13.56
CA VAL G 347 47.56 44.56 14.12
C VAL G 347 49.01 45.02 14.31
N SER G 348 49.80 44.15 14.93
CA SER G 348 51.18 44.47 15.26
C SER G 348 52.09 44.47 14.05
N ARG G 349 51.56 44.13 12.88
CA ARG G 349 52.33 44.26 11.65
C ARG G 349 51.88 45.51 10.88
N GLY G 350 50.92 46.24 11.46
CA GLY G 350 50.56 47.54 10.92
C GLY G 350 49.34 47.55 10.02
N GLY G 351 48.60 46.45 10.04
CA GLY G 351 47.41 46.33 9.23
C GLY G 351 46.25 47.07 9.88
N ARG G 352 45.19 47.29 9.11
CA ARG G 352 44.09 48.13 9.57
C ARG G 352 42.84 47.32 9.88
N LEU G 353 42.48 47.25 11.16
CA LEU G 353 41.29 46.53 11.56
C LEU G 353 40.07 47.40 11.32
N LEU G 354 39.29 47.05 10.30
CA LEU G 354 38.16 47.87 9.93
C LEU G 354 36.94 47.61 10.77
N ILE G 355 36.85 46.39 11.31
CA ILE G 355 35.66 46.01 12.08
C ILE G 355 35.87 44.68 12.81
N GLY G 356 35.14 44.50 13.91
CA GLY G 356 35.12 43.25 14.66
C GLY G 356 36.43 42.83 15.30
N GLY G 357 36.50 41.58 15.72
CA GLY G 357 37.71 41.04 16.34
C GLY G 357 37.50 40.76 17.82
N ARG G 358 36.34 41.18 18.31
CA ARG G 358 35.91 40.84 19.66
C ARG G 358 35.53 39.34 19.74
N SER G 359 35.48 38.80 20.95
CA SER G 359 35.00 37.44 21.11
C SER G 359 34.46 37.21 22.50
N TRP G 360 33.40 36.42 22.57
CA TRP G 360 32.76 36.09 23.81
C TRP G 360 32.35 34.62 23.75
N GLY G 361 32.79 33.83 24.73
CA GLY G 361 32.56 32.41 24.70
C GLY G 361 33.29 31.85 23.49
N ASN G 362 32.63 30.96 22.75
CA ASN G 362 33.24 30.41 21.57
C ASN G 362 32.84 31.19 20.32
N PHE G 363 32.08 32.25 20.52
CA PHE G 363 31.66 33.07 19.41
C PHE G 363 32.77 34.08 19.10
N PHE G 364 32.97 34.39 17.82
CA PHE G 364 34.01 35.30 17.42
C PHE G 364 33.49 36.28 16.37
N GLU G 365 33.51 37.58 16.68
CA GLU G 365 33.05 38.61 15.76
C GLU G 365 34.04 38.82 14.60
N PRO G 366 33.58 38.60 13.36
CA PRO G 366 34.39 38.65 12.15
C PRO G 366 35.29 39.88 12.08
N ALA G 367 36.59 39.66 11.90
CA ALA G 367 37.57 40.74 11.84
C ALA G 367 38.08 41.00 10.41
N ILE G 368 37.74 42.14 9.85
CA ILE G 368 38.24 42.43 8.51
C ILE G 368 39.46 43.33 8.54
N PHE G 369 40.42 43.04 7.67
CA PHE G 369 41.69 43.74 7.64
C PHE G 369 42.03 44.25 6.25
N VAL G 370 42.66 45.43 6.19
CA VAL G 370 43.29 45.92 4.96
C VAL G 370 44.70 46.40 5.31
N ASP G 371 45.40 46.93 4.32
CA ASP G 371 46.81 47.29 4.48
C ASP G 371 47.61 46.13 5.09
N VAL G 372 47.62 45.00 4.38
CA VAL G 372 48.38 43.84 4.81
C VAL G 372 49.51 43.61 3.80
N ASP G 373 50.52 42.83 4.19
CA ASP G 373 51.54 42.42 3.22
C ASP G 373 51.72 40.88 3.23
N ARG G 374 52.53 40.38 2.31
CA ARG G 374 52.63 38.95 2.13
C ARG G 374 53.21 38.22 3.35
N ASN G 375 53.68 38.98 4.34
CA ASN G 375 54.30 38.37 5.52
C ASN G 375 53.34 38.20 6.70
N PHE G 376 52.16 38.82 6.61
CA PHE G 376 51.14 38.58 7.63
C PHE G 376 50.85 37.10 7.76
N ARG G 377 50.61 36.64 8.98
CA ARG G 377 50.15 35.27 9.18
C ARG G 377 48.86 34.98 8.39
N ILE G 378 47.89 35.89 8.38
CA ILE G 378 46.66 35.64 7.64
C ILE G 378 46.81 35.71 6.13
N MET G 379 48.03 35.95 5.63
CA MET G 379 48.28 35.77 4.20
C MET G 379 49.13 34.54 3.94
N ARG G 380 49.70 33.96 5.00
CA ARG G 380 50.65 32.86 4.88
C ARG G 380 50.03 31.53 5.29
N GLU G 381 48.96 31.60 6.08
CA GLU G 381 48.33 30.40 6.62
C GLU G 381 46.84 30.27 6.28
N GLU G 382 46.28 29.11 6.58
CA GLU G 382 44.84 28.92 6.48
C GLU G 382 44.12 29.51 7.67
N VAL G 383 43.35 30.55 7.43
CA VAL G 383 42.59 31.15 8.52
C VAL G 383 41.19 30.52 8.54
N PHE G 384 41.12 29.38 9.21
CA PHE G 384 39.91 28.59 9.28
C PHE G 384 38.98 29.18 10.33
N GLY G 385 38.47 30.36 10.01
CA GLY G 385 37.62 31.10 10.92
C GLY G 385 37.53 32.53 10.44
N PRO G 386 36.73 33.36 11.13
CA PRO G 386 36.23 34.65 10.65
C PRO G 386 37.21 35.81 10.81
N VAL G 387 38.35 35.70 10.14
CA VAL G 387 39.32 36.76 10.03
C VAL G 387 39.72 36.79 8.55
N ARG G 388 39.62 37.94 7.91
CA ARG G 388 39.84 38.01 6.47
C ARG G 388 40.60 39.29 6.07
N PRO G 389 41.66 39.13 5.25
CA PRO G 389 42.38 40.26 4.67
C PRO G 389 41.78 40.70 3.33
N ILE G 390 41.91 41.98 3.03
CA ILE G 390 41.59 42.49 1.70
C ILE G 390 42.86 43.13 1.14
N VAL G 391 43.29 42.65 -0.01
CA VAL G 391 44.47 43.18 -0.68
C VAL G 391 44.04 43.95 -1.91
N VAL G 392 44.61 45.13 -2.10
CA VAL G 392 44.26 45.96 -3.23
C VAL G 392 45.37 45.83 -4.25
N VAL G 393 45.00 45.73 -5.52
CA VAL G 393 45.97 45.49 -6.59
C VAL G 393 45.69 46.40 -7.80
N GLU G 394 46.75 46.70 -8.57
CA GLU G 394 46.66 47.70 -9.65
C GLU G 394 46.17 47.13 -10.99
N ASN G 395 46.42 45.84 -11.23
CA ASN G 395 46.06 45.22 -12.50
C ASN G 395 45.85 43.70 -12.38
N ASP G 396 45.20 43.11 -13.38
CA ASP G 396 44.97 41.66 -13.45
C ASP G 396 46.20 40.80 -13.09
N ASP G 397 47.37 41.16 -13.62
CA ASP G 397 48.59 40.41 -13.32
C ASP G 397 48.90 40.41 -11.83
N GLN G 398 48.65 41.56 -11.19
CA GLN G 398 48.95 41.68 -9.79
C GLN G 398 48.06 40.73 -9.02
N ALA G 399 46.81 40.64 -9.46
CA ALA G 399 45.78 39.86 -8.78
C ALA G 399 46.14 38.39 -8.78
N VAL G 400 46.74 37.94 -9.87
CA VAL G 400 47.12 36.53 -9.99
C VAL G 400 48.32 36.22 -9.12
N GLU G 401 49.28 37.14 -9.13
CA GLU G 401 50.51 36.98 -8.38
C GLU G 401 50.22 36.85 -6.90
N VAL G 402 49.30 37.67 -6.41
CA VAL G 402 48.88 37.59 -5.02
C VAL G 402 48.22 36.22 -4.79
N ALA G 403 47.10 36.01 -5.48
CA ALA G 403 46.34 34.76 -5.44
C ALA G 403 47.20 33.48 -5.38
N ASN G 404 48.24 33.43 -6.21
CA ASN G 404 49.14 32.29 -6.26
C ASN G 404 50.25 32.33 -5.21
N ASP G 405 50.44 33.46 -4.54
CA ASP G 405 51.44 33.53 -3.47
C ASP G 405 50.93 32.84 -2.21
N THR G 406 50.86 31.51 -2.27
CA THR G 406 50.36 30.71 -1.16
C THR G 406 50.78 29.27 -1.36
N ASP G 407 50.90 28.54 -0.26
CA ASP G 407 51.23 27.12 -0.35
C ASP G 407 50.02 26.27 -0.77
N TYR G 408 48.83 26.83 -0.67
CA TYR G 408 47.61 26.10 -1.01
C TYR G 408 47.19 26.30 -2.49
N GLY G 409 46.25 25.47 -2.93
CA GLY G 409 45.80 25.46 -4.31
C GLY G 409 44.50 24.69 -4.43
N LEU G 410 43.53 25.03 -3.60
CA LEU G 410 42.26 24.31 -3.58
C LEU G 410 41.27 24.93 -4.58
N SER G 411 40.48 25.90 -4.14
CA SER G 411 39.56 26.55 -5.06
C SER G 411 39.98 27.99 -5.32
N GLY G 412 39.06 28.77 -5.84
CA GLY G 412 39.32 30.15 -6.21
C GLY G 412 38.26 30.68 -7.17
N ALA G 413 38.19 32.00 -7.31
CA ALA G 413 37.18 32.62 -8.13
C ALA G 413 37.52 34.05 -8.54
N VAL G 414 36.94 34.46 -9.67
CA VAL G 414 37.07 35.82 -10.16
C VAL G 414 35.70 36.37 -10.52
N LEU G 415 35.45 37.63 -10.12
CA LEU G 415 34.21 38.33 -10.46
C LEU G 415 34.50 39.34 -11.54
N THR G 416 33.81 39.23 -12.68
CA THR G 416 34.00 40.12 -13.82
C THR G 416 32.94 39.90 -14.91
N ASN G 417 32.91 40.78 -15.90
CA ASN G 417 32.01 40.61 -17.04
C ASN G 417 32.82 40.53 -18.32
N ASN G 418 34.14 40.71 -18.20
CA ASN G 418 35.00 40.58 -19.35
C ASN G 418 35.43 39.13 -19.50
N VAL G 419 35.15 38.56 -20.67
CA VAL G 419 35.39 37.15 -20.89
C VAL G 419 36.88 36.86 -21.05
N ASN G 420 37.62 37.79 -21.64
CA ASN G 420 39.07 37.61 -21.80
C ASN G 420 39.75 37.61 -20.44
N ARG G 421 39.39 38.58 -19.60
CA ARG G 421 40.02 38.69 -18.30
C ARG G 421 39.63 37.50 -17.42
N ALA G 422 38.38 37.06 -17.53
CA ALA G 422 37.91 35.94 -16.72
C ALA G 422 38.73 34.69 -16.96
N PHE G 423 38.93 34.35 -18.23
CA PHE G 423 39.59 33.10 -18.55
C PHE G 423 41.11 33.19 -18.33
N ARG G 424 41.69 34.37 -18.58
CA ARG G 424 43.15 34.54 -18.41
C ARG G 424 43.51 34.36 -16.94
N ILE G 425 42.71 34.97 -16.08
CA ILE G 425 42.88 34.80 -14.65
C ILE G 425 42.63 33.32 -14.28
N ALA G 426 41.52 32.72 -14.76
CA ALA G 426 41.22 31.32 -14.42
C ALA G 426 42.36 30.36 -14.85
N GLU G 427 42.92 30.61 -16.03
CA GLU G 427 44.01 29.76 -16.54
C GLU G 427 45.27 29.92 -15.68
N ALA G 428 45.52 31.13 -15.21
CA ALA G 428 46.78 31.46 -14.53
C ALA G 428 46.81 31.09 -13.03
N VAL G 429 45.68 31.21 -12.35
CA VAL G 429 45.62 30.84 -10.94
C VAL G 429 45.80 29.34 -10.75
N GLU G 430 46.67 28.95 -9.81
CA GLU G 430 46.96 27.54 -9.56
C GLU G 430 46.09 26.92 -8.47
N SER G 431 44.99 26.30 -8.89
CA SER G 431 44.09 25.61 -7.98
C SER G 431 43.42 24.43 -8.68
N GLY G 432 42.88 23.50 -7.88
CA GLY G 432 42.20 22.33 -8.42
C GLY G 432 40.80 22.63 -8.92
N MET G 433 40.23 23.73 -8.44
CA MET G 433 38.86 24.10 -8.74
C MET G 433 38.82 25.62 -8.93
N PHE G 434 38.09 26.09 -9.95
CA PHE G 434 37.92 27.54 -10.13
C PHE G 434 36.55 27.96 -10.61
N HIS G 435 36.09 29.11 -10.14
CA HIS G 435 34.73 29.51 -10.44
C HIS G 435 34.65 30.96 -10.90
N ILE G 436 33.89 31.18 -11.97
CA ILE G 436 33.78 32.50 -12.57
C ILE G 436 32.42 33.05 -12.23
N ASN G 437 32.43 34.16 -11.50
CA ASN G 437 31.20 34.80 -11.02
C ASN G 437 30.32 33.91 -10.13
N ASP G 438 30.96 33.14 -9.26
CA ASP G 438 30.25 32.44 -8.19
C ASP G 438 31.16 32.40 -6.96
N VAL G 439 30.64 31.90 -5.84
CA VAL G 439 31.45 31.74 -4.64
C VAL G 439 32.56 30.71 -4.84
N THR G 440 33.55 30.74 -3.95
CA THR G 440 34.69 29.83 -4.00
C THR G 440 34.34 28.40 -3.56
N PHE G 441 33.29 28.26 -2.77
CA PHE G 441 32.96 26.96 -2.22
C PHE G 441 31.81 26.26 -2.98
N LEU G 442 31.65 26.57 -4.26
CA LEU G 442 30.79 25.78 -5.13
C LEU G 442 31.12 24.30 -5.00
N GLU G 443 30.07 23.50 -4.91
CA GLU G 443 30.19 22.05 -4.81
C GLU G 443 28.92 21.40 -5.36
N GLU G 444 29.08 20.46 -6.30
CA GLU G 444 27.99 19.57 -6.68
C GLU G 444 28.39 18.12 -6.32
N SER G 445 27.42 17.23 -6.27
CA SER G 445 27.64 15.87 -5.77
C SER G 445 28.54 15.02 -6.67
N HIS G 446 28.60 15.38 -7.94
CA HIS G 446 29.17 14.52 -8.95
C HIS G 446 30.35 15.14 -9.69
N VAL G 447 30.85 16.28 -9.21
CA VAL G 447 31.99 16.94 -9.87
C VAL G 447 33.30 16.53 -9.19
N PRO G 448 34.43 16.64 -9.90
CA PRO G 448 35.75 16.37 -9.29
C PRO G 448 36.22 17.44 -8.27
N PHE G 449 36.02 17.16 -6.99
CA PHE G 449 36.39 18.07 -5.89
C PHE G 449 37.77 17.78 -5.35
N GLY G 450 38.67 18.75 -5.42
CA GLY G 450 40.02 18.54 -4.96
C GLY G 450 41.00 19.63 -5.32
N GLY G 451 42.18 19.56 -4.71
CA GLY G 451 43.15 20.63 -4.81
C GLY G 451 44.49 20.16 -5.33
N ILE G 452 45.39 21.12 -5.46
CA ILE G 452 46.77 20.87 -5.84
C ILE G 452 47.69 21.48 -4.80
N LYS G 453 48.99 21.40 -5.04
CA LYS G 453 49.99 21.86 -4.08
C LYS G 453 49.69 21.29 -2.70
N ALA G 454 49.65 22.15 -1.69
CA ALA G 454 49.47 21.67 -0.32
C ALA G 454 48.03 21.28 -0.02
N SER G 455 47.12 21.58 -0.94
CA SER G 455 45.69 21.40 -0.71
C SER G 455 45.24 19.94 -0.91
N GLY G 456 46.11 19.16 -1.51
CA GLY G 456 45.92 17.73 -1.46
C GLY G 456 46.23 16.95 -2.72
N VAL G 457 45.58 15.80 -2.80
CA VAL G 457 45.93 14.75 -3.75
C VAL G 457 44.67 13.93 -4.03
N GLY G 458 44.26 13.90 -5.30
CA GLY G 458 43.09 13.15 -5.71
C GLY G 458 41.83 13.96 -5.89
N ARG G 459 40.77 13.30 -6.37
CA ARG G 459 39.49 13.95 -6.55
C ARG G 459 38.31 13.14 -5.99
N GLU G 460 37.29 13.83 -5.51
CA GLU G 460 36.11 13.16 -4.98
C GLU G 460 34.83 13.80 -5.53
N GLY G 461 33.79 12.97 -5.63
CA GLY G 461 32.55 13.33 -6.28
C GLY G 461 32.29 12.35 -7.41
N GLY G 462 31.17 11.63 -7.32
CA GLY G 462 30.74 10.73 -8.38
C GLY G 462 31.83 9.78 -8.85
N GLU G 463 32.02 9.72 -10.17
CA GLU G 463 32.98 8.79 -10.78
C GLU G 463 34.42 9.03 -10.31
N TRP G 464 34.74 10.26 -9.89
CA TRP G 464 36.09 10.57 -9.42
C TRP G 464 36.40 9.88 -8.09
N SER G 465 35.39 9.84 -7.23
CA SER G 465 35.42 9.01 -6.04
C SER G 465 35.61 7.52 -6.39
N PHE G 466 34.88 7.07 -7.41
CA PHE G 466 35.00 5.70 -7.88
C PHE G 466 36.44 5.42 -8.34
N HIS G 467 37.06 6.37 -9.05
CA HIS G 467 38.45 6.22 -9.45
C HIS G 467 39.36 6.00 -8.25
N GLU G 468 39.18 6.83 -7.24
CA GLU G 468 39.94 6.77 -6.00
C GLU G 468 39.89 5.40 -5.33
N THR G 469 38.70 4.82 -5.27
CA THR G 469 38.53 3.57 -4.56
C THR G 469 38.40 2.34 -5.45
N THR G 470 38.85 2.43 -6.70
CA THR G 470 38.95 1.25 -7.56
C THR G 470 40.29 1.23 -8.28
N TYR G 471 40.60 0.10 -8.90
CA TYR G 471 41.75 0.01 -9.78
C TYR G 471 41.35 -0.59 -11.12
N ASP G 472 42.09 -0.22 -12.16
CA ASP G 472 41.85 -0.76 -13.47
C ASP G 472 42.54 -2.10 -13.59
N ARG G 473 41.98 -3.02 -14.35
CA ARG G 473 42.59 -4.33 -14.50
C ARG G 473 42.60 -4.77 -15.97
N TRP G 474 43.80 -4.78 -16.54
CA TRP G 474 44.00 -5.20 -17.92
C TRP G 474 43.90 -6.71 -18.03
N VAL G 475 42.94 -7.19 -18.82
CA VAL G 475 42.77 -8.63 -19.03
C VAL G 475 42.70 -8.97 -20.52
N THR G 476 43.35 -10.07 -20.90
CA THR G 476 43.42 -10.52 -22.29
C THR G 476 43.05 -11.98 -22.48
N VAL G 477 42.50 -12.28 -23.64
CA VAL G 477 42.37 -13.65 -24.08
C VAL G 477 43.06 -13.77 -25.43
N THR G 478 43.84 -14.83 -25.59
CA THR G 478 44.56 -15.09 -26.84
C THR G 478 43.97 -16.33 -27.49
N LEU G 479 43.65 -16.21 -28.77
CA LEU G 479 42.91 -17.25 -29.46
C LEU G 479 43.74 -18.00 -30.52
N ARG G 480 44.98 -17.56 -30.73
CA ARG G 480 45.91 -18.29 -31.55
C ARG G 480 47.09 -18.70 -30.68
N THR G 481 47.76 -19.77 -31.09
CA THR G 481 48.97 -20.22 -30.44
C THR G 481 50.12 -19.64 -31.24
N ARG G 482 51.25 -19.32 -30.60
CA ARG G 482 52.38 -18.77 -31.37
C ARG G 482 53.70 -19.39 -30.98
N ARG G 483 54.72 -19.17 -31.80
CA ARG G 483 56.04 -19.69 -31.52
C ARG G 483 56.74 -18.72 -30.58
N PHE G 484 57.63 -19.25 -29.75
CA PHE G 484 58.37 -18.43 -28.81
C PHE G 484 59.84 -18.46 -29.19
N PRO G 485 60.58 -17.38 -28.88
CA PRO G 485 61.99 -17.32 -29.26
C PRO G 485 62.93 -18.24 -28.48
N ILE G 486 62.53 -18.78 -27.34
CA ILE G 486 63.43 -19.69 -26.66
C ILE G 486 62.73 -21.01 -26.32
N PRO G 487 63.44 -22.13 -26.50
CA PRO G 487 64.81 -22.24 -27.01
C PRO G 487 64.92 -21.99 -28.51
N SER G 488 65.95 -21.26 -28.93
CA SER G 488 66.11 -20.91 -30.34
C SER G 488 66.23 -22.16 -31.23
N ALA G 489 66.82 -23.21 -30.68
CA ALA G 489 67.10 -24.42 -31.46
C ALA G 489 65.85 -25.08 -32.10
N LEU G 490 64.66 -24.56 -31.80
CA LEU G 490 63.44 -25.15 -32.37
C LEU G 490 62.96 -24.41 -33.61
N VAL H 9 80.58 10.12 -21.76
CA VAL H 9 79.30 9.95 -21.10
C VAL H 9 79.12 10.94 -19.96
N ALA H 10 78.14 11.83 -20.07
CA ALA H 10 77.90 12.84 -19.05
C ALA H 10 76.43 13.00 -18.74
N ASN H 11 76.14 13.88 -17.79
CA ASN H 11 74.76 14.34 -17.56
C ASN H 11 74.23 15.18 -18.73
N TYR H 12 72.96 15.56 -18.63
CA TYR H 12 72.26 16.40 -19.61
C TYR H 12 71.28 17.34 -18.92
N ILE H 13 71.72 18.56 -18.63
CA ILE H 13 70.94 19.53 -17.87
C ILE H 13 70.76 20.84 -18.66
N ASN H 14 69.51 21.24 -18.86
CA ASN H 14 69.20 22.45 -19.62
C ASN H 14 69.94 22.53 -20.96
N GLY H 15 69.74 21.53 -21.81
CA GLY H 15 70.26 21.53 -23.16
C GLY H 15 71.74 21.24 -23.30
N GLU H 16 72.43 21.22 -22.17
CA GLU H 16 73.88 21.01 -22.15
C GLU H 16 74.31 19.64 -21.59
N PHE H 17 75.32 19.04 -22.20
CA PHE H 17 75.99 17.86 -21.62
C PHE H 17 77.10 18.29 -20.67
N LYS H 18 76.94 18.05 -19.38
CA LYS H 18 77.98 18.48 -18.46
C LYS H 18 78.37 17.41 -17.43
N GLU H 19 79.57 17.56 -16.88
CA GLU H 19 80.04 16.65 -15.88
C GLU H 19 79.35 16.96 -14.55
N PRO H 20 79.41 16.04 -13.58
CA PRO H 20 78.82 16.37 -12.28
C PRO H 20 79.59 17.47 -11.58
N SER H 21 78.89 18.31 -10.84
CA SER H 21 79.49 19.39 -10.09
C SER H 21 80.53 18.87 -9.10
N THR H 22 80.34 17.61 -8.71
CA THR H 22 81.19 16.97 -7.70
C THR H 22 82.44 16.33 -8.31
N GLY H 23 82.65 16.54 -9.61
CA GLY H 23 83.84 16.04 -10.28
C GLY H 23 84.07 14.54 -10.25
N ALA H 24 83.22 13.80 -9.53
CA ALA H 24 83.43 12.38 -9.31
C ALA H 24 82.97 11.53 -10.49
N PHE H 25 83.72 10.47 -10.81
CA PHE H 25 83.32 9.56 -11.87
C PHE H 25 83.30 8.11 -11.40
N GLN H 26 82.91 7.19 -12.27
CA GLN H 26 82.74 5.79 -11.90
C GLN H 26 82.79 4.89 -13.13
N VAL H 27 83.45 3.74 -13.03
CA VAL H 27 83.56 2.88 -14.20
C VAL H 27 82.44 1.84 -14.23
N LYS H 28 81.84 1.68 -15.40
CA LYS H 28 80.75 0.74 -15.60
C LYS H 28 81.28 -0.42 -16.41
N THR H 29 81.05 -1.64 -15.95
CA THR H 29 81.61 -2.77 -16.68
C THR H 29 80.58 -3.73 -17.22
N SER H 30 81.05 -4.60 -18.10
CA SER H 30 80.17 -5.57 -18.74
C SER H 30 79.90 -6.78 -17.85
N PRO H 31 78.62 -7.09 -17.64
CA PRO H 31 78.24 -8.28 -16.88
C PRO H 31 78.61 -9.57 -17.62
N VAL H 32 79.19 -9.44 -18.80
CA VAL H 32 79.56 -10.63 -19.59
C VAL H 32 81.01 -11.06 -19.35
N ASP H 33 81.92 -10.10 -19.30
CA ASP H 33 83.35 -10.41 -19.21
C ASP H 33 84.09 -9.52 -18.24
N GLY H 34 83.39 -8.61 -17.58
CA GLY H 34 84.00 -7.70 -16.63
C GLY H 34 84.78 -6.56 -17.27
N SER H 35 84.81 -6.51 -18.60
CA SER H 35 85.54 -5.45 -19.32
C SER H 35 84.93 -4.07 -19.15
N LYS H 36 85.76 -3.05 -19.22
CA LYS H 36 85.29 -1.68 -19.01
C LYS H 36 84.51 -1.19 -20.23
N ILE H 37 83.46 -0.42 -19.95
CA ILE H 37 82.54 0.04 -21.00
C ILE H 37 82.59 1.56 -21.18
N ALA H 38 82.52 2.29 -20.07
CA ALA H 38 82.72 3.74 -20.13
C ALA H 38 82.84 4.31 -18.73
N GLU H 39 83.33 5.54 -18.66
CA GLU H 39 83.34 6.29 -17.41
C GLU H 39 82.01 7.04 -17.33
N VAL H 40 81.34 6.96 -16.19
CA VAL H 40 80.04 7.62 -16.04
C VAL H 40 80.04 8.51 -14.84
N PRO H 41 79.25 9.58 -14.88
CA PRO H 41 79.16 10.50 -13.74
C PRO H 41 78.74 9.80 -12.45
N ARG H 42 79.15 10.38 -11.33
CA ARG H 42 78.64 10.04 -10.04
C ARG H 42 78.14 11.34 -9.40
N SER H 43 76.91 11.70 -9.74
CA SER H 43 76.38 13.02 -9.40
C SER H 43 75.93 13.08 -7.96
N GLY H 44 75.70 14.29 -7.48
CA GLY H 44 75.21 14.48 -6.13
C GLY H 44 74.01 15.41 -6.15
N ARG H 45 73.56 15.79 -4.97
CA ARG H 45 72.34 16.58 -4.84
C ARG H 45 72.38 17.87 -5.65
N GLU H 46 73.57 18.46 -5.79
CA GLU H 46 73.64 19.70 -6.54
C GLU H 46 73.29 19.47 -8.01
N ASP H 47 73.75 18.35 -8.56
CA ASP H 47 73.40 18.02 -9.94
C ASP H 47 71.90 17.73 -10.09
N ALA H 48 71.31 17.06 -9.11
CA ALA H 48 69.87 16.83 -9.10
C ALA H 48 69.11 18.16 -8.97
N ARG H 49 69.56 19.02 -8.05
CA ARG H 49 68.89 20.30 -7.83
C ARG H 49 68.99 21.23 -9.03
N GLU H 50 70.04 21.11 -9.83
CA GLU H 50 70.19 21.98 -10.99
C GLU H 50 69.17 21.63 -12.06
N ALA H 51 69.02 20.33 -12.29
CA ALA H 51 68.11 19.79 -13.29
C ALA H 51 66.65 20.06 -12.91
N ILE H 52 66.32 19.91 -11.64
CA ILE H 52 64.97 20.18 -11.18
C ILE H 52 64.60 21.62 -11.50
N ASP H 53 65.58 22.52 -11.35
CA ASP H 53 65.34 23.94 -11.59
C ASP H 53 65.28 24.26 -13.09
N SER H 54 66.04 23.55 -13.90
CA SER H 54 65.94 23.74 -15.36
C SER H 54 64.57 23.32 -15.82
N ALA H 55 64.17 22.15 -15.33
CA ALA H 55 62.87 21.59 -15.65
C ALA H 55 61.77 22.53 -15.20
N PHE H 56 61.95 23.10 -14.00
CA PHE H 56 60.92 23.95 -13.42
C PHE H 56 60.69 25.18 -14.23
N GLU H 57 61.74 25.65 -14.90
CA GLU H 57 61.57 26.89 -15.61
C GLU H 57 61.34 26.66 -17.08
N ALA H 58 61.63 25.46 -17.57
CA ALA H 58 61.24 25.11 -18.93
C ALA H 58 59.73 24.85 -19.00
N LEU H 59 59.14 24.68 -17.82
CA LEU H 59 57.80 24.11 -17.68
C LEU H 59 56.64 24.90 -18.31
N LYS H 60 56.50 26.19 -18.03
CA LYS H 60 55.28 26.86 -18.49
C LYS H 60 55.31 27.14 -20.00
N ALA H 61 56.49 27.35 -20.58
CA ALA H 61 56.56 27.42 -22.02
C ALA H 61 56.14 26.07 -22.63
N TRP H 62 56.62 24.98 -22.03
CA TRP H 62 56.40 23.64 -22.57
C TRP H 62 54.97 23.16 -22.36
N ALA H 63 54.40 23.48 -21.21
CA ALA H 63 53.05 23.04 -20.90
C ALA H 63 51.98 23.84 -21.67
N ASN H 64 52.31 25.05 -22.10
CA ASN H 64 51.30 25.96 -22.66
C ASN H 64 51.24 25.97 -24.18
N ILE H 65 52.24 25.41 -24.86
CA ILE H 65 52.11 25.26 -26.29
C ILE H 65 51.01 24.23 -26.59
N PRO H 66 50.36 24.37 -27.75
CA PRO H 66 49.34 23.39 -28.13
C PRO H 66 49.91 21.97 -28.17
N ALA H 67 49.11 21.00 -27.75
CA ALA H 67 49.54 19.60 -27.70
C ALA H 67 50.25 19.18 -29.01
N ILE H 68 49.74 19.69 -30.14
CA ILE H 68 50.20 19.31 -31.48
C ILE H 68 51.67 19.60 -31.71
N ARG H 69 52.21 20.57 -30.99
CA ARG H 69 53.62 20.88 -31.15
C ARG H 69 54.49 19.98 -30.26
N ARG H 70 54.00 19.57 -29.10
CA ARG H 70 54.72 18.55 -28.31
C ARG H 70 54.76 17.23 -29.10
N ALA H 71 53.65 16.92 -29.76
CA ALA H 71 53.57 15.77 -30.65
C ALA H 71 54.60 15.84 -31.78
N GLU H 72 54.75 17.03 -32.38
CA GLU H 72 55.78 17.23 -33.39
C GLU H 72 57.15 16.82 -32.84
N TYR H 73 57.47 17.30 -31.64
CA TYR H 73 58.74 16.97 -31.01
C TYR H 73 58.91 15.47 -30.81
N LEU H 74 57.89 14.84 -30.23
CA LEU H 74 57.92 13.39 -30.03
C LEU H 74 58.10 12.61 -31.33
N TYR H 75 57.45 13.07 -32.39
CA TYR H 75 57.61 12.44 -33.71
C TYR H 75 59.04 12.60 -34.22
N LYS H 76 59.69 13.69 -33.84
CA LYS H 76 61.08 13.90 -34.21
C LYS H 76 61.95 12.91 -33.43
N MET H 77 61.77 12.87 -32.10
CA MET H 77 62.39 11.86 -31.23
C MET H 77 62.29 10.47 -31.81
N LEU H 78 61.12 10.16 -32.37
CA LEU H 78 60.83 8.84 -32.91
C LEU H 78 61.71 8.54 -34.12
N GLU H 79 61.93 9.52 -34.98
CA GLU H 79 62.72 9.25 -36.17
C GLU H 79 64.22 9.27 -35.86
N VAL H 80 64.61 10.06 -34.87
CA VAL H 80 65.98 10.00 -34.36
C VAL H 80 66.18 8.61 -33.78
N PHE H 81 65.21 8.17 -32.98
CA PHE H 81 65.33 6.87 -32.34
C PHE H 81 65.57 5.77 -33.38
N ARG H 82 64.82 5.80 -34.49
CA ARG H 82 64.93 4.77 -35.52
C ARG H 82 66.34 4.68 -36.06
N GLN H 83 66.98 5.84 -36.16
CA GLN H 83 68.35 5.94 -36.65
C GLN H 83 69.36 5.44 -35.61
N MET H 84 68.93 5.44 -34.35
CA MET H 84 69.79 5.04 -33.25
C MET H 84 69.53 3.60 -32.75
N LYS H 85 68.63 2.86 -33.41
CA LYS H 85 68.21 1.55 -32.94
C LYS H 85 69.37 0.63 -32.59
N GLU H 86 70.32 0.53 -33.51
CA GLU H 86 71.34 -0.48 -33.35
C GLU H 86 72.33 -0.09 -32.27
N ASP H 87 72.57 1.21 -32.11
CA ASP H 87 73.43 1.65 -31.02
C ASP H 87 72.79 1.28 -29.69
N PHE H 88 71.48 1.47 -29.57
CA PHE H 88 70.75 1.03 -28.39
C PHE H 88 70.89 -0.46 -28.13
N MET H 89 70.63 -1.25 -29.17
CA MET H 89 70.74 -2.70 -29.09
C MET H 89 72.09 -3.15 -28.56
N LYS H 90 73.16 -2.54 -29.07
CA LYS H 90 74.49 -2.93 -28.65
C LYS H 90 74.66 -2.67 -27.15
N ILE H 91 74.34 -1.47 -26.71
CA ILE H 91 74.49 -1.11 -25.31
C ILE H 91 73.61 -1.95 -24.40
N LEU H 92 72.37 -2.21 -24.82
CA LEU H 92 71.49 -3.07 -24.05
C LEU H 92 72.14 -4.44 -23.85
N THR H 93 72.77 -4.96 -24.90
CA THR H 93 73.49 -6.22 -24.80
C THR H 93 74.76 -6.10 -23.94
N VAL H 94 75.63 -5.16 -24.29
CA VAL H 94 76.95 -5.09 -23.68
C VAL H 94 76.91 -4.57 -22.25
N GLU H 95 75.94 -3.72 -21.94
CA GLU H 95 75.87 -3.14 -20.60
C GLU H 95 74.83 -3.85 -19.74
N GLY H 96 73.87 -4.50 -20.39
CA GLY H 96 72.75 -5.05 -19.64
C GLY H 96 72.66 -6.56 -19.76
N GLY H 97 73.50 -7.14 -20.60
CA GLY H 97 73.56 -8.59 -20.71
C GLY H 97 72.37 -9.25 -21.39
N GLY H 98 71.53 -8.46 -22.06
CA GLY H 98 70.41 -9.03 -22.77
C GLY H 98 70.84 -9.66 -24.08
N THR H 99 70.18 -10.74 -24.48
CA THR H 99 70.45 -11.37 -25.78
C THR H 99 69.92 -10.53 -26.94
N TYR H 100 70.40 -10.87 -28.14
CA TYR H 100 69.97 -10.20 -29.35
C TYR H 100 68.45 -10.13 -29.42
N ARG H 101 67.82 -11.28 -29.24
CA ARG H 101 66.38 -11.38 -29.31
C ARG H 101 65.70 -10.51 -28.26
N LYS H 102 66.19 -10.54 -27.02
CA LYS H 102 65.60 -9.70 -25.99
C LYS H 102 65.71 -8.23 -26.40
N VAL H 103 66.92 -7.77 -26.74
CA VAL H 103 67.15 -6.35 -26.99
C VAL H 103 66.49 -5.91 -28.30
N TRP H 104 66.39 -6.82 -29.25
CA TRP H 104 65.68 -6.50 -30.48
C TRP H 104 64.24 -6.17 -30.13
N GLY H 105 63.64 -7.04 -29.32
CA GLY H 105 62.29 -6.85 -28.85
C GLY H 105 62.14 -5.55 -28.10
N GLU H 106 63.06 -5.24 -27.20
CA GLU H 106 62.94 -4.01 -26.41
C GLU H 106 63.03 -2.78 -27.32
N VAL H 107 63.79 -2.90 -28.39
CA VAL H 107 63.99 -1.76 -29.27
C VAL H 107 62.74 -1.51 -30.11
N VAL H 108 62.20 -2.58 -30.70
CA VAL H 108 60.93 -2.48 -31.43
C VAL H 108 59.82 -1.88 -30.54
N PHE H 109 59.75 -2.35 -29.30
CA PHE H 109 58.70 -1.90 -28.40
C PHE H 109 58.90 -0.45 -28.01
N THR H 110 60.16 -0.02 -27.89
CA THR H 110 60.43 1.35 -27.51
C THR H 110 59.98 2.27 -28.60
N GLU H 111 60.17 1.80 -29.84
CA GLU H 111 59.75 2.52 -31.03
C GLU H 111 58.25 2.79 -30.93
N ARG H 112 57.48 1.72 -30.75
CA ARG H 112 56.04 1.82 -30.64
C ARG H 112 55.63 2.67 -29.44
N LEU H 113 56.45 2.68 -28.41
CA LEU H 113 56.20 3.47 -27.22
C LEU H 113 56.30 4.97 -27.49
N ILE H 114 57.37 5.37 -28.16
CA ILE H 114 57.54 6.79 -28.48
C ILE H 114 56.39 7.19 -29.40
N GLN H 115 56.18 6.41 -30.44
CA GLN H 115 55.09 6.69 -31.36
C GLN H 115 53.76 6.82 -30.65
N ASN H 116 53.51 5.89 -29.74
CA ASN H 116 52.23 5.86 -29.03
C ASN H 116 51.99 7.16 -28.30
N ALA H 117 53.03 7.69 -27.66
CA ALA H 117 52.87 8.88 -26.84
C ALA H 117 52.59 10.06 -27.77
N ALA H 118 53.23 10.03 -28.93
CA ALA H 118 53.03 11.04 -29.93
C ALA H 118 51.60 10.98 -30.47
N GLU H 119 51.12 9.78 -30.77
CA GLU H 119 49.76 9.59 -31.28
C GLU H 119 48.72 10.19 -30.35
N LEU H 120 48.96 10.08 -29.06
CA LEU H 120 47.87 10.36 -28.14
C LEU H 120 47.92 11.75 -27.58
N ALA H 121 49.03 12.44 -27.80
CA ALA H 121 49.24 13.76 -27.21
C ALA H 121 48.05 14.72 -27.47
N ARG H 122 47.51 14.70 -28.68
CA ARG H 122 46.45 15.64 -29.04
C ARG H 122 45.06 15.16 -28.63
N HIS H 123 44.96 14.00 -27.98
CA HIS H 123 43.64 13.39 -27.85
C HIS H 123 43.22 13.07 -26.43
N TYR H 124 43.95 13.59 -25.45
CA TYR H 124 43.61 13.38 -24.06
C TYR H 124 42.55 14.39 -23.63
N GLN H 125 41.33 13.91 -23.38
CA GLN H 125 40.16 14.78 -23.23
C GLN H 125 39.75 15.04 -21.77
N GLY H 126 39.06 16.16 -21.55
CA GLY H 126 38.43 16.45 -20.27
C GLY H 126 36.97 16.13 -20.44
N ARG H 127 36.11 16.65 -19.57
CA ARG H 127 34.69 16.32 -19.65
C ARG H 127 33.77 17.55 -19.48
N VAL H 128 32.63 17.54 -20.16
CA VAL H 128 31.60 18.55 -19.93
C VAL H 128 30.45 17.97 -19.09
N LEU H 129 30.07 18.64 -18.01
CA LEU H 129 29.17 18.06 -17.03
C LEU H 129 27.82 18.74 -17.00
N GLN H 130 26.79 18.01 -16.61
CA GLN H 130 25.52 18.63 -16.29
C GLN H 130 25.70 19.36 -14.97
N SER H 131 25.08 20.52 -14.85
CA SER H 131 25.10 21.20 -13.58
C SER H 131 23.74 21.06 -12.92
N ASP H 132 23.74 20.79 -11.62
CA ASP H 132 22.49 20.76 -10.85
C ASP H 132 21.94 22.17 -10.60
N SER H 133 22.66 23.18 -11.05
CA SER H 133 22.21 24.56 -10.95
C SER H 133 21.83 25.12 -12.32
N GLU H 134 20.80 25.96 -12.32
CA GLU H 134 20.39 26.69 -13.51
C GLU H 134 21.53 27.60 -13.91
N SER H 135 21.59 27.93 -15.20
CA SER H 135 22.53 28.95 -15.68
C SER H 135 23.97 28.74 -15.25
N THR H 136 24.42 27.49 -15.17
CA THR H 136 25.83 27.18 -14.85
C THR H 136 26.50 26.29 -15.89
N ILE H 137 27.60 26.78 -16.43
CA ILE H 137 28.45 25.97 -17.28
C ILE H 137 29.45 25.21 -16.40
N SER H 138 29.56 23.89 -16.58
CA SER H 138 30.41 23.06 -15.73
C SER H 138 31.29 22.08 -16.52
N VAL H 139 32.59 22.36 -16.57
CA VAL H 139 33.53 21.53 -17.33
C VAL H 139 34.70 21.05 -16.48
N VAL H 140 35.50 20.13 -17.04
CA VAL H 140 36.71 19.63 -16.37
C VAL H 140 37.90 19.59 -17.33
N PHE H 141 38.98 20.30 -16.99
CA PHE H 141 40.19 20.39 -17.83
C PHE H 141 41.25 19.38 -17.43
N LYS H 142 42.22 19.15 -18.31
CA LYS H 142 43.39 18.36 -17.96
C LYS H 142 44.62 19.24 -17.90
N ARG H 143 45.14 19.42 -16.69
CA ARG H 143 46.34 20.21 -16.48
C ARG H 143 47.51 19.28 -16.27
N SER H 144 48.66 19.65 -16.80
CA SER H 144 49.86 18.89 -16.52
C SER H 144 50.33 19.21 -15.09
N LYS H 145 51.01 18.24 -14.47
CA LYS H 145 51.34 18.36 -13.05
C LYS H 145 52.55 19.25 -12.80
N GLY H 146 53.50 19.19 -13.71
CA GLY H 146 54.70 20.00 -13.59
C GLY H 146 55.99 19.24 -13.86
N VAL H 147 56.95 19.44 -12.97
CA VAL H 147 58.21 18.72 -13.05
C VAL H 147 57.99 17.30 -12.56
N VAL H 148 58.29 16.33 -13.43
CA VAL H 148 58.08 14.94 -13.06
C VAL H 148 59.40 14.22 -12.95
N GLY H 149 59.54 13.42 -11.90
CA GLY H 149 60.77 12.67 -11.66
C GLY H 149 60.64 11.26 -12.20
N VAL H 150 61.64 10.86 -12.97
CA VAL H 150 61.61 9.57 -13.63
C VAL H 150 62.79 8.69 -13.18
N ILE H 151 62.48 7.66 -12.38
CA ILE H 151 63.46 6.79 -11.75
C ILE H 151 63.19 5.33 -12.10
N THR H 152 64.18 4.67 -12.71
CA THR H 152 63.98 3.40 -13.42
C THR H 152 65.02 2.32 -13.04
N PRO H 153 64.75 1.04 -13.39
CA PRO H 153 65.66 -0.07 -13.09
C PRO H 153 66.47 -0.53 -14.30
N TRP H 154 67.14 -1.67 -14.14
CA TRP H 154 68.17 -2.13 -15.10
C TRP H 154 67.77 -3.28 -16.03
N ASN H 155 66.67 -3.97 -15.75
CA ASN H 155 66.35 -5.15 -16.54
C ASN H 155 65.85 -4.82 -17.94
N TYR H 156 64.99 -3.82 -18.04
CA TYR H 156 64.50 -3.29 -19.32
C TYR H 156 64.66 -1.77 -19.27
N PRO H 157 65.92 -1.31 -19.20
CA PRO H 157 66.13 0.13 -18.96
C PRO H 157 65.63 1.04 -20.11
N LEU H 158 65.70 0.58 -21.36
CA LEU H 158 65.24 1.40 -22.47
C LEU H 158 63.73 1.53 -22.52
N SER H 159 63.04 0.40 -22.74
CA SER H 159 61.59 0.38 -22.85
C SER H 159 60.95 1.06 -21.65
N ILE H 160 61.34 0.66 -20.45
CA ILE H 160 60.71 1.17 -19.23
C ILE H 160 60.90 2.67 -19.08
N SER H 161 62.14 3.14 -19.26
CA SER H 161 62.43 4.56 -19.17
C SER H 161 61.63 5.33 -20.22
N MET H 162 61.61 4.82 -21.45
CA MET H 162 60.94 5.50 -22.52
C MET H 162 59.43 5.48 -22.40
N LYS H 163 58.86 4.47 -21.75
CA LYS H 163 57.41 4.50 -21.56
C LYS H 163 57.10 5.73 -20.71
N LYS H 164 57.83 5.85 -19.60
CA LYS H 164 57.59 6.89 -18.64
C LYS H 164 57.88 8.25 -19.21
N ILE H 165 59.05 8.38 -19.83
CA ILE H 165 59.53 9.66 -20.31
C ILE H 165 58.61 10.26 -21.38
N ALA H 166 58.45 9.51 -22.48
CA ALA H 166 57.70 9.94 -23.65
C ALA H 166 56.28 10.36 -23.31
N HIS H 167 55.58 9.52 -22.56
CA HIS H 167 54.19 9.84 -22.26
C HIS H 167 54.11 11.04 -21.33
N THR H 168 55.06 11.14 -20.40
CA THR H 168 55.04 12.23 -19.43
C THR H 168 55.29 13.54 -20.16
N LEU H 169 56.16 13.48 -21.17
CA LEU H 169 56.50 14.66 -21.96
C LEU H 169 55.30 15.06 -22.79
N ALA H 170 54.57 14.05 -23.26
CA ALA H 170 53.50 14.21 -24.23
C ALA H 170 52.43 15.17 -23.76
N VAL H 171 52.12 15.06 -22.49
CA VAL H 171 50.92 15.68 -22.00
C VAL H 171 51.29 16.94 -21.18
N GLY H 172 52.53 17.39 -21.34
CA GLY H 172 52.88 18.73 -20.93
C GLY H 172 53.80 18.89 -19.73
N ASN H 173 54.30 17.79 -19.19
CA ASN H 173 55.18 17.88 -18.03
C ASN H 173 56.62 17.91 -18.51
N THR H 174 57.52 18.39 -17.66
CA THR H 174 58.93 18.31 -17.95
C THR H 174 59.55 17.17 -17.11
N VAL H 175 60.73 16.71 -17.54
CA VAL H 175 61.33 15.48 -17.01
C VAL H 175 62.73 15.63 -16.38
N VAL H 176 62.87 15.12 -15.15
CA VAL H 176 64.21 14.83 -14.60
C VAL H 176 64.36 13.32 -14.46
N TYR H 177 65.31 12.77 -15.19
CA TYR H 177 65.45 11.32 -15.30
C TYR H 177 66.74 10.77 -14.64
N LYS H 178 66.59 9.80 -13.72
CA LYS H 178 67.76 9.13 -13.11
C LYS H 178 67.72 7.64 -13.30
N PRO H 179 68.48 7.14 -14.27
CA PRO H 179 68.49 5.72 -14.58
C PRO H 179 69.20 4.87 -13.52
N ALA H 180 68.98 3.56 -13.60
CA ALA H 180 69.64 2.61 -12.73
C ALA H 180 71.17 2.72 -12.89
N SER H 181 71.87 2.68 -11.77
CA SER H 181 73.32 2.75 -11.80
C SER H 181 73.96 1.62 -12.62
N ASP H 182 73.30 0.47 -12.67
CA ASP H 182 73.85 -0.65 -13.41
C ASP H 182 73.67 -0.49 -14.92
N THR H 183 72.79 0.44 -15.32
CA THR H 183 72.55 0.69 -16.75
C THR H 183 72.56 2.19 -17.14
N PRO H 184 73.64 2.90 -16.81
CA PRO H 184 73.63 4.36 -17.01
C PRO H 184 73.83 4.78 -18.46
N VAL H 185 74.51 3.94 -19.24
CA VAL H 185 74.83 4.30 -20.62
C VAL H 185 73.58 4.39 -21.46
N THR H 186 72.65 3.47 -21.23
CA THR H 186 71.34 3.51 -21.89
C THR H 186 70.67 4.87 -21.70
N GLY H 187 70.74 5.38 -20.48
CA GLY H 187 70.16 6.66 -20.17
C GLY H 187 70.82 7.73 -21.01
N TRP H 188 72.12 7.56 -21.24
CA TRP H 188 72.93 8.53 -21.98
C TRP H 188 72.55 8.51 -23.45
N LEU H 189 72.28 7.33 -24.00
CA LEU H 189 71.76 7.27 -25.34
C LEU H 189 70.43 7.99 -25.45
N ILE H 190 69.63 7.90 -24.40
CA ILE H 190 68.31 8.50 -24.42
C ILE H 190 68.47 9.99 -24.46
N ALA H 191 69.44 10.49 -23.69
CA ALA H 191 69.77 11.92 -23.69
C ALA H 191 70.21 12.37 -25.08
N GLN H 192 71.06 11.58 -25.72
CA GLN H 192 71.49 11.85 -27.09
C GLN H 192 70.26 12.02 -27.96
N MET H 193 69.40 11.01 -27.93
CA MET H 193 68.19 10.99 -28.72
C MET H 193 67.37 12.27 -28.55
N VAL H 194 67.15 12.67 -27.30
CA VAL H 194 66.35 13.85 -27.03
C VAL H 194 67.05 15.09 -27.59
N ALA H 195 68.36 15.14 -27.41
CA ALA H 195 69.17 16.27 -27.87
C ALA H 195 69.10 16.43 -29.38
N LYS H 196 69.28 15.33 -30.11
CA LYS H 196 69.27 15.37 -31.57
C LYS H 196 67.87 15.65 -32.09
N ALA H 197 66.89 15.55 -31.20
CA ALA H 197 65.49 15.78 -31.55
C ALA H 197 65.17 17.26 -31.26
N GLY H 198 66.11 17.91 -30.59
CA GLY H 198 66.08 19.33 -30.38
C GLY H 198 64.95 19.87 -29.54
N LEU H 199 64.52 19.10 -28.54
CA LEU H 199 63.54 19.62 -27.60
C LEU H 199 64.14 20.85 -26.89
N PRO H 200 63.30 21.77 -26.43
CA PRO H 200 63.85 22.94 -25.72
C PRO H 200 64.68 22.53 -24.52
N LYS H 201 65.63 23.38 -24.15
CA LYS H 201 66.49 23.12 -23.01
C LYS H 201 65.66 23.01 -21.74
N GLY H 202 65.99 22.02 -20.90
CA GLY H 202 65.33 21.86 -19.61
C GLY H 202 64.04 21.05 -19.63
N VAL H 203 63.45 20.87 -20.80
CA VAL H 203 62.24 20.06 -20.86
C VAL H 203 62.62 18.63 -20.49
N PHE H 204 63.72 18.15 -21.05
CA PHE H 204 64.29 16.88 -20.62
C PHE H 204 65.63 17.07 -19.89
N ASN H 205 65.85 16.28 -18.84
CA ASN H 205 67.11 16.33 -18.09
C ASN H 205 67.56 14.96 -17.60
N LEU H 206 68.84 14.66 -17.82
CA LEU H 206 69.45 13.40 -17.39
C LEU H 206 70.44 13.59 -16.25
N VAL H 207 70.27 12.87 -15.15
CA VAL H 207 71.26 12.85 -14.07
C VAL H 207 71.66 11.44 -13.62
N ILE H 208 72.86 11.02 -14.01
CA ILE H 208 73.41 9.72 -13.66
C ILE H 208 74.07 9.75 -12.28
N GLY H 209 73.52 9.00 -11.33
CA GLY H 209 74.00 9.06 -9.96
C GLY H 209 73.46 7.94 -9.11
N PRO H 210 73.90 7.85 -7.85
CA PRO H 210 73.32 6.80 -7.01
C PRO H 210 71.93 7.20 -6.53
N GLY H 211 71.04 6.22 -6.52
CA GLY H 211 69.68 6.40 -6.01
C GLY H 211 69.53 7.15 -4.70
N PRO H 212 70.15 6.64 -3.60
CA PRO H 212 70.01 7.24 -2.27
C PRO H 212 70.43 8.71 -2.18
N VAL H 213 71.13 9.21 -3.19
CA VAL H 213 71.52 10.61 -3.22
C VAL H 213 70.75 11.40 -4.27
N VAL H 214 71.03 11.10 -5.54
CA VAL H 214 70.40 11.82 -6.65
C VAL H 214 68.88 11.63 -6.63
N GLY H 215 68.47 10.37 -6.56
CA GLY H 215 67.06 10.04 -6.57
C GLY H 215 66.31 10.62 -5.40
N GLU H 216 66.87 10.49 -4.20
CA GLU H 216 66.21 11.03 -3.02
C GLU H 216 65.95 12.54 -3.12
N GLU H 217 66.91 13.27 -3.69
CA GLU H 217 66.74 14.71 -3.85
C GLU H 217 65.56 14.99 -4.76
N ILE H 218 65.45 14.20 -5.83
CA ILE H 218 64.31 14.28 -6.73
C ILE H 218 63.01 14.01 -5.98
N VAL H 219 63.02 12.98 -5.15
CA VAL H 219 61.83 12.60 -4.40
C VAL H 219 61.42 13.64 -3.34
N THR H 220 62.38 14.42 -2.87
CA THR H 220 62.11 15.33 -1.75
C THR H 220 62.09 16.79 -2.17
N HIS H 221 62.64 17.10 -3.34
CA HIS H 221 62.62 18.49 -3.80
C HIS H 221 61.20 18.96 -4.02
N LYS H 222 60.89 20.16 -3.55
CA LYS H 222 59.51 20.65 -3.54
C LYS H 222 59.02 21.25 -4.86
N ARG H 223 59.92 21.39 -5.84
CA ARG H 223 59.53 21.84 -7.17
C ARG H 223 59.24 20.64 -8.08
N VAL H 224 59.40 19.44 -7.52
CA VAL H 224 58.98 18.25 -8.22
C VAL H 224 57.53 17.96 -7.84
N ALA H 225 56.70 17.78 -8.86
CA ALA H 225 55.27 17.58 -8.69
C ALA H 225 54.87 16.10 -8.51
N HIS H 226 55.56 15.21 -9.22
CA HIS H 226 55.17 13.81 -9.23
C HIS H 226 56.39 12.95 -9.49
N VAL H 227 56.43 11.76 -8.89
CA VAL H 227 57.47 10.80 -9.20
C VAL H 227 56.91 9.50 -9.75
N THR H 228 57.39 9.11 -10.92
CA THR H 228 57.08 7.80 -11.50
C THR H 228 58.32 6.94 -11.38
N PHE H 229 58.15 5.82 -10.67
CA PHE H 229 59.27 4.98 -10.28
C PHE H 229 59.00 3.50 -10.55
N THR H 230 59.98 2.84 -11.14
CA THR H 230 59.88 1.40 -11.30
C THR H 230 61.04 0.73 -10.57
N GLY H 231 60.71 -0.18 -9.65
CA GLY H 231 61.74 -0.85 -8.90
C GLY H 231 61.23 -1.72 -7.77
N GLU H 232 62.09 -2.01 -6.80
CA GLU H 232 61.74 -2.89 -5.70
C GLU H 232 60.71 -2.24 -4.80
N SER H 233 59.84 -3.06 -4.21
CA SER H 233 58.86 -2.61 -3.24
C SER H 233 59.47 -1.93 -2.03
N SER H 234 60.62 -2.44 -1.59
CA SER H 234 61.34 -1.82 -0.49
C SER H 234 61.64 -0.37 -0.86
N THR H 235 62.28 -0.21 -2.01
CA THR H 235 62.57 1.10 -2.57
C THR H 235 61.29 1.90 -2.69
N GLY H 236 60.27 1.28 -3.27
CA GLY H 236 58.95 1.88 -3.40
C GLY H 236 58.42 2.48 -2.12
N ARG H 237 58.40 1.69 -1.05
CA ARG H 237 57.90 2.15 0.25
C ARG H 237 58.71 3.36 0.72
N GLU H 238 60.03 3.25 0.60
CA GLU H 238 60.92 4.33 1.00
C GLU H 238 60.63 5.61 0.23
N ILE H 239 60.67 5.51 -1.10
CA ILE H 239 60.34 6.63 -1.98
C ILE H 239 58.96 7.22 -1.67
N ALA H 240 58.01 6.36 -1.29
CA ALA H 240 56.67 6.86 -1.05
C ALA H 240 56.62 7.68 0.23
N ALA H 241 57.30 7.22 1.27
CA ALA H 241 57.22 7.91 2.55
C ALA H 241 57.84 9.31 2.43
N LYS H 242 58.99 9.39 1.78
CA LYS H 242 59.65 10.67 1.59
C LYS H 242 58.82 11.67 0.77
N ALA H 243 58.08 11.16 -0.21
CA ALA H 243 57.29 11.99 -1.10
C ALA H 243 56.13 12.65 -0.37
N ALA H 244 55.74 12.06 0.75
CA ALA H 244 54.68 12.61 1.58
C ALA H 244 55.01 14.02 2.06
N GLY H 245 56.30 14.29 2.21
CA GLY H 245 56.75 15.53 2.84
C GLY H 245 56.31 16.76 2.09
N THR H 246 56.32 16.67 0.77
CA THR H 246 55.95 17.79 -0.08
C THR H 246 54.63 17.55 -0.79
N LEU H 247 53.91 16.52 -0.36
CA LEU H 247 52.58 16.16 -0.91
C LEU H 247 52.60 15.96 -2.42
N LYS H 248 53.74 15.56 -2.96
CA LYS H 248 53.80 15.22 -4.36
C LYS H 248 53.18 13.82 -4.57
N THR H 249 52.54 13.60 -5.73
CA THR H 249 51.99 12.27 -6.04
C THR H 249 53.04 11.34 -6.63
N VAL H 250 52.63 10.10 -6.81
CA VAL H 250 53.59 9.05 -7.09
C VAL H 250 52.99 7.89 -7.91
N THR H 251 53.78 7.32 -8.82
CA THR H 251 53.41 6.07 -9.48
C THR H 251 54.44 5.01 -9.12
N LEU H 252 54.01 3.93 -8.48
CA LEU H 252 54.96 2.88 -8.07
C LEU H 252 54.71 1.59 -8.84
N GLU H 253 55.65 1.26 -9.72
CA GLU H 253 55.62 0.01 -10.46
C GLU H 253 56.60 -0.94 -9.83
N LEU H 254 56.12 -1.75 -8.89
CA LEU H 254 57.00 -2.51 -8.02
C LEU H 254 57.18 -3.96 -8.47
N GLY H 255 57.60 -4.83 -7.56
CA GLY H 255 57.84 -6.21 -7.92
C GLY H 255 56.64 -7.08 -8.30
N GLY H 256 56.95 -8.27 -8.81
CA GLY H 256 55.95 -9.30 -9.06
C GLY H 256 56.45 -10.71 -8.75
N SER H 257 55.49 -11.60 -8.57
CA SER H 257 55.75 -13.02 -8.33
C SER H 257 54.63 -13.77 -9.04
N ASP H 258 54.59 -13.63 -10.35
CA ASP H 258 53.37 -13.89 -11.10
C ASP H 258 53.06 -15.37 -11.23
N PRO H 259 51.78 -15.70 -11.14
CA PRO H 259 51.35 -17.09 -11.26
C PRO H 259 51.08 -17.47 -12.71
N LEU H 260 51.64 -18.60 -13.13
CA LEU H 260 51.29 -19.24 -14.39
C LEU H 260 50.57 -20.53 -14.05
N ILE H 261 49.28 -20.60 -14.37
CA ILE H 261 48.43 -21.70 -13.94
C ILE H 261 48.10 -22.59 -15.13
N ILE H 262 48.49 -23.86 -15.07
CA ILE H 262 48.25 -24.78 -16.18
C ILE H 262 47.27 -25.87 -15.78
N LEU H 263 46.09 -25.85 -16.38
CA LEU H 263 45.10 -26.88 -16.12
C LEU H 263 45.33 -28.08 -17.04
N ASP H 264 44.42 -29.06 -16.99
CA ASP H 264 44.70 -30.37 -17.56
C ASP H 264 44.12 -30.60 -18.94
N ASP H 265 43.37 -29.62 -19.44
CA ASP H 265 42.72 -29.78 -20.74
C ASP H 265 43.56 -29.13 -21.81
N VAL H 266 44.83 -28.91 -21.49
CA VAL H 266 45.72 -28.22 -22.42
C VAL H 266 46.52 -29.16 -23.29
N ASP H 267 47.11 -28.58 -24.33
CA ASP H 267 48.25 -29.15 -25.02
C ASP H 267 49.44 -29.05 -24.05
N VAL H 268 49.84 -30.19 -23.47
CA VAL H 268 50.86 -30.18 -22.44
C VAL H 268 52.20 -29.73 -23.02
N ASP H 269 52.47 -30.10 -24.26
CA ASP H 269 53.74 -29.69 -24.86
C ASP H 269 53.75 -28.19 -25.07
N TYR H 270 52.64 -27.67 -25.57
CA TYR H 270 52.52 -26.23 -25.80
C TYR H 270 52.69 -25.48 -24.47
N ALA H 271 52.03 -25.98 -23.42
CA ALA H 271 52.08 -25.35 -22.10
C ALA H 271 53.52 -25.21 -21.64
N ALA H 272 54.28 -26.29 -21.84
CA ALA H 272 55.68 -26.35 -21.44
C ALA H 272 56.52 -25.31 -22.17
N ARG H 273 56.37 -25.27 -23.49
CA ARG H 273 57.07 -24.30 -24.33
C ARG H 273 56.79 -22.86 -23.90
N LEU H 274 55.52 -22.56 -23.67
CA LEU H 274 55.11 -21.24 -23.22
C LEU H 274 55.71 -20.90 -21.86
N ALA H 275 55.64 -21.87 -20.95
CA ALA H 275 56.15 -21.69 -19.60
C ALA H 275 57.65 -21.36 -19.60
N VAL H 276 58.41 -22.08 -20.41
CA VAL H 276 59.85 -21.84 -20.49
C VAL H 276 60.12 -20.38 -20.88
N PHE H 277 59.35 -19.90 -21.85
CA PHE H 277 59.42 -18.52 -22.32
C PHE H 277 59.09 -17.52 -21.21
N ALA H 278 57.89 -17.64 -20.64
CA ALA H 278 57.47 -16.69 -19.61
C ALA H 278 58.36 -16.71 -18.38
N SER H 279 58.83 -17.90 -18.01
CA SER H 279 59.48 -18.06 -16.71
C SER H 279 60.95 -17.75 -16.81
N LEU H 280 61.51 -17.83 -18.01
CA LEU H 280 62.95 -17.76 -18.11
C LEU H 280 63.51 -16.73 -19.08
N PHE H 281 62.66 -16.12 -19.92
CA PHE H 281 63.15 -15.04 -20.79
C PHE H 281 63.78 -13.95 -19.95
N HIS H 282 64.85 -13.37 -20.49
CA HIS H 282 65.76 -12.43 -19.83
C HIS H 282 66.17 -12.95 -18.46
N GLN H 283 66.31 -14.28 -18.41
CA GLN H 283 66.85 -14.99 -17.25
C GLN H 283 65.91 -14.86 -16.05
N GLY H 284 64.63 -14.65 -16.34
CA GLY H 284 63.65 -14.42 -15.30
C GLY H 284 63.75 -13.03 -14.70
N GLN H 285 64.60 -12.17 -15.28
CA GLN H 285 64.75 -10.80 -14.75
C GLN H 285 63.68 -9.89 -15.34
N ILE H 286 62.44 -10.35 -15.22
CA ILE H 286 61.31 -9.61 -15.72
C ILE H 286 60.35 -9.50 -14.58
N CYS H 287 59.92 -8.29 -14.29
CA CYS H 287 58.93 -8.05 -13.25
C CYS H 287 57.67 -8.90 -13.44
N THR H 288 57.27 -9.11 -14.70
CA THR H 288 56.11 -9.95 -14.99
C THR H 288 56.52 -11.33 -15.50
N SER H 289 57.68 -11.81 -15.07
CA SER H 289 58.11 -13.17 -15.39
C SER H 289 57.19 -14.17 -14.71
N ALA H 290 56.98 -15.32 -15.35
CA ALA H 290 56.22 -16.38 -14.71
C ALA H 290 57.05 -17.03 -13.60
N LYS H 291 56.87 -16.56 -12.36
CA LYS H 291 57.78 -16.88 -11.27
C LYS H 291 57.33 -18.04 -10.39
N ARG H 292 56.08 -18.45 -10.57
CA ARG H 292 55.52 -19.54 -9.79
C ARG H 292 54.61 -20.31 -10.72
N ILE H 293 55.02 -21.52 -11.07
CA ILE H 293 54.27 -22.31 -12.02
C ILE H 293 53.37 -23.28 -11.28
N ILE H 294 52.08 -23.23 -11.58
CA ILE H 294 51.10 -24.01 -10.85
C ILE H 294 50.36 -24.91 -11.83
N VAL H 295 50.49 -26.22 -11.64
CA VAL H 295 49.94 -27.17 -12.59
C VAL H 295 49.05 -28.22 -11.91
N HIS H 296 48.01 -28.60 -12.64
CA HIS H 296 47.04 -29.62 -12.25
C HIS H 296 47.63 -31.05 -12.23
N LYS H 297 47.32 -31.80 -11.18
CA LYS H 297 47.79 -33.18 -10.99
C LYS H 297 47.82 -34.00 -12.30
N ALA H 298 46.75 -33.92 -13.08
CA ALA H 298 46.53 -34.85 -14.18
C ALA H 298 47.44 -34.63 -15.40
N VAL H 299 48.11 -33.49 -15.49
CA VAL H 299 49.09 -33.31 -16.56
C VAL H 299 50.46 -32.99 -15.96
N ALA H 300 50.52 -32.99 -14.63
CA ALA H 300 51.71 -32.57 -13.90
C ALA H 300 52.96 -33.31 -14.34
N ASP H 301 52.89 -34.64 -14.39
CA ASP H 301 54.08 -35.41 -14.71
C ASP H 301 54.59 -35.13 -16.11
N LYS H 302 53.68 -35.16 -17.08
CA LYS H 302 54.11 -34.90 -18.44
C LYS H 302 54.52 -33.44 -18.61
N PHE H 303 53.83 -32.53 -17.92
CA PHE H 303 54.21 -31.12 -17.97
C PHE H 303 55.65 -30.92 -17.52
N ILE H 304 55.96 -31.41 -16.32
CA ILE H 304 57.28 -31.29 -15.73
C ILE H 304 58.35 -31.90 -16.64
N GLU H 305 58.03 -33.05 -17.23
CA GLU H 305 58.96 -33.74 -18.10
C GLU H 305 59.31 -32.82 -19.28
N ARG H 306 58.29 -32.25 -19.92
CA ARG H 306 58.52 -31.44 -21.10
C ARG H 306 59.20 -30.12 -20.74
N TYR H 307 58.75 -29.49 -19.67
CA TYR H 307 59.35 -28.24 -19.19
C TYR H 307 60.84 -28.45 -19.01
N VAL H 308 61.19 -29.44 -18.20
CA VAL H 308 62.59 -29.72 -17.91
C VAL H 308 63.34 -30.10 -19.18
N HIS H 309 62.71 -30.88 -20.06
CA HIS H 309 63.31 -31.18 -21.36
C HIS H 309 63.65 -29.88 -22.11
N TYR H 310 62.70 -28.95 -22.21
CA TYR H 310 62.90 -27.74 -22.99
C TYR H 310 63.94 -26.79 -22.35
N VAL H 311 63.96 -26.71 -21.02
CA VAL H 311 64.97 -25.91 -20.30
C VAL H 311 66.37 -26.45 -20.55
N LYS H 312 66.48 -27.76 -20.72
CA LYS H 312 67.77 -28.39 -20.96
C LYS H 312 68.29 -27.93 -22.31
N MET H 313 67.37 -27.74 -23.25
CA MET H 313 67.74 -27.25 -24.57
C MET H 313 68.20 -25.79 -24.59
N LEU H 314 67.98 -25.06 -23.50
CA LEU H 314 68.33 -23.65 -23.50
C LEU H 314 69.82 -23.44 -23.70
N ARG H 315 70.16 -22.58 -24.65
CA ARG H 315 71.54 -22.20 -24.87
C ARG H 315 71.97 -20.96 -24.08
N ILE H 316 72.80 -21.20 -23.05
CA ILE H 316 73.40 -20.13 -22.26
C ILE H 316 74.78 -19.81 -22.79
N ASP H 317 75.06 -18.53 -23.04
CA ASP H 317 76.32 -18.13 -23.67
C ASP H 317 76.58 -16.63 -23.57
N ASP H 318 77.71 -16.19 -24.13
CA ASP H 318 78.00 -14.76 -24.34
C ASP H 318 76.97 -14.20 -25.32
N PRO H 319 76.18 -13.22 -24.86
CA PRO H 319 75.04 -12.76 -25.66
C PRO H 319 75.48 -12.00 -26.92
N ARG H 320 76.73 -11.55 -26.94
CA ARG H 320 77.31 -10.89 -28.10
C ARG H 320 77.66 -11.86 -29.23
N LYS H 321 77.74 -13.15 -28.96
CA LYS H 321 78.31 -14.07 -29.93
C LYS H 321 77.43 -14.10 -31.19
N ASP H 322 76.29 -14.78 -31.15
CA ASP H 322 75.35 -14.74 -32.28
C ASP H 322 73.92 -14.39 -31.87
N GLU H 323 73.00 -14.49 -32.83
CA GLU H 323 71.63 -14.04 -32.63
C GLU H 323 70.72 -15.17 -32.11
N LYS H 324 71.33 -16.34 -31.89
CA LYS H 324 70.58 -17.54 -31.52
C LYS H 324 70.71 -17.86 -30.02
N VAL H 325 71.39 -17.00 -29.27
CA VAL H 325 71.64 -17.24 -27.86
C VAL H 325 70.35 -17.14 -27.01
N ASP H 326 70.08 -18.16 -26.20
CA ASP H 326 68.84 -18.18 -25.44
C ASP H 326 68.98 -17.29 -24.19
N LEU H 327 70.01 -17.56 -23.39
CA LEU H 327 70.21 -16.79 -22.16
C LEU H 327 71.61 -16.21 -22.06
N GLY H 328 71.69 -15.06 -21.41
CA GLY H 328 72.95 -14.40 -21.11
C GLY H 328 73.08 -14.33 -19.60
N PRO H 329 73.91 -13.41 -19.10
CA PRO H 329 74.28 -13.38 -17.68
C PRO H 329 73.25 -12.69 -16.78
N LEU H 330 73.55 -12.57 -15.50
CA LEU H 330 72.73 -11.78 -14.62
C LEU H 330 73.48 -10.50 -14.51
N ILE H 331 72.89 -9.48 -13.89
CA ILE H 331 73.46 -8.16 -14.04
C ILE H 331 74.75 -7.98 -13.24
N ASN H 332 74.90 -8.69 -12.12
CA ASN H 332 76.13 -8.61 -11.34
C ASN H 332 76.35 -9.82 -10.42
N GLU H 333 77.53 -9.90 -9.81
CA GLU H 333 77.88 -10.96 -8.86
C GLU H 333 76.80 -11.09 -7.77
N ARG H 334 76.30 -9.94 -7.30
CA ARG H 334 75.30 -9.92 -6.24
C ARG H 334 74.02 -10.71 -6.60
N GLN H 335 73.53 -10.58 -7.84
CA GLN H 335 72.35 -11.34 -8.26
C GLN H 335 72.63 -12.83 -8.26
N VAL H 336 73.84 -13.21 -8.65
CA VAL H 336 74.27 -14.62 -8.58
C VAL H 336 74.29 -15.10 -7.14
N ALA H 337 74.83 -14.29 -6.24
CA ALA H 337 74.84 -14.60 -4.82
C ALA H 337 73.43 -14.92 -4.37
N LEU H 338 72.51 -14.00 -4.67
CA LEU H 338 71.13 -14.13 -4.25
C LEU H 338 70.48 -15.37 -4.85
N MET H 339 70.71 -15.61 -6.14
CA MET H 339 70.17 -16.81 -6.76
C MET H 339 70.68 -18.07 -6.06
N LYS H 340 71.92 -18.02 -5.56
CA LYS H 340 72.53 -19.16 -4.85
C LYS H 340 71.87 -19.37 -3.49
N GLU H 341 71.59 -18.28 -2.78
CA GLU H 341 70.84 -18.38 -1.53
C GLU H 341 69.47 -19.01 -1.79
N PHE H 342 68.81 -18.54 -2.86
CA PHE H 342 67.51 -19.09 -3.23
C PHE H 342 67.56 -20.60 -3.43
N VAL H 343 68.62 -21.09 -4.06
CA VAL H 343 68.74 -22.52 -4.28
C VAL H 343 69.03 -23.26 -2.97
N ASP H 344 69.97 -22.72 -2.18
CA ASP H 344 70.32 -23.32 -0.89
C ASP H 344 69.07 -23.53 -0.06
N ASP H 345 68.27 -22.47 0.07
CA ASP H 345 67.10 -22.49 0.91
C ASP H 345 66.14 -23.61 0.49
N ALA H 346 65.95 -23.73 -0.81
CA ALA H 346 65.03 -24.73 -1.33
C ALA H 346 65.52 -26.17 -1.06
N VAL H 347 66.81 -26.41 -1.24
CA VAL H 347 67.37 -27.72 -0.93
C VAL H 347 67.21 -27.98 0.57
N SER H 348 67.66 -27.02 1.35
CA SER H 348 67.57 -27.03 2.80
C SER H 348 66.18 -27.40 3.32
N ARG H 349 65.15 -27.11 2.51
CA ARG H 349 63.77 -27.25 2.95
C ARG H 349 63.07 -28.45 2.33
N GLY H 350 63.81 -29.27 1.58
CA GLY H 350 63.23 -30.51 1.08
C GLY H 350 62.83 -30.48 -0.38
N GLY H 351 63.10 -29.36 -1.05
CA GLY H 351 62.82 -29.25 -2.46
C GLY H 351 63.64 -30.25 -3.28
N ARG H 352 63.08 -30.72 -4.38
CA ARG H 352 63.85 -31.55 -5.31
C ARG H 352 64.36 -30.72 -6.47
N LEU H 353 65.68 -30.62 -6.60
CA LEU H 353 66.32 -29.92 -7.70
C LEU H 353 66.28 -30.76 -8.97
N LEU H 354 65.49 -30.33 -9.95
CA LEU H 354 65.32 -31.11 -11.15
C LEU H 354 66.47 -30.91 -12.14
N ILE H 355 67.07 -29.71 -12.15
CA ILE H 355 68.08 -29.38 -13.15
C ILE H 355 68.75 -28.04 -12.86
N GLY H 356 69.95 -27.84 -13.40
CA GLY H 356 70.65 -26.57 -13.31
C GLY H 356 71.08 -26.15 -11.93
N GLY H 357 71.66 -24.96 -11.84
CA GLY H 357 72.17 -24.43 -10.60
C GLY H 357 73.64 -24.09 -10.78
N ARG H 358 74.23 -24.67 -11.83
CA ARG H 358 75.60 -24.38 -12.19
C ARG H 358 75.75 -22.88 -12.41
N SER H 359 76.85 -22.30 -11.93
CA SER H 359 77.11 -20.90 -12.25
C SER H 359 78.58 -20.65 -12.44
N TRP H 360 78.87 -19.62 -13.22
CA TRP H 360 80.25 -19.24 -13.51
C TRP H 360 80.25 -17.77 -13.93
N GLY H 361 81.06 -16.95 -13.27
CA GLY H 361 81.06 -15.53 -13.53
C GLY H 361 79.67 -15.04 -13.18
N ASN H 362 79.11 -14.18 -14.03
CA ASN H 362 77.76 -13.72 -13.80
C ASN H 362 76.71 -14.61 -14.52
N PHE H 363 77.13 -15.76 -15.05
CA PHE H 363 76.18 -16.70 -15.68
C PHE H 363 75.57 -17.73 -14.73
N PHE H 364 74.36 -18.21 -15.05
CA PHE H 364 73.60 -19.07 -14.15
C PHE H 364 72.64 -19.99 -14.93
N GLU H 365 72.82 -21.30 -14.82
CA GLU H 365 71.89 -22.25 -15.43
C GLU H 365 70.59 -22.32 -14.64
N PRO H 366 69.46 -22.08 -15.32
CA PRO H 366 68.14 -22.15 -14.69
C PRO H 366 67.92 -23.40 -13.81
N ALA H 367 67.58 -23.13 -12.55
CA ALA H 367 67.37 -24.16 -11.55
C ALA H 367 65.87 -24.39 -11.30
N ILE H 368 65.35 -25.53 -11.70
CA ILE H 368 63.93 -25.84 -11.50
C ILE H 368 63.69 -26.77 -10.31
N PHE H 369 62.72 -26.42 -9.47
CA PHE H 369 62.41 -27.18 -8.26
C PHE H 369 60.99 -27.75 -8.23
N VAL H 370 60.83 -28.87 -7.52
CA VAL H 370 59.50 -29.39 -7.20
C VAL H 370 59.46 -29.78 -5.75
N ASP H 371 58.32 -30.29 -5.31
CA ASP H 371 58.10 -30.66 -3.92
C ASP H 371 58.45 -29.49 -3.01
N VAL H 372 57.89 -28.32 -3.31
CA VAL H 372 58.11 -27.16 -2.45
C VAL H 372 56.85 -26.93 -1.64
N ASP H 373 56.94 -26.10 -0.59
CA ASP H 373 55.75 -25.67 0.12
C ASP H 373 55.80 -24.15 0.30
N ARG H 374 54.78 -23.61 0.97
CA ARG H 374 54.62 -22.17 1.02
C ARG H 374 55.69 -21.42 1.85
N ASN H 375 56.52 -22.12 2.62
CA ASN H 375 57.52 -21.39 3.43
C ASN H 375 58.86 -21.24 2.73
N PHE H 376 58.96 -21.77 1.51
CA PHE H 376 60.17 -21.56 0.71
C PHE H 376 60.38 -20.08 0.38
N ARG H 377 61.64 -19.65 0.37
CA ARG H 377 61.94 -18.30 -0.07
C ARG H 377 61.46 -18.08 -1.51
N ILE H 378 61.61 -19.08 -2.37
CA ILE H 378 61.18 -18.91 -3.76
C ILE H 378 59.66 -18.96 -3.91
N MET H 379 58.94 -19.09 -2.80
CA MET H 379 57.49 -18.91 -2.84
C MET H 379 57.04 -17.65 -2.10
N ARG H 380 57.94 -17.01 -1.36
CA ARG H 380 57.57 -15.91 -0.47
C ARG H 380 58.13 -14.57 -0.93
N GLU H 381 59.20 -14.62 -1.73
CA GLU H 381 59.87 -13.41 -2.20
C GLU H 381 59.89 -13.39 -3.71
N GLU H 382 60.15 -12.23 -4.30
CA GLU H 382 60.28 -12.16 -5.75
C GLU H 382 61.63 -12.71 -6.20
N VAL H 383 61.60 -13.75 -7.02
CA VAL H 383 62.85 -14.37 -7.48
C VAL H 383 63.22 -13.81 -8.85
N PHE H 384 63.91 -12.67 -8.80
CA PHE H 384 64.26 -11.88 -9.98
C PHE H 384 65.49 -12.45 -10.68
N GLY H 385 65.35 -13.68 -11.15
CA GLY H 385 66.45 -14.37 -11.79
C GLY H 385 65.96 -15.77 -12.01
N PRO H 386 66.82 -16.66 -12.55
CA PRO H 386 66.38 -17.95 -13.06
C PRO H 386 66.34 -19.07 -12.02
N VAL H 387 65.49 -18.91 -11.01
CA VAL H 387 65.13 -20.03 -10.14
C VAL H 387 63.60 -20.13 -10.08
N ARG H 388 63.06 -21.26 -10.51
CA ARG H 388 61.62 -21.42 -10.62
C ARG H 388 61.12 -22.69 -9.94
N PRO H 389 60.09 -22.53 -9.09
CA PRO H 389 59.35 -23.63 -8.48
C PRO H 389 58.19 -24.06 -9.34
N ILE H 390 57.87 -25.35 -9.30
CA ILE H 390 56.68 -25.86 -9.95
C ILE H 390 55.82 -26.47 -8.85
N VAL H 391 54.54 -26.09 -8.81
CA VAL H 391 53.66 -26.58 -7.76
C VAL H 391 52.46 -27.33 -8.32
N VAL H 392 52.25 -28.56 -7.84
CA VAL H 392 51.14 -29.38 -8.29
C VAL H 392 49.94 -29.18 -7.38
N VAL H 393 48.77 -29.07 -7.98
CA VAL H 393 47.54 -28.85 -7.24
C VAL H 393 46.47 -29.79 -7.74
N GLU H 394 45.48 -30.08 -6.89
CA GLU H 394 44.41 -31.01 -7.22
C GLU H 394 43.22 -30.39 -7.98
N ASN H 395 42.97 -29.10 -7.78
CA ASN H 395 41.80 -28.46 -8.40
C ASN H 395 42.03 -26.99 -8.71
N ASP H 396 41.04 -26.36 -9.33
CA ASP H 396 41.15 -24.94 -9.68
C ASP H 396 41.19 -24.06 -8.41
N ASP H 397 40.43 -24.46 -7.39
CA ASP H 397 40.46 -23.81 -6.08
C ASP H 397 41.87 -23.71 -5.53
N GLN H 398 42.55 -24.85 -5.50
CA GLN H 398 43.91 -24.92 -4.98
C GLN H 398 44.86 -24.05 -5.80
N ALA H 399 44.83 -24.21 -7.12
CA ALA H 399 45.54 -23.31 -8.03
C ALA H 399 45.44 -21.83 -7.62
N VAL H 400 44.21 -21.39 -7.34
CA VAL H 400 43.96 -20.02 -6.99
C VAL H 400 44.48 -19.72 -5.59
N GLU H 401 44.23 -20.62 -4.64
CA GLU H 401 44.79 -20.48 -3.28
C GLU H 401 46.31 -20.21 -3.35
N VAL H 402 47.03 -21.03 -4.11
CA VAL H 402 48.49 -20.88 -4.27
C VAL H 402 48.83 -19.61 -5.04
N ALA H 403 48.09 -19.35 -6.11
CA ALA H 403 48.33 -18.14 -6.89
C ALA H 403 48.22 -16.88 -6.05
N ASN H 404 47.26 -16.84 -5.13
CA ASN H 404 47.04 -15.65 -4.34
C ASN H 404 47.91 -15.59 -3.10
N ASP H 405 48.62 -16.66 -2.81
CA ASP H 405 49.35 -16.76 -1.56
C ASP H 405 50.68 -16.02 -1.67
N THR H 406 50.59 -14.70 -1.81
CA THR H 406 51.80 -13.92 -1.94
C THR H 406 51.49 -12.49 -1.60
N ASP H 407 52.52 -11.71 -1.27
CA ASP H 407 52.33 -10.29 -1.01
C ASP H 407 52.15 -9.50 -2.32
N TYR H 408 52.66 -10.06 -3.40
CA TYR H 408 52.67 -9.44 -4.72
C TYR H 408 51.36 -9.65 -5.49
N GLY H 409 51.24 -8.95 -6.62
CA GLY H 409 50.01 -8.96 -7.40
C GLY H 409 50.10 -8.13 -8.66
N LEU H 410 51.20 -8.31 -9.38
CA LEU H 410 51.39 -7.61 -10.64
C LEU H 410 50.52 -8.28 -11.71
N SER H 411 51.03 -9.34 -12.32
CA SER H 411 50.31 -10.01 -13.38
C SER H 411 50.07 -11.49 -13.05
N GLY H 412 49.80 -12.29 -14.07
CA GLY H 412 49.33 -13.65 -13.92
C GLY H 412 48.70 -14.19 -15.19
N ALA H 413 48.59 -15.51 -15.30
CA ALA H 413 48.06 -16.14 -16.50
C ALA H 413 47.51 -17.56 -16.24
N VAL H 414 46.63 -18.03 -17.12
CA VAL H 414 46.10 -19.38 -16.99
C VAL H 414 45.96 -20.02 -18.38
N LEU H 415 46.43 -21.25 -18.50
CA LEU H 415 46.31 -21.97 -19.74
C LEU H 415 45.16 -22.95 -19.62
N THR H 416 44.21 -22.87 -20.55
CA THR H 416 43.09 -23.80 -20.62
C THR H 416 42.16 -23.47 -21.80
N ASN H 417 41.34 -24.45 -22.20
CA ASN H 417 40.35 -24.23 -23.24
C ASN H 417 38.94 -24.21 -22.68
N ASN H 418 38.78 -24.38 -21.38
CA ASN H 418 37.45 -24.29 -20.81
C ASN H 418 37.13 -22.84 -20.43
N VAL H 419 36.13 -22.26 -21.10
CA VAL H 419 35.81 -20.86 -20.90
C VAL H 419 35.36 -20.59 -19.46
N ASN H 420 34.61 -21.50 -18.84
CA ASN H 420 34.24 -21.29 -17.44
C ASN H 420 35.45 -21.30 -16.48
N ARG H 421 36.34 -22.27 -16.68
CA ARG H 421 37.50 -22.37 -15.82
C ARG H 421 38.42 -21.16 -16.03
N ALA H 422 38.59 -20.76 -17.28
CA ALA H 422 39.41 -19.60 -17.61
C ALA H 422 38.95 -18.39 -16.84
N PHE H 423 37.67 -18.08 -16.99
CA PHE H 423 37.16 -16.83 -16.45
C PHE H 423 37.07 -16.89 -14.93
N ARG H 424 36.75 -18.06 -14.37
CA ARG H 424 36.62 -18.15 -12.91
C ARG H 424 37.98 -18.01 -12.23
N ILE H 425 39.04 -18.47 -12.90
CA ILE H 425 40.38 -18.31 -12.36
C ILE H 425 40.85 -16.86 -12.53
N ALA H 426 40.57 -16.27 -13.69
CA ALA H 426 40.85 -14.86 -13.95
C ALA H 426 40.29 -13.96 -12.85
N GLU H 427 38.99 -14.06 -12.61
CA GLU H 427 38.36 -13.24 -11.58
C GLU H 427 38.94 -13.43 -10.16
N ALA H 428 39.19 -14.68 -9.75
CA ALA H 428 39.56 -15.03 -8.38
C ALA H 428 41.03 -14.69 -7.99
N VAL H 429 41.90 -14.74 -8.98
CA VAL H 429 43.30 -14.37 -8.81
C VAL H 429 43.43 -12.87 -8.65
N GLU H 430 44.13 -12.41 -7.61
CA GLU H 430 44.27 -10.99 -7.35
C GLU H 430 45.50 -10.40 -8.00
N SER H 431 45.32 -9.61 -9.04
CA SER H 431 46.46 -8.99 -9.72
C SER H 431 46.00 -7.83 -10.60
N GLY H 432 46.91 -6.90 -10.85
CA GLY H 432 46.60 -5.76 -11.69
C GLY H 432 46.40 -6.11 -13.15
N MET H 433 47.01 -7.23 -13.59
CA MET H 433 46.90 -7.67 -14.99
C MET H 433 46.71 -9.17 -15.06
N PHE H 434 45.96 -9.63 -16.07
CA PHE H 434 45.78 -11.06 -16.22
C PHE H 434 45.52 -11.50 -17.65
N HIS H 435 46.09 -12.63 -18.00
CA HIS H 435 46.10 -13.09 -19.38
C HIS H 435 45.64 -14.54 -19.51
N ILE H 436 44.63 -14.75 -20.32
CA ILE H 436 44.16 -16.09 -20.58
C ILE H 436 44.82 -16.67 -21.84
N ASN H 437 45.51 -17.79 -21.67
CA ASN H 437 46.21 -18.48 -22.76
C ASN H 437 47.33 -17.69 -23.43
N ASP H 438 48.07 -16.93 -22.62
CA ASP H 438 49.25 -16.23 -23.09
C ASP H 438 50.32 -16.16 -21.98
N VAL H 439 51.44 -15.52 -22.27
CA VAL H 439 52.51 -15.39 -21.28
C VAL H 439 52.16 -14.33 -20.25
N THR H 440 52.89 -14.31 -19.15
CA THR H 440 52.57 -13.44 -18.04
C THR H 440 53.04 -12.01 -18.31
N PHE H 441 54.12 -11.89 -19.07
CA PHE H 441 54.70 -10.58 -19.31
C PHE H 441 54.21 -9.87 -20.56
N LEU H 442 53.00 -10.20 -21.03
CA LEU H 442 52.46 -9.47 -22.16
C LEU H 442 52.33 -7.98 -21.88
N GLU H 443 52.54 -7.19 -22.92
CA GLU H 443 52.60 -5.75 -22.76
C GLU H 443 52.40 -5.05 -24.10
N GLU H 444 51.43 -4.13 -24.12
CA GLU H 444 51.20 -3.28 -25.28
C GLU H 444 51.43 -1.83 -24.81
N SER H 445 51.62 -0.92 -25.75
CA SER H 445 52.07 0.43 -25.44
C SER H 445 51.00 1.29 -24.77
N HIS H 446 49.75 0.89 -24.94
CA HIS H 446 48.63 1.76 -24.63
C HIS H 446 47.69 1.15 -23.62
N VAL H 447 48.06 -0.01 -23.08
CA VAL H 447 47.24 -0.67 -22.07
C VAL H 447 47.61 -0.17 -20.65
N PRO H 448 46.66 -0.25 -19.70
CA PRO H 448 46.99 0.14 -18.33
C PRO H 448 47.85 -0.93 -17.65
N PHE H 449 49.11 -0.59 -17.41
CA PHE H 449 50.08 -1.51 -16.83
C PHE H 449 50.38 -1.12 -15.39
N GLY H 450 50.21 -2.06 -14.47
CA GLY H 450 50.44 -1.81 -13.06
C GLY H 450 49.90 -2.95 -12.24
N GLY H 451 50.08 -2.87 -10.92
CA GLY H 451 49.72 -3.97 -10.04
C GLY H 451 49.03 -3.52 -8.79
N ILE H 452 48.54 -4.47 -8.00
CA ILE H 452 47.93 -4.16 -6.72
C ILE H 452 48.79 -4.76 -5.62
N LYS H 453 48.27 -4.71 -4.38
CA LYS H 453 49.02 -5.20 -3.23
C LYS H 453 50.45 -4.63 -3.20
N ALA H 454 51.45 -5.49 -3.05
CA ALA H 454 52.82 -5.00 -2.91
C ALA H 454 53.44 -4.64 -4.25
N SER H 455 52.67 -4.84 -5.31
CA SER H 455 53.22 -4.69 -6.65
C SER H 455 53.10 -3.23 -7.07
N GLY H 456 52.46 -2.43 -6.23
CA GLY H 456 52.53 -1.00 -6.40
C GLY H 456 51.22 -0.27 -6.55
N VAL H 457 51.37 0.94 -7.07
CA VAL H 457 50.32 1.96 -7.07
C VAL H 457 50.33 2.70 -8.40
N GLY H 458 49.19 2.65 -9.10
CA GLY H 458 49.02 3.35 -10.35
C GLY H 458 49.19 2.50 -11.62
N ARG H 459 48.80 3.09 -12.75
CA ARG H 459 48.92 2.44 -14.06
C ARG H 459 49.73 3.29 -15.06
N GLU H 460 50.48 2.63 -15.95
CA GLU H 460 51.23 3.34 -16.98
C GLU H 460 50.95 2.71 -18.34
N GLY H 461 51.00 3.52 -19.39
CA GLY H 461 50.60 3.10 -20.73
C GLY H 461 49.53 4.01 -21.32
N GLY H 462 49.86 4.71 -22.40
CA GLY H 462 48.92 5.59 -23.07
C GLY H 462 48.20 6.59 -22.17
N GLU H 463 46.87 6.57 -22.21
CA GLU H 463 46.06 7.47 -21.39
C GLU H 463 46.27 7.28 -19.89
N TRP H 464 46.57 6.05 -19.48
CA TRP H 464 46.85 5.76 -18.07
C TRP H 464 48.10 6.45 -17.59
N SER H 465 49.13 6.52 -18.43
CA SER H 465 50.30 7.32 -18.12
C SER H 465 49.88 8.78 -17.90
N PHE H 466 48.99 9.24 -18.78
CA PHE H 466 48.48 10.60 -18.77
C PHE H 466 47.74 10.91 -17.48
N HIS H 467 46.93 9.97 -16.98
CA HIS H 467 46.20 10.20 -15.73
C HIS H 467 47.21 10.46 -14.59
N GLU H 468 48.25 9.64 -14.54
CA GLU H 468 49.25 9.72 -13.47
C GLU H 468 49.93 11.06 -13.44
N THR H 469 50.22 11.60 -14.62
CA THR H 469 50.99 12.83 -14.65
C THR H 469 50.18 14.06 -15.07
N THR H 470 48.86 14.00 -14.85
CA THR H 470 47.99 15.16 -14.97
C THR H 470 46.97 15.16 -13.85
N TYR H 471 46.27 16.29 -13.73
CA TYR H 471 45.21 16.38 -12.76
C TYR H 471 43.97 17.01 -13.41
N ASP H 472 42.82 16.66 -12.85
CA ASP H 472 41.56 17.17 -13.31
C ASP H 472 41.27 18.50 -12.61
N ARG H 473 40.72 19.43 -13.38
CA ARG H 473 40.42 20.75 -12.84
C ARG H 473 38.99 21.21 -13.16
N TRP H 474 38.11 21.09 -12.16
CA TRP H 474 36.74 21.57 -12.23
C TRP H 474 36.71 23.08 -12.41
N VAL H 475 36.16 23.54 -13.54
CA VAL H 475 36.00 24.95 -13.79
C VAL H 475 34.55 25.30 -14.13
N THR H 476 34.08 26.43 -13.62
CA THR H 476 32.70 26.82 -13.85
C THR H 476 32.53 28.30 -14.22
N VAL H 477 31.41 28.57 -14.90
CA VAL H 477 30.96 29.92 -15.21
C VAL H 477 29.49 30.06 -14.86
N THR H 478 29.17 31.03 -14.01
CA THR H 478 27.79 31.29 -13.65
C THR H 478 27.26 32.50 -14.41
N LEU H 479 26.06 32.36 -14.94
CA LEU H 479 25.51 33.34 -15.87
C LEU H 479 24.35 34.13 -15.29
N ARG H 480 23.77 33.67 -14.20
CA ARG H 480 22.77 34.47 -13.50
C ARG H 480 23.41 34.99 -12.23
N THR H 481 22.68 35.83 -11.51
CA THR H 481 23.11 36.30 -10.21
C THR H 481 22.09 35.73 -9.25
N ARG H 482 22.40 35.65 -7.97
CA ARG H 482 21.42 35.11 -7.02
C ARG H 482 21.46 35.76 -5.65
N ARG H 483 20.45 35.48 -4.84
CA ARG H 483 20.40 35.98 -3.46
C ARG H 483 21.19 35.05 -2.55
N PHE H 484 21.78 35.63 -1.51
CA PHE H 484 22.60 34.85 -0.59
C PHE H 484 21.98 34.84 0.82
N PRO H 485 22.15 33.72 1.54
CA PRO H 485 21.52 33.53 2.85
C PRO H 485 22.04 34.43 3.99
N ILE H 486 23.23 35.01 3.86
CA ILE H 486 23.70 35.95 4.87
C ILE H 486 24.09 37.29 4.24
N PRO H 487 23.75 38.41 4.91
CA PRO H 487 22.99 38.44 6.17
C PRO H 487 21.51 38.21 5.90
N SER H 488 20.82 37.48 6.77
CA SER H 488 19.42 37.13 6.51
C SER H 488 18.54 38.37 6.52
N ALA H 489 19.03 39.42 7.16
CA ALA H 489 18.33 40.69 7.25
C ALA H 489 17.87 41.22 5.88
N LEU H 490 18.76 41.16 4.88
CA LEU H 490 18.45 41.60 3.52
C LEU H 490 17.27 40.84 2.90
N LYS H 491 16.29 41.58 2.40
CA LYS H 491 15.05 40.98 1.88
C LYS H 491 15.15 40.53 0.42
PA NAP I . -65.01 -19.19 6.89
O1A NAP I . -63.97 -18.79 5.93
O2A NAP I . -66.13 -19.98 6.22
O5B NAP I . -65.60 -17.93 7.63
C5B NAP I . -64.75 -17.27 8.58
C4B NAP I . -65.30 -15.84 8.86
O4B NAP I . -65.13 -15.06 7.64
C3B NAP I . -66.72 -15.90 9.17
O3B NAP I . -67.03 -15.03 10.33
C2B NAP I . -67.36 -15.41 7.91
O2B NAP I . -68.61 -14.79 8.17
C1B NAP I . -66.37 -14.42 7.40
N9A NAP I . -66.50 -14.20 6.05
C8A NAP I . -67.00 -15.01 5.16
N7A NAP I . -66.91 -14.41 3.92
C5A NAP I . -66.34 -13.18 4.04
C6A NAP I . -65.98 -12.11 3.18
N6A NAP I . -66.24 -12.17 1.73
N1A NAP I . -65.39 -11.01 3.70
C2A NAP I . -65.14 -10.93 5.02
N3A NAP I . -65.46 -11.87 5.87
C4A NAP I . -66.06 -13.03 5.42
O3 NAP I . -64.36 -20.11 8.01
PN NAP I . -65.16 -21.11 8.89
O1N NAP I . -65.90 -22.14 7.96
O2N NAP I . -66.15 -20.35 9.70
O5D NAP I . -64.08 -21.85 9.88
C5D NAP I . -63.40 -22.94 9.44
C4D NAP I . -61.98 -22.58 8.95
O4D NAP I . -61.27 -21.81 9.98
C3D NAP I . -61.23 -23.77 8.70
O3D NAP I . -60.67 -23.67 7.35
C2D NAP I . -60.13 -23.76 9.73
O2D NAP I . -58.98 -24.33 9.31
C1D NAP I . -59.92 -22.29 10.00
N1N NAP I . -59.28 -22.09 11.23
C2N NAP I . -58.03 -21.57 11.29
C3N NAP I . -57.39 -21.38 12.52
C7N NAP I . -55.96 -20.77 12.67
O7N NAP I . -55.65 -20.37 13.70
N7N NAP I . -55.05 -20.69 11.65
C4N NAP I . -58.09 -21.74 13.71
C5N NAP I . -59.38 -22.32 13.61
C6N NAP I . -59.95 -22.46 12.33
P2B NAP I . -69.98 -15.78 8.10
O1X NAP I . -69.84 -16.65 6.82
O2X NAP I . -70.08 -16.62 9.33
O3X NAP I . -71.22 -14.93 7.98
O 5OZ J . -55.99 -18.19 14.78
C01 5OZ J . -55.33 -18.03 17.06
C02 5OZ J . -56.40 -17.69 16.03
C03 5OZ J . -55.32 -19.51 17.37
C 5OZ J . -54.00 -17.48 16.59
PA NAP K . -43.95 2.41 -10.95
O1A NAP K . -44.99 1.86 -10.08
O2A NAP K . -44.51 2.98 -12.23
O5B NAP K . -42.88 1.29 -11.30
C5B NAP K . -42.14 0.69 -10.24
C4B NAP K . -41.85 -0.79 -10.65
O4B NAP K . -43.12 -1.53 -10.70
C3B NAP K . -41.27 -0.85 -11.95
O3B NAP K . -40.21 -1.88 -11.93
C2B NAP K . -42.38 -1.32 -12.82
O2B NAP K . -41.90 -1.98 -13.98
C1B NAP K . -43.07 -2.28 -11.92
N9A NAP K . -44.36 -2.55 -12.31
C8A NAP K . -45.21 -1.76 -12.93
N7A NAP K . -46.40 -2.43 -13.11
C5A NAP K . -46.30 -3.67 -12.58
C6A NAP K . -47.15 -4.81 -12.44
N6A NAP K . -48.52 -4.79 -12.94
N1A NAP K . -46.65 -5.91 -11.79
C2A NAP K . -45.39 -5.93 -11.31
N3A NAP K . -44.56 -4.93 -11.42
C4A NAP K . -44.98 -3.77 -12.05
O3 NAP K . -43.18 3.55 -10.16
PN NAP K . -41.93 4.33 -10.67
O1N NAP K . -42.38 5.34 -11.83
O2N NAP K . -40.94 3.39 -11.23
O5D NAP K . -41.30 5.12 -9.39
C5D NAP K . -41.95 6.19 -8.81
C4D NAP K . -42.65 5.83 -7.48
O4D NAP K . -41.74 5.07 -6.59
C3D NAP K . -43.06 7.01 -6.78
O3D NAP K . -44.46 6.91 -6.33
C2D NAP K . -42.18 7.06 -5.56
O2D NAP K . -42.80 7.69 -4.53
C1D NAP K . -41.95 5.60 -5.26
N1N NAP K . -40.82 5.45 -4.44
C2N NAP K . -40.95 4.92 -3.20
C3N NAP K . -39.85 4.78 -2.36
C7N NAP K . -39.97 4.17 -0.94
O7N NAP K . -39.03 3.84 -0.38
N7N NAP K . -41.19 4.07 -0.34
C4N NAP K . -38.57 5.18 -2.85
C5N NAP K . -38.47 5.76 -4.13
C6N NAP K . -39.65 5.86 -4.91
P2B NAP K . -41.98 -1.07 -15.41
O1X NAP K . -43.44 -0.61 -15.60
O2X NAP K . -41.16 0.17 -15.24
O3X NAP K . -41.55 -1.92 -16.58
O 5OZ L . -37.71 1.54 -0.76
C01 5OZ L . -35.77 1.60 0.59
C02 5OZ L . -36.39 1.05 -0.67
C03 5OZ L . -35.69 3.11 0.57
C 5OZ L . -36.51 1.06 1.79
PA NAP M . -26.21 1.40 55.23
O1A NAP M . -25.08 1.06 54.36
O2A NAP M . -25.75 1.89 56.57
O5B NAP M . -27.16 0.16 55.46
C5B NAP M . -27.70 -0.54 54.33
C4B NAP M . -27.96 -2.01 54.76
O4B NAP M . -26.68 -2.72 54.79
C3B NAP M . -28.53 -2.05 56.09
O3B NAP M . -29.71 -2.94 56.08
C2B NAP M . -27.42 -2.56 56.96
O2B NAP M . -27.91 -3.30 58.08
C1B NAP M . -26.61 -3.40 56.03
N9A NAP M . -25.28 -3.54 56.42
C8A NAP M . -24.56 -2.71 57.11
N7A NAP M . -23.29 -3.23 57.25
C5A NAP M . -23.23 -4.41 56.61
C6A NAP M . -22.23 -5.41 56.38
N6A NAP M . -20.87 -5.27 56.93
N1A NAP M . -22.56 -6.52 55.64
C2A NAP M . -23.79 -6.67 55.13
N3A NAP M . -24.75 -5.79 55.31
C4A NAP M . -24.49 -4.64 56.05
O3 NAP M . -27.06 2.55 54.54
PN NAP M . -28.38 3.13 55.10
O1N NAP M . -28.08 4.10 56.33
O2N NAP M . -29.23 2.03 55.61
O5D NAP M . -29.09 3.90 53.85
C5D NAP M . -28.67 5.13 53.43
C4D NAP M . -28.04 5.02 52.01
O4D NAP M . -28.88 4.20 51.12
C3D NAP M . -27.81 6.29 51.40
O3D NAP M . -26.40 6.38 51.01
C2D NAP M . -28.58 6.24 50.13
O2D NAP M . -27.94 6.90 49.13
C1D NAP M . -28.69 4.77 49.82
N1N NAP M . -29.78 4.55 48.99
C2N NAP M . -29.59 4.15 47.71
C3N NAP M . -30.66 3.92 46.85
C7N NAP M . -30.45 3.47 45.38
O7N NAP M . -31.35 3.07 44.81
N7N NAP M . -29.23 3.56 44.77
C4N NAP M . -31.98 4.13 47.35
C5N NAP M . -32.15 4.57 48.68
C6N NAP M . -31.01 4.75 49.49
P2B NAP M . -27.92 -2.50 59.57
O1X NAP M . -26.84 -1.40 59.53
O2X NAP M . -29.22 -1.88 59.88
O3X NAP M . -27.63 -3.54 60.61
O 5OZ N . -32.31 0.37 44.78
C01 5OZ N . -34.49 0.73 43.87
C02 5OZ N . -33.68 0.45 45.11
C03 5OZ N . -34.93 2.18 43.85
C 5OZ N . -33.71 0.32 42.64
PA NAP O . -3.21 -17.06 36.29
O1A NAP O . -4.25 -16.78 37.28
O2A NAP O . -1.99 -17.71 36.91
O5B NAP O . -2.76 -15.71 35.60
C5B NAP O . -3.40 -15.27 34.40
C4B NAP O . -3.13 -13.74 34.22
O4B NAP O . -3.50 -13.03 35.45
C3B NAP O . -1.73 -13.51 33.96
O3B NAP O . -1.56 -12.38 33.00
C2B NAP O . -1.21 -13.15 35.31
O2B NAP O . 0.00 -12.40 35.29
C1B NAP O . -2.33 -12.33 35.86
N9A NAP O . -2.24 -12.21 37.24
C8A NAP O . -1.73 -13.04 38.11
N7A NAP O . -1.85 -12.48 39.37
C5A NAP O . -2.45 -11.27 39.27
C6A NAP O . -2.85 -10.20 40.15
N6A NAP O . -2.66 -10.27 41.60
N1A NAP O . -3.44 -9.10 39.62
C2A NAP O . -3.67 -9.00 38.28
N3A NAP O . -3.31 -9.92 37.42
C4A NAP O . -2.71 -11.07 37.89
O3 NAP O . -3.77 -18.06 35.21
PN NAP O . -2.88 -18.84 34.20
O1N NAP O . -2.01 -19.91 35.00
O2N NAP O . -1.96 -17.88 33.54
O5D NAP O . -3.84 -19.59 33.14
C5D NAP O . -4.45 -20.78 33.48
C4D NAP O . -5.89 -20.59 34.05
O4D NAP O . -6.76 -19.88 33.10
C3D NAP O . -6.53 -21.83 34.37
O3D NAP O . -7.29 -21.68 35.61
C2D NAP O . -7.51 -21.99 33.25
O2D NAP O . -8.51 -22.82 33.58
C1D NAP O . -8.00 -20.56 33.07
N1N NAP O . -8.64 -20.35 31.85
C2N NAP O . -9.95 -19.93 31.80
C3N NAP O . -10.59 -19.70 30.58
C7N NAP O . -12.06 -19.24 30.48
O7N NAP O . -12.46 -18.91 29.45
N7N NAP O . -12.91 -19.24 31.55
C4N NAP O . -9.83 -19.89 29.40
C5N NAP O . -8.50 -20.33 29.48
C6N NAP O . -7.93 -20.54 30.75
P2B NAP O . 1.42 -13.32 35.23
O1X NAP O . 1.47 -14.25 36.48
O2X NAP O . 1.42 -14.20 34.03
O3X NAP O . 2.58 -12.38 35.19
O 5OZ P . -12.03 -16.06 28.04
C01 5OZ P . -12.93 -16.52 25.91
C02 5OZ P . -11.94 -15.69 26.68
C03 5OZ P . -12.48 -17.96 25.91
C 5OZ P . -14.29 -16.27 26.53
PA NAP Q . 4.55 -3.11 -37.48
O1A NAP Q . 5.57 -2.58 -38.38
O2A NAP Q . 3.39 -3.73 -38.22
O5B NAP Q . 4.00 -1.96 -36.54
C5B NAP Q . 4.88 -1.27 -35.64
C4B NAP Q . 4.33 0.18 -35.44
O4B NAP Q . 4.55 0.92 -36.69
C3B NAP Q . 2.93 0.18 -35.14
O3B NAP Q . 2.63 1.19 -34.09
C2B NAP Q . 2.29 0.61 -36.41
O2B NAP Q . 1.03 1.24 -36.19
C1B NAP Q . 3.31 1.58 -36.94
N9A NAP Q . 3.15 1.75 -38.30
C8A NAP Q . 2.61 0.92 -39.14
N7A NAP Q . 2.65 1.46 -40.40
C5A NAP Q . 3.24 2.69 -40.32
C6A NAP Q . 3.56 3.75 -41.24
N6A NAP Q . 3.25 3.63 -42.67
N1A NAP Q . 4.16 4.87 -40.76
C2A NAP Q . 4.45 4.99 -39.45
N3A NAP Q . 4.18 4.08 -38.55
C4A NAP Q . 3.56 2.90 -38.96
O3 NAP Q . 5.19 -4.26 -36.58
PN NAP Q . 4.41 -5.02 -35.45
O1N NAP Q . 3.36 -5.98 -36.16
O2N NAP Q . 3.73 -4.07 -34.56
O5D NAP Q . 5.52 -5.85 -34.58
C5D NAP Q . 6.20 -6.90 -35.14
C4D NAP Q . 7.67 -6.54 -35.49
O4D NAP Q . 8.32 -5.76 -34.42
C3D NAP Q . 8.47 -7.71 -35.72
O3D NAP Q . 9.29 -7.49 -36.92
C2D NAP Q . 9.41 -7.74 -34.56
O2D NAP Q . 10.57 -8.39 -34.83
C1D NAP Q . 9.66 -6.28 -34.34
N1N NAP Q . 10.24 -6.04 -33.11
C2N NAP Q . 11.48 -5.52 -33.03
C3N NAP Q . 12.09 -5.26 -31.80
C7N NAP Q . 13.51 -4.66 -31.70
O7N NAP Q . 13.83 -4.11 -30.74
N7N NAP Q . 14.39 -4.75 -32.74
C4N NAP Q . 11.35 -5.58 -30.60
C5N NAP Q . 10.07 -6.17 -30.73
C6N NAP Q . 9.54 -6.36 -32.02
P2B NAP Q . -0.37 0.28 -36.38
O1X NAP Q . -0.26 -0.45 -37.74
O2X NAP Q . -0.50 -0.70 -35.27
O3X NAP Q . -1.57 1.19 -36.33
PA NAP R . 25.65 18.69 -54.86
O1A NAP R . 24.45 18.32 -54.08
O2A NAP R . 25.34 19.29 -56.20
O5B NAP R . 26.50 17.39 -55.13
C5B NAP R . 27.46 16.93 -54.18
C4B NAP R . 27.86 15.53 -54.68
O4B NAP R . 26.67 14.68 -54.72
C3B NAP R . 28.40 15.61 -56.03
O3B NAP R . 29.59 14.73 -56.18
C2B NAP R . 27.30 15.12 -56.88
O2B NAP R . 27.77 14.51 -58.08
C1B NAP R . 26.69 14.08 -56.02
N9A NAP R . 25.39 13.84 -56.39
C8A NAP R . 24.57 14.64 -57.03
N7A NAP R . 23.36 14.00 -57.15
C5A NAP R . 23.43 12.77 -56.57
C6A NAP R . 22.56 11.65 -56.35
N6A NAP R . 21.17 11.65 -56.81
N1A NAP R . 23.04 10.56 -55.69
C2A NAP R . 24.30 10.52 -55.24
N3A NAP R . 25.15 11.50 -55.40
C4A NAP R . 24.74 12.65 -56.07
O3 NAP R . 26.52 19.70 -54.00
PN NAP R . 27.63 20.63 -54.58
O1N NAP R . 26.99 21.65 -55.62
O2N NAP R . 28.64 19.81 -55.24
O5D NAP R . 28.25 21.42 -53.30
C5D NAP R . 27.60 22.50 -52.75
C4D NAP R . 26.96 22.18 -51.38
O4D NAP R . 27.86 21.40 -50.52
C3D NAP R . 26.55 23.37 -50.66
O3D NAP R . 25.16 23.23 -50.19
C2D NAP R . 27.48 23.40 -49.47
O2D NAP R . 26.96 24.04 -48.39
C1D NAP R . 27.68 21.93 -49.19
N1N NAP R . 28.79 21.76 -48.36
C2N NAP R . 28.60 21.27 -47.12
C3N NAP R . 29.68 21.08 -46.26
C7N NAP R . 29.46 20.54 -44.85
O7N NAP R . 30.34 20.13 -44.26
N7N NAP R . 28.20 20.55 -44.29
C4N NAP R . 31.00 21.37 -46.72
C5N NAP R . 31.15 21.90 -48.02
C6N NAP R . 30.00 22.05 -48.81
P2B NAP R . 28.01 15.52 -59.42
O1X NAP R . 26.90 16.59 -59.43
O2X NAP R . 29.35 16.18 -59.34
O3X NAP R . 27.94 14.61 -60.63
PA NAP S . 42.49 17.49 11.52
O1A NAP S . 43.68 17.14 10.74
O2A NAP S . 42.85 18.19 12.81
O5B NAP S . 41.64 16.18 11.80
C5B NAP S . 41.07 15.48 10.69
C4B NAP S . 40.81 13.98 11.09
O4B NAP S . 42.08 13.26 11.10
C3B NAP S . 40.22 13.87 12.41
O3B NAP S . 39.14 12.84 12.42
C2B NAP S . 41.35 13.45 13.27
O2B NAP S . 40.93 12.73 14.41
C1B NAP S . 42.13 12.57 12.36
N9A NAP S . 43.44 12.43 12.79
C8A NAP S . 44.09 13.23 13.58
N7A NAP S . 45.37 12.75 13.74
C5A NAP S . 45.51 11.62 13.00
C6A NAP S . 46.57 10.69 12.75
N6A NAP S . 47.89 10.85 13.37
N1A NAP S . 46.31 9.64 11.91
C2A NAP S . 45.10 9.48 11.33
N3A NAP S . 44.08 10.31 11.52
C4A NAP S . 44.27 11.40 12.37
O3 NAP S . 41.57 18.48 10.69
PN NAP S . 40.38 19.27 11.31
O1N NAP S . 40.94 20.21 12.46
O2N NAP S . 39.45 18.31 11.95
O5D NAP S . 39.63 20.06 10.08
C5D NAP S . 40.08 21.27 9.58
C4D NAP S . 40.96 21.11 8.31
O4D NAP S . 40.38 20.20 7.31
C3D NAP S . 41.21 22.36 7.66
O3D NAP S . 42.54 22.31 7.05
C2D NAP S . 40.19 22.35 6.55
O2D NAP S . 40.48 23.22 5.56
C1D NAP S . 40.34 20.94 6.06
N1N NAP S . 39.27 20.59 5.20
C2N NAP S . 39.50 20.25 3.91
C3N NAP S . 38.42 19.93 3.06
C7N NAP S . 38.56 19.54 1.58
O7N NAP S . 37.59 19.23 1.05
N7N NAP S . 39.75 19.52 0.88
C4N NAP S . 37.10 19.95 3.60
C5N NAP S . 36.91 20.33 4.94
C6N NAP S . 38.04 20.63 5.72
P2B NAP S . 40.71 13.55 15.88
O1X NAP S . 41.99 14.39 16.13
O2X NAP S . 39.52 14.46 15.80
O3X NAP S . 40.46 12.53 16.94
O 5OZ T . 36.50 16.48 1.19
C01 5OZ T . 34.47 16.82 -0.03
C02 5OZ T . 35.11 16.23 1.20
C03 5OZ T . 34.33 18.32 0.15
C 5OZ T . 35.33 16.44 -1.22
PA NAP U . 65.92 -0.81 -7.21
O1A NAP U . 64.84 -0.39 -6.31
O2A NAP U . 67.10 -1.35 -6.43
O5B NAP U . 66.38 0.43 -8.09
C5B NAP U . 65.42 1.10 -8.90
C4B NAP U . 65.84 2.60 -9.04
O4B NAP U . 65.56 3.35 -7.81
C3B NAP U . 67.24 2.77 -9.34
O3B NAP U . 67.40 3.87 -10.34
C2B NAP U . 67.79 3.18 -8.03
O2B NAP U . 68.95 3.96 -8.18
C1B NAP U . 66.74 4.09 -7.51
N9A NAP U . 66.83 4.28 -6.14
C8A NAP U . 67.34 3.47 -5.26
N7A NAP U . 67.19 4.02 -4.01
C5A NAP U . 66.56 5.21 -4.11
C6A NAP U . 66.12 6.21 -3.21
N6A NAP U . 66.35 6.10 -1.76
N1A NAP U . 65.49 7.30 -3.71
C2A NAP U . 65.27 7.43 -5.05
N3A NAP U . 65.65 6.53 -5.93
C4A NAP U . 66.30 5.40 -5.49
O3 NAP U . 65.38 -1.94 -8.17
PN NAP U . 66.21 -2.61 -9.33
O1N NAP U . 67.34 -3.53 -8.67
O2N NAP U . 66.87 -1.53 -10.12
O5D NAP U . 65.17 -3.45 -10.25
C5D NAP U . 64.56 -4.61 -9.83
C4D NAP U . 63.08 -4.42 -9.42
O4D NAP U . 62.32 -3.63 -10.44
C3D NAP U . 62.40 -5.68 -9.24
O3D NAP U . 61.66 -5.71 -7.97
C2D NAP U . 61.43 -5.74 -10.39
O2D NAP U . 60.36 -6.53 -10.11
C1D NAP U . 61.04 -4.28 -10.56
N1N NAP U . 60.43 -4.04 -11.80
C2N NAP U . 59.15 -3.63 -11.87
C3N NAP U . 58.56 -3.41 -13.13
C7N NAP U . 57.10 -2.91 -13.28
O7N NAP U . 56.78 -2.49 -14.31
N7N NAP U . 56.22 -2.99 -12.23
C4N NAP U . 59.33 -3.58 -14.30
C5N NAP U . 60.65 -4.04 -14.18
C6N NAP U . 61.17 -4.24 -12.88
P2B NAP U . 70.44 3.18 -8.12
O1X NAP U . 70.44 2.22 -6.90
O2X NAP U . 70.72 2.39 -9.35
O3X NAP U . 71.42 4.31 -7.97
O 5OZ V . 56.87 -0.22 -15.13
C01 5OZ V . 56.39 -0.05 -17.47
C02 5OZ V . 57.46 -0.02 -16.39
C03 5OZ V . 56.29 -1.43 -18.08
C 5OZ V . 55.06 0.42 -16.89
#